data_8USX
#
_entry.id   8USX
#
_cell.length_a   1.00
_cell.length_b   1.00
_cell.length_c   1.00
_cell.angle_alpha   90.00
_cell.angle_beta   90.00
_cell.angle_gamma   90.00
#
_symmetry.space_group_name_H-M   'P 1'
#
loop_
_entity.id
_entity.type
_entity.pdbx_description
1 polymer 'Glutamate receptor ionotropic, NMDA 1'
2 polymer 'Glutamate receptor ionotropic, NMDA 3A'
#
loop_
_entity_poly.entity_id
_entity_poly.type
_entity_poly.pdbx_seq_one_letter_code
_entity_poly.pdbx_strand_id
1 'polypeptide(L)'
;MSTMHLLTFALLFSCSFARAASDPKIVNIGAVLSTRKHEQMFREAVNQANKRHGSWKIQLNATSVTHKPNAIQMALSVCE
DLISSQVYAILVSHPPTPNDHFTPTPVSYTAGFYRIPVLGLTTRMSIYSDKSIHLSFLRTVPPYSHQSSVWFEMMRVYSW
NHIILLVSDDHEGRAAQKRLETLLEERESKAEKVLQFDPGTKNVTALLMEAKELEARVIILSASEDDAATVYRAAAMLNM
TGSGYVWLVGEREISGNALRYAPDGILGLQLINGKNESAHISDAVGVVAQAVHELLEKENITDPPRGCVGNTNIWKTGPL
FKRVLMSSKYADGVTGRVEFNEDGDRKFANYSIMNLQNRKLVQVGIYNGTHVIPNDRKIIWPGGETEKPRGYQMSTRLKI
VTIHQEPFVYVKPTMSDGTCKEEFTVNGDPVKKVICTGPNDTSPGSPRHTVPQCCYGFCIDLLIKLARTMNFTYEVHLVA
DGKFGTQERVNNSNKKEWNGMMGELLSGQADMIVAPLTINNERAQYIEFSKPFKYQGLTILVKKEIPRSTLDSFMQPFQS
TLWLLVGLSVHVVAVMLYLLDRFSPFGRFKVNSEEEEEDALTLSSAMWFSWGVLLNSGIGEGAPRSFSARILGMVWAGFA
MIIVASYTANLAAFLVLDRPEERITGINDPRLRNPSDKFIYATVKQSSVDIYFRRQVELSTMYRHMEKHNYESAAEAIQA
VRDNKLHAFIWDSAVLEFEASQKCDLVTTGELFFRSGFGIGMRKDSPWKQNVSLSILKSHENGFMEDLDKTWVRYQECDS
RSNAPATLTCENMAGVFMLVAGGIVAGIFLIFIEIAYKRHKDANGAQ
;
A,C
2 'polypeptide(L)'
;CQILKRIGHAVRVGAVHLQPWTTAPRAASRAPDDSRAGAQRDEPEPGTRRSPAPSPGARWLGSTLHGRGPPGSRKPGEGA
RAEALWPRDALLFAVDNLNRVEGLLPYNLSLEVVMAIEAGLGDLPLLPFSSPSSPWSSDPFSFLQSVCHTVVVQGVSALL
AFPQSQGEMMELDLVSLVLHIPVISIVRHEFPRESQNPLHLQLSLENSLSSDADVTVSILTMNNWYNFSLLLCQEDWNIT
DFLLLTQNNSKFHLGSIINITANLPSTQDLLSFLQIQLESIKNSTPTVVMFGCDMESIRRIFEITTQFGVMPPELRWVLG
DSQNVEELRTEGLPLGLIAHGKTTQSVFEHYVQDAMELVARAVATATMIQPELALIPSTMNCMEVETTNLTSGQYLSRFL
ANTTFRGLSGSIRVKGSTIVSSENNFFIWNLQHDPMGKPMWTRLGSWQGGKIVMDYGIWPEQAQRHKTHFQHPSKLHLRV
VTLIEHPFVFTREVDDEGLCPAGQLCLDPMTNDSSTLDSLFSSLHSSNDTVPIKFKKCCYGYCIDLLEKIAEDMNFDFDL
YIVGDGKYGAWKNGHWTGLVGDLLRGTAHMAVTSFSINTARSQVIDFTSPFFSTSLGILVRTRDTAAPIGAFMWPLHWCM
WLGIFVALHITAVFLTLYEWKSPFGLTPKGRNRSKVFSFSSALNICYALLFGRTVAIKPPKCWTGRFLMNLWAIFCMFCL
STYTANLAAVMVGEKIYEELSGIHDPKLHHPSQGFRFGTVRESSAEDYVRQSFPEMHEYMRRYNVPATPDGVEYLKNDPE
KLDAFIMDKALLDYEVSIDADCKLLTVGKPFAIEGYGIGLPPNSPLTANISELISQYKSHGFMDMLHDKWYRVVPCGKRS
FAVTETLQMGIKHFSGLFVLLCIGFGLSILTTIGEHIVYRLLLPRIKNKSTETSQVAPA
;
B,D
#
# COMPACT_ATOMS: atom_id res chain seq x y z
N LYS A 25 24.74 22.13 -78.87
CA LYS A 25 23.80 22.95 -78.13
C LYS A 25 24.44 24.28 -77.72
N ILE A 26 23.61 25.30 -77.54
CA ILE A 26 24.07 26.63 -77.14
C ILE A 26 23.46 26.93 -75.78
N VAL A 27 24.32 27.26 -74.81
CA VAL A 27 23.89 27.59 -73.45
C VAL A 27 24.16 29.07 -73.22
N ASN A 28 23.10 29.83 -72.97
CA ASN A 28 23.20 31.25 -72.71
C ASN A 28 22.75 31.54 -71.28
N ILE A 29 23.46 32.43 -70.61
CA ILE A 29 23.16 32.80 -69.23
C ILE A 29 22.79 34.27 -69.24
N GLY A 30 21.49 34.55 -69.37
CA GLY A 30 21.03 35.92 -69.30
C GLY A 30 21.15 36.49 -67.90
N ALA A 31 21.38 37.80 -67.84
CA ALA A 31 21.55 38.48 -66.56
C ALA A 31 21.08 39.92 -66.68
N VAL A 32 20.36 40.38 -65.67
CA VAL A 32 19.90 41.76 -65.58
C VAL A 32 20.77 42.46 -64.55
N LEU A 33 21.65 43.34 -65.01
CA LEU A 33 22.59 44.03 -64.14
C LEU A 33 22.59 45.51 -64.49
N SER A 34 23.14 46.31 -63.58
CA SER A 34 23.24 47.75 -63.74
C SER A 34 24.69 48.13 -64.00
N THR A 35 24.87 49.19 -64.78
CA THR A 35 26.18 49.74 -65.16
C THR A 35 26.97 48.78 -66.05
N ARG A 36 27.87 49.32 -66.87
CA ARG A 36 28.65 48.49 -67.78
C ARG A 36 29.67 47.62 -67.06
N LYS A 37 30.09 48.01 -65.84
CA LYS A 37 31.07 47.22 -65.12
C LYS A 37 30.55 45.84 -64.76
N HIS A 38 29.30 45.78 -64.28
CA HIS A 38 28.71 44.49 -63.93
C HIS A 38 28.55 43.61 -65.16
N GLU A 39 28.11 44.21 -66.27
CA GLU A 39 27.96 43.43 -67.51
C GLU A 39 29.29 42.90 -67.99
N GLN A 40 30.34 43.73 -67.94
CA GLN A 40 31.66 43.28 -68.36
C GLN A 40 32.18 42.17 -67.47
N MET A 41 31.98 42.30 -66.15
CA MET A 41 32.42 41.25 -65.23
C MET A 41 31.67 39.95 -65.47
N PHE A 42 30.36 40.04 -65.72
CA PHE A 42 29.58 38.83 -66.01
C PHE A 42 30.03 38.17 -67.31
N ARG A 43 30.29 38.99 -68.34
CA ARG A 43 30.77 38.43 -69.60
C ARG A 43 32.13 37.76 -69.44
N GLU A 44 33.03 38.39 -68.68
CA GLU A 44 34.34 37.80 -68.44
C GLU A 44 34.22 36.49 -67.65
N ALA A 45 33.34 36.46 -66.65
CA ALA A 45 33.13 35.23 -65.90
C ALA A 45 32.57 34.13 -66.78
N VAL A 46 31.62 34.47 -67.65
CA VAL A 46 31.03 33.47 -68.55
C VAL A 46 32.10 32.95 -69.51
N ASN A 47 32.95 33.83 -70.03
CA ASN A 47 34.01 33.40 -70.93
C ASN A 47 35.00 32.49 -70.21
N GLN A 48 35.36 32.83 -68.97
CA GLN A 48 36.32 32.02 -68.22
C GLN A 48 35.71 30.69 -67.78
N ALA A 49 34.39 30.62 -67.64
CA ALA A 49 33.74 29.38 -67.26
C ALA A 49 33.95 28.30 -68.30
N ASN A 50 33.92 28.67 -69.59
CA ASN A 50 34.15 27.69 -70.65
C ASN A 50 35.53 27.10 -70.57
N LYS A 51 36.55 27.92 -70.27
CA LYS A 51 37.91 27.41 -70.14
C LYS A 51 38.08 26.60 -68.86
N ARG A 52 37.43 27.01 -67.77
CA ARG A 52 37.57 26.30 -66.50
C ARG A 52 36.77 25.00 -66.46
N HIS A 53 35.83 24.82 -67.37
CA HIS A 53 35.03 23.60 -67.44
C HIS A 53 35.48 22.74 -68.61
N GLY A 54 35.49 21.43 -68.40
CA GLY A 54 35.93 20.50 -69.42
C GLY A 54 34.94 20.19 -70.50
N SER A 55 33.72 20.73 -70.41
CA SER A 55 32.71 20.49 -71.43
C SER A 55 33.12 21.15 -72.75
N TRP A 56 32.97 20.41 -73.85
CA TRP A 56 33.29 20.92 -75.17
C TRP A 56 32.07 21.09 -76.07
N LYS A 57 30.99 20.35 -75.82
CA LYS A 57 29.78 20.44 -76.63
C LYS A 57 28.82 21.52 -76.13
N ILE A 58 29.14 22.20 -75.03
CA ILE A 58 28.31 23.25 -74.47
C ILE A 58 29.08 24.56 -74.55
N GLN A 59 28.51 25.55 -75.21
CA GLN A 59 29.11 26.86 -75.36
C GLN A 59 28.50 27.83 -74.36
N LEU A 60 29.29 28.83 -73.96
CA LEU A 60 28.85 29.83 -73.01
C LEU A 60 28.58 31.14 -73.73
N ASN A 61 27.37 31.69 -73.52
CA ASN A 61 26.96 32.95 -74.11
C ASN A 61 26.65 33.95 -73.01
N ALA A 62 27.00 35.21 -73.25
CA ALA A 62 26.83 36.28 -72.27
C ALA A 62 25.81 37.28 -72.78
N THR A 63 24.83 37.61 -71.93
CA THR A 63 23.81 38.58 -72.25
C THR A 63 23.66 39.55 -71.08
N SER A 64 23.55 40.83 -71.39
CA SER A 64 23.43 41.88 -70.39
C SER A 64 22.13 42.64 -70.61
N VAL A 65 21.33 42.77 -69.55
CA VAL A 65 20.07 43.50 -69.58
C VAL A 65 20.19 44.68 -68.64
N THR A 66 20.16 45.89 -69.19
CA THR A 66 20.22 47.09 -68.38
C THR A 66 18.93 47.26 -67.58
N HIS A 67 19.06 47.78 -66.37
CA HIS A 67 17.92 47.98 -65.48
C HIS A 67 17.06 49.10 -66.03
N LYS A 68 15.94 48.74 -66.65
CA LYS A 68 15.02 49.74 -67.17
C LYS A 68 14.30 50.44 -66.03
N PRO A 69 14.33 51.78 -65.97
CA PRO A 69 13.67 52.53 -64.88
C PRO A 69 12.16 52.65 -65.05
N ASN A 70 11.50 51.53 -65.33
CA ASN A 70 10.05 51.49 -65.50
C ASN A 70 9.57 50.08 -65.27
N ALA A 71 8.64 49.92 -64.32
CA ALA A 71 8.13 48.58 -64.02
C ALA A 71 7.36 47.99 -65.20
N ILE A 72 6.56 48.81 -65.88
CA ILE A 72 5.77 48.32 -67.01
C ILE A 72 6.66 48.00 -68.18
N GLN A 73 7.64 48.86 -68.47
CA GLN A 73 8.52 48.67 -69.63
C GLN A 73 9.51 47.54 -69.43
N MET A 74 9.69 47.05 -68.20
CA MET A 74 10.64 45.97 -67.97
C MET A 74 10.13 44.64 -68.53
N ALA A 75 8.81 44.42 -68.51
CA ALA A 75 8.26 43.15 -68.94
C ALA A 75 8.52 42.91 -70.43
N LEU A 76 8.25 43.92 -71.26
CA LEU A 76 8.47 43.76 -72.70
C LEU A 76 9.94 43.56 -73.02
N SER A 77 10.81 44.33 -72.36
CA SER A 77 12.25 44.18 -72.60
C SER A 77 12.74 42.80 -72.18
N VAL A 78 12.27 42.30 -71.04
CA VAL A 78 12.69 40.98 -70.58
C VAL A 78 12.18 39.89 -71.53
N CYS A 79 10.91 40.00 -71.95
CA CYS A 79 10.35 38.98 -72.83
C CYS A 79 11.02 38.98 -74.20
N GLU A 80 11.29 40.16 -74.75
CA GLU A 80 11.88 40.25 -76.08
C GLU A 80 13.38 39.94 -76.10
N ASP A 81 14.04 39.94 -74.93
CA ASP A 81 15.47 39.68 -74.86
C ASP A 81 15.77 38.39 -74.10
N LEU A 82 15.33 38.27 -72.85
CA LEU A 82 15.65 37.07 -72.07
C LEU A 82 14.85 35.87 -72.54
N ILE A 83 13.55 36.03 -72.73
CA ILE A 83 12.71 34.91 -73.15
C ILE A 83 12.99 34.53 -74.60
N SER A 84 13.18 35.53 -75.47
CA SER A 84 13.40 35.25 -76.88
C SER A 84 14.72 34.52 -77.12
N SER A 85 15.77 34.89 -76.38
CA SER A 85 17.08 34.27 -76.56
C SER A 85 17.13 32.85 -76.02
N GLN A 86 16.11 32.41 -75.28
CA GLN A 86 16.08 31.06 -74.70
C GLN A 86 17.30 30.80 -73.83
N VAL A 87 17.69 31.80 -73.06
CA VAL A 87 18.86 31.66 -72.19
C VAL A 87 18.50 30.79 -70.98
N TYR A 88 19.53 30.27 -70.33
CA TYR A 88 19.39 29.42 -69.16
C TYR A 88 19.65 30.27 -67.92
N ALA A 89 18.64 30.37 -67.05
CA ALA A 89 18.70 31.10 -65.78
C ALA A 89 18.82 32.60 -65.99
N ILE A 90 18.25 33.38 -65.07
CA ILE A 90 18.29 34.84 -65.13
C ILE A 90 18.82 35.36 -63.81
N LEU A 91 19.80 36.26 -63.88
CA LEU A 91 20.43 36.83 -62.70
C LEU A 91 19.80 38.17 -62.38
N VAL A 92 19.48 38.39 -61.10
CA VAL A 92 18.88 39.63 -60.63
C VAL A 92 19.95 40.43 -59.90
N SER A 93 19.85 41.76 -60.02
CA SER A 93 20.79 42.68 -59.40
C SER A 93 20.08 43.55 -58.39
N HIS A 94 20.81 44.00 -57.38
CA HIS A 94 20.23 44.88 -56.38
C HIS A 94 19.78 46.19 -57.03
N PRO A 95 18.62 46.72 -56.62
CA PRO A 95 18.14 47.95 -57.25
C PRO A 95 19.07 49.12 -56.95
N PRO A 96 19.20 50.07 -57.88
CA PRO A 96 20.04 51.24 -57.60
C PRO A 96 19.57 52.04 -56.40
N THR A 97 18.26 52.07 -56.15
CA THR A 97 17.75 52.77 -54.98
C THR A 97 18.19 52.05 -53.70
N PRO A 98 18.31 52.79 -52.60
CA PRO A 98 18.76 52.15 -51.35
C PRO A 98 17.83 51.04 -50.86
N ASN A 99 16.52 51.17 -51.10
CA ASN A 99 15.57 50.15 -50.65
C ASN A 99 14.40 50.17 -51.62
N ASP A 100 14.38 49.21 -52.54
CA ASP A 100 13.30 49.11 -53.52
C ASP A 100 13.27 47.68 -54.06
N HIS A 101 12.17 46.98 -53.84
CA HIS A 101 12.01 45.61 -54.34
C HIS A 101 11.32 45.59 -55.70
N PHE A 102 11.88 46.34 -56.65
CA PHE A 102 11.35 46.44 -58.01
C PHE A 102 12.20 45.73 -59.03
N THR A 103 13.53 45.86 -58.96
CA THR A 103 14.40 45.18 -59.91
C THR A 103 14.28 43.67 -59.83
N PRO A 104 14.34 43.04 -58.66
CA PRO A 104 14.18 41.57 -58.62
C PRO A 104 12.74 41.11 -58.82
N THR A 105 11.75 41.96 -58.52
CA THR A 105 10.35 41.58 -58.75
C THR A 105 10.05 41.34 -60.22
N PRO A 106 10.43 42.23 -61.14
CA PRO A 106 10.20 41.92 -62.57
C PRO A 106 10.93 40.68 -63.04
N VAL A 107 12.14 40.44 -62.52
CA VAL A 107 12.89 39.25 -62.90
C VAL A 107 12.18 37.99 -62.44
N SER A 108 11.67 38.00 -61.21
CA SER A 108 10.95 36.84 -60.68
C SER A 108 9.58 36.67 -61.29
N TYR A 109 8.97 37.74 -61.81
CA TYR A 109 7.64 37.65 -62.38
C TYR A 109 7.66 37.26 -63.85
N THR A 110 8.63 37.76 -64.61
CA THR A 110 8.67 37.48 -66.04
C THR A 110 8.92 35.99 -66.32
N ALA A 111 9.83 35.38 -65.57
CA ALA A 111 10.23 33.99 -65.77
C ALA A 111 10.10 33.21 -64.47
N GLY A 112 8.96 33.35 -63.81
CA GLY A 112 8.76 32.69 -62.52
C GLY A 112 8.29 31.24 -62.63
N PHE A 113 7.17 31.01 -63.30
CA PHE A 113 6.59 29.68 -63.40
C PHE A 113 6.89 28.99 -64.73
N TYR A 114 7.80 29.54 -65.52
CA TYR A 114 8.14 28.99 -66.82
C TYR A 114 9.29 27.97 -66.76
N ARG A 115 9.49 27.34 -65.60
CA ARG A 115 10.56 26.36 -65.40
C ARG A 115 11.93 26.96 -65.66
N ILE A 116 12.08 28.26 -65.37
CA ILE A 116 13.34 28.97 -65.53
C ILE A 116 13.65 29.70 -64.22
N PRO A 117 14.25 29.02 -63.24
CA PRO A 117 14.51 29.68 -61.95
C PRO A 117 15.42 30.88 -62.11
N VAL A 118 15.14 31.93 -61.32
CA VAL A 118 15.90 33.17 -61.35
C VAL A 118 16.71 33.26 -60.07
N LEU A 119 18.00 33.60 -60.21
CA LEU A 119 18.90 33.68 -59.08
C LEU A 119 19.14 35.13 -58.70
N GLY A 120 18.88 35.45 -57.43
CA GLY A 120 19.11 36.79 -56.93
C GLY A 120 20.31 36.86 -56.00
N LEU A 121 21.33 37.62 -56.40
CA LEU A 121 22.57 37.67 -55.62
C LEU A 121 22.34 38.27 -54.23
N THR A 122 21.56 39.34 -54.15
CA THR A 122 21.33 40.05 -52.90
C THR A 122 19.86 40.08 -52.53
N THR A 123 19.13 38.99 -52.79
CA THR A 123 17.73 38.91 -52.43
C THR A 123 17.58 38.66 -50.93
N ARG A 124 17.67 39.72 -50.13
CA ARG A 124 17.61 39.62 -48.67
C ARG A 124 16.20 39.81 -48.12
N MET A 125 15.21 40.03 -48.98
CA MET A 125 13.85 40.20 -48.51
C MET A 125 13.29 38.90 -47.95
N SER A 126 12.70 38.98 -46.76
CA SER A 126 12.12 37.81 -46.11
C SER A 126 10.74 37.44 -46.63
N ILE A 127 10.09 38.35 -47.36
CA ILE A 127 8.75 38.07 -47.88
C ILE A 127 8.82 37.01 -48.99
N TYR A 128 9.78 37.15 -49.89
CA TYR A 128 9.87 36.26 -51.06
C TYR A 128 10.60 34.96 -50.70
N SER A 129 10.03 34.23 -49.74
CA SER A 129 10.56 32.94 -49.35
C SER A 129 9.50 31.87 -49.15
N ASP A 130 8.22 32.20 -49.31
CA ASP A 130 7.14 31.25 -49.10
C ASP A 130 6.74 30.51 -50.38
N LYS A 131 7.32 30.87 -51.52
CA LYS A 131 7.05 30.25 -52.82
C LYS A 131 5.60 30.40 -53.26
N SER A 132 4.86 31.34 -52.68
CA SER A 132 3.48 31.57 -53.12
C SER A 132 3.44 32.10 -54.55
N ILE A 133 4.30 33.06 -54.87
CA ILE A 133 4.42 33.63 -56.20
C ILE A 133 5.88 33.54 -56.63
N HIS A 134 6.09 33.26 -57.92
CA HIS A 134 7.42 33.04 -58.48
C HIS A 134 8.12 31.89 -57.75
N LEU A 135 7.54 30.69 -57.89
CA LEU A 135 8.03 29.53 -57.17
C LEU A 135 9.46 29.19 -57.55
N SER A 136 9.78 29.23 -58.85
CA SER A 136 11.13 28.92 -59.32
C SER A 136 12.03 30.13 -59.10
N PHE A 137 12.52 30.26 -57.88
CA PHE A 137 13.43 31.33 -57.51
C PHE A 137 14.24 30.89 -56.31
N LEU A 138 15.47 31.41 -56.21
CA LEU A 138 16.37 31.07 -55.12
C LEU A 138 17.04 32.33 -54.60
N ARG A 139 17.46 32.28 -53.34
CA ARG A 139 18.15 33.39 -52.69
C ARG A 139 19.60 33.02 -52.46
N THR A 140 20.52 33.85 -52.98
CA THR A 140 21.94 33.60 -52.84
C THR A 140 22.50 34.08 -51.51
N VAL A 141 21.72 34.82 -50.73
CA VAL A 141 22.16 35.30 -49.42
C VAL A 141 21.06 35.02 -48.40
N PRO A 142 21.42 34.76 -47.14
CA PRO A 142 20.39 34.51 -46.14
C PRO A 142 19.57 35.77 -45.88
N PRO A 143 18.29 35.64 -45.55
CA PRO A 143 17.48 36.84 -45.25
C PRO A 143 17.79 37.41 -43.88
N TYR A 144 17.15 38.53 -43.54
CA TYR A 144 17.35 39.10 -42.21
C TYR A 144 16.80 38.16 -41.14
N SER A 145 15.70 37.48 -41.42
CA SER A 145 15.13 36.53 -40.47
C SER A 145 16.04 35.33 -40.25
N HIS A 146 16.86 34.99 -41.26
CA HIS A 146 17.74 33.83 -41.13
C HIS A 146 18.74 34.02 -39.99
N GLN A 147 19.30 35.23 -39.87
CA GLN A 147 20.19 35.52 -38.76
C GLN A 147 19.51 35.34 -37.41
N SER A 148 18.17 35.44 -37.36
CA SER A 148 17.46 35.16 -36.12
C SER A 148 17.70 33.73 -35.66
N SER A 149 17.79 32.78 -36.60
CA SER A 149 18.12 31.41 -36.24
C SER A 149 19.48 31.33 -35.58
N VAL A 150 20.40 32.24 -35.94
CA VAL A 150 21.69 32.33 -35.26
C VAL A 150 21.64 33.30 -34.09
N TRP A 151 20.62 34.15 -33.99
CA TRP A 151 20.52 35.09 -32.89
C TRP A 151 20.14 34.40 -31.59
N PHE A 152 19.29 33.36 -31.67
CA PHE A 152 18.85 32.67 -30.47
C PHE A 152 20.03 32.10 -29.70
N GLU A 153 20.95 31.44 -30.40
CA GLU A 153 22.18 30.99 -29.75
C GLU A 153 22.97 32.16 -29.20
N MET A 154 23.05 33.26 -29.96
CA MET A 154 23.65 34.48 -29.44
C MET A 154 22.93 34.96 -28.20
N MET A 155 21.61 34.76 -28.15
CA MET A 155 20.87 35.04 -26.92
C MET A 155 21.13 33.96 -25.89
N ARG A 156 21.23 32.70 -26.32
CA ARG A 156 21.49 31.61 -25.38
C ARG A 156 22.88 31.70 -24.77
N VAL A 157 23.87 32.07 -25.58
CA VAL A 157 25.24 32.13 -25.08
C VAL A 157 25.38 33.21 -24.01
N TYR A 158 24.80 34.38 -24.25
CA TYR A 158 24.91 35.50 -23.32
C TYR A 158 23.76 35.52 -22.33
N SER A 159 23.53 34.40 -21.65
CA SER A 159 22.47 34.25 -20.66
C SER A 159 21.12 34.65 -21.23
N TRP A 160 20.65 35.85 -20.88
CA TRP A 160 19.41 36.42 -21.40
C TRP A 160 18.22 35.50 -21.13
N ASN A 161 17.94 35.31 -19.84
CA ASN A 161 16.80 34.49 -19.46
C ASN A 161 15.48 35.11 -19.89
N HIS A 162 15.36 36.44 -19.81
CA HIS A 162 14.15 37.14 -20.22
C HIS A 162 14.53 38.30 -21.12
N ILE A 163 13.88 38.39 -22.29
CA ILE A 163 14.14 39.44 -23.25
C ILE A 163 12.80 39.97 -23.77
N ILE A 164 12.85 41.18 -24.33
CA ILE A 164 11.67 41.86 -24.85
C ILE A 164 11.89 42.13 -26.34
N LEU A 165 10.88 41.86 -27.14
CA LEU A 165 10.97 42.01 -28.58
C LEU A 165 10.02 43.11 -29.07
N LEU A 166 10.37 43.71 -30.20
CA LEU A 166 9.54 44.72 -30.84
C LEU A 166 9.59 44.47 -32.34
N VAL A 167 8.44 44.15 -32.93
CA VAL A 167 8.34 43.84 -34.34
C VAL A 167 7.42 44.86 -34.99
N SER A 168 7.91 45.49 -36.06
CA SER A 168 7.11 46.46 -36.79
C SER A 168 6.09 45.75 -37.68
N ASP A 169 5.08 46.52 -38.12
CA ASP A 169 4.03 45.98 -38.99
C ASP A 169 4.57 45.88 -40.42
N ASP A 170 5.46 44.91 -40.62
CA ASP A 170 6.05 44.65 -41.92
C ASP A 170 6.10 43.15 -42.16
N HIS A 171 6.04 42.76 -43.43
CA HIS A 171 6.10 41.34 -43.78
C HIS A 171 7.44 40.74 -43.37
N GLU A 172 8.54 41.44 -43.66
CA GLU A 172 9.85 40.97 -43.22
C GLU A 172 9.94 40.93 -41.71
N GLY A 173 9.41 41.96 -41.03
CA GLY A 173 9.40 41.95 -39.58
C GLY A 173 8.55 40.83 -39.02
N ARG A 174 7.40 40.56 -39.63
CA ARG A 174 6.55 39.46 -39.18
C ARG A 174 7.26 38.11 -39.36
N ALA A 175 7.93 37.93 -40.50
CA ALA A 175 8.65 36.68 -40.72
C ALA A 175 9.80 36.52 -39.73
N ALA A 176 10.52 37.61 -39.45
CA ALA A 176 11.60 37.55 -38.47
C ALA A 176 11.06 37.23 -37.08
N GLN A 177 9.92 37.83 -36.71
CA GLN A 177 9.32 37.53 -35.42
C GLN A 177 8.88 36.08 -35.34
N LYS A 178 8.31 35.54 -36.42
CA LYS A 178 7.92 34.14 -36.43
C LYS A 178 9.12 33.22 -36.29
N ARG A 179 10.21 33.53 -37.00
CA ARG A 179 11.41 32.71 -36.89
C ARG A 179 12.00 32.77 -35.48
N LEU A 180 12.04 33.96 -34.89
CA LEU A 180 12.54 34.09 -33.53
C LEU A 180 11.67 33.35 -32.53
N GLU A 181 10.35 33.42 -32.70
CA GLU A 181 9.43 32.69 -31.82
C GLU A 181 9.63 31.19 -31.96
N THR A 182 9.81 30.71 -33.19
CA THR A 182 10.07 29.28 -33.39
C THR A 182 11.37 28.86 -32.72
N LEU A 183 12.42 29.69 -32.84
CA LEU A 183 13.69 29.37 -32.20
C LEU A 183 13.54 29.36 -30.68
N LEU A 184 12.79 30.32 -30.13
CA LEU A 184 12.66 30.43 -28.68
C LEU A 184 11.76 29.34 -28.11
N GLU A 185 10.80 28.84 -28.89
CA GLU A 185 9.90 27.80 -28.41
C GLU A 185 10.62 26.47 -28.17
N GLU A 186 11.85 26.31 -28.64
CA GLU A 186 12.61 25.11 -28.35
C GLU A 186 12.87 24.98 -26.86
N ARG A 187 13.19 26.09 -26.20
CA ARG A 187 13.39 26.13 -24.76
C ARG A 187 12.12 26.51 -24.01
N GLU A 188 10.97 26.54 -24.69
CA GLU A 188 9.69 26.89 -24.09
C GLU A 188 9.73 28.29 -23.48
N SER A 189 10.12 29.27 -24.29
CA SER A 189 10.19 30.67 -23.88
C SER A 189 9.24 31.49 -24.73
N LYS A 190 8.45 32.34 -24.08
CA LYS A 190 7.50 33.21 -24.76
C LYS A 190 8.08 34.58 -25.09
N ALA A 191 9.37 34.80 -24.81
CA ALA A 191 10.04 36.06 -25.09
C ALA A 191 9.36 37.24 -24.39
N GLU A 192 8.80 36.98 -23.21
CA GLU A 192 8.11 38.00 -22.42
C GLU A 192 7.04 38.71 -23.22
N LYS A 193 7.37 39.89 -23.76
CA LYS A 193 6.44 40.68 -24.54
C LYS A 193 7.05 41.07 -25.87
N VAL A 194 6.23 41.01 -26.92
CA VAL A 194 6.60 41.45 -28.26
C VAL A 194 5.64 42.56 -28.64
N LEU A 195 6.16 43.78 -28.76
CA LEU A 195 5.35 44.93 -29.11
C LEU A 195 5.21 45.05 -30.62
N GLN A 196 3.97 45.11 -31.10
CA GLN A 196 3.67 45.17 -32.53
C GLN A 196 3.75 46.62 -32.97
N PHE A 197 4.94 47.02 -33.43
CA PHE A 197 5.12 48.37 -33.96
C PHE A 197 4.59 48.44 -35.39
N ASP A 198 4.74 49.60 -36.01
CA ASP A 198 4.25 49.80 -37.37
C ASP A 198 5.31 50.49 -38.21
N PRO A 199 5.35 50.21 -39.51
CA PRO A 199 6.29 50.92 -40.38
C PRO A 199 5.92 52.39 -40.53
N GLY A 200 6.95 53.22 -40.69
CA GLY A 200 6.75 54.65 -40.83
C GLY A 200 6.44 55.38 -39.54
N THR A 201 6.51 54.71 -38.40
CA THR A 201 6.22 55.36 -37.13
C THR A 201 7.27 56.42 -36.82
N LYS A 202 6.82 57.59 -36.37
CA LYS A 202 7.70 58.69 -36.03
C LYS A 202 7.72 59.02 -34.55
N ASN A 203 6.77 58.49 -33.77
CA ASN A 203 6.72 58.75 -32.33
C ASN A 203 6.16 57.48 -31.66
N VAL A 204 7.06 56.64 -31.18
CA VAL A 204 6.69 55.40 -30.50
C VAL A 204 7.08 55.45 -29.03
N THR A 205 7.34 56.64 -28.49
CA THR A 205 7.71 56.77 -27.09
C THR A 205 6.57 56.32 -26.18
N ALA A 206 5.33 56.69 -26.51
CA ALA A 206 4.19 56.24 -25.73
C ALA A 206 4.04 54.73 -25.78
N LEU A 207 4.20 54.13 -26.97
CA LEU A 207 4.16 52.69 -27.08
C LEU A 207 5.29 52.04 -26.29
N LEU A 208 6.47 52.67 -26.30
CA LEU A 208 7.58 52.20 -25.48
C LEU A 208 7.35 52.41 -24.00
N MET A 209 6.32 53.16 -23.61
CA MET A 209 6.03 53.37 -22.19
C MET A 209 5.74 52.07 -21.49
N GLU A 210 4.96 51.19 -22.13
CA GLU A 210 4.70 49.87 -21.55
C GLU A 210 5.98 49.03 -21.49
N ALA A 211 6.97 49.35 -22.32
CA ALA A 211 8.24 48.64 -22.27
C ALA A 211 8.97 48.87 -20.95
N LYS A 212 8.87 50.08 -20.40
CA LYS A 212 9.51 50.36 -19.12
C LYS A 212 8.92 49.53 -18.00
N GLU A 213 7.67 49.10 -18.14
CA GLU A 213 7.06 48.24 -17.13
C GLU A 213 7.73 46.87 -17.07
N LEU A 214 8.24 46.39 -18.20
CA LEU A 214 8.93 45.10 -18.20
C LEU A 214 10.25 45.19 -17.45
N GLU A 215 10.49 44.22 -16.57
CA GLU A 215 11.73 44.22 -15.80
C GLU A 215 12.94 44.00 -16.72
N ALA A 216 12.81 43.13 -17.71
CA ALA A 216 13.91 42.85 -18.62
C ALA A 216 14.23 44.09 -19.45
N ARG A 217 15.53 44.36 -19.63
CA ARG A 217 16.00 45.52 -20.36
C ARG A 217 16.63 45.16 -21.70
N VAL A 218 16.32 43.98 -22.22
CA VAL A 218 16.83 43.54 -23.51
C VAL A 218 15.80 43.87 -24.56
N ILE A 219 16.20 44.64 -25.58
CA ILE A 219 15.32 45.05 -26.66
C ILE A 219 15.83 44.45 -27.95
N ILE A 220 15.01 43.61 -28.57
CA ILE A 220 15.34 42.98 -29.85
C ILE A 220 14.32 43.47 -30.87
N LEU A 221 14.78 44.24 -31.85
CA LEU A 221 13.90 44.80 -32.86
C LEU A 221 14.58 44.76 -34.22
N SER A 222 13.82 44.37 -35.24
CA SER A 222 14.32 44.30 -36.61
C SER A 222 13.35 45.08 -37.50
N ALA A 223 13.76 46.28 -37.88
CA ALA A 223 12.94 47.14 -38.74
C ALA A 223 13.85 48.01 -39.58
N SER A 224 13.24 48.80 -40.47
CA SER A 224 14.01 49.68 -41.33
C SER A 224 14.57 50.85 -40.51
N GLU A 225 15.41 51.65 -41.17
CA GLU A 225 16.01 52.80 -40.50
C GLU A 225 14.96 53.84 -40.11
N ASP A 226 13.89 53.96 -40.90
CA ASP A 226 12.86 54.95 -40.61
C ASP A 226 12.16 54.65 -39.29
N ASP A 227 11.76 53.38 -39.09
CA ASP A 227 11.08 53.02 -37.85
C ASP A 227 12.04 53.03 -36.67
N ALA A 228 13.29 52.63 -36.89
CA ALA A 228 14.25 52.54 -35.80
C ALA A 228 14.75 53.91 -35.34
N ALA A 229 14.78 54.89 -36.24
CA ALA A 229 15.30 56.21 -35.89
C ALA A 229 14.43 56.89 -34.84
N THR A 230 13.10 56.78 -34.98
CA THR A 230 12.21 57.38 -34.00
C THR A 230 12.37 56.72 -32.63
N VAL A 231 12.48 55.39 -32.61
CA VAL A 231 12.68 54.69 -31.35
C VAL A 231 14.00 55.08 -30.70
N TYR A 232 15.06 55.19 -31.51
CA TYR A 232 16.35 55.60 -30.97
C TYR A 232 16.30 57.01 -30.41
N ARG A 233 15.63 57.92 -31.12
CA ARG A 233 15.49 59.29 -30.64
C ARG A 233 14.71 59.35 -29.33
N ALA A 234 13.64 58.56 -29.23
CA ALA A 234 12.80 58.58 -28.03
C ALA A 234 13.44 57.89 -26.84
N ALA A 235 14.28 56.88 -27.07
CA ALA A 235 14.86 56.12 -25.97
C ALA A 235 15.87 56.94 -25.19
N ALA A 236 16.69 57.74 -25.88
CA ALA A 236 17.73 58.50 -25.20
C ALA A 236 17.13 59.51 -24.24
N MET A 237 16.08 60.21 -24.66
CA MET A 237 15.39 61.12 -23.75
C MET A 237 14.67 60.38 -22.64
N LEU A 238 14.30 59.12 -22.88
CA LEU A 238 13.66 58.28 -21.87
C LEU A 238 14.67 57.57 -20.97
N ASN A 239 15.96 57.78 -21.19
CA ASN A 239 17.02 57.15 -20.40
C ASN A 239 16.95 55.63 -20.47
N MET A 240 16.46 55.10 -21.60
CA MET A 240 16.37 53.65 -21.78
C MET A 240 17.66 53.05 -22.33
N THR A 241 18.65 53.86 -22.66
CA THR A 241 19.91 53.38 -23.20
C THR A 241 21.02 53.32 -22.15
N GLY A 242 20.68 53.46 -20.88
CA GLY A 242 21.68 53.49 -19.83
C GLY A 242 22.24 52.12 -19.51
N SER A 243 23.02 52.08 -18.44
CA SER A 243 23.66 50.84 -18.02
C SER A 243 22.62 49.80 -17.62
N GLY A 244 22.93 48.54 -17.94
CA GLY A 244 22.01 47.45 -17.68
C GLY A 244 20.94 47.25 -18.72
N TYR A 245 20.86 48.12 -19.72
CA TYR A 245 19.88 48.02 -20.80
C TYR A 245 20.61 47.63 -22.08
N VAL A 246 20.11 46.59 -22.75
CA VAL A 246 20.72 46.05 -23.96
C VAL A 246 19.75 46.22 -25.11
N TRP A 247 20.23 46.79 -26.21
CA TRP A 247 19.45 46.97 -27.43
C TRP A 247 20.08 46.13 -28.54
N LEU A 248 19.27 45.27 -29.16
CA LEU A 248 19.71 44.42 -30.25
C LEU A 248 18.92 44.76 -31.49
N VAL A 249 19.61 44.96 -32.61
CA VAL A 249 19.00 45.35 -33.87
C VAL A 249 19.59 44.51 -34.99
N GLY A 250 18.98 44.62 -36.17
CA GLY A 250 19.41 43.89 -37.34
C GLY A 250 20.33 44.72 -38.23
N GLU A 251 20.69 44.13 -39.37
CA GLU A 251 21.59 44.78 -40.31
C GLU A 251 20.92 45.91 -41.08
N ARG A 252 19.61 45.82 -41.31
CA ARG A 252 18.92 46.85 -42.08
C ARG A 252 18.98 48.20 -41.39
N GLU A 253 18.77 48.23 -40.08
CA GLU A 253 18.85 49.46 -39.30
C GLU A 253 20.22 49.69 -38.70
N ILE A 254 21.17 48.77 -38.90
CA ILE A 254 22.51 48.95 -38.37
C ILE A 254 23.18 50.16 -39.01
N SER A 255 23.04 50.31 -40.32
CA SER A 255 23.61 51.44 -41.05
C SER A 255 22.49 52.23 -41.71
N GLY A 256 22.69 53.55 -41.79
CA GLY A 256 21.71 54.42 -42.40
C GLY A 256 21.37 55.62 -41.53
N ASN A 257 20.19 56.20 -41.76
CA ASN A 257 19.76 57.36 -40.99
C ASN A 257 19.42 57.04 -39.55
N ALA A 258 19.27 55.76 -39.20
CA ALA A 258 18.93 55.37 -37.84
C ALA A 258 20.12 55.41 -36.88
N LEU A 259 21.33 55.59 -37.40
CA LEU A 259 22.53 55.62 -36.57
C LEU A 259 22.88 57.02 -36.09
N ARG A 260 22.04 58.02 -36.39
CA ARG A 260 22.33 59.38 -35.95
C ARG A 260 22.32 59.50 -34.43
N TYR A 261 21.35 58.85 -33.77
CA TYR A 261 21.20 58.91 -32.33
C TYR A 261 21.30 57.52 -31.70
N ALA A 262 22.03 56.62 -32.35
CA ALA A 262 22.19 55.28 -31.81
C ALA A 262 23.12 55.31 -30.60
N PRO A 263 22.71 54.76 -29.45
CA PRO A 263 23.60 54.78 -28.28
C PRO A 263 24.85 53.94 -28.52
N ASP A 264 25.94 54.34 -27.87
CA ASP A 264 27.20 53.63 -28.01
C ASP A 264 27.10 52.23 -27.41
N GLY A 265 27.88 51.31 -27.96
CA GLY A 265 27.84 49.93 -27.52
C GLY A 265 26.54 49.23 -27.82
N ILE A 266 25.96 49.49 -28.98
CA ILE A 266 24.72 48.84 -29.40
C ILE A 266 25.08 47.53 -30.08
N LEU A 267 24.47 46.42 -29.63
CA LEU A 267 24.79 45.09 -30.13
C LEU A 267 24.04 44.85 -31.44
N GLY A 268 24.68 45.25 -32.54
CA GLY A 268 24.15 45.00 -33.87
C GLY A 268 24.85 43.85 -34.56
N LEU A 269 24.30 43.47 -35.72
CA LEU A 269 24.81 42.37 -36.51
C LEU A 269 24.94 42.79 -37.97
N GLN A 270 26.01 42.32 -38.60
CA GLN A 270 26.26 42.58 -40.01
C GLN A 270 26.70 41.29 -40.70
N LEU A 271 26.47 41.22 -42.00
CA LEU A 271 26.80 40.04 -42.80
C LEU A 271 28.04 40.32 -43.63
N ILE A 272 29.00 39.40 -43.58
CA ILE A 272 30.23 39.56 -44.34
C ILE A 272 29.95 39.40 -45.83
N ASN A 273 30.77 40.05 -46.66
CA ASN A 273 30.64 40.00 -48.11
C ASN A 273 29.25 40.47 -48.55
N GLY A 274 28.75 41.52 -47.91
CA GLY A 274 27.42 42.05 -48.21
C GLY A 274 27.33 42.92 -49.43
N LYS A 275 28.46 43.24 -50.08
CA LYS A 275 28.45 44.10 -51.25
C LYS A 275 29.36 43.55 -52.35
N ASN A 276 29.61 42.23 -52.34
CA ASN A 276 30.47 41.59 -53.33
C ASN A 276 29.57 41.05 -54.45
N GLU A 277 29.05 41.98 -55.25
CA GLU A 277 28.21 41.59 -56.38
C GLU A 277 28.98 40.78 -57.40
N SER A 278 30.22 41.18 -57.70
CA SER A 278 31.04 40.43 -58.64
C SER A 278 31.33 39.02 -58.13
N ALA A 279 31.63 38.89 -56.83
CA ALA A 279 31.89 37.58 -56.26
C ALA A 279 30.65 36.70 -56.31
N HIS A 280 29.48 37.28 -56.00
CA HIS A 280 28.24 36.51 -56.07
C HIS A 280 27.94 36.07 -57.50
N ILE A 281 28.16 36.95 -58.47
CA ILE A 281 27.95 36.59 -59.88
C ILE A 281 28.90 35.48 -60.29
N SER A 282 30.16 35.56 -59.86
CA SER A 282 31.12 34.52 -60.19
C SER A 282 30.73 33.19 -59.57
N ASP A 283 30.28 33.20 -58.32
CA ASP A 283 29.83 31.97 -57.68
C ASP A 283 28.62 31.38 -58.38
N ALA A 284 27.67 32.23 -58.79
CA ALA A 284 26.50 31.75 -59.51
C ALA A 284 26.89 31.13 -60.85
N VAL A 285 27.83 31.77 -61.56
CA VAL A 285 28.29 31.24 -62.83
C VAL A 285 29.00 29.90 -62.64
N GLY A 286 29.81 29.80 -61.59
CA GLY A 286 30.48 28.53 -61.31
C GLY A 286 29.51 27.42 -60.98
N VAL A 287 28.47 27.74 -60.21
CA VAL A 287 27.44 26.74 -59.90
C VAL A 287 26.70 26.33 -61.16
N VAL A 288 26.36 27.31 -62.01
CA VAL A 288 25.62 27.01 -63.24
C VAL A 288 26.47 26.17 -64.19
N ALA A 289 27.79 26.37 -64.19
CA ALA A 289 28.64 25.58 -65.06
C ALA A 289 28.53 24.09 -64.76
N GLN A 290 28.53 23.73 -63.48
CA GLN A 290 28.35 22.34 -63.11
C GLN A 290 26.91 21.88 -63.26
N ALA A 291 25.94 22.79 -63.02
CA ALA A 291 24.54 22.43 -63.16
C ALA A 291 24.20 22.06 -64.59
N VAL A 292 24.73 22.80 -65.57
CA VAL A 292 24.46 22.50 -66.97
C VAL A 292 25.03 21.15 -67.35
N HIS A 293 26.25 20.85 -66.90
CA HIS A 293 26.86 19.55 -67.20
C HIS A 293 26.08 18.42 -66.56
N GLU A 294 25.60 18.62 -65.33
CA GLU A 294 24.79 17.60 -64.68
C GLU A 294 23.45 17.39 -65.40
N LEU A 295 22.84 18.48 -65.86
CA LEU A 295 21.54 18.38 -66.50
C LEU A 295 21.63 17.77 -67.89
N LEU A 296 22.70 18.06 -68.62
CA LEU A 296 22.86 17.53 -69.98
C LEU A 296 23.50 16.14 -69.97
N GLU A 297 22.90 15.23 -69.20
CA GLU A 297 23.36 13.84 -69.14
C GLU A 297 22.24 12.84 -68.95
N LYS A 298 20.98 13.26 -68.90
CA LYS A 298 19.85 12.37 -68.67
C LYS A 298 18.85 12.49 -69.81
N GLU A 299 17.89 11.56 -69.82
CA GLU A 299 16.87 11.54 -70.86
C GLU A 299 15.92 12.71 -70.70
N ASN A 300 15.17 12.98 -71.77
CA ASN A 300 14.20 14.08 -71.81
C ASN A 300 14.85 15.42 -71.49
N ILE A 301 16.02 15.66 -72.08
CA ILE A 301 16.75 16.92 -71.89
C ILE A 301 16.22 17.89 -72.95
N THR A 302 15.12 18.55 -72.63
CA THR A 302 14.49 19.48 -73.56
C THR A 302 15.18 20.84 -73.48
N ASP A 303 15.25 21.52 -74.63
CA ASP A 303 15.83 22.84 -74.69
C ASP A 303 14.90 23.86 -74.02
N PRO A 304 15.44 25.02 -73.63
CA PRO A 304 14.60 26.03 -73.00
C PRO A 304 13.54 26.55 -73.96
N PRO A 305 12.41 27.02 -73.46
CA PRO A 305 11.38 27.56 -74.35
C PRO A 305 11.89 28.74 -75.17
N ARG A 306 11.45 28.82 -76.42
CA ARG A 306 11.94 29.80 -77.37
C ARG A 306 10.87 30.86 -77.61
N GLY A 307 11.26 32.13 -77.56
CA GLY A 307 10.37 33.22 -77.88
C GLY A 307 9.60 33.73 -76.68
N CYS A 308 9.26 35.02 -76.74
CA CYS A 308 8.44 35.62 -75.70
C CYS A 308 7.03 35.04 -75.69
N VAL A 309 6.41 34.94 -76.86
CA VAL A 309 5.08 34.35 -77.00
C VAL A 309 5.08 33.09 -77.87
N GLY A 310 6.23 32.70 -78.43
CA GLY A 310 6.27 31.48 -79.22
C GLY A 310 5.92 30.25 -78.41
N ASN A 311 6.39 30.18 -77.16
CA ASN A 311 6.04 29.08 -76.30
C ASN A 311 4.54 29.12 -75.97
N THR A 312 3.90 27.95 -76.06
CA THR A 312 2.47 27.84 -75.79
C THR A 312 2.17 26.83 -74.69
N ASN A 313 3.18 26.32 -74.01
CA ASN A 313 2.97 25.34 -72.95
C ASN A 313 4.14 25.39 -71.98
N ILE A 314 3.94 24.80 -70.80
CA ILE A 314 4.99 24.76 -69.80
C ILE A 314 6.13 23.87 -70.29
N TRP A 315 7.33 24.16 -69.83
CA TRP A 315 8.51 23.40 -70.23
C TRP A 315 8.42 21.98 -69.69
N LYS A 316 8.84 21.02 -70.52
CA LYS A 316 8.82 19.61 -70.09
C LYS A 316 9.75 19.37 -68.92
N THR A 317 10.94 19.96 -68.94
CA THR A 317 11.90 19.85 -67.85
C THR A 317 11.48 20.83 -66.75
N GLY A 318 10.71 20.33 -65.79
CA GLY A 318 10.18 21.17 -64.74
C GLY A 318 10.92 21.01 -63.43
N PRO A 319 10.33 20.28 -62.49
CA PRO A 319 10.96 20.14 -61.17
C PRO A 319 12.30 19.44 -61.20
N LEU A 320 12.60 18.65 -62.24
CA LEU A 320 13.88 17.95 -62.30
C LEU A 320 15.04 18.94 -62.38
N PHE A 321 14.90 19.98 -63.20
CA PHE A 321 15.96 20.97 -63.34
C PHE A 321 16.19 21.72 -62.02
N LYS A 322 15.11 22.10 -61.34
CA LYS A 322 15.25 22.79 -60.07
C LYS A 322 15.89 21.89 -59.01
N ARG A 323 15.49 20.61 -58.98
CA ARG A 323 16.07 19.68 -58.02
C ARG A 323 17.56 19.47 -58.29
N VAL A 324 17.94 19.38 -59.56
CA VAL A 324 19.36 19.23 -59.90
C VAL A 324 20.12 20.50 -59.51
N LEU A 325 19.55 21.67 -59.79
CA LEU A 325 20.24 22.92 -59.46
C LEU A 325 20.42 23.09 -57.96
N MET A 326 19.40 22.75 -57.17
CA MET A 326 19.46 22.89 -55.72
C MET A 326 19.99 21.62 -55.06
N SER A 327 21.16 21.16 -55.51
CA SER A 327 21.81 20.00 -54.91
C SER A 327 23.33 20.08 -54.92
N SER A 328 23.92 21.16 -55.42
CA SER A 328 25.37 21.26 -55.52
C SER A 328 25.97 21.70 -54.19
N LYS A 329 27.17 21.21 -53.91
CA LYS A 329 27.88 21.55 -52.67
C LYS A 329 29.36 21.32 -52.91
N TYR A 330 30.14 22.40 -52.93
CA TYR A 330 31.58 22.30 -53.14
C TYR A 330 32.22 23.58 -52.59
N ALA A 331 33.56 23.60 -52.62
CA ALA A 331 34.33 24.75 -52.16
C ALA A 331 34.63 25.65 -53.35
N ASP A 332 33.62 26.42 -53.76
CA ASP A 332 33.71 27.31 -54.90
C ASP A 332 33.35 28.73 -54.48
N GLY A 333 34.09 29.70 -55.00
CA GLY A 333 33.82 31.10 -54.72
C GLY A 333 34.46 31.55 -53.41
N VAL A 334 34.38 32.86 -53.19
CA VAL A 334 34.94 33.45 -51.98
C VAL A 334 34.17 32.99 -50.75
N THR A 335 32.84 33.00 -50.83
CA THR A 335 32.03 32.57 -49.69
C THR A 335 32.20 31.09 -49.41
N GLY A 336 32.06 30.26 -50.44
CA GLY A 336 32.22 28.82 -50.30
C GLY A 336 31.10 28.21 -49.46
N ARG A 337 31.22 26.89 -49.28
CA ARG A 337 30.27 26.11 -48.49
C ARG A 337 28.83 26.34 -48.96
N VAL A 338 28.64 26.37 -50.27
CA VAL A 338 27.32 26.60 -50.85
C VAL A 338 26.48 25.34 -50.66
N GLU A 339 25.42 25.45 -49.87
CA GLU A 339 24.53 24.34 -49.55
C GLU A 339 23.07 24.78 -49.70
N PHE A 340 22.77 25.45 -50.80
CA PHE A 340 21.41 25.90 -51.04
C PHE A 340 20.46 24.72 -51.16
N ASN A 341 19.44 24.71 -50.31
CA ASN A 341 18.46 23.62 -50.27
C ASN A 341 17.19 24.16 -49.64
N GLU A 342 16.28 23.26 -49.28
CA GLU A 342 14.98 23.58 -48.66
C GLU A 342 14.21 24.47 -49.65
N ASP A 343 13.59 25.54 -49.18
CA ASP A 343 12.84 26.43 -50.06
C ASP A 343 13.72 27.40 -50.83
N GLY A 344 15.02 27.45 -50.52
CA GLY A 344 15.92 28.37 -51.22
C GLY A 344 16.52 29.42 -50.31
N ASP A 345 16.73 29.08 -49.05
CA ASP A 345 17.30 29.99 -48.06
C ASP A 345 18.75 29.62 -47.81
N ARG A 346 19.63 30.61 -47.91
CA ARG A 346 21.05 30.38 -47.69
C ARG A 346 21.34 30.12 -46.21
N LYS A 347 22.35 29.27 -45.97
CA LYS A 347 22.74 28.91 -44.62
C LYS A 347 24.25 28.91 -44.52
N PHE A 348 24.74 29.01 -43.28
CA PHE A 348 26.17 28.98 -42.97
C PHE A 348 26.90 30.14 -43.65
N ALA A 349 26.51 31.36 -43.28
CA ALA A 349 27.11 32.57 -43.79
C ALA A 349 27.85 33.30 -42.68
N ASN A 350 28.98 33.90 -43.04
CA ASN A 350 29.81 34.61 -42.08
C ASN A 350 29.10 35.88 -41.62
N TYR A 351 29.09 36.10 -40.30
CA TYR A 351 28.45 37.26 -39.70
C TYR A 351 29.48 38.06 -38.92
N SER A 352 29.48 39.38 -39.14
CA SER A 352 30.38 40.29 -38.46
C SER A 352 29.57 41.16 -37.50
N ILE A 353 29.97 41.19 -36.23
CA ILE A 353 29.30 41.96 -35.20
C ILE A 353 30.20 43.13 -34.83
N MET A 354 29.70 44.34 -35.07
CA MET A 354 30.42 45.58 -34.79
C MET A 354 29.61 46.41 -33.80
N ASN A 355 30.28 46.92 -32.77
CA ASN A 355 29.63 47.74 -31.75
C ASN A 355 29.93 49.21 -32.03
N LEU A 356 28.88 50.04 -31.99
CA LEU A 356 29.04 51.47 -32.22
C LEU A 356 29.79 52.10 -31.07
N GLN A 357 31.00 52.59 -31.34
CA GLN A 357 31.85 53.25 -30.35
C GLN A 357 32.12 54.66 -30.83
N ASN A 358 31.52 55.65 -30.15
CA ASN A 358 31.63 57.06 -30.53
C ASN A 358 31.18 57.26 -31.97
N ARG A 359 29.99 56.75 -32.28
CA ARG A 359 29.40 56.81 -33.63
C ARG A 359 30.30 56.14 -34.66
N LYS A 360 31.07 55.13 -34.24
CA LYS A 360 31.92 54.36 -35.13
C LYS A 360 31.74 52.88 -34.82
N LEU A 361 31.53 52.08 -35.87
CA LEU A 361 31.30 50.65 -35.74
C LEU A 361 32.60 49.91 -36.06
N VAL A 362 33.11 49.18 -35.07
CA VAL A 362 34.32 48.38 -35.23
C VAL A 362 33.94 46.92 -35.03
N GLN A 363 34.24 46.09 -36.02
CA GLN A 363 33.88 44.67 -35.96
C GLN A 363 34.65 43.98 -34.85
N VAL A 364 33.94 43.52 -33.83
CA VAL A 364 34.56 42.87 -32.68
C VAL A 364 34.18 41.41 -32.55
N GLY A 365 33.19 40.93 -33.29
CA GLY A 365 32.80 39.53 -33.23
C GLY A 365 32.66 38.92 -34.60
N ILE A 366 33.01 37.63 -34.69
CA ILE A 366 32.93 36.89 -35.95
C ILE A 366 32.19 35.58 -35.67
N TYR A 367 31.09 35.36 -36.38
CA TYR A 367 30.33 34.12 -36.29
C TYR A 367 30.46 33.39 -37.62
N ASN A 368 30.90 32.14 -37.57
CA ASN A 368 31.10 31.34 -38.77
C ASN A 368 29.82 30.71 -39.29
N GLY A 369 28.66 31.18 -38.85
CA GLY A 369 27.38 30.62 -39.24
C GLY A 369 26.93 29.45 -38.40
N THR A 370 27.78 28.95 -37.50
CA THR A 370 27.44 27.86 -36.60
C THR A 370 27.55 28.26 -35.14
N HIS A 371 28.63 28.92 -34.75
CA HIS A 371 28.83 29.34 -33.37
C HIS A 371 29.58 30.66 -33.35
N VAL A 372 29.45 31.37 -32.24
CA VAL A 372 30.06 32.68 -32.09
C VAL A 372 31.54 32.51 -31.74
N ILE A 373 32.39 33.25 -32.44
CA ILE A 373 33.83 33.26 -32.17
C ILE A 373 34.28 34.71 -32.03
N PRO A 374 33.85 35.42 -30.99
CA PRO A 374 34.21 36.84 -30.87
C PRO A 374 35.70 37.02 -30.61
N ASN A 375 36.21 38.18 -31.04
CA ASN A 375 37.60 38.51 -30.88
C ASN A 375 37.91 38.84 -29.42
N ASP A 376 39.20 39.03 -29.14
CA ASP A 376 39.64 39.35 -27.78
C ASP A 376 39.22 40.74 -27.32
N ARG A 377 38.74 41.59 -28.23
CA ARG A 377 38.30 42.92 -27.86
C ARG A 377 37.09 42.84 -26.94
N LYS A 378 37.09 43.67 -25.90
CA LYS A 378 36.02 43.67 -24.93
C LYS A 378 34.76 44.33 -25.51
N ILE A 379 33.63 44.05 -24.86
CA ILE A 379 32.33 44.59 -25.26
C ILE A 379 31.77 45.39 -24.09
N ILE A 380 31.31 46.60 -24.38
CA ILE A 380 30.75 47.50 -23.37
C ILE A 380 29.26 47.64 -23.63
N TRP A 381 28.47 47.53 -22.56
CA TRP A 381 27.03 47.66 -22.67
C TRP A 381 26.64 49.10 -22.96
N PRO A 382 25.43 49.32 -23.48
CA PRO A 382 25.01 50.69 -23.82
C PRO A 382 24.93 51.58 -22.59
N GLY A 383 25.19 52.87 -22.80
CA GLY A 383 25.17 53.84 -21.73
C GLY A 383 26.45 53.96 -20.93
N GLY A 384 27.52 53.28 -21.33
CA GLY A 384 28.78 53.38 -20.63
C GLY A 384 28.94 52.37 -19.52
N GLU A 385 28.68 51.10 -19.82
CA GLU A 385 28.84 50.01 -18.86
C GLU A 385 29.70 48.92 -19.48
N THR A 386 30.78 48.57 -18.79
CA THR A 386 31.69 47.53 -19.28
C THR A 386 31.28 46.14 -18.85
N GLU A 387 30.53 46.01 -17.75
CA GLU A 387 30.14 44.70 -17.25
C GLU A 387 29.00 44.13 -18.10
N LYS A 388 28.80 42.82 -17.95
CA LYS A 388 27.70 42.15 -18.65
C LYS A 388 26.38 42.51 -17.99
N PRO A 389 25.42 43.05 -18.71
CA PRO A 389 24.15 43.46 -18.08
C PRO A 389 23.32 42.27 -17.65
N ARG A 390 22.46 42.52 -16.66
CA ARG A 390 21.51 41.52 -16.16
C ARG A 390 20.10 42.00 -16.48
N GLY A 391 19.32 41.14 -17.12
CA GLY A 391 17.97 41.51 -17.52
C GLY A 391 16.91 41.13 -16.51
N TYR A 392 17.20 41.33 -15.23
CA TYR A 392 16.26 41.04 -14.15
C TYR A 392 16.17 42.25 -13.24
N GLN A 393 14.95 42.61 -12.85
CA GLN A 393 14.69 43.74 -11.96
C GLN A 393 13.70 43.27 -10.90
N MET A 394 14.22 42.76 -9.78
CA MET A 394 13.41 42.31 -8.67
C MET A 394 13.09 43.50 -7.76
N SER A 395 12.59 43.22 -6.56
CA SER A 395 12.23 44.26 -5.59
C SER A 395 11.16 45.20 -6.16
N THR A 396 10.28 44.64 -6.99
CA THR A 396 9.20 45.38 -7.60
C THR A 396 8.13 45.70 -6.56
N ARG A 397 7.35 46.75 -6.83
CA ARG A 397 6.31 47.20 -5.90
C ARG A 397 5.14 46.21 -5.95
N LEU A 398 5.26 45.16 -5.14
CA LEU A 398 4.18 44.20 -5.02
C LEU A 398 2.97 44.84 -4.37
N LYS A 399 1.78 44.43 -4.82
CA LYS A 399 0.53 45.01 -4.34
C LYS A 399 -0.40 43.88 -3.90
N ILE A 400 -1.08 44.10 -2.77
CA ILE A 400 -1.78 43.05 -2.06
C ILE A 400 -3.28 43.32 -2.10
N VAL A 401 -4.07 42.25 -2.00
CA VAL A 401 -5.52 42.32 -1.92
C VAL A 401 -5.98 41.50 -0.72
N THR A 402 -6.87 42.06 0.09
CA THR A 402 -7.33 41.41 1.30
C THR A 402 -8.83 41.58 1.44
N ILE A 403 -9.46 40.64 2.14
CA ILE A 403 -10.89 40.68 2.43
C ILE A 403 -11.09 41.01 3.90
N HIS A 404 -12.14 41.76 4.19
CA HIS A 404 -12.41 42.19 5.56
C HIS A 404 -12.84 41.00 6.40
N GLN A 405 -11.97 40.57 7.32
CA GLN A 405 -12.30 39.49 8.23
C GLN A 405 -11.65 39.77 9.58
N GLU A 406 -12.47 39.78 10.61
CA GLU A 406 -12.18 40.00 12.02
C GLU A 406 -12.27 38.68 12.76
N PRO A 407 -11.32 38.34 13.63
CA PRO A 407 -10.21 39.13 14.14
C PRO A 407 -8.93 38.94 13.33
N PHE A 408 -8.99 39.03 12.01
CA PHE A 408 -7.80 38.90 11.19
C PHE A 408 -7.37 40.20 10.54
N VAL A 409 -8.30 40.97 9.97
CA VAL A 409 -8.04 42.32 9.52
C VAL A 409 -9.23 43.20 9.91
N TYR A 410 -8.94 44.40 10.39
CA TYR A 410 -9.98 45.33 10.80
C TYR A 410 -10.16 46.42 9.74
N VAL A 411 -11.39 46.89 9.59
CA VAL A 411 -11.72 47.98 8.68
C VAL A 411 -12.18 49.15 9.53
N LYS A 412 -11.40 50.23 9.54
CA LYS A 412 -11.73 51.41 10.31
C LYS A 412 -11.63 52.64 9.41
N PRO A 413 -12.68 53.45 9.32
CA PRO A 413 -12.63 54.62 8.43
C PRO A 413 -11.62 55.64 8.90
N THR A 414 -11.04 56.34 7.92
CA THR A 414 -10.09 57.40 8.21
C THR A 414 -10.81 58.57 8.89
N MET A 415 -10.14 59.21 9.84
CA MET A 415 -10.74 60.29 10.61
C MET A 415 -10.51 61.63 9.91
N SER A 416 -11.61 62.33 9.61
CA SER A 416 -11.60 63.73 9.22
C SER A 416 -10.58 64.07 8.15
N ASP A 417 -9.45 64.66 8.56
CA ASP A 417 -8.48 65.20 7.60
C ASP A 417 -7.88 64.11 6.73
N GLY A 418 -7.56 62.95 7.31
CA GLY A 418 -6.91 61.91 6.56
C GLY A 418 -5.86 61.15 7.36
N THR A 419 -5.67 61.54 8.61
CA THR A 419 -4.74 60.84 9.48
C THR A 419 -5.35 59.55 10.02
N CYS A 420 -4.51 58.70 10.59
CA CYS A 420 -4.94 57.44 11.18
C CYS A 420 -4.96 57.57 12.69
N LYS A 421 -6.09 57.20 13.29
CA LYS A 421 -6.22 57.27 14.74
C LYS A 421 -5.24 56.31 15.40
N GLU A 422 -4.58 56.80 16.45
CA GLU A 422 -3.63 55.98 17.20
C GLU A 422 -4.40 55.15 18.23
N GLU A 423 -3.93 53.92 18.43
CA GLU A 423 -4.57 53.01 19.37
C GLU A 423 -3.51 52.31 20.19
N PHE A 424 -3.84 52.01 21.45
CA PHE A 424 -2.95 51.27 22.35
C PHE A 424 -3.63 49.97 22.76
N THR A 425 -2.84 48.90 22.79
CA THR A 425 -3.38 47.57 23.04
C THR A 425 -3.60 47.36 24.53
N VAL A 426 -3.83 46.10 24.92
CA VAL A 426 -4.00 45.76 26.33
C VAL A 426 -2.75 46.17 27.11
N ASN A 427 -1.57 45.83 26.57
CA ASN A 427 -0.32 46.31 27.16
C ASN A 427 -0.13 47.81 26.97
N GLY A 428 -0.92 48.45 26.12
CA GLY A 428 -0.74 49.84 25.80
C GLY A 428 0.33 50.12 24.76
N ASP A 429 0.98 49.09 24.24
CA ASP A 429 1.98 49.29 23.20
C ASP A 429 1.29 49.68 21.89
N PRO A 430 1.99 50.42 21.03
CA PRO A 430 1.39 50.83 19.76
C PRO A 430 1.04 49.62 18.90
N VAL A 431 -0.08 49.74 18.19
CA VAL A 431 -0.53 48.73 17.23
C VAL A 431 -0.48 49.37 15.84
N LYS A 432 0.36 48.82 14.97
CA LYS A 432 0.58 49.41 13.67
C LYS A 432 -0.65 49.24 12.78
N LYS A 433 -0.72 50.07 11.73
CA LYS A 433 -1.80 50.02 10.77
C LYS A 433 -1.31 50.62 9.47
N VAL A 434 -2.05 50.36 8.39
CA VAL A 434 -1.71 50.87 7.07
C VAL A 434 -2.96 51.46 6.44
N ILE A 435 -2.82 51.95 5.20
CA ILE A 435 -3.89 52.61 4.48
C ILE A 435 -4.39 51.69 3.38
N CYS A 436 -5.71 51.64 3.23
CA CYS A 436 -6.36 50.78 2.24
C CYS A 436 -7.26 51.62 1.35
N THR A 437 -7.52 51.13 0.14
CA THR A 437 -8.51 51.71 -0.74
C THR A 437 -9.46 50.62 -1.23
N GLY A 438 -10.75 50.93 -1.22
CA GLY A 438 -11.76 49.98 -1.63
C GLY A 438 -13.12 50.63 -1.72
N PRO A 439 -14.16 49.82 -1.89
CA PRO A 439 -15.52 50.39 -1.97
C PRO A 439 -16.06 50.82 -0.61
N ASN A 440 -15.65 52.02 -0.19
CA ASN A 440 -16.13 52.60 1.06
C ASN A 440 -17.61 52.92 1.03
N ASP A 441 -18.21 53.05 -0.15
CA ASP A 441 -19.58 53.52 -0.30
C ASP A 441 -20.57 52.65 0.47
N THR A 442 -20.72 51.40 0.04
CA THR A 442 -21.71 50.48 0.59
C THR A 442 -21.36 49.09 0.10
N SER A 443 -22.29 48.15 0.28
CA SER A 443 -22.22 46.82 -0.32
C SER A 443 -21.98 46.94 -1.81
N PRO A 444 -21.49 45.89 -2.48
CA PRO A 444 -21.08 46.06 -3.89
C PRO A 444 -22.24 46.37 -4.83
N GLY A 445 -22.79 47.58 -4.68
CA GLY A 445 -23.83 48.08 -5.57
C GLY A 445 -23.32 49.24 -6.40
N SER A 446 -23.67 50.46 -6.00
CA SER A 446 -23.18 51.65 -6.68
C SER A 446 -21.74 51.92 -6.27
N PRO A 447 -20.79 51.95 -7.22
CA PRO A 447 -19.37 52.18 -6.88
C PRO A 447 -19.03 53.67 -6.70
N ARG A 448 -19.29 54.18 -5.51
CA ARG A 448 -19.06 55.58 -5.19
C ARG A 448 -17.62 55.75 -4.70
N HIS A 449 -17.33 56.89 -4.07
CA HIS A 449 -15.97 57.26 -3.67
C HIS A 449 -15.28 56.14 -2.90
N THR A 450 -13.96 56.12 -2.98
CA THR A 450 -13.11 55.05 -2.46
C THR A 450 -12.01 55.63 -1.58
N VAL A 451 -12.40 56.48 -0.63
CA VAL A 451 -11.43 57.16 0.24
C VAL A 451 -10.65 56.13 1.03
N PRO A 452 -9.34 56.33 1.26
CA PRO A 452 -8.56 55.36 2.03
C PRO A 452 -9.04 55.23 3.46
N GLN A 453 -8.84 54.04 4.01
CA GLN A 453 -9.25 53.66 5.36
C GLN A 453 -8.03 53.12 6.10
N CYS A 454 -8.18 52.92 7.41
CA CYS A 454 -7.11 52.35 8.22
C CYS A 454 -7.35 50.88 8.45
N CYS A 455 -6.30 50.07 8.21
CA CYS A 455 -6.40 48.62 8.32
C CYS A 455 -5.34 48.10 9.27
N TYR A 456 -5.74 47.14 10.10
CA TYR A 456 -4.85 46.43 11.01
C TYR A 456 -5.60 45.21 11.53
N GLY A 457 -4.90 44.36 12.26
CA GLY A 457 -5.51 43.16 12.77
C GLY A 457 -4.54 42.03 13.08
N PHE A 458 -4.80 40.84 12.53
CA PHE A 458 -3.91 39.70 12.68
C PHE A 458 -3.08 39.43 11.43
N CYS A 459 -3.67 39.60 10.25
CA CYS A 459 -2.91 39.37 9.01
C CYS A 459 -1.95 40.52 8.72
N ILE A 460 -2.37 41.75 9.02
CA ILE A 460 -1.63 42.93 8.57
C ILE A 460 -0.25 42.98 9.24
N ASP A 461 -0.20 42.75 10.56
CA ASP A 461 1.12 42.77 11.21
C ASP A 461 1.94 41.56 10.80
N LEU A 462 1.29 40.45 10.45
CA LEU A 462 2.02 39.33 9.88
C LEU A 462 2.72 39.73 8.60
N LEU A 463 2.01 40.46 7.73
CA LEU A 463 2.64 40.99 6.52
C LEU A 463 3.72 42.00 6.85
N ILE A 464 3.53 42.79 7.90
CA ILE A 464 4.56 43.74 8.32
C ILE A 464 5.86 43.02 8.64
N LYS A 465 5.77 41.97 9.47
CA LYS A 465 6.95 41.20 9.82
C LYS A 465 7.52 40.50 8.59
N LEU A 466 6.66 39.95 7.74
CA LEU A 466 7.11 39.29 6.52
C LEU A 466 7.82 40.26 5.60
N ALA A 467 7.48 41.55 5.68
CA ALA A 467 8.07 42.57 4.82
C ALA A 467 9.35 43.16 5.39
N ARG A 468 9.50 43.19 6.72
CA ARG A 468 10.75 43.67 7.28
C ARG A 468 11.93 42.80 6.83
N THR A 469 11.67 41.57 6.42
CA THR A 469 12.63 40.75 5.71
C THR A 469 12.24 40.66 4.24
N MET A 470 13.25 40.58 3.37
CA MET A 470 13.14 40.69 1.92
C MET A 470 12.71 42.09 1.47
N ASN A 471 12.49 43.02 2.41
CA ASN A 471 12.37 44.47 2.21
C ASN A 471 11.72 44.88 0.88
N PHE A 472 10.50 44.44 0.65
CA PHE A 472 9.76 44.79 -0.55
C PHE A 472 8.64 45.78 -0.20
N THR A 473 8.57 46.87 -0.95
CA THR A 473 7.56 47.90 -0.70
C THR A 473 6.20 47.41 -1.18
N TYR A 474 5.15 47.84 -0.46
CA TYR A 474 3.84 47.22 -0.60
C TYR A 474 2.74 48.26 -0.52
N GLU A 475 1.64 47.98 -1.22
CA GLU A 475 0.40 48.74 -1.12
C GLU A 475 -0.75 47.75 -1.07
N VAL A 476 -1.78 48.06 -0.28
CA VAL A 476 -2.87 47.14 -0.03
C VAL A 476 -4.19 47.79 -0.46
N HIS A 477 -5.06 46.99 -1.07
CA HIS A 477 -6.37 47.44 -1.51
C HIS A 477 -7.33 46.26 -1.49
N LEU A 478 -8.56 46.51 -1.03
CA LEU A 478 -9.54 45.45 -0.88
C LEU A 478 -10.05 44.99 -2.24
N VAL A 479 -11.02 44.08 -2.24
CA VAL A 479 -11.56 43.49 -3.46
C VAL A 479 -12.92 44.11 -3.73
N ALA A 480 -13.15 44.47 -5.01
CA ALA A 480 -14.43 45.05 -5.39
C ALA A 480 -15.58 44.07 -5.25
N ASP A 481 -15.32 42.77 -5.32
CA ASP A 481 -16.39 41.79 -5.23
C ASP A 481 -16.78 41.51 -3.78
N GLY A 482 -15.85 41.01 -2.99
CA GLY A 482 -16.11 40.69 -1.61
C GLY A 482 -16.41 39.23 -1.31
N LYS A 483 -15.94 38.31 -2.14
CA LYS A 483 -16.18 36.88 -1.95
C LYS A 483 -14.88 36.12 -2.16
N PHE A 484 -14.78 34.95 -1.52
CA PHE A 484 -13.50 34.24 -1.45
C PHE A 484 -13.22 33.40 -2.68
N GLY A 485 -13.36 33.98 -3.87
CA GLY A 485 -12.87 33.37 -5.10
C GLY A 485 -13.19 31.91 -5.35
N THR A 486 -14.45 31.58 -5.62
CA THR A 486 -14.84 30.23 -5.98
C THR A 486 -15.15 30.15 -7.47
N GLN A 487 -15.51 28.95 -7.93
CA GLN A 487 -15.84 28.77 -9.33
C GLN A 487 -17.28 29.21 -9.62
N GLU A 488 -17.48 29.72 -10.82
CA GLU A 488 -18.79 30.21 -11.23
C GLU A 488 -18.86 30.25 -12.74
N ARG A 489 -20.06 30.03 -13.26
CA ARG A 489 -20.33 30.10 -14.70
C ARG A 489 -21.03 31.41 -15.04
N VAL A 490 -21.25 31.62 -16.35
CA VAL A 490 -21.88 32.81 -16.86
C VAL A 490 -23.03 32.42 -17.77
N ASN A 491 -23.75 33.42 -18.28
CA ASN A 491 -24.84 33.20 -19.22
C ASN A 491 -24.38 32.63 -20.55
N ASN A 492 -23.08 32.67 -20.82
CA ASN A 492 -22.50 32.08 -22.01
C ASN A 492 -21.40 31.12 -21.58
N SER A 493 -21.70 30.26 -20.62
CA SER A 493 -20.70 29.50 -19.88
C SER A 493 -19.92 28.59 -20.83
N ASN A 494 -18.69 29.00 -21.14
CA ASN A 494 -17.75 28.16 -21.86
C ASN A 494 -16.36 28.20 -21.26
N LYS A 495 -16.16 28.99 -20.20
CA LYS A 495 -14.89 29.12 -19.50
C LYS A 495 -15.01 28.90 -18.00
N LYS A 496 -16.10 29.38 -17.39
CA LYS A 496 -16.33 29.24 -15.95
C LYS A 496 -15.15 29.79 -15.16
N GLU A 497 -14.95 31.09 -15.26
CA GLU A 497 -13.77 31.74 -14.70
C GLU A 497 -13.95 31.96 -13.20
N TRP A 498 -12.97 32.63 -12.60
CA TRP A 498 -12.88 32.80 -11.15
C TRP A 498 -13.30 34.21 -10.76
N ASN A 499 -14.21 34.30 -9.79
CA ASN A 499 -14.66 35.59 -9.29
C ASN A 499 -13.89 35.96 -8.03
N GLY A 500 -14.17 37.15 -7.51
CA GLY A 500 -13.69 37.54 -6.19
C GLY A 500 -12.18 37.56 -6.07
N MET A 501 -11.70 37.01 -4.96
CA MET A 501 -10.30 37.16 -4.59
C MET A 501 -9.36 36.47 -5.58
N MET A 502 -9.62 35.19 -5.84
CA MET A 502 -8.72 34.44 -6.71
C MET A 502 -8.68 35.02 -8.11
N GLY A 503 -9.85 35.31 -8.68
CA GLY A 503 -9.89 35.94 -9.99
C GLY A 503 -9.18 37.28 -10.00
N GLU A 504 -9.38 38.08 -8.96
CA GLU A 504 -8.69 39.36 -8.85
C GLU A 504 -7.19 39.19 -8.79
N LEU A 505 -6.70 38.04 -8.31
CA LEU A 505 -5.28 37.74 -8.46
C LEU A 505 -4.99 36.99 -9.74
N LEU A 506 -5.87 36.06 -10.12
CA LEU A 506 -5.61 35.24 -11.31
C LEU A 506 -5.63 36.07 -12.59
N SER A 507 -6.50 37.08 -12.67
CA SER A 507 -6.57 37.91 -13.87
C SER A 507 -5.28 38.67 -14.12
N GLY A 508 -4.46 38.90 -13.08
CA GLY A 508 -3.15 39.46 -13.29
C GLY A 508 -3.01 40.95 -13.05
N GLN A 509 -3.50 41.45 -11.92
CA GLN A 509 -3.23 42.82 -11.52
C GLN A 509 -2.87 42.94 -10.04
N ALA A 510 -2.64 41.83 -9.35
CA ALA A 510 -2.25 41.84 -7.95
C ALA A 510 -1.09 40.89 -7.75
N ASP A 511 -0.49 40.95 -6.56
CA ASP A 511 0.70 40.15 -6.28
C ASP A 511 0.43 39.00 -5.32
N MET A 512 -0.11 39.28 -4.14
CA MET A 512 -0.25 38.28 -3.08
C MET A 512 -1.68 38.24 -2.58
N ILE A 513 -1.96 37.23 -1.75
CA ILE A 513 -3.20 37.11 -1.01
C ILE A 513 -2.86 36.97 0.46
N VAL A 514 -3.29 37.91 1.27
CA VAL A 514 -3.06 37.87 2.71
C VAL A 514 -4.44 37.90 3.36
N ALA A 515 -4.98 36.71 3.62
CA ALA A 515 -6.33 36.57 4.16
C ALA A 515 -6.50 35.14 4.63
N PRO A 516 -7.46 34.90 5.52
CA PRO A 516 -7.72 33.52 5.95
C PRO A 516 -8.52 32.74 4.91
N LEU A 517 -7.84 32.20 3.90
CA LEU A 517 -8.48 31.40 2.86
C LEU A 517 -8.06 29.95 3.05
N THR A 518 -9.05 29.06 3.13
CA THR A 518 -8.79 27.64 3.33
C THR A 518 -8.15 27.04 2.09
N ILE A 519 -7.08 26.28 2.30
CA ILE A 519 -6.39 25.58 1.21
C ILE A 519 -7.11 24.28 0.95
N ASN A 520 -7.28 23.94 -0.33
CA ASN A 520 -7.92 22.70 -0.72
C ASN A 520 -7.38 22.27 -2.07
N ASN A 521 -7.91 21.15 -2.58
CA ASN A 521 -7.28 20.45 -3.69
C ASN A 521 -7.30 21.29 -4.96
N GLU A 522 -8.47 21.78 -5.37
CA GLU A 522 -8.58 22.44 -6.67
C GLU A 522 -7.89 23.80 -6.66
N ARG A 523 -7.96 24.51 -5.54
CA ARG A 523 -7.19 25.74 -5.41
C ARG A 523 -5.70 25.46 -5.59
N ALA A 524 -5.20 24.44 -4.89
CA ALA A 524 -3.80 24.08 -5.02
C ALA A 524 -3.45 23.67 -6.45
N GLN A 525 -4.43 23.13 -7.19
CA GLN A 525 -4.20 22.82 -8.59
C GLN A 525 -4.05 24.09 -9.42
N TYR A 526 -4.95 25.05 -9.23
CA TYR A 526 -4.92 26.24 -10.08
C TYR A 526 -3.96 27.30 -9.56
N ILE A 527 -3.71 27.34 -8.26
CA ILE A 527 -2.81 28.33 -7.66
C ILE A 527 -1.89 27.62 -6.69
N GLU A 528 -0.77 28.26 -6.38
CA GLU A 528 0.20 27.70 -5.47
C GLU A 528 0.12 28.40 -4.11
N PHE A 529 0.19 27.60 -3.05
CA PHE A 529 0.10 28.06 -1.68
C PHE A 529 1.47 28.00 -1.03
N SER A 530 1.50 28.28 0.28
CA SER A 530 2.71 28.13 1.06
C SER A 530 2.43 27.24 2.25
N LYS A 531 3.38 27.14 3.17
CA LYS A 531 3.21 26.28 4.33
C LYS A 531 2.19 26.89 5.28
N PRO A 532 1.12 26.18 5.63
CA PRO A 532 0.06 26.78 6.45
C PRO A 532 0.58 27.22 7.82
N PHE A 533 -0.03 28.29 8.34
CA PHE A 533 0.35 28.85 9.62
C PHE A 533 -0.80 28.86 10.63
N LYS A 534 -1.89 28.13 10.35
CA LYS A 534 -3.01 28.02 11.28
C LYS A 534 -3.89 26.88 10.81
N TYR A 535 -4.32 26.04 11.75
CA TYR A 535 -5.17 24.90 11.45
C TYR A 535 -6.55 25.11 12.05
N GLN A 536 -7.57 24.60 11.38
CA GLN A 536 -8.93 24.84 11.83
C GLN A 536 -9.85 23.76 11.28
N GLY A 537 -11.04 23.69 11.86
CA GLY A 537 -12.12 22.84 11.42
C GLY A 537 -13.47 23.47 11.71
N LEU A 538 -14.38 23.46 10.75
CA LEU A 538 -15.59 24.27 10.84
C LEU A 538 -16.63 23.64 11.77
N THR A 539 -17.10 24.42 12.75
CA THR A 539 -18.11 24.01 13.71
C THR A 539 -19.42 24.74 13.44
N ILE A 540 -20.39 24.55 14.34
CA ILE A 540 -21.72 25.13 14.23
C ILE A 540 -22.07 25.87 15.51
N LEU A 541 -22.87 26.93 15.39
CA LEU A 541 -23.28 27.71 16.54
C LEU A 541 -24.80 27.89 16.54
N VAL A 542 -25.28 28.48 17.64
CA VAL A 542 -26.70 28.72 17.84
C VAL A 542 -26.82 29.75 18.95
N LYS A 543 -27.98 30.42 19.03
CA LYS A 543 -28.25 31.33 20.14
C LYS A 543 -28.04 30.66 21.47
N LYS A 544 -27.77 31.45 22.52
CA LYS A 544 -27.52 30.91 23.86
C LYS A 544 -28.86 30.57 24.52
N GLU A 545 -29.52 29.57 23.94
CA GLU A 545 -30.81 29.07 24.41
C GLU A 545 -31.82 30.20 24.61
N ILE A 546 -32.72 30.05 25.58
CA ILE A 546 -33.73 31.06 25.87
C ILE A 546 -34.16 30.92 27.32
N PRO A 547 -33.95 31.95 28.17
CA PRO A 547 -34.37 31.89 29.57
C PRO A 547 -35.81 32.39 29.77
N ARG A 548 -36.75 31.80 29.03
CA ARG A 548 -38.15 32.19 29.11
C ARG A 548 -38.93 31.39 30.15
N SER A 549 -38.29 30.45 30.84
CA SER A 549 -38.97 29.60 31.82
C SER A 549 -38.94 30.30 33.18
N THR A 550 -39.84 31.28 33.33
CA THR A 550 -40.01 31.99 34.61
C THR A 550 -41.51 32.28 34.77
N LEU A 551 -42.21 31.34 35.41
CA LEU A 551 -43.65 31.48 35.69
C LEU A 551 -44.43 31.81 34.41
N ASP A 552 -44.04 31.18 33.31
CA ASP A 552 -44.66 31.44 32.01
C ASP A 552 -45.70 30.41 31.62
N SER A 553 -45.47 29.13 31.94
CA SER A 553 -46.42 28.08 31.59
C SER A 553 -47.57 28.02 32.58
N PHE A 554 -48.29 29.13 32.76
CA PHE A 554 -49.44 29.13 33.65
C PHE A 554 -50.53 28.20 33.15
N MET A 555 -50.77 28.18 31.84
CA MET A 555 -51.75 27.29 31.23
C MET A 555 -51.17 26.61 30.00
N GLN A 556 -49.86 26.32 30.01
CA GLN A 556 -49.24 25.62 28.89
C GLN A 556 -48.53 24.37 29.41
N PRO A 557 -49.15 23.60 30.30
CA PRO A 557 -48.60 22.29 30.70
C PRO A 557 -49.20 21.15 29.86
N PHE A 558 -48.90 21.16 28.57
CA PHE A 558 -49.51 20.24 27.59
C PHE A 558 -51.01 20.50 27.63
N GLN A 559 -51.83 19.62 28.21
CA GLN A 559 -53.25 19.88 28.34
C GLN A 559 -53.47 21.14 29.16
N SER A 560 -54.33 22.03 28.65
CA SER A 560 -54.56 23.34 29.26
C SER A 560 -55.95 23.47 29.88
N THR A 561 -56.71 22.38 29.96
CA THR A 561 -58.06 22.41 30.49
C THR A 561 -58.11 22.34 32.01
N LEU A 562 -56.97 22.52 32.69
CA LEU A 562 -56.94 22.33 34.13
C LEU A 562 -57.83 23.34 34.86
N TRP A 563 -57.69 24.63 34.53
CA TRP A 563 -58.44 25.65 35.24
C TRP A 563 -59.94 25.54 34.95
N LEU A 564 -60.29 25.33 33.67
CA LEU A 564 -61.70 25.21 33.32
C LEU A 564 -62.33 23.99 33.98
N LEU A 565 -61.61 22.85 33.97
CA LEU A 565 -62.15 21.66 34.61
C LEU A 565 -62.32 21.86 36.11
N VAL A 566 -61.34 22.47 36.77
CA VAL A 566 -61.43 22.69 38.21
C VAL A 566 -62.60 23.61 38.53
N GLY A 567 -62.74 24.71 37.80
CA GLY A 567 -63.83 25.63 38.04
C GLY A 567 -65.19 25.01 37.80
N LEU A 568 -65.32 24.25 36.71
CA LEU A 568 -66.60 23.60 36.41
C LEU A 568 -66.96 22.58 37.48
N SER A 569 -65.98 21.76 37.91
CA SER A 569 -66.26 20.77 38.93
C SER A 569 -66.64 21.43 40.25
N VAL A 570 -65.93 22.50 40.63
CA VAL A 570 -66.25 23.19 41.87
C VAL A 570 -67.66 23.79 41.81
N HIS A 571 -68.00 24.43 40.68
CA HIS A 571 -69.31 25.01 40.54
C HIS A 571 -70.40 23.95 40.58
N VAL A 572 -70.18 22.82 39.92
CA VAL A 572 -71.17 21.75 39.90
C VAL A 572 -71.37 21.19 41.31
N VAL A 573 -70.28 20.97 42.04
CA VAL A 573 -70.38 20.44 43.39
C VAL A 573 -71.10 21.43 44.31
N ALA A 574 -70.78 22.72 44.18
CA ALA A 574 -71.45 23.72 45.00
C ALA A 574 -72.94 23.79 44.69
N VAL A 575 -73.29 23.71 43.41
CA VAL A 575 -74.70 23.75 43.03
C VAL A 575 -75.44 22.52 43.56
N MET A 576 -74.82 21.35 43.45
CA MET A 576 -75.44 20.13 43.94
C MET A 576 -75.63 20.17 45.45
N LEU A 577 -74.62 20.66 46.19
CA LEU A 577 -74.72 20.73 47.63
C LEU A 577 -75.69 21.81 48.10
N TYR A 578 -76.07 22.73 47.22
CA TYR A 578 -77.00 23.80 47.58
C TYR A 578 -78.41 23.25 47.74
N LEU A 579 -78.79 22.91 48.97
CA LEU A 579 -80.11 22.37 49.24
C LEU A 579 -80.97 23.36 50.01
N LEU A 603 -76.20 30.33 48.95
CA LEU A 603 -75.95 31.55 49.71
C LEU A 603 -74.51 31.99 49.57
N SER A 604 -74.23 33.24 49.96
CA SER A 604 -72.86 33.75 49.90
C SER A 604 -71.95 32.99 50.86
N SER A 605 -72.46 32.64 52.04
CA SER A 605 -71.67 31.86 52.99
C SER A 605 -71.34 30.49 52.42
N ALA A 606 -72.29 29.85 51.75
CA ALA A 606 -72.03 28.55 51.13
C ALA A 606 -70.97 28.67 50.04
N MET A 607 -71.05 29.73 49.23
CA MET A 607 -70.04 29.95 48.19
C MET A 607 -68.67 30.18 48.80
N TRP A 608 -68.60 30.94 49.89
CA TRP A 608 -67.32 31.17 50.56
C TRP A 608 -66.76 29.87 51.13
N PHE A 609 -67.62 29.04 51.72
CA PHE A 609 -67.17 27.75 52.24
C PHE A 609 -66.66 26.85 51.12
N SER A 610 -67.36 26.84 49.98
CA SER A 610 -66.92 26.03 48.85
C SER A 610 -65.58 26.53 48.31
N TRP A 611 -65.40 27.85 48.23
CA TRP A 611 -64.12 28.41 47.80
C TRP A 611 -63.01 28.05 48.77
N GLY A 612 -63.30 28.09 50.07
CA GLY A 612 -62.33 27.66 51.06
C GLY A 612 -61.99 26.19 50.94
N VAL A 613 -62.95 25.37 50.53
CA VAL A 613 -62.68 23.97 50.26
C VAL A 613 -61.66 23.84 49.14
N LEU A 614 -61.70 24.76 48.18
CA LEU A 614 -60.70 24.82 47.12
C LEU A 614 -59.43 25.54 47.52
N LEU A 615 -59.37 26.05 48.75
CA LEU A 615 -58.20 26.76 49.23
C LEU A 615 -57.73 26.31 50.61
N ASN A 616 -58.44 25.38 51.25
CA ASN A 616 -58.07 24.86 52.57
C ASN A 616 -57.95 25.98 53.60
N SER A 617 -58.87 26.93 53.55
CA SER A 617 -58.87 28.05 54.49
C SER A 617 -59.23 27.60 55.89
N SER A 628 -75.41 12.70 55.14
CA SER A 628 -76.21 13.81 54.63
C SER A 628 -75.33 15.01 54.29
N ALA A 629 -75.64 16.16 54.89
CA ALA A 629 -74.84 17.36 54.66
C ALA A 629 -73.42 17.17 55.16
N ARG A 630 -73.25 16.57 56.34
CA ARG A 630 -71.92 16.33 56.87
C ARG A 630 -71.15 15.33 56.01
N ILE A 631 -71.82 14.25 55.58
CA ILE A 631 -71.17 13.27 54.73
C ILE A 631 -70.77 13.88 53.40
N LEU A 632 -71.67 14.68 52.81
CA LEU A 632 -71.36 15.35 51.55
C LEU A 632 -70.19 16.32 51.73
N GLY A 633 -70.15 17.04 52.85
CA GLY A 633 -69.04 17.94 53.09
C GLY A 633 -67.72 17.21 53.24
N MET A 634 -67.73 16.08 53.96
CA MET A 634 -66.51 15.30 54.11
C MET A 634 -66.05 14.73 52.78
N VAL A 635 -66.98 14.24 51.96
CA VAL A 635 -66.63 13.72 50.64
C VAL A 635 -66.06 14.83 49.76
N TRP A 636 -66.67 16.02 49.81
CA TRP A 636 -66.18 17.14 49.03
C TRP A 636 -64.79 17.57 49.49
N ALA A 637 -64.55 17.55 50.80
CA ALA A 637 -63.23 17.88 51.31
C ALA A 637 -62.19 16.88 50.84
N GLY A 638 -62.51 15.59 50.89
CA GLY A 638 -61.60 14.58 50.38
C GLY A 638 -61.34 14.76 48.89
N PHE A 639 -62.38 15.05 48.12
CA PHE A 639 -62.22 15.27 46.69
C PHE A 639 -61.34 16.48 46.41
N ALA A 640 -61.54 17.56 47.17
CA ALA A 640 -60.72 18.75 46.99
C ALA A 640 -59.27 18.48 47.34
N MET A 641 -59.02 17.73 48.42
CA MET A 641 -57.65 17.38 48.77
C MET A 641 -57.01 16.53 47.70
N ILE A 642 -57.75 15.56 47.16
CA ILE A 642 -57.23 14.71 46.09
C ILE A 642 -56.93 15.54 44.86
N ILE A 643 -57.82 16.47 44.51
CA ILE A 643 -57.61 17.30 43.34
C ILE A 643 -56.40 18.20 43.53
N VAL A 644 -56.21 18.75 44.73
CA VAL A 644 -55.06 19.60 45.00
C VAL A 644 -53.78 18.80 44.88
N ALA A 645 -53.75 17.59 45.45
CA ALA A 645 -52.57 16.74 45.36
C ALA A 645 -52.27 16.38 43.91
N SER A 646 -53.31 16.03 43.14
CA SER A 646 -53.12 15.68 41.74
C SER A 646 -52.61 16.86 40.94
N TYR A 647 -53.14 18.06 41.21
CA TYR A 647 -52.67 19.26 40.51
C TYR A 647 -51.22 19.57 40.86
N THR A 648 -50.85 19.41 42.13
CA THR A 648 -49.45 19.62 42.50
C THR A 648 -48.54 18.62 41.82
N ALA A 649 -48.96 17.35 41.78
CA ALA A 649 -48.16 16.33 41.11
C ALA A 649 -48.03 16.62 39.62
N ASN A 650 -49.12 17.04 38.99
CA ASN A 650 -49.08 17.36 37.56
C ASN A 650 -48.19 18.56 37.29
N LEU A 651 -48.26 19.58 38.14
CA LEU A 651 -47.37 20.74 37.97
C LEU A 651 -45.91 20.34 38.15
N ALA A 652 -45.63 19.48 39.13
CA ALA A 652 -44.26 19.02 39.33
C ALA A 652 -43.77 18.22 38.13
N ALA A 653 -44.61 17.33 37.61
CA ALA A 653 -44.21 16.53 36.45
C ALA A 653 -44.00 17.41 35.22
N PHE A 654 -44.88 18.39 35.01
CA PHE A 654 -44.69 19.32 33.90
C PHE A 654 -43.44 20.15 34.09
N LEU A 655 -43.21 20.65 35.30
CA LEU A 655 -41.99 21.41 35.59
C LEU A 655 -40.89 20.50 36.14
N VAL A 656 -40.71 19.36 35.49
CA VAL A 656 -39.55 18.50 35.71
C VAL A 656 -39.01 18.09 34.35
N LEU A 657 -39.82 18.29 33.31
CA LEU A 657 -39.48 17.90 31.94
C LEU A 657 -39.21 19.11 31.06
N ASP A 658 -38.87 20.25 31.66
CA ASP A 658 -38.54 21.45 30.89
C ASP A 658 -37.10 21.45 30.39
N ARG A 659 -36.31 20.46 30.78
CA ARG A 659 -34.92 20.41 30.34
C ARG A 659 -34.85 20.06 28.86
N PRO A 660 -34.23 20.89 28.03
CA PRO A 660 -34.13 20.59 26.60
C PRO A 660 -32.72 20.85 26.08
N GLU A 661 -32.57 21.90 25.27
CA GLU A 661 -31.27 22.35 24.77
C GLU A 661 -30.57 21.22 24.00
N GLU A 662 -31.18 20.86 22.87
CA GLU A 662 -30.60 19.85 22.00
C GLU A 662 -29.17 20.21 21.60
N ARG A 663 -28.91 21.50 21.37
CA ARG A 663 -27.58 22.07 21.16
C ARG A 663 -26.92 21.60 19.86
N ILE A 664 -27.57 20.74 19.08
CA ILE A 664 -27.02 20.18 17.85
C ILE A 664 -25.79 19.35 18.13
N THR A 665 -25.88 18.04 17.89
CA THR A 665 -24.73 17.16 18.07
C THR A 665 -23.67 17.45 17.01
N GLY A 666 -24.09 17.52 15.76
CA GLY A 666 -23.18 17.81 14.67
C GLY A 666 -23.96 17.87 13.38
N ILE A 667 -23.28 17.53 12.27
CA ILE A 667 -23.96 17.44 10.98
C ILE A 667 -24.76 16.16 10.84
N ASN A 668 -24.68 15.25 11.82
CA ASN A 668 -25.40 13.99 11.80
C ASN A 668 -26.68 14.03 12.63
N ASP A 669 -27.07 15.19 13.11
CA ASP A 669 -28.33 15.32 13.83
C ASP A 669 -29.48 15.17 12.84
N PRO A 670 -30.38 14.20 13.03
CA PRO A 670 -31.49 14.04 12.07
C PRO A 670 -32.37 15.27 11.95
N ARG A 671 -32.53 16.04 13.03
CA ARG A 671 -33.44 17.18 13.01
C ARG A 671 -33.02 18.19 11.95
N LEU A 672 -31.73 18.52 11.89
CA LEU A 672 -31.25 19.37 10.81
C LEU A 672 -31.05 18.60 9.51
N ARG A 673 -30.92 17.27 9.58
CA ARG A 673 -30.74 16.48 8.37
C ARG A 673 -31.97 16.58 7.47
N ASN A 674 -33.15 16.56 8.06
CA ASN A 674 -34.37 16.80 7.29
C ASN A 674 -34.57 18.31 7.13
N PRO A 675 -34.65 18.82 5.92
CA PRO A 675 -34.90 20.26 5.74
C PRO A 675 -36.28 20.68 6.19
N SER A 676 -36.36 21.45 7.26
CA SER A 676 -37.62 22.01 7.75
C SER A 676 -37.55 23.52 7.67
N ASP A 677 -38.70 24.16 7.90
CA ASP A 677 -38.82 25.61 7.72
C ASP A 677 -38.53 26.41 8.98
N LYS A 678 -38.73 25.83 10.16
CA LYS A 678 -38.57 26.57 11.41
C LYS A 678 -37.14 26.52 11.94
N PHE A 679 -36.23 25.81 11.27
CA PHE A 679 -34.85 25.68 11.72
C PHE A 679 -33.91 25.90 10.55
N ILE A 680 -34.12 27.01 9.83
CA ILE A 680 -33.31 27.31 8.65
C ILE A 680 -31.84 27.49 9.05
N TYR A 681 -30.95 27.08 8.15
CA TYR A 681 -29.52 27.23 8.35
C TYR A 681 -28.84 27.40 7.01
N ALA A 682 -27.85 28.30 6.94
CA ALA A 682 -27.22 28.64 5.69
C ALA A 682 -25.76 29.02 5.95
N THR A 683 -25.09 29.53 4.91
CA THR A 683 -23.67 29.85 4.97
C THR A 683 -23.36 30.84 3.86
N VAL A 684 -22.32 31.66 4.08
CA VAL A 684 -21.97 32.70 3.12
C VAL A 684 -21.72 32.09 1.74
N LYS A 685 -22.13 32.81 0.71
CA LYS A 685 -22.03 32.37 -0.68
C LYS A 685 -20.60 32.46 -1.18
N GLN A 686 -20.33 31.68 -2.23
CA GLN A 686 -19.10 31.82 -3.01
C GLN A 686 -17.85 31.64 -2.15
N SER A 687 -17.88 30.69 -1.22
CA SER A 687 -16.82 30.55 -0.24
C SER A 687 -16.40 29.09 -0.16
N SER A 688 -15.52 28.80 0.80
CA SER A 688 -14.95 27.46 0.93
C SER A 688 -16.01 26.43 1.31
N VAL A 689 -16.89 26.78 2.25
CA VAL A 689 -17.88 25.82 2.74
C VAL A 689 -18.81 25.38 1.62
N ASP A 690 -19.24 26.34 0.79
CA ASP A 690 -20.14 26.00 -0.30
C ASP A 690 -19.48 25.06 -1.30
N ILE A 691 -18.21 25.30 -1.62
CA ILE A 691 -17.53 24.41 -2.56
C ILE A 691 -17.29 23.04 -1.94
N TYR A 692 -17.07 22.99 -0.61
CA TYR A 692 -16.83 21.70 0.01
C TYR A 692 -18.09 20.86 0.05
N PHE A 693 -19.24 21.49 0.33
CA PHE A 693 -20.49 20.71 0.31
C PHE A 693 -20.93 20.38 -1.11
N ARG A 694 -20.75 21.30 -2.06
CA ARG A 694 -21.21 21.09 -3.42
C ARG A 694 -20.41 20.03 -4.16
N ARG A 695 -19.19 19.72 -3.72
CA ARG A 695 -18.34 18.74 -4.38
C ARG A 695 -18.40 17.37 -3.71
N GLN A 696 -18.27 17.33 -2.39
CA GLN A 696 -18.39 16.08 -1.67
C GLN A 696 -19.80 15.51 -1.83
N VAL A 697 -19.89 14.20 -2.00
CA VAL A 697 -21.16 13.59 -2.42
C VAL A 697 -22.20 13.67 -1.31
N GLU A 698 -21.94 13.03 -0.16
CA GLU A 698 -22.85 12.91 0.96
C GLU A 698 -24.32 12.88 0.55
N LEU A 699 -24.88 14.05 0.21
CA LEU A 699 -26.25 14.12 -0.28
C LEU A 699 -26.42 15.40 -1.07
N SER A 700 -27.61 15.55 -1.67
CA SER A 700 -27.96 16.69 -2.50
C SER A 700 -29.00 17.61 -1.87
N THR A 701 -30.00 17.03 -1.19
CA THR A 701 -31.10 17.85 -0.68
C THR A 701 -30.65 18.80 0.41
N MET A 702 -29.58 18.46 1.16
CA MET A 702 -29.06 19.40 2.15
C MET A 702 -28.47 20.63 1.47
N TYR A 703 -27.71 20.41 0.39
CA TYR A 703 -27.19 21.54 -0.38
C TYR A 703 -28.34 22.36 -0.97
N ARG A 704 -29.39 21.68 -1.46
CA ARG A 704 -30.54 22.40 -2.00
C ARG A 704 -31.21 23.25 -0.94
N HIS A 705 -31.36 22.71 0.27
CA HIS A 705 -31.99 23.45 1.36
C HIS A 705 -31.14 24.63 1.80
N MET A 706 -29.81 24.46 1.79
CA MET A 706 -28.92 25.53 2.23
C MET A 706 -28.81 26.64 1.18
N GLU A 707 -28.89 26.30 -0.10
CA GLU A 707 -28.71 27.29 -1.16
C GLU A 707 -29.84 28.32 -1.19
N LYS A 708 -30.97 28.02 -0.54
CA LYS A 708 -32.10 28.95 -0.55
C LYS A 708 -31.74 30.28 0.09
N HIS A 709 -31.05 30.24 1.24
CA HIS A 709 -30.84 31.44 2.04
C HIS A 709 -29.37 31.69 2.32
N ASN A 710 -28.48 31.27 1.42
CA ASN A 710 -27.07 31.57 1.57
C ASN A 710 -26.84 33.07 1.54
N TYR A 711 -26.07 33.57 2.50
CA TYR A 711 -25.91 35.00 2.67
C TYR A 711 -24.88 35.56 1.68
N GLU A 712 -24.66 36.87 1.76
CA GLU A 712 -23.81 37.57 0.82
C GLU A 712 -22.60 38.24 1.46
N SER A 713 -22.49 38.22 2.78
CA SER A 713 -21.33 38.78 3.46
C SER A 713 -20.91 37.84 4.57
N ALA A 714 -19.77 38.14 5.17
CA ALA A 714 -19.19 37.27 6.19
C ALA A 714 -19.78 37.48 7.58
N ALA A 715 -20.04 38.72 7.96
CA ALA A 715 -20.43 39.03 9.33
C ALA A 715 -21.91 39.33 9.51
N GLU A 716 -22.61 39.78 8.46
CA GLU A 716 -24.02 40.12 8.61
C GLU A 716 -24.85 38.92 9.04
N ALA A 717 -24.41 37.71 8.68
CA ALA A 717 -25.11 36.51 9.14
C ALA A 717 -25.06 36.39 10.66
N ILE A 718 -23.99 36.87 11.29
CA ILE A 718 -23.91 36.85 12.74
C ILE A 718 -24.98 37.75 13.34
N GLN A 719 -25.17 38.94 12.76
CA GLN A 719 -26.24 39.81 13.23
C GLN A 719 -27.61 39.22 12.98
N ALA A 720 -27.78 38.51 11.85
CA ALA A 720 -29.06 37.84 11.59
C ALA A 720 -29.33 36.76 12.63
N VAL A 721 -28.31 36.00 13.00
CA VAL A 721 -28.47 34.98 14.04
C VAL A 721 -28.79 35.65 15.37
N ARG A 722 -28.06 36.70 15.72
CA ARG A 722 -28.27 37.37 17.00
C ARG A 722 -29.67 37.97 17.08
N ASP A 723 -30.19 38.47 15.97
CA ASP A 723 -31.57 38.95 15.92
C ASP A 723 -32.52 37.81 16.23
N ASN A 724 -32.59 36.84 15.29
CA ASN A 724 -33.38 35.61 15.40
C ASN A 724 -33.53 34.95 14.04
N LYS A 725 -32.97 35.57 13.00
CA LYS A 725 -33.24 35.13 11.63
C LYS A 725 -32.71 33.72 11.38
N LEU A 726 -31.50 33.42 11.84
CA LEU A 726 -30.87 32.13 11.59
C LEU A 726 -30.49 31.47 12.92
N HIS A 727 -30.52 30.14 12.91
CA HIS A 727 -30.24 29.37 14.12
C HIS A 727 -29.01 28.49 14.04
N ALA A 728 -28.45 28.28 12.84
CA ALA A 728 -27.25 27.46 12.68
C ALA A 728 -26.40 28.06 11.57
N PHE A 729 -25.26 28.63 11.94
CA PHE A 729 -24.36 29.30 11.00
C PHE A 729 -23.13 28.41 10.82
N ILE A 730 -23.08 27.70 9.71
CA ILE A 730 -21.94 26.83 9.40
C ILE A 730 -20.81 27.71 8.89
N TRP A 731 -19.71 27.79 9.66
CA TRP A 731 -18.57 28.57 9.27
C TRP A 731 -17.33 28.06 10.02
N ASP A 732 -16.16 28.36 9.46
CA ASP A 732 -14.91 27.79 9.94
C ASP A 732 -14.59 28.27 11.35
N SER A 733 -13.64 27.58 11.98
CA SER A 733 -13.45 27.62 13.43
C SER A 733 -13.10 28.99 13.98
N ALA A 734 -11.90 29.51 13.65
CA ALA A 734 -11.30 30.59 14.44
C ALA A 734 -12.21 31.80 14.56
N VAL A 735 -12.71 32.30 13.43
CA VAL A 735 -13.57 33.48 13.46
C VAL A 735 -14.85 33.20 14.21
N LEU A 736 -15.45 32.03 13.99
CA LEU A 736 -16.70 31.68 14.64
C LEU A 736 -16.53 31.66 16.16
N GLU A 737 -15.47 30.99 16.62
CA GLU A 737 -15.22 30.90 18.05
C GLU A 737 -14.93 32.27 18.66
N PHE A 738 -14.15 33.09 17.97
CA PHE A 738 -13.84 34.42 18.53
C PHE A 738 -15.10 35.26 18.62
N GLU A 739 -15.95 35.22 17.59
CA GLU A 739 -17.21 35.96 17.68
C GLU A 739 -18.10 35.41 18.79
N ALA A 740 -18.11 34.09 18.96
CA ALA A 740 -18.92 33.48 20.01
C ALA A 740 -18.45 33.95 21.39
N SER A 741 -17.14 34.02 21.59
CA SER A 741 -16.60 34.49 22.86
C SER A 741 -16.55 36.01 22.95
N GLN A 742 -16.94 36.72 21.88
CA GLN A 742 -16.98 38.17 21.93
C GLN A 742 -18.27 38.67 22.59
N LYS A 743 -19.42 38.32 22.00
CA LYS A 743 -20.71 38.72 22.52
C LYS A 743 -21.35 37.51 23.21
N CYS A 744 -21.72 37.67 24.48
CA CYS A 744 -22.17 36.55 25.29
C CYS A 744 -23.61 36.17 24.98
N ASP A 745 -23.83 35.84 23.71
CA ASP A 745 -25.13 35.33 23.26
C ASP A 745 -25.02 34.16 22.31
N LEU A 746 -23.82 33.83 21.83
CA LEU A 746 -23.63 32.80 20.82
C LEU A 746 -22.58 31.82 21.32
N VAL A 747 -22.90 30.52 21.25
CA VAL A 747 -22.00 29.46 21.66
C VAL A 747 -22.04 28.36 20.61
N THR A 748 -20.99 27.53 20.61
CA THR A 748 -20.83 26.48 19.62
C THR A 748 -20.72 25.12 20.29
N THR A 749 -21.42 24.13 19.72
CA THR A 749 -21.38 22.76 20.20
C THR A 749 -21.31 21.84 19.00
N GLY A 750 -20.40 20.88 19.04
CA GLY A 750 -20.27 19.92 17.95
C GLY A 750 -19.07 19.02 18.09
N GLU A 751 -18.48 18.62 16.96
CA GLU A 751 -17.31 17.77 16.99
C GLU A 751 -16.21 18.25 16.06
N LEU A 752 -16.35 19.44 15.46
CA LEU A 752 -15.36 20.00 14.55
C LEU A 752 -15.10 19.05 13.39
N PHE A 753 -16.15 18.88 12.59
CA PHE A 753 -16.09 18.03 11.40
C PHE A 753 -15.27 18.71 10.32
N PHE A 754 -14.51 17.90 9.56
CA PHE A 754 -13.63 18.33 8.48
C PHE A 754 -12.50 19.17 9.05
N ARG A 755 -11.36 19.22 8.37
CA ARG A 755 -10.20 19.92 8.90
C ARG A 755 -9.37 20.45 7.73
N SER A 756 -8.66 21.54 7.98
CA SER A 756 -7.83 22.16 6.94
C SER A 756 -6.91 23.17 7.63
N GLY A 757 -6.14 23.90 6.84
CA GLY A 757 -5.24 24.90 7.38
C GLY A 757 -5.16 26.16 6.54
N PHE A 758 -5.23 27.32 7.20
CA PHE A 758 -5.12 28.59 6.50
C PHE A 758 -3.71 28.78 5.96
N GLY A 759 -3.62 29.30 4.73
CA GLY A 759 -2.35 29.53 4.08
C GLY A 759 -2.11 30.99 3.75
N ILE A 760 -1.13 31.20 2.87
CA ILE A 760 -0.82 32.53 2.34
C ILE A 760 -0.60 32.37 0.84
N GLY A 761 -1.51 32.94 0.04
CA GLY A 761 -1.51 32.67 -1.38
C GLY A 761 -0.59 33.58 -2.18
N MET A 762 -0.41 33.22 -3.44
CA MET A 762 0.50 33.90 -4.36
C MET A 762 0.38 33.27 -5.73
N ARG A 763 0.93 33.95 -6.72
CA ARG A 763 0.74 33.56 -8.12
C ARG A 763 1.41 32.21 -8.40
N LYS A 764 1.15 31.70 -9.61
CA LYS A 764 1.67 30.41 -10.04
C LYS A 764 3.16 30.55 -10.33
N ASP A 765 3.99 30.08 -9.39
CA ASP A 765 5.45 30.08 -9.52
C ASP A 765 5.99 31.49 -9.72
N SER A 766 5.68 32.35 -8.76
CA SER A 766 6.30 33.66 -8.68
C SER A 766 7.74 33.51 -8.20
N PRO A 767 8.60 34.49 -8.48
CA PRO A 767 9.96 34.46 -7.94
C PRO A 767 10.05 34.51 -6.43
N TRP A 768 8.92 34.51 -5.72
CA TRP A 768 8.88 34.54 -4.26
C TRP A 768 8.44 33.21 -3.67
N LYS A 769 8.89 32.09 -4.25
CA LYS A 769 8.35 30.79 -3.85
C LYS A 769 8.93 30.33 -2.52
N GLN A 770 10.21 30.61 -2.26
CA GLN A 770 10.92 29.94 -1.20
C GLN A 770 11.04 30.77 0.08
N ASN A 771 11.29 32.07 -0.06
CA ASN A 771 11.59 32.90 1.11
C ASN A 771 10.37 33.03 2.03
N VAL A 772 9.17 33.13 1.47
CA VAL A 772 7.98 33.19 2.30
C VAL A 772 7.82 31.91 3.12
N SER A 773 8.04 30.76 2.50
CA SER A 773 7.93 29.49 3.20
C SER A 773 8.99 29.39 4.30
N LEU A 774 10.22 29.79 3.99
CA LEU A 774 11.29 29.71 4.99
C LEU A 774 10.98 30.62 6.17
N SER A 775 10.54 31.85 5.91
CA SER A 775 10.24 32.78 6.99
C SER A 775 9.06 32.30 7.83
N ILE A 776 8.02 31.78 7.17
CA ILE A 776 6.85 31.34 7.91
C ILE A 776 7.19 30.13 8.79
N LEU A 777 8.04 29.23 8.30
CA LEU A 777 8.42 28.08 9.10
C LEU A 777 9.33 28.47 10.26
N LYS A 778 10.27 29.40 10.00
CA LYS A 778 11.12 29.88 11.08
C LYS A 778 10.30 30.56 12.16
N SER A 779 9.31 31.36 11.78
CA SER A 779 8.43 31.99 12.76
C SER A 779 7.60 30.94 13.50
N HIS A 780 7.11 29.93 12.78
CA HIS A 780 6.30 28.89 13.39
C HIS A 780 7.08 28.17 14.49
N GLU A 781 8.33 27.80 14.19
CA GLU A 781 9.16 27.18 15.22
C GLU A 781 9.50 28.16 16.33
N ASN A 782 9.80 29.40 15.97
CA ASN A 782 10.36 30.36 16.92
C ASN A 782 9.39 30.66 18.06
N GLY A 783 8.12 30.89 17.73
CA GLY A 783 7.13 31.23 18.73
C GLY A 783 6.44 32.54 18.46
N PHE A 784 6.88 33.25 17.42
CA PHE A 784 6.26 34.51 17.05
C PHE A 784 4.76 34.32 16.77
N MET A 785 4.40 33.20 16.17
CA MET A 785 2.99 32.90 15.94
C MET A 785 2.22 32.86 17.25
N GLU A 786 2.84 32.32 18.30
CA GLU A 786 2.20 32.31 19.62
C GLU A 786 1.97 33.73 20.11
N ASP A 787 2.96 34.61 19.94
CA ASP A 787 2.80 35.99 20.37
C ASP A 787 1.65 36.66 19.64
N LEU A 788 1.58 36.48 18.32
CA LEU A 788 0.49 37.09 17.56
C LEU A 788 -0.87 36.53 17.98
N ASP A 789 -0.95 35.22 18.20
CA ASP A 789 -2.21 34.60 18.60
C ASP A 789 -2.67 35.12 19.95
N LYS A 790 -1.75 35.17 20.92
CA LYS A 790 -2.11 35.68 22.24
C LYS A 790 -2.46 37.16 22.19
N THR A 791 -1.84 37.92 21.28
CA THR A 791 -2.12 39.35 21.22
C THR A 791 -3.50 39.62 20.64
N TRP A 792 -3.86 38.94 19.55
CA TRP A 792 -5.06 39.31 18.82
C TRP A 792 -6.22 38.33 18.96
N VAL A 793 -6.07 37.25 19.71
CA VAL A 793 -7.16 36.30 19.98
C VAL A 793 -7.12 36.02 21.49
N ARG A 794 -7.93 36.76 22.25
CA ARG A 794 -8.04 36.56 23.68
C ARG A 794 -9.51 36.59 24.07
N TYR A 795 -9.79 36.32 25.34
CA TYR A 795 -11.15 36.08 25.80
C TYR A 795 -11.60 37.16 26.76
N GLN A 796 -12.88 37.56 26.63
CA GLN A 796 -13.46 38.60 27.46
C GLN A 796 -14.80 38.18 28.03
N GLU A 797 -15.49 37.26 27.36
CA GLU A 797 -16.81 36.83 27.80
C GLU A 797 -16.76 36.20 29.19
N CYS A 798 -15.79 35.32 29.41
CA CYS A 798 -15.67 34.63 30.69
C CYS A 798 -14.20 34.42 31.07
N CYS B 1 -26.67 61.46 -65.15
CA CYS B 1 -27.25 62.05 -66.35
C CYS B 1 -26.17 62.33 -67.39
N GLN B 2 -25.14 63.09 -66.99
CA GLN B 2 -24.06 63.41 -67.90
C GLN B 2 -23.29 62.17 -68.32
N ILE B 3 -23.00 61.28 -67.36
CA ILE B 3 -22.27 60.05 -67.67
C ILE B 3 -23.08 59.16 -68.58
N LEU B 4 -24.38 58.99 -68.29
CA LEU B 4 -25.23 58.15 -69.11
C LEU B 4 -25.36 58.71 -70.52
N LYS B 5 -25.53 60.02 -70.64
CA LYS B 5 -25.64 60.64 -71.97
C LYS B 5 -24.33 60.51 -72.75
N ARG B 6 -23.20 60.70 -72.08
CA ARG B 6 -21.91 60.59 -72.76
C ARG B 6 -21.65 59.15 -73.21
N ILE B 7 -21.99 58.17 -72.37
CA ILE B 7 -21.74 56.77 -72.71
C ILE B 7 -22.94 56.10 -73.37
N GLY B 8 -24.03 56.84 -73.61
CA GLY B 8 -25.20 56.26 -74.22
C GLY B 8 -26.04 55.41 -73.29
N HIS B 9 -25.78 55.46 -71.98
CA HIS B 9 -26.49 54.65 -70.98
C HIS B 9 -26.38 53.16 -71.28
N ALA B 10 -25.26 52.75 -71.86
CA ALA B 10 -25.02 51.35 -72.19
C ALA B 10 -23.59 50.99 -71.83
N VAL B 11 -23.37 49.71 -71.53
CA VAL B 11 -22.06 49.18 -71.19
C VAL B 11 -21.62 48.25 -72.31
N ARG B 12 -20.48 48.57 -72.92
CA ARG B 12 -19.94 47.79 -74.03
C ARG B 12 -18.85 46.86 -73.53
N VAL B 13 -18.86 45.63 -74.03
CA VAL B 13 -17.89 44.60 -73.70
C VAL B 13 -17.18 44.18 -74.98
N GLY B 14 -15.85 44.19 -74.94
CA GLY B 14 -15.06 43.83 -76.11
C GLY B 14 -14.86 42.33 -76.22
N ALA B 15 -14.87 41.83 -77.45
CA ALA B 15 -14.62 40.42 -77.75
C ALA B 15 -13.58 40.35 -78.85
N VAL B 16 -12.42 39.77 -78.54
CA VAL B 16 -11.32 39.63 -79.49
C VAL B 16 -10.94 38.15 -79.56
N HIS B 17 -10.90 37.61 -80.77
CA HIS B 17 -10.55 36.22 -81.00
C HIS B 17 -9.22 36.17 -81.76
N LEU B 18 -8.23 35.50 -81.18
CA LEU B 18 -6.95 35.35 -81.86
C LEU B 18 -7.08 34.52 -83.13
N GLN B 19 -7.86 33.44 -83.07
CA GLN B 19 -8.06 32.57 -84.23
C GLN B 19 -9.42 31.88 -84.15
N PRO B 87 -16.91 32.29 -80.95
CA PRO B 87 -17.63 32.61 -79.71
C PRO B 87 -18.61 33.77 -79.89
N ARG B 88 -18.87 34.14 -81.15
CA ARG B 88 -19.81 35.23 -81.41
C ARG B 88 -21.22 34.89 -80.95
N ASP B 89 -21.66 33.66 -81.23
CA ASP B 89 -23.00 33.24 -80.78
C ASP B 89 -23.07 33.19 -79.27
N ALA B 90 -22.04 32.66 -78.62
CA ALA B 90 -22.02 32.62 -77.17
C ALA B 90 -22.01 34.02 -76.57
N LEU B 91 -21.24 34.93 -77.17
CA LEU B 91 -21.22 36.32 -76.70
C LEU B 91 -22.58 36.98 -76.86
N LEU B 92 -23.25 36.74 -77.99
CA LEU B 92 -24.58 37.32 -78.20
C LEU B 92 -25.58 36.76 -77.20
N PHE B 93 -25.53 35.45 -76.94
CA PHE B 93 -26.42 34.86 -75.95
C PHE B 93 -26.15 35.42 -74.56
N ALA B 94 -24.88 35.60 -74.21
CA ALA B 94 -24.53 36.18 -72.92
C ALA B 94 -25.05 37.61 -72.80
N VAL B 95 -24.89 38.41 -73.86
CA VAL B 95 -25.38 39.78 -73.83
C VAL B 95 -26.90 39.81 -73.69
N ASP B 96 -27.59 38.94 -74.42
CA ASP B 96 -29.04 38.88 -74.31
C ASP B 96 -29.48 38.49 -72.91
N ASN B 97 -28.81 37.49 -72.31
CA ASN B 97 -29.16 37.07 -70.96
C ASN B 97 -28.90 38.18 -69.95
N LEU B 98 -27.79 38.90 -70.09
CA LEU B 98 -27.49 39.99 -69.16
C LEU B 98 -28.49 41.13 -69.31
N ASN B 99 -28.87 41.47 -70.55
CA ASN B 99 -29.77 42.59 -70.77
C ASN B 99 -31.22 42.27 -70.40
N ARG B 100 -31.66 41.03 -70.62
CA ARG B 100 -33.04 40.66 -70.34
C ARG B 100 -33.33 40.53 -68.85
N VAL B 101 -32.32 40.55 -68.00
CA VAL B 101 -32.49 40.40 -66.56
C VAL B 101 -32.41 41.78 -65.93
N GLU B 102 -33.48 42.18 -65.24
CA GLU B 102 -33.50 43.46 -64.55
C GLU B 102 -32.65 43.41 -63.29
N GLY B 103 -32.01 44.53 -62.96
CA GLY B 103 -31.20 44.63 -61.78
C GLY B 103 -29.77 44.17 -61.95
N LEU B 104 -29.39 43.64 -63.12
CA LEU B 104 -28.01 43.24 -63.35
C LEU B 104 -27.08 44.45 -63.32
N LEU B 105 -27.51 45.56 -63.91
CA LEU B 105 -26.75 46.79 -63.92
C LEU B 105 -27.63 47.96 -63.48
N PRO B 106 -27.03 48.98 -62.88
CA PRO B 106 -27.82 50.12 -62.41
C PRO B 106 -27.89 51.23 -63.47
N TYR B 107 -28.72 52.23 -63.17
CA TYR B 107 -28.92 53.39 -64.04
C TYR B 107 -29.41 52.99 -65.44
N ASN B 108 -30.19 51.91 -65.51
CA ASN B 108 -30.77 51.43 -66.77
C ASN B 108 -29.68 51.16 -67.81
N LEU B 109 -28.60 50.51 -67.37
CA LEU B 109 -27.50 50.17 -68.26
C LEU B 109 -27.81 48.90 -69.03
N SER B 110 -27.64 48.96 -70.36
CA SER B 110 -27.88 47.83 -71.23
C SER B 110 -26.55 47.30 -71.75
N LEU B 111 -26.41 45.97 -71.75
CA LEU B 111 -25.16 45.34 -72.17
C LEU B 111 -25.12 45.19 -73.68
N GLU B 112 -23.96 45.54 -74.25
CA GLU B 112 -23.72 45.40 -75.68
C GLU B 112 -22.36 44.76 -75.89
N VAL B 113 -22.18 44.09 -77.03
CA VAL B 113 -20.95 43.38 -77.35
C VAL B 113 -20.36 43.98 -78.62
N VAL B 114 -19.07 44.31 -78.57
CA VAL B 114 -18.35 44.85 -79.71
C VAL B 114 -17.21 43.90 -80.04
N MET B 115 -17.14 43.47 -81.29
CA MET B 115 -16.14 42.49 -81.74
C MET B 115 -14.98 43.21 -82.41
N ALA B 116 -13.77 42.96 -81.91
CA ALA B 116 -12.55 43.54 -82.46
C ALA B 116 -11.87 42.49 -83.33
N ILE B 117 -12.31 42.39 -84.57
CA ILE B 117 -11.77 41.43 -85.52
C ILE B 117 -10.59 42.05 -86.25
N GLU B 118 -9.80 41.20 -86.91
CA GLU B 118 -8.63 41.68 -87.64
C GLU B 118 -9.01 42.53 -88.85
N ALA B 119 -10.28 42.50 -89.26
CA ALA B 119 -10.71 43.31 -90.38
C ALA B 119 -10.71 44.79 -90.01
N GLY B 120 -10.61 45.64 -91.04
CA GLY B 120 -10.55 47.07 -90.84
C GLY B 120 -11.91 47.68 -90.55
N LEU B 121 -11.90 49.00 -90.35
CA LEU B 121 -13.13 49.71 -90.05
C LEU B 121 -14.06 49.71 -91.25
N GLY B 122 -15.35 49.49 -90.98
CA GLY B 122 -16.34 49.47 -92.03
C GLY B 122 -17.68 49.03 -91.49
N ASP B 123 -18.70 49.21 -92.33
CA ASP B 123 -20.05 48.80 -91.95
C ASP B 123 -20.15 47.28 -91.90
N LEU B 124 -20.94 46.80 -90.96
CA LEU B 124 -21.12 45.36 -90.79
C LEU B 124 -21.93 44.80 -91.95
N PRO B 125 -21.33 44.03 -92.87
CA PRO B 125 -22.09 43.47 -93.99
C PRO B 125 -22.67 42.10 -93.66
N LEU B 126 -23.93 41.92 -94.03
CA LEU B 126 -24.63 40.65 -93.81
C LEU B 126 -24.48 39.75 -95.03
N LEU B 127 -23.22 39.55 -95.43
CA LEU B 127 -22.90 38.72 -96.59
C LEU B 127 -21.81 37.74 -96.19
N PRO B 128 -21.98 36.44 -96.45
CA PRO B 128 -20.96 35.46 -96.08
C PRO B 128 -19.76 35.54 -97.01
N PHE B 129 -18.62 35.95 -96.45
CA PHE B 129 -17.38 36.07 -97.20
C PHE B 129 -16.46 34.91 -96.84
N SER B 130 -16.01 34.18 -97.85
CA SER B 130 -15.13 33.02 -97.67
C SER B 130 -13.83 33.28 -98.42
N SER B 131 -12.81 33.75 -97.69
CA SER B 131 -11.51 34.01 -98.26
C SER B 131 -10.43 33.40 -97.38
N PRO B 132 -9.28 33.03 -97.94
CA PRO B 132 -8.21 32.44 -97.14
C PRO B 132 -7.45 33.50 -96.36
N SER B 133 -7.66 33.52 -95.05
CA SER B 133 -6.99 34.49 -94.19
C SER B 133 -5.52 34.15 -94.04
N SER B 134 -4.66 35.15 -94.21
CA SER B 134 -3.22 34.95 -94.09
C SER B 134 -2.82 34.82 -92.63
N PRO B 135 -1.66 34.24 -92.37
CA PRO B 135 -1.18 34.13 -90.97
C PRO B 135 -0.91 35.49 -90.38
N TRP B 136 -1.06 35.58 -89.06
CA TRP B 136 -0.85 36.84 -88.35
C TRP B 136 0.60 37.28 -88.45
N SER B 137 0.81 38.58 -88.57
CA SER B 137 2.16 39.12 -88.67
C SER B 137 2.92 38.93 -87.37
N SER B 138 4.24 38.72 -87.49
CA SER B 138 5.07 38.50 -86.32
C SER B 138 5.21 39.74 -85.45
N ASP B 139 4.96 40.92 -85.99
CA ASP B 139 5.06 42.14 -85.21
C ASP B 139 3.82 42.31 -84.34
N PRO B 140 3.96 42.38 -83.01
CA PRO B 140 2.77 42.57 -82.15
C PRO B 140 2.41 44.03 -81.93
N PHE B 141 3.27 44.97 -82.32
CA PHE B 141 2.97 46.39 -82.10
C PHE B 141 1.74 46.82 -82.88
N SER B 142 1.63 46.39 -84.15
CA SER B 142 0.48 46.76 -84.96
C SER B 142 -0.81 46.19 -84.39
N PHE B 143 -0.78 44.92 -83.95
CA PHE B 143 -1.97 44.31 -83.37
C PHE B 143 -2.36 45.01 -82.07
N LEU B 144 -1.38 45.33 -81.23
CA LEU B 144 -1.68 46.03 -79.98
C LEU B 144 -2.26 47.42 -80.25
N GLN B 145 -1.70 48.13 -81.23
CA GLN B 145 -2.23 49.44 -81.58
C GLN B 145 -3.65 49.36 -82.10
N SER B 146 -3.93 48.37 -82.96
CA SER B 146 -5.28 48.19 -83.48
C SER B 146 -6.26 47.86 -82.36
N VAL B 147 -5.85 46.99 -81.43
CA VAL B 147 -6.71 46.63 -80.31
C VAL B 147 -6.99 47.85 -79.43
N CYS B 148 -5.96 48.64 -79.16
CA CYS B 148 -6.14 49.84 -78.34
C CYS B 148 -7.06 50.84 -79.04
N HIS B 149 -6.88 51.03 -80.35
CA HIS B 149 -7.75 51.95 -81.09
C HIS B 149 -9.20 51.47 -81.08
N THR B 150 -9.41 50.17 -81.26
CA THR B 150 -10.77 49.64 -81.22
C THR B 150 -11.39 49.81 -79.83
N VAL B 151 -10.61 49.57 -78.78
CA VAL B 151 -11.11 49.75 -77.43
C VAL B 151 -11.48 51.21 -77.17
N VAL B 152 -10.63 52.14 -77.63
CA VAL B 152 -10.90 53.55 -77.43
C VAL B 152 -12.15 53.98 -78.20
N VAL B 153 -12.30 53.51 -79.44
CA VAL B 153 -13.44 53.90 -80.26
C VAL B 153 -14.73 53.34 -79.68
N GLN B 154 -14.74 52.06 -79.34
CA GLN B 154 -15.95 51.41 -78.84
C GLN B 154 -16.17 51.65 -77.34
N GLY B 155 -15.15 52.09 -76.62
CA GLY B 155 -15.28 52.28 -75.18
C GLY B 155 -15.59 50.99 -74.43
N VAL B 156 -14.92 49.90 -74.79
CA VAL B 156 -15.22 48.61 -74.18
C VAL B 156 -14.64 48.59 -72.77
N SER B 157 -15.52 48.41 -71.78
CA SER B 157 -15.07 48.34 -70.39
C SER B 157 -14.19 47.12 -70.16
N ALA B 158 -14.57 45.97 -70.70
CA ALA B 158 -13.81 44.74 -70.58
C ALA B 158 -13.71 44.06 -71.94
N LEU B 159 -12.52 43.56 -72.26
CA LEU B 159 -12.25 42.88 -73.51
C LEU B 159 -12.17 41.37 -73.24
N LEU B 160 -13.04 40.61 -73.90
CA LEU B 160 -13.07 39.17 -73.73
C LEU B 160 -12.20 38.51 -74.78
N ALA B 161 -11.23 37.72 -74.34
CA ALA B 161 -10.30 37.04 -75.23
C ALA B 161 -10.61 35.54 -75.27
N PHE B 162 -10.24 34.92 -76.39
CA PHE B 162 -10.42 33.48 -76.58
C PHE B 162 -9.10 32.90 -77.05
N PRO B 163 -8.09 32.89 -76.18
CA PRO B 163 -6.76 32.39 -76.58
C PRO B 163 -6.71 30.87 -76.57
N GLN B 164 -6.22 30.28 -77.66
CA GLN B 164 -6.05 28.85 -77.77
C GLN B 164 -4.65 28.40 -77.40
N SER B 165 -3.77 29.31 -76.98
CA SER B 165 -2.41 28.98 -76.64
C SER B 165 -1.92 29.93 -75.55
N GLN B 166 -0.86 29.51 -74.85
CA GLN B 166 -0.29 30.33 -73.79
C GLN B 166 0.30 31.62 -74.34
N GLY B 167 0.89 31.57 -75.53
CA GLY B 167 1.40 32.79 -76.15
C GLY B 167 0.30 33.79 -76.45
N GLU B 168 -0.84 33.31 -76.93
CA GLU B 168 -1.98 34.19 -77.18
C GLU B 168 -2.49 34.80 -75.89
N MET B 169 -2.53 34.02 -74.81
CA MET B 169 -2.95 34.54 -73.51
C MET B 169 -1.97 35.61 -73.02
N MET B 170 -0.68 35.38 -73.19
CA MET B 170 0.31 36.37 -72.80
C MET B 170 0.17 37.65 -73.62
N GLU B 171 -0.09 37.51 -74.92
CA GLU B 171 -0.31 38.68 -75.76
C GLU B 171 -1.55 39.44 -75.32
N LEU B 172 -2.62 38.73 -74.98
CA LEU B 172 -3.83 39.38 -74.49
C LEU B 172 -3.57 40.11 -73.17
N ASP B 173 -2.79 39.49 -72.28
CA ASP B 173 -2.44 40.14 -71.02
C ASP B 173 -1.62 41.41 -71.26
N LEU B 174 -0.65 41.34 -72.19
CA LEU B 174 0.15 42.52 -72.51
C LEU B 174 -0.72 43.62 -73.11
N VAL B 175 -1.67 43.25 -73.98
CA VAL B 175 -2.57 44.23 -74.56
C VAL B 175 -3.43 44.88 -73.49
N SER B 176 -3.91 44.09 -72.54
CA SER B 176 -4.71 44.63 -71.45
C SER B 176 -3.89 45.57 -70.58
N LEU B 177 -2.64 45.20 -70.30
CA LEU B 177 -1.78 46.07 -69.50
C LEU B 177 -1.49 47.39 -70.23
N VAL B 178 -1.25 47.32 -71.54
CA VAL B 178 -0.96 48.53 -72.30
C VAL B 178 -2.21 49.42 -72.38
N LEU B 179 -3.37 48.82 -72.62
CA LEU B 179 -4.61 49.58 -72.76
C LEU B 179 -5.25 49.92 -71.41
N HIS B 180 -4.66 49.46 -70.30
CA HIS B 180 -5.17 49.75 -68.96
C HIS B 180 -6.63 49.35 -68.81
N ILE B 181 -6.99 48.19 -69.34
CA ILE B 181 -8.35 47.68 -69.25
C ILE B 181 -8.31 46.23 -68.79
N PRO B 182 -9.33 45.76 -68.07
CA PRO B 182 -9.33 44.35 -67.63
C PRO B 182 -9.76 43.43 -68.76
N VAL B 183 -9.00 42.36 -68.97
CA VAL B 183 -9.28 41.38 -70.01
C VAL B 183 -9.40 40.01 -69.38
N ILE B 184 -10.52 39.34 -69.64
CA ILE B 184 -10.78 37.98 -69.19
C ILE B 184 -10.71 37.06 -70.40
N SER B 185 -9.79 36.10 -70.35
CA SER B 185 -9.55 35.19 -71.46
C SER B 185 -10.10 33.81 -71.12
N ILE B 186 -10.90 33.26 -72.02
CA ILE B 186 -11.47 31.93 -71.85
C ILE B 186 -10.49 30.90 -72.36
N VAL B 187 -10.15 29.93 -71.52
CA VAL B 187 -9.22 28.87 -71.87
C VAL B 187 -9.87 27.53 -71.54
N ARG B 188 -9.69 26.54 -72.44
CA ARG B 188 -10.25 25.22 -72.20
C ARG B 188 -9.65 24.59 -70.95
N HIS B 189 -8.34 24.72 -70.76
CA HIS B 189 -7.66 24.19 -69.60
C HIS B 189 -6.73 25.24 -69.02
N GLU B 190 -6.56 25.19 -67.70
CA GLU B 190 -5.69 26.14 -67.02
C GLU B 190 -4.24 25.89 -67.40
N PHE B 191 -3.45 26.96 -67.42
CA PHE B 191 -2.04 26.91 -67.76
C PHE B 191 -1.20 27.59 -66.68
N PRO B 192 0.08 27.26 -66.58
CA PRO B 192 0.93 27.89 -65.55
C PRO B 192 1.16 29.36 -65.82
N ARG B 193 0.55 30.22 -65.01
CA ARG B 193 0.65 31.66 -65.17
C ARG B 193 1.68 32.21 -64.20
N GLU B 194 2.70 32.89 -64.74
CA GLU B 194 3.75 33.48 -63.92
C GLU B 194 3.54 34.98 -63.67
N SER B 195 2.85 35.66 -64.57
CA SER B 195 2.60 37.09 -64.39
C SER B 195 1.63 37.31 -63.24
N GLN B 196 1.90 38.34 -62.43
CA GLN B 196 1.10 38.67 -61.27
C GLN B 196 0.26 39.92 -61.49
N ASN B 197 0.12 40.35 -62.74
CA ASN B 197 -0.67 41.55 -63.03
C ASN B 197 -2.14 41.28 -62.76
N PRO B 198 -2.82 42.09 -61.95
CA PRO B 198 -4.24 41.84 -61.66
C PRO B 198 -5.19 42.27 -62.76
N LEU B 199 -4.70 42.93 -63.81
CA LEU B 199 -5.59 43.39 -64.87
C LEU B 199 -6.11 42.24 -65.72
N HIS B 200 -5.26 41.26 -66.01
CA HIS B 200 -5.61 40.14 -66.88
C HIS B 200 -6.02 38.94 -66.04
N LEU B 201 -7.12 38.29 -66.43
CA LEU B 201 -7.62 37.11 -65.74
C LEU B 201 -7.91 36.02 -66.77
N GLN B 202 -7.83 34.77 -66.31
CA GLN B 202 -8.09 33.61 -67.14
C GLN B 202 -9.18 32.76 -66.51
N LEU B 203 -10.19 32.43 -67.31
CA LEU B 203 -11.31 31.59 -66.88
C LEU B 203 -11.19 30.25 -67.59
N SER B 204 -11.09 29.17 -66.80
CA SER B 204 -10.91 27.83 -67.34
C SER B 204 -12.27 27.16 -67.52
N LEU B 205 -12.54 26.70 -68.74
CA LEU B 205 -13.80 26.00 -69.01
C LEU B 205 -13.88 24.68 -68.23
N GLU B 206 -12.77 23.95 -68.15
CA GLU B 206 -12.72 22.67 -67.46
C GLU B 206 -12.11 22.88 -66.08
N ASN B 207 -12.88 22.52 -65.04
CA ASN B 207 -12.42 22.64 -63.68
C ASN B 207 -11.48 21.48 -63.32
N SER B 208 -10.87 21.59 -62.15
CA SER B 208 -9.97 20.54 -61.68
C SER B 208 -10.76 19.26 -61.40
N LEU B 209 -10.16 18.12 -61.80
CA LEU B 209 -10.82 16.83 -61.59
C LEU B 209 -10.93 16.49 -60.12
N SER B 210 -9.98 16.95 -59.30
CA SER B 210 -10.00 16.66 -57.88
C SER B 210 -11.29 17.13 -57.23
N SER B 211 -11.83 18.26 -57.71
CA SER B 211 -13.11 18.74 -57.19
C SER B 211 -14.20 17.70 -57.35
N ASP B 212 -14.22 17.01 -58.49
CA ASP B 212 -15.16 15.90 -58.66
C ASP B 212 -14.90 14.82 -57.63
N ALA B 213 -13.63 14.47 -57.40
CA ALA B 213 -13.30 13.57 -56.31
C ALA B 213 -13.71 14.15 -54.97
N ASP B 214 -13.66 15.47 -54.84
CA ASP B 214 -14.13 16.12 -53.62
C ASP B 214 -15.59 15.80 -53.36
N VAL B 215 -16.37 15.57 -54.42
CA VAL B 215 -17.74 15.11 -54.24
C VAL B 215 -17.74 13.69 -53.65
N THR B 216 -16.93 12.81 -54.22
CA THR B 216 -16.85 11.44 -53.70
C THR B 216 -16.36 11.42 -52.26
N VAL B 217 -15.30 12.18 -51.97
CA VAL B 217 -14.83 12.31 -50.60
C VAL B 217 -15.91 12.92 -49.72
N SER B 218 -16.79 13.74 -50.30
CA SER B 218 -17.92 14.27 -49.55
C SER B 218 -18.76 13.14 -48.97
N ILE B 219 -18.95 12.06 -49.74
CA ILE B 219 -19.63 10.89 -49.20
C ILE B 219 -18.87 10.35 -48.00
N LEU B 220 -17.55 10.24 -48.14
CA LEU B 220 -16.73 9.79 -47.01
C LEU B 220 -16.79 10.77 -45.84
N THR B 221 -17.18 12.03 -46.11
CA THR B 221 -17.35 13.02 -45.05
C THR B 221 -18.80 13.13 -44.60
N MET B 222 -19.71 12.35 -45.17
CA MET B 222 -21.12 12.45 -44.79
C MET B 222 -21.73 11.09 -44.46
N ASN B 223 -21.23 10.03 -45.09
CA ASN B 223 -21.79 8.70 -44.89
C ASN B 223 -21.18 7.96 -43.71
N ASN B 224 -20.12 8.51 -43.10
CA ASN B 224 -19.46 7.90 -41.94
C ASN B 224 -18.97 6.49 -42.24
N TRP B 225 -18.57 6.24 -43.49
CA TRP B 225 -18.06 4.93 -43.91
C TRP B 225 -16.54 4.96 -43.81
N TYR B 226 -16.05 4.66 -42.60
CA TYR B 226 -14.60 4.69 -42.37
C TYR B 226 -13.88 3.65 -43.21
N ASN B 227 -14.44 2.44 -43.30
CA ASN B 227 -13.86 1.38 -44.11
C ASN B 227 -14.40 1.50 -45.53
N PHE B 228 -13.53 1.83 -46.47
CA PHE B 228 -13.90 2.03 -47.86
C PHE B 228 -12.91 1.34 -48.78
N SER B 229 -13.37 0.95 -49.97
CA SER B 229 -12.54 0.32 -50.97
C SER B 229 -12.69 1.06 -52.28
N LEU B 230 -11.67 0.94 -53.13
CA LEU B 230 -11.65 1.59 -54.43
C LEU B 230 -11.55 0.54 -55.52
N LEU B 231 -12.46 0.60 -56.49
CA LEU B 231 -12.48 -0.31 -57.62
C LEU B 231 -12.17 0.47 -58.88
N LEU B 232 -11.11 0.07 -59.58
CA LEU B 232 -10.65 0.75 -60.79
C LEU B 232 -10.84 -0.18 -61.99
N CYS B 233 -11.56 0.29 -63.00
CA CYS B 233 -11.73 -0.46 -64.24
C CYS B 233 -10.57 -0.23 -65.21
N GLN B 234 -9.69 0.73 -64.94
CA GLN B 234 -8.54 1.02 -65.77
C GLN B 234 -7.32 1.18 -64.89
N GLU B 235 -6.17 0.71 -65.40
CA GLU B 235 -4.93 0.82 -64.63
C GLU B 235 -4.43 2.27 -64.57
N ASP B 236 -4.71 3.06 -65.60
CA ASP B 236 -4.24 4.44 -65.68
C ASP B 236 -5.21 5.43 -65.07
N TRP B 237 -6.05 4.99 -64.13
CA TRP B 237 -6.99 5.90 -63.49
C TRP B 237 -6.26 6.93 -62.65
N ASN B 238 -6.77 8.17 -62.67
CA ASN B 238 -6.18 9.27 -61.91
C ASN B 238 -6.73 9.24 -60.48
N ILE B 239 -6.34 8.20 -59.75
CA ILE B 239 -6.79 8.02 -58.37
C ILE B 239 -6.00 8.84 -57.38
N THR B 240 -5.02 9.64 -57.84
CA THR B 240 -4.23 10.45 -56.94
C THR B 240 -5.09 11.49 -56.23
N ASP B 241 -6.00 12.13 -56.96
CA ASP B 241 -6.87 13.13 -56.35
C ASP B 241 -7.79 12.50 -55.31
N PHE B 242 -8.37 11.34 -55.63
CA PHE B 242 -9.26 10.67 -54.68
C PHE B 242 -8.49 10.23 -53.43
N LEU B 243 -7.28 9.69 -53.62
CA LEU B 243 -6.46 9.27 -52.48
C LEU B 243 -6.08 10.47 -51.62
N LEU B 244 -5.71 11.58 -52.23
CA LEU B 244 -5.36 12.78 -51.48
C LEU B 244 -6.56 13.30 -50.69
N LEU B 245 -7.75 13.29 -51.32
CA LEU B 245 -8.95 13.75 -50.63
C LEU B 245 -9.30 12.82 -49.46
N THR B 246 -9.15 11.51 -49.65
CA THR B 246 -9.50 10.56 -48.60
C THR B 246 -8.51 10.64 -47.44
N GLN B 247 -7.22 10.85 -47.74
CA GLN B 247 -6.20 10.91 -46.70
C GLN B 247 -6.25 12.19 -45.89
N ASN B 248 -7.03 13.18 -46.31
CA ASN B 248 -7.11 14.44 -45.56
C ASN B 248 -7.71 14.22 -44.18
N ASN B 249 -8.74 13.38 -44.08
CA ASN B 249 -9.43 13.11 -42.82
C ASN B 249 -9.02 11.75 -42.29
N SER B 250 -8.67 11.70 -41.01
CA SER B 250 -8.22 10.46 -40.37
C SER B 250 -9.37 9.55 -39.97
N LYS B 251 -10.62 10.04 -40.01
CA LYS B 251 -11.75 9.19 -39.65
C LYS B 251 -11.91 8.04 -40.62
N PHE B 252 -11.77 8.29 -41.91
CA PHE B 252 -11.92 7.26 -42.92
C PHE B 252 -10.63 6.45 -43.04
N HIS B 253 -10.75 5.28 -43.69
CA HIS B 253 -9.62 4.40 -43.91
C HIS B 253 -9.73 3.81 -45.31
N LEU B 254 -8.59 3.39 -45.85
CA LEU B 254 -8.51 2.82 -47.19
C LEU B 254 -8.32 1.31 -47.10
N GLY B 255 -9.17 0.57 -47.80
CA GLY B 255 -9.12 -0.87 -47.84
C GLY B 255 -8.37 -1.39 -49.04
N SER B 256 -8.70 -2.62 -49.45
CA SER B 256 -8.07 -3.23 -50.60
C SER B 256 -8.43 -2.49 -51.87
N ILE B 257 -7.52 -2.49 -52.83
CA ILE B 257 -7.69 -1.84 -54.13
C ILE B 257 -8.08 -2.89 -55.14
N ILE B 258 -9.16 -2.64 -55.88
CA ILE B 258 -9.67 -3.57 -56.88
C ILE B 258 -9.33 -3.00 -58.25
N ASN B 259 -8.61 -3.80 -59.05
CA ASN B 259 -8.22 -3.42 -60.41
C ASN B 259 -8.88 -4.38 -61.39
N ILE B 260 -9.73 -3.85 -62.27
CA ILE B 260 -10.43 -4.66 -63.27
C ILE B 260 -9.63 -4.54 -64.56
N THR B 261 -8.74 -5.50 -64.79
CA THR B 261 -7.93 -5.50 -66.00
C THR B 261 -8.79 -5.85 -67.21
N ALA B 262 -8.61 -5.10 -68.29
CA ALA B 262 -9.37 -5.33 -69.52
C ALA B 262 -8.66 -6.31 -70.46
N ASN B 263 -7.53 -6.86 -70.07
CA ASN B 263 -6.79 -7.80 -70.89
C ASN B 263 -7.19 -9.25 -70.67
N LEU B 264 -8.18 -9.51 -69.82
CA LEU B 264 -8.61 -10.87 -69.55
C LEU B 264 -9.34 -11.44 -70.75
N PRO B 265 -8.87 -12.55 -71.32
CA PRO B 265 -9.56 -13.10 -72.51
C PRO B 265 -10.87 -13.78 -72.17
N SER B 266 -10.93 -14.53 -71.07
CA SER B 266 -12.11 -15.30 -70.70
C SER B 266 -12.91 -14.55 -69.65
N THR B 267 -14.22 -14.48 -69.87
CA THR B 267 -15.10 -13.82 -68.91
C THR B 267 -15.27 -14.62 -67.62
N GLN B 268 -15.03 -15.93 -67.67
CA GLN B 268 -15.11 -16.73 -66.46
C GLN B 268 -14.05 -16.32 -65.45
N ASP B 269 -12.83 -16.06 -65.92
CA ASP B 269 -11.77 -15.61 -65.02
C ASP B 269 -12.12 -14.24 -64.42
N LEU B 270 -12.67 -13.35 -65.23
CA LEU B 270 -13.08 -12.04 -64.72
C LEU B 270 -14.17 -12.17 -63.66
N LEU B 271 -15.15 -13.05 -63.90
CA LEU B 271 -16.21 -13.27 -62.93
C LEU B 271 -15.66 -13.86 -61.64
N SER B 272 -14.73 -14.81 -61.75
CA SER B 272 -14.12 -15.39 -60.56
C SER B 272 -13.33 -14.35 -59.77
N PHE B 273 -12.58 -13.49 -60.47
CA PHE B 273 -11.83 -12.43 -59.80
C PHE B 273 -12.78 -11.45 -59.11
N LEU B 274 -13.88 -11.09 -59.78
CA LEU B 274 -14.85 -10.19 -59.18
C LEU B 274 -15.48 -10.81 -57.94
N GLN B 275 -15.83 -12.09 -57.99
CA GLN B 275 -16.40 -12.77 -56.83
C GLN B 275 -15.40 -12.82 -55.68
N ILE B 276 -14.14 -13.11 -55.99
CA ILE B 276 -13.11 -13.16 -54.95
C ILE B 276 -12.94 -11.78 -54.32
N GLN B 277 -12.90 -10.73 -55.13
CA GLN B 277 -12.76 -9.38 -54.59
C GLN B 277 -13.95 -9.00 -53.74
N LEU B 278 -15.17 -9.35 -54.17
CA LEU B 278 -16.35 -9.06 -53.38
C LEU B 278 -16.33 -9.79 -52.04
N GLU B 279 -15.94 -11.07 -52.06
CA GLU B 279 -15.84 -11.83 -50.83
C GLU B 279 -14.79 -11.23 -49.88
N SER B 280 -13.66 -10.80 -50.44
CA SER B 280 -12.62 -10.19 -49.61
C SER B 280 -13.08 -8.87 -49.01
N ILE B 281 -13.80 -8.05 -49.79
CA ILE B 281 -14.20 -6.73 -49.34
C ILE B 281 -15.49 -6.73 -48.52
N LYS B 282 -16.23 -7.85 -48.50
CA LYS B 282 -17.46 -7.89 -47.71
C LYS B 282 -17.17 -7.73 -46.22
N ASN B 283 -16.12 -8.38 -45.73
CA ASN B 283 -15.76 -8.35 -44.32
C ASN B 283 -14.71 -7.30 -43.99
N SER B 284 -14.35 -6.45 -44.96
CA SER B 284 -13.32 -5.43 -44.75
C SER B 284 -13.86 -4.03 -44.85
N THR B 285 -14.60 -3.70 -45.92
CA THR B 285 -15.11 -2.35 -46.14
C THR B 285 -16.58 -2.42 -46.54
N PRO B 286 -17.45 -1.68 -45.86
CA PRO B 286 -18.87 -1.66 -46.23
C PRO B 286 -19.20 -0.69 -47.36
N THR B 287 -18.24 0.10 -47.82
CA THR B 287 -18.46 1.06 -48.90
C THR B 287 -17.41 0.85 -49.98
N VAL B 288 -17.84 0.96 -51.24
CA VAL B 288 -16.96 0.80 -52.39
C VAL B 288 -17.21 1.96 -53.35
N VAL B 289 -16.13 2.53 -53.87
CA VAL B 289 -16.20 3.65 -54.80
C VAL B 289 -15.53 3.23 -56.10
N MET B 290 -16.22 3.43 -57.21
CA MET B 290 -15.70 3.09 -58.53
C MET B 290 -15.03 4.31 -59.14
N PHE B 291 -13.73 4.19 -59.44
CA PHE B 291 -12.95 5.27 -60.01
C PHE B 291 -12.62 4.94 -61.45
N GLY B 292 -12.98 5.85 -62.36
CA GLY B 292 -12.73 5.63 -63.78
C GLY B 292 -13.42 4.41 -64.35
N CYS B 293 -14.67 4.18 -63.94
CA CYS B 293 -15.44 3.03 -64.39
C CYS B 293 -16.48 3.49 -65.41
N ASP B 294 -16.46 2.88 -66.59
CA ASP B 294 -17.43 3.21 -67.62
C ASP B 294 -18.80 2.66 -67.26
N MET B 295 -19.83 3.19 -67.93
CA MET B 295 -21.20 2.76 -67.66
C MET B 295 -21.37 1.27 -67.94
N GLU B 296 -20.85 0.80 -69.08
CA GLU B 296 -20.92 -0.62 -69.40
C GLU B 296 -20.12 -1.45 -68.40
N SER B 297 -18.91 -0.99 -68.05
CA SER B 297 -18.10 -1.71 -67.09
C SER B 297 -18.75 -1.75 -65.72
N ILE B 298 -19.32 -0.62 -65.28
CA ILE B 298 -19.98 -0.57 -63.98
C ILE B 298 -21.19 -1.49 -63.97
N ARG B 299 -21.97 -1.48 -65.06
CA ARG B 299 -23.13 -2.37 -65.14
C ARG B 299 -22.71 -3.84 -65.11
N ARG B 300 -21.64 -4.19 -65.84
CA ARG B 300 -21.15 -5.56 -65.82
C ARG B 300 -20.67 -5.97 -64.44
N ILE B 301 -19.97 -5.07 -63.74
CA ILE B 301 -19.50 -5.38 -62.39
C ILE B 301 -20.67 -5.58 -61.44
N PHE B 302 -21.68 -4.71 -61.54
CA PHE B 302 -22.87 -4.85 -60.69
C PHE B 302 -23.61 -6.15 -60.98
N GLU B 303 -23.73 -6.52 -62.26
CA GLU B 303 -24.39 -7.77 -62.61
C GLU B 303 -23.61 -8.97 -62.10
N ILE B 304 -22.29 -8.93 -62.20
CA ILE B 304 -21.46 -10.02 -61.70
C ILE B 304 -21.61 -10.15 -60.19
N THR B 305 -21.63 -9.02 -59.48
CA THR B 305 -21.82 -9.06 -58.03
C THR B 305 -23.19 -9.62 -57.67
N THR B 306 -24.23 -9.20 -58.39
CA THR B 306 -25.58 -9.68 -58.11
C THR B 306 -25.75 -11.15 -58.51
N GLN B 307 -24.90 -11.66 -59.40
CA GLN B 307 -25.01 -13.07 -59.79
C GLN B 307 -24.76 -13.98 -58.59
N PHE B 308 -23.76 -13.67 -57.77
CA PHE B 308 -23.46 -14.43 -56.58
C PHE B 308 -24.26 -13.97 -55.36
N GLY B 309 -25.09 -12.94 -55.51
CA GLY B 309 -25.88 -12.43 -54.41
C GLY B 309 -25.31 -11.23 -53.69
N VAL B 310 -24.25 -10.61 -54.22
CA VAL B 310 -23.63 -9.46 -53.58
C VAL B 310 -24.39 -8.20 -53.96
N MET B 311 -25.39 -7.84 -53.16
CA MET B 311 -26.19 -6.65 -53.40
C MET B 311 -26.27 -5.82 -52.13
N PRO B 312 -26.91 -4.65 -52.17
CA PRO B 312 -27.03 -3.82 -50.97
C PRO B 312 -28.02 -4.43 -49.99
N PRO B 313 -27.93 -4.07 -48.70
CA PRO B 313 -27.00 -3.10 -48.09
C PRO B 313 -25.72 -3.75 -47.59
N GLU B 314 -25.31 -4.89 -48.18
CA GLU B 314 -24.06 -5.52 -47.79
C GLU B 314 -22.87 -4.62 -48.09
N LEU B 315 -22.88 -3.98 -49.26
CA LEU B 315 -21.83 -3.05 -49.66
C LEU B 315 -22.46 -1.79 -50.23
N ARG B 316 -21.77 -0.67 -50.06
CA ARG B 316 -22.22 0.63 -50.56
C ARG B 316 -21.47 0.96 -51.85
N TRP B 317 -22.23 1.27 -52.90
CA TRP B 317 -21.66 1.56 -54.20
C TRP B 317 -21.69 3.06 -54.46
N VAL B 318 -20.55 3.62 -54.81
CA VAL B 318 -20.40 5.05 -55.08
C VAL B 318 -19.63 5.23 -56.38
N LEU B 319 -20.03 6.21 -57.17
CA LEU B 319 -19.37 6.53 -58.44
C LEU B 319 -18.35 7.63 -58.18
N GLY B 320 -17.08 7.24 -58.05
CA GLY B 320 -16.03 8.22 -57.81
C GLY B 320 -15.73 9.09 -59.01
N ASP B 321 -16.02 8.59 -60.21
CA ASP B 321 -15.81 9.36 -61.43
C ASP B 321 -17.08 10.10 -61.80
N SER B 322 -16.95 11.06 -62.72
CA SER B 322 -18.10 11.84 -63.17
C SER B 322 -19.07 10.93 -63.92
N GLN B 323 -20.35 11.07 -63.61
CA GLN B 323 -21.40 10.27 -64.23
C GLN B 323 -22.45 11.22 -64.81
N ASN B 324 -22.72 11.08 -66.10
CA ASN B 324 -23.74 11.90 -66.75
C ASN B 324 -25.13 11.42 -66.36
N VAL B 325 -26.05 12.37 -66.18
CA VAL B 325 -27.41 12.03 -65.80
C VAL B 325 -28.12 11.34 -66.96
N GLU B 326 -27.87 11.77 -68.19
CA GLU B 326 -28.56 11.19 -69.34
C GLU B 326 -28.20 9.72 -69.53
N GLU B 327 -26.94 9.37 -69.37
CA GLU B 327 -26.48 8.00 -69.60
C GLU B 327 -26.61 7.10 -68.37
N LEU B 328 -26.99 7.66 -67.22
CA LEU B 328 -27.14 6.88 -65.99
C LEU B 328 -28.51 6.22 -66.01
N ARG B 329 -28.61 5.13 -66.76
CA ARG B 329 -29.87 4.40 -66.89
C ARG B 329 -30.21 3.72 -65.57
N THR B 330 -31.50 3.78 -65.20
CA THR B 330 -31.94 3.15 -63.96
C THR B 330 -31.83 1.63 -64.02
N GLU B 331 -32.16 1.04 -65.17
CA GLU B 331 -32.11 -0.40 -65.30
C GLU B 331 -30.67 -0.91 -65.26
N GLY B 332 -30.49 -2.08 -64.67
CA GLY B 332 -29.17 -2.70 -64.58
C GLY B 332 -28.33 -2.23 -63.41
N LEU B 333 -28.82 -1.30 -62.60
CA LEU B 333 -28.02 -0.85 -61.47
C LEU B 333 -28.54 -1.44 -60.17
N PRO B 334 -27.65 -1.74 -59.23
CA PRO B 334 -28.09 -2.28 -57.94
C PRO B 334 -28.88 -1.24 -57.15
N LEU B 335 -29.81 -1.73 -56.34
CA LEU B 335 -30.62 -0.86 -55.50
C LEU B 335 -29.75 -0.18 -54.45
N GLY B 336 -30.03 1.10 -54.21
CA GLY B 336 -29.30 1.86 -53.22
C GLY B 336 -27.95 2.39 -53.67
N LEU B 337 -27.58 2.17 -54.93
CA LEU B 337 -26.30 2.66 -55.42
C LEU B 337 -26.27 4.18 -55.46
N ILE B 338 -25.10 4.75 -55.21
CA ILE B 338 -24.90 6.19 -55.14
C ILE B 338 -24.09 6.62 -56.36
N ALA B 339 -24.57 7.67 -57.03
CA ALA B 339 -23.87 8.24 -58.17
C ALA B 339 -23.74 9.75 -57.98
N HIS B 340 -22.74 10.33 -58.64
CA HIS B 340 -22.51 11.76 -58.59
C HIS B 340 -22.26 12.27 -60.00
N GLY B 341 -22.73 13.50 -60.27
CA GLY B 341 -22.57 14.05 -61.60
C GLY B 341 -22.72 15.56 -61.62
N LYS B 342 -22.20 16.16 -62.69
CA LYS B 342 -22.32 17.60 -62.86
C LYS B 342 -23.78 17.98 -63.04
N THR B 343 -24.13 19.18 -62.54
CA THR B 343 -25.51 19.65 -62.64
C THR B 343 -25.94 19.82 -64.08
N THR B 344 -25.05 20.35 -64.93
CA THR B 344 -25.34 20.50 -66.35
C THR B 344 -24.03 20.45 -67.12
N GLN B 345 -24.14 20.13 -68.41
CA GLN B 345 -22.99 20.09 -69.29
C GLN B 345 -22.49 21.52 -69.51
N SER B 346 -21.38 21.87 -68.87
CA SER B 346 -20.85 23.22 -68.94
C SER B 346 -20.22 23.49 -70.31
N VAL B 347 -21.01 24.02 -71.24
CA VAL B 347 -20.51 24.36 -72.57
C VAL B 347 -19.85 25.72 -72.51
N PHE B 348 -19.11 26.07 -73.57
CA PHE B 348 -18.46 27.38 -73.61
C PHE B 348 -19.47 28.52 -73.55
N GLU B 349 -20.70 28.28 -74.03
CA GLU B 349 -21.74 29.31 -73.94
C GLU B 349 -22.08 29.63 -72.50
N HIS B 350 -22.17 28.60 -71.64
CA HIS B 350 -22.45 28.84 -70.23
C HIS B 350 -21.34 29.63 -69.57
N TYR B 351 -20.08 29.30 -69.87
CA TYR B 351 -18.96 30.05 -69.32
C TYR B 351 -18.96 31.48 -69.81
N VAL B 352 -19.30 31.70 -71.08
CA VAL B 352 -19.38 33.05 -71.62
C VAL B 352 -20.48 33.85 -70.92
N GLN B 353 -21.63 33.21 -70.69
CA GLN B 353 -22.72 33.87 -69.99
C GLN B 353 -22.32 34.23 -68.57
N ASP B 354 -21.64 33.31 -67.87
CA ASP B 354 -21.20 33.60 -66.51
C ASP B 354 -20.19 34.75 -66.49
N ALA B 355 -19.25 34.75 -67.45
CA ALA B 355 -18.27 35.83 -67.51
C ALA B 355 -18.94 37.16 -67.80
N MET B 356 -19.91 37.17 -68.72
CA MET B 356 -20.62 38.41 -69.03
C MET B 356 -21.42 38.91 -67.82
N GLU B 357 -22.06 38.00 -67.09
CA GLU B 357 -22.79 38.40 -65.88
C GLU B 357 -21.84 38.97 -64.84
N LEU B 358 -20.68 38.34 -64.65
CA LEU B 358 -19.71 38.86 -63.69
C LEU B 358 -19.19 40.23 -64.12
N VAL B 359 -18.93 40.41 -65.41
CA VAL B 359 -18.44 41.69 -65.91
C VAL B 359 -19.49 42.78 -65.71
N ALA B 360 -20.76 42.46 -66.00
CA ALA B 360 -21.83 43.43 -65.81
C ALA B 360 -21.99 43.79 -64.34
N ARG B 361 -21.91 42.79 -63.45
CA ARG B 361 -22.00 43.06 -62.02
C ARG B 361 -20.84 43.95 -61.56
N ALA B 362 -19.62 43.67 -62.03
CA ALA B 362 -18.48 44.49 -61.66
C ALA B 362 -18.63 45.91 -62.17
N VAL B 363 -19.13 46.06 -63.41
CA VAL B 363 -19.33 47.41 -63.96
C VAL B 363 -20.38 48.16 -63.17
N ALA B 364 -21.47 47.49 -62.80
CA ALA B 364 -22.50 48.13 -61.99
C ALA B 364 -21.97 48.54 -60.62
N THR B 365 -21.16 47.67 -60.01
CA THR B 365 -20.57 48.00 -58.71
C THR B 365 -19.62 49.19 -58.82
N ALA B 366 -18.82 49.24 -59.88
CA ALA B 366 -17.93 50.37 -60.09
C ALA B 366 -18.71 51.67 -60.32
N THR B 367 -19.81 51.58 -61.07
CA THR B 367 -20.62 52.77 -61.32
C THR B 367 -21.35 53.22 -60.07
N MET B 368 -21.70 52.29 -59.17
CA MET B 368 -22.39 52.65 -57.94
C MET B 368 -21.54 53.53 -57.04
N ILE B 369 -20.22 53.43 -57.12
CA ILE B 369 -19.31 54.24 -56.32
C ILE B 369 -18.71 55.37 -57.14
N GLN B 370 -18.19 55.05 -58.34
CA GLN B 370 -17.57 56.04 -59.22
C GLN B 370 -18.17 55.90 -60.62
N PRO B 371 -19.40 56.39 -60.81
CA PRO B 371 -20.02 56.30 -62.14
C PRO B 371 -19.23 57.03 -63.22
N GLU B 372 -18.61 58.16 -62.89
CA GLU B 372 -17.85 58.92 -63.89
C GLU B 372 -16.65 58.12 -64.38
N LEU B 373 -15.93 57.47 -63.47
CA LEU B 373 -14.77 56.68 -63.87
C LEU B 373 -15.19 55.39 -64.55
N ALA B 374 -16.27 54.77 -64.09
CA ALA B 374 -16.71 53.50 -64.67
C ALA B 374 -17.24 53.70 -66.08
N LEU B 375 -17.94 54.81 -66.34
CA LEU B 375 -18.54 55.01 -67.65
C LEU B 375 -17.49 55.33 -68.71
N ILE B 376 -16.53 56.18 -68.37
CA ILE B 376 -15.52 56.65 -69.32
C ILE B 376 -14.20 55.96 -68.98
N PRO B 377 -13.65 55.14 -69.86
CA PRO B 377 -12.34 54.55 -69.60
C PRO B 377 -11.25 55.61 -69.55
N SER B 378 -10.23 55.33 -68.74
CA SER B 378 -9.14 56.29 -68.54
C SER B 378 -8.10 56.26 -69.65
N THR B 379 -8.14 55.25 -70.53
CA THR B 379 -7.17 55.15 -71.62
C THR B 379 -7.73 55.85 -72.86
N MET B 380 -7.58 57.17 -72.87
CA MET B 380 -8.07 57.97 -74.00
C MET B 380 -7.08 58.02 -75.15
N ASN B 381 -5.85 57.56 -74.96
CA ASN B 381 -4.83 57.58 -76.01
C ASN B 381 -4.24 56.19 -76.17
N CYS B 382 -4.16 55.73 -77.42
CA CYS B 382 -3.58 54.42 -77.71
C CYS B 382 -2.06 54.43 -77.66
N MET B 383 -1.44 55.60 -77.79
CA MET B 383 0.02 55.72 -77.77
C MET B 383 0.55 56.46 -76.56
N GLU B 384 -0.21 57.42 -76.03
CA GLU B 384 0.21 58.18 -74.86
C GLU B 384 -0.38 57.54 -73.60
N VAL B 385 0.48 57.30 -72.61
CA VAL B 385 0.09 56.66 -71.36
C VAL B 385 0.20 57.67 -70.23
N GLU B 386 -0.87 57.81 -69.45
CA GLU B 386 -0.90 58.75 -68.34
C GLU B 386 -0.54 58.04 -67.05
N THR B 387 0.26 58.71 -66.22
CA THR B 387 0.70 58.17 -64.93
C THR B 387 -0.38 58.44 -63.89
N THR B 388 -1.38 57.57 -63.87
CA THR B 388 -2.50 57.67 -62.94
C THR B 388 -2.38 56.59 -61.88
N ASN B 389 -2.50 57.00 -60.61
CA ASN B 389 -2.41 56.04 -59.51
C ASN B 389 -3.55 55.03 -59.56
N LEU B 390 -4.77 55.51 -59.85
CA LEU B 390 -5.94 54.63 -59.92
C LEU B 390 -6.69 54.97 -61.21
N THR B 391 -6.69 54.04 -62.16
CA THR B 391 -7.37 54.23 -63.42
C THR B 391 -8.69 53.47 -63.45
N SER B 392 -9.45 53.67 -64.52
CA SER B 392 -10.72 52.97 -64.67
C SER B 392 -10.52 51.46 -64.77
N GLY B 393 -9.47 51.04 -65.48
CA GLY B 393 -9.19 49.62 -65.59
C GLY B 393 -8.89 48.96 -64.25
N GLN B 394 -8.07 49.62 -63.43
CA GLN B 394 -7.77 49.09 -62.11
C GLN B 394 -9.01 49.12 -61.21
N TYR B 395 -9.82 50.16 -61.34
CA TYR B 395 -11.05 50.24 -60.55
C TYR B 395 -12.00 49.09 -60.88
N LEU B 396 -12.14 48.77 -62.17
CA LEU B 396 -12.96 47.64 -62.58
C LEU B 396 -12.33 46.30 -62.18
N SER B 397 -11.00 46.21 -62.24
CA SER B 397 -10.32 44.96 -61.88
C SER B 397 -10.49 44.66 -60.39
N ARG B 398 -10.47 45.70 -59.55
CA ARG B 398 -10.70 45.48 -58.13
C ARG B 398 -12.09 44.91 -57.87
N PHE B 399 -13.11 45.47 -58.52
CA PHE B 399 -14.46 44.94 -58.39
C PHE B 399 -14.56 43.52 -58.92
N LEU B 400 -13.90 43.24 -60.05
CA LEU B 400 -13.92 41.89 -60.61
C LEU B 400 -13.28 40.89 -59.65
N ALA B 401 -12.16 41.27 -59.04
CA ALA B 401 -11.53 40.43 -58.03
C ALA B 401 -12.40 40.29 -56.78
N ASN B 402 -13.26 41.27 -56.51
CA ASN B 402 -14.20 41.19 -55.40
C ASN B 402 -15.54 40.62 -55.82
N THR B 403 -15.68 40.16 -57.06
CA THR B 403 -16.95 39.68 -57.61
C THR B 403 -17.00 38.16 -57.55
N THR B 404 -18.15 37.62 -57.17
CA THR B 404 -18.39 36.18 -57.16
C THR B 404 -19.89 35.94 -57.20
N PHE B 405 -20.32 35.05 -58.10
CA PHE B 405 -21.75 34.80 -58.26
C PHE B 405 -21.97 33.39 -58.79
N ARG B 406 -23.18 32.89 -58.58
CA ARG B 406 -23.57 31.56 -59.04
C ARG B 406 -24.03 31.66 -60.49
N GLY B 407 -23.11 31.39 -61.41
CA GLY B 407 -23.40 31.47 -62.82
C GLY B 407 -24.10 30.24 -63.36
N LEU B 408 -24.36 30.27 -64.67
CA LEU B 408 -25.03 29.15 -65.33
C LEU B 408 -24.16 27.90 -65.32
N SER B 409 -22.85 28.07 -65.53
CA SER B 409 -21.92 26.94 -65.55
C SER B 409 -21.44 26.55 -64.16
N GLY B 410 -21.84 27.29 -63.13
CA GLY B 410 -21.41 26.99 -61.77
C GLY B 410 -21.12 28.24 -60.97
N SER B 411 -20.65 28.08 -59.74
CA SER B 411 -20.32 29.21 -58.88
C SER B 411 -18.96 29.75 -59.29
N ILE B 412 -18.95 30.93 -59.92
CA ILE B 412 -17.73 31.56 -60.35
C ILE B 412 -17.25 32.53 -59.27
N ARG B 413 -15.97 32.44 -58.92
CA ARG B 413 -15.36 33.29 -57.90
C ARG B 413 -13.94 33.60 -58.32
N VAL B 414 -13.27 34.43 -57.53
CA VAL B 414 -11.91 34.87 -57.80
C VAL B 414 -10.98 34.26 -56.77
N LYS B 415 -9.95 33.58 -57.26
CA LYS B 415 -8.93 32.96 -56.42
C LYS B 415 -7.57 33.56 -56.75
N GLY B 416 -6.85 34.00 -55.72
CA GLY B 416 -5.53 34.57 -55.90
C GLY B 416 -5.51 35.89 -56.63
N SER B 417 -6.65 36.57 -56.74
CA SER B 417 -6.81 37.83 -57.45
C SER B 417 -6.42 37.75 -58.92
N THR B 418 -6.16 36.55 -59.44
CA THR B 418 -5.81 36.38 -60.84
C THR B 418 -6.50 35.21 -61.52
N ILE B 419 -7.16 34.31 -60.78
CA ILE B 419 -7.79 33.12 -61.36
C ILE B 419 -9.29 33.26 -61.20
N VAL B 420 -10.03 32.96 -62.27
CA VAL B 420 -11.49 32.91 -62.24
C VAL B 420 -11.87 31.44 -62.14
N SER B 421 -12.23 30.99 -60.95
CA SER B 421 -12.51 29.58 -60.69
C SER B 421 -14.01 29.36 -60.67
N SER B 422 -14.49 28.45 -61.49
CA SER B 422 -15.92 28.12 -61.60
C SER B 422 -16.13 26.74 -61.00
N GLU B 423 -16.47 26.72 -59.70
CA GLU B 423 -16.76 25.46 -59.02
C GLU B 423 -18.17 24.99 -59.42
N ASN B 424 -18.24 23.86 -60.11
CA ASN B 424 -19.52 23.34 -60.58
C ASN B 424 -20.21 22.58 -59.45
N ASN B 425 -21.51 22.82 -59.29
CA ASN B 425 -22.28 22.13 -58.28
C ASN B 425 -22.49 20.67 -58.69
N PHE B 426 -22.06 19.75 -57.85
CA PHE B 426 -22.14 18.32 -58.13
C PHE B 426 -23.35 17.74 -57.42
N PHE B 427 -24.26 17.15 -58.20
CA PHE B 427 -25.45 16.52 -57.64
C PHE B 427 -25.15 15.06 -57.34
N ILE B 428 -25.47 14.64 -56.12
CA ILE B 428 -25.31 13.26 -55.68
C ILE B 428 -26.71 12.67 -55.54
N TRP B 429 -26.93 11.52 -56.18
CA TRP B 429 -28.21 10.85 -56.18
C TRP B 429 -28.04 9.40 -55.77
N ASN B 430 -29.14 8.79 -55.32
CA ASN B 430 -29.16 7.39 -54.93
C ASN B 430 -30.23 6.67 -55.73
N LEU B 431 -29.86 5.51 -56.28
CA LEU B 431 -30.79 4.69 -57.05
C LEU B 431 -31.67 3.92 -56.07
N GLN B 432 -32.85 4.48 -55.78
CA GLN B 432 -33.73 3.89 -54.79
C GLN B 432 -35.12 3.64 -55.38
N HIS B 433 -36.07 3.25 -54.54
CA HIS B 433 -37.41 2.93 -55.00
C HIS B 433 -38.12 4.18 -55.52
N ASP B 434 -38.81 4.03 -56.65
CA ASP B 434 -39.58 5.11 -57.25
C ASP B 434 -41.05 4.96 -56.89
N PRO B 435 -41.91 5.90 -57.32
CA PRO B 435 -43.34 5.75 -57.04
C PRO B 435 -43.95 4.49 -57.65
N MET B 436 -43.44 4.02 -58.78
CA MET B 436 -43.94 2.81 -59.41
C MET B 436 -43.28 1.54 -58.87
N GLY B 437 -42.29 1.67 -58.00
CA GLY B 437 -41.59 0.53 -57.44
C GLY B 437 -40.36 0.11 -58.20
N LYS B 438 -40.13 0.63 -59.40
CA LYS B 438 -38.94 0.32 -60.16
C LYS B 438 -37.78 1.20 -59.71
N PRO B 439 -36.54 0.77 -59.96
CA PRO B 439 -35.39 1.59 -59.58
C PRO B 439 -35.40 2.93 -60.32
N MET B 440 -34.97 3.98 -59.63
CA MET B 440 -34.88 5.31 -60.22
C MET B 440 -33.87 6.12 -59.41
N TRP B 441 -33.36 7.17 -60.06
CA TRP B 441 -32.35 8.03 -59.46
C TRP B 441 -33.03 9.12 -58.65
N THR B 442 -32.86 9.09 -57.33
CA THR B 442 -33.39 10.10 -56.43
C THR B 442 -32.25 10.98 -55.96
N ARG B 443 -32.36 12.29 -56.20
CA ARG B 443 -31.29 13.23 -55.88
C ARG B 443 -31.11 13.32 -54.38
N LEU B 444 -30.03 12.74 -53.87
CA LEU B 444 -29.75 12.82 -52.43
C LEU B 444 -29.45 14.25 -52.00
N GLY B 445 -28.67 14.98 -52.80
CA GLY B 445 -28.32 16.34 -52.44
C GLY B 445 -27.41 16.97 -53.47
N SER B 446 -26.92 18.17 -53.14
CA SER B 446 -26.04 18.93 -54.01
C SER B 446 -24.86 19.46 -53.22
N TRP B 447 -23.70 19.49 -53.85
CA TRP B 447 -22.47 19.97 -53.24
C TRP B 447 -21.92 21.13 -54.04
N GLN B 448 -21.66 22.25 -53.36
CA GLN B 448 -21.05 23.43 -53.96
C GLN B 448 -19.82 23.81 -53.17
N GLY B 449 -18.71 24.03 -53.87
CA GLY B 449 -17.47 24.42 -53.23
C GLY B 449 -16.96 23.44 -52.20
N GLY B 450 -17.31 22.17 -52.34
CA GLY B 450 -16.93 21.15 -51.38
C GLY B 450 -17.89 20.98 -50.22
N LYS B 451 -18.90 21.83 -50.10
CA LYS B 451 -19.90 21.73 -49.04
C LYS B 451 -21.14 21.05 -49.61
N ILE B 452 -21.52 19.92 -49.03
CA ILE B 452 -22.61 19.09 -49.53
C ILE B 452 -23.80 19.22 -48.60
N VAL B 453 -24.97 19.55 -49.17
CA VAL B 453 -26.22 19.65 -48.43
C VAL B 453 -27.24 18.72 -49.10
N MET B 454 -27.87 17.88 -48.30
CA MET B 454 -28.87 16.96 -48.84
C MET B 454 -30.14 17.71 -49.23
N ASP B 455 -30.78 17.23 -50.30
CA ASP B 455 -32.02 17.86 -50.75
C ASP B 455 -33.13 17.69 -49.72
N TYR B 456 -33.24 16.51 -49.13
CA TYR B 456 -34.28 16.25 -48.13
C TYR B 456 -33.67 16.08 -46.74
N SER B 474 -29.04 1.31 -38.86
CA SER B 474 -30.40 1.78 -38.69
C SER B 474 -30.66 2.23 -37.25
N LYS B 475 -30.75 1.26 -36.34
CA LYS B 475 -31.08 1.56 -34.95
C LYS B 475 -30.62 0.40 -34.09
N LEU B 476 -30.07 0.71 -32.92
CA LEU B 476 -29.61 -0.31 -31.98
C LEU B 476 -30.79 -0.82 -31.17
N HIS B 477 -31.10 -2.10 -31.34
CA HIS B 477 -32.18 -2.75 -30.61
C HIS B 477 -31.61 -3.41 -29.36
N LEU B 478 -32.13 -3.02 -28.19
CA LEU B 478 -31.67 -3.60 -26.94
C LEU B 478 -32.87 -4.06 -26.11
N ARG B 479 -32.59 -4.96 -25.18
CA ARG B 479 -33.59 -5.42 -24.22
C ARG B 479 -33.05 -5.19 -22.82
N VAL B 480 -33.87 -4.58 -21.97
CA VAL B 480 -33.43 -4.19 -20.64
C VAL B 480 -34.37 -4.76 -19.59
N VAL B 481 -33.85 -4.89 -18.38
CA VAL B 481 -34.51 -5.56 -17.28
C VAL B 481 -34.65 -4.58 -16.13
N THR B 482 -35.79 -4.63 -15.44
CA THR B 482 -36.01 -3.76 -14.30
C THR B 482 -36.87 -4.45 -13.26
N LEU B 483 -36.74 -4.00 -12.01
CA LEU B 483 -37.46 -4.54 -10.88
C LEU B 483 -38.48 -3.53 -10.37
N ILE B 484 -39.54 -4.04 -9.74
CA ILE B 484 -40.61 -3.22 -9.20
C ILE B 484 -40.16 -2.72 -7.84
N GLU B 485 -39.75 -1.46 -7.78
CA GLU B 485 -39.34 -0.83 -6.53
C GLU B 485 -39.76 0.63 -6.55
N HIS B 486 -40.56 1.03 -5.55
CA HIS B 486 -40.99 2.42 -5.44
C HIS B 486 -39.89 3.24 -4.77
N PRO B 487 -39.72 4.51 -5.17
CA PRO B 487 -40.43 5.24 -6.22
C PRO B 487 -39.72 5.19 -7.56
N PHE B 488 -38.63 4.43 -7.68
CA PHE B 488 -37.83 4.52 -8.89
C PHE B 488 -38.54 3.88 -10.09
N VAL B 489 -39.37 2.87 -9.85
CA VAL B 489 -40.21 2.27 -10.89
C VAL B 489 -41.58 1.99 -10.30
N PHE B 490 -42.62 2.43 -11.00
CA PHE B 490 -44.00 2.16 -10.60
C PHE B 490 -44.60 1.08 -11.50
N THR B 491 -45.87 0.79 -11.27
CA THR B 491 -46.61 -0.16 -12.08
C THR B 491 -48.02 0.35 -12.30
N ARG B 492 -48.30 0.80 -13.51
CA ARG B 492 -49.61 1.32 -13.89
C ARG B 492 -50.27 0.35 -14.86
N GLU B 493 -51.53 0.02 -14.59
CA GLU B 493 -52.24 -0.94 -15.42
C GLU B 493 -52.43 -0.38 -16.83
N VAL B 494 -52.42 -1.28 -17.83
CA VAL B 494 -52.53 -0.86 -19.21
C VAL B 494 -53.93 -0.35 -19.49
N ASP B 495 -54.05 0.52 -20.50
CA ASP B 495 -55.35 0.94 -21.00
C ASP B 495 -55.95 -0.14 -21.89
N ASP B 496 -57.22 0.06 -22.26
CA ASP B 496 -57.96 -0.97 -22.98
C ASP B 496 -57.36 -1.29 -24.34
N GLU B 497 -56.99 -0.27 -25.11
CA GLU B 497 -56.36 -0.51 -26.40
C GLU B 497 -54.93 -0.99 -26.24
N GLY B 498 -54.20 -0.37 -25.33
CA GLY B 498 -52.79 -0.67 -25.08
C GLY B 498 -51.90 0.36 -25.72
N LEU B 499 -51.51 1.37 -24.94
CA LEU B 499 -50.56 2.39 -25.39
C LEU B 499 -49.55 2.77 -24.32
N CYS B 500 -49.84 2.57 -23.04
CA CYS B 500 -49.04 3.00 -21.92
C CYS B 500 -48.74 4.50 -22.04
N PRO B 501 -49.75 5.36 -21.91
CA PRO B 501 -49.49 6.81 -21.99
C PRO B 501 -48.60 7.26 -20.85
N ALA B 502 -47.76 8.25 -21.14
CA ALA B 502 -46.76 8.75 -20.18
C ALA B 502 -45.87 7.62 -19.68
N GLY B 503 -45.54 6.69 -20.57
CA GLY B 503 -44.73 5.55 -20.19
C GLY B 503 -44.49 4.64 -21.36
N GLN B 504 -43.92 3.48 -21.08
CA GLN B 504 -43.64 2.47 -22.09
C GLN B 504 -44.18 1.12 -21.61
N LEU B 505 -44.49 0.26 -22.57
CA LEU B 505 -45.00 -1.06 -22.24
C LEU B 505 -43.86 -2.00 -21.89
N CYS B 506 -44.08 -2.82 -20.87
CA CYS B 506 -43.06 -3.76 -20.40
C CYS B 506 -43.76 -5.06 -20.03
N LEU B 507 -42.98 -6.15 -20.05
CA LEU B 507 -43.53 -7.48 -19.88
C LEU B 507 -42.94 -8.14 -18.63
N ASP B 508 -43.49 -9.30 -18.28
CA ASP B 508 -42.96 -10.09 -17.17
C ASP B 508 -43.32 -11.57 -17.34
N PRO B 509 -42.56 -12.32 -18.16
CA PRO B 509 -42.88 -13.74 -18.34
C PRO B 509 -42.57 -14.60 -17.12
N MET B 510 -41.94 -14.05 -16.09
CA MET B 510 -41.60 -14.80 -14.86
C MET B 510 -40.77 -16.03 -15.19
N THR B 511 -39.64 -15.80 -15.87
CA THR B 511 -38.78 -16.89 -16.29
C THR B 511 -37.35 -16.38 -16.38
N ASN B 512 -36.39 -17.27 -16.14
CA ASN B 512 -34.97 -16.91 -16.10
C ASN B 512 -34.17 -17.52 -17.25
N ASP B 513 -34.83 -17.93 -18.33
CA ASP B 513 -34.15 -18.50 -19.48
C ASP B 513 -34.37 -17.63 -20.71
N SER B 514 -33.30 -17.46 -21.49
CA SER B 514 -33.29 -16.45 -22.55
C SER B 514 -34.20 -16.83 -23.71
N SER B 515 -34.33 -18.13 -23.99
CA SER B 515 -35.03 -18.55 -25.21
C SER B 515 -36.48 -18.10 -25.20
N THR B 516 -37.18 -18.29 -24.08
CA THR B 516 -38.57 -17.86 -24.01
C THR B 516 -38.70 -16.35 -24.13
N LEU B 517 -37.78 -15.61 -23.51
CA LEU B 517 -37.84 -14.15 -23.62
C LEU B 517 -37.68 -13.72 -25.07
N ASP B 518 -36.72 -14.32 -25.78
CA ASP B 518 -36.53 -13.99 -27.19
C ASP B 518 -37.77 -14.34 -28.01
N SER B 519 -38.37 -15.50 -27.74
CA SER B 519 -39.53 -15.92 -28.51
C SER B 519 -40.71 -14.97 -28.27
N LEU B 520 -40.95 -14.59 -27.02
CA LEU B 520 -42.05 -13.68 -26.73
C LEU B 520 -41.82 -12.30 -27.33
N PHE B 521 -40.58 -11.78 -27.27
CA PHE B 521 -40.31 -10.50 -27.90
C PHE B 521 -40.49 -10.58 -29.41
N SER B 522 -40.07 -11.68 -30.03
CA SER B 522 -40.24 -11.84 -31.47
C SER B 522 -41.73 -11.87 -31.83
N SER B 523 -42.52 -12.62 -31.06
CA SER B 523 -43.95 -12.72 -31.34
C SER B 523 -44.64 -11.37 -31.13
N LEU B 524 -44.28 -10.65 -30.07
CA LEU B 524 -44.91 -9.35 -29.80
C LEU B 524 -44.60 -8.36 -30.91
N HIS B 525 -43.32 -8.24 -31.27
CA HIS B 525 -42.90 -7.34 -32.35
C HIS B 525 -43.06 -8.05 -33.69
N SER B 526 -44.31 -8.37 -34.01
CA SER B 526 -44.64 -9.09 -35.23
C SER B 526 -46.12 -8.86 -35.53
N SER B 527 -46.54 -9.29 -36.73
CA SER B 527 -47.93 -9.16 -37.14
C SER B 527 -48.86 -10.05 -36.33
N ASN B 528 -48.35 -11.10 -35.69
CA ASN B 528 -49.13 -11.99 -34.86
C ASN B 528 -48.49 -12.03 -33.47
N ASP B 529 -49.17 -11.47 -32.48
CA ASP B 529 -48.68 -11.39 -31.12
C ASP B 529 -49.69 -12.10 -30.20
N THR B 530 -49.44 -13.37 -29.92
CA THR B 530 -50.28 -14.16 -29.03
C THR B 530 -49.56 -14.28 -27.69
N VAL B 531 -49.91 -13.39 -26.76
CA VAL B 531 -49.29 -13.36 -25.44
C VAL B 531 -50.36 -12.95 -24.43
N PRO B 532 -50.42 -13.62 -23.27
CA PRO B 532 -51.45 -13.28 -22.28
C PRO B 532 -51.35 -11.83 -21.82
N ILE B 533 -52.52 -11.23 -21.58
CA ILE B 533 -52.56 -9.85 -21.10
C ILE B 533 -51.90 -9.73 -19.74
N LYS B 534 -51.86 -10.82 -18.98
CA LYS B 534 -51.13 -10.82 -17.71
C LYS B 534 -49.65 -10.53 -17.91
N PHE B 535 -49.13 -10.76 -19.11
CA PHE B 535 -47.75 -10.45 -19.43
C PHE B 535 -47.54 -9.01 -19.88
N LYS B 536 -48.61 -8.22 -20.02
CA LYS B 536 -48.51 -6.83 -20.39
C LYS B 536 -48.94 -5.96 -19.21
N LYS B 537 -48.16 -4.92 -18.93
CA LYS B 537 -48.46 -4.01 -17.83
C LYS B 537 -47.55 -2.79 -17.93
N CYS B 538 -48.16 -1.61 -17.79
CA CYS B 538 -47.43 -0.36 -17.95
C CYS B 538 -46.50 -0.11 -16.76
N CYS B 539 -45.38 0.55 -17.05
CA CYS B 539 -44.37 0.87 -16.06
C CYS B 539 -43.68 2.17 -16.42
N TYR B 540 -43.48 3.02 -15.42
CA TYR B 540 -43.03 4.40 -15.61
C TYR B 540 -42.32 4.86 -14.35
N GLY B 541 -41.57 5.94 -14.47
CA GLY B 541 -41.06 6.62 -13.30
C GLY B 541 -39.66 7.15 -13.53
N TYR B 542 -39.05 7.55 -12.42
CA TYR B 542 -37.71 8.13 -12.34
C TYR B 542 -36.70 7.40 -13.20
N CYS B 543 -36.46 6.14 -12.88
CA CYS B 543 -35.44 5.35 -13.56
C CYS B 543 -35.81 5.11 -15.02
N ILE B 544 -37.09 4.87 -15.29
CA ILE B 544 -37.54 4.71 -16.67
C ILE B 544 -37.40 6.03 -17.43
N ASP B 545 -37.57 7.16 -16.74
CA ASP B 545 -37.30 8.45 -17.37
C ASP B 545 -35.84 8.58 -17.76
N LEU B 546 -34.93 8.15 -16.88
CA LEU B 546 -33.51 8.13 -17.24
C LEU B 546 -33.27 7.28 -18.46
N LEU B 547 -33.87 6.09 -18.50
CA LEU B 547 -33.72 5.22 -19.66
C LEU B 547 -34.22 5.91 -20.92
N GLU B 548 -35.36 6.59 -20.83
CA GLU B 548 -35.92 7.27 -22.00
C GLU B 548 -34.98 8.35 -22.51
N LYS B 549 -34.42 9.14 -21.60
CA LYS B 549 -33.47 10.21 -22.04
C LYS B 549 -32.31 9.52 -22.74
N ILE B 550 -31.69 8.53 -22.10
CA ILE B 550 -30.52 7.90 -22.72
C ILE B 550 -30.86 7.33 -24.08
N ALA B 551 -32.04 6.73 -24.22
CA ALA B 551 -32.44 6.17 -25.51
C ALA B 551 -32.59 7.25 -26.56
N GLU B 552 -33.15 8.41 -26.18
CA GLU B 552 -33.25 9.51 -27.12
C GLU B 552 -31.87 10.03 -27.51
N ASP B 553 -30.97 10.17 -26.53
CA ASP B 553 -29.68 10.80 -26.81
C ASP B 553 -28.78 9.89 -27.64
N MET B 554 -28.67 8.62 -27.26
CA MET B 554 -27.81 7.67 -27.97
C MET B 554 -28.58 6.80 -28.96
N ASN B 555 -29.73 7.28 -29.43
CA ASN B 555 -30.49 6.75 -30.58
C ASN B 555 -30.47 5.22 -30.63
N PHE B 556 -31.02 4.62 -29.58
CA PHE B 556 -31.28 3.18 -29.57
C PHE B 556 -32.71 2.95 -29.09
N ASP B 557 -33.35 1.92 -29.65
CA ASP B 557 -34.68 1.54 -29.21
C ASP B 557 -34.59 0.32 -28.30
N PHE B 558 -35.54 0.23 -27.38
CA PHE B 558 -35.46 -0.69 -26.26
C PHE B 558 -36.77 -1.45 -26.08
N ASP B 559 -36.65 -2.68 -25.62
CA ASP B 559 -37.75 -3.47 -25.09
C ASP B 559 -37.46 -3.73 -23.61
N LEU B 560 -38.51 -3.97 -22.84
CA LEU B 560 -38.40 -3.99 -21.39
C LEU B 560 -39.03 -5.24 -20.80
N TYR B 561 -38.42 -5.74 -19.73
CA TYR B 561 -39.00 -6.87 -19.01
C TYR B 561 -38.54 -6.83 -17.55
N ILE B 562 -39.10 -7.76 -16.76
CA ILE B 562 -38.94 -7.76 -15.31
C ILE B 562 -38.42 -9.13 -14.89
N VAL B 563 -37.60 -9.14 -13.84
CA VAL B 563 -36.93 -10.37 -13.41
C VAL B 563 -37.96 -11.44 -13.05
N GLY B 564 -37.60 -12.69 -13.30
CA GLY B 564 -38.51 -13.78 -13.00
C GLY B 564 -38.84 -13.87 -11.51
N ASP B 565 -37.82 -13.78 -10.67
CA ASP B 565 -38.04 -13.79 -9.22
C ASP B 565 -38.01 -12.40 -8.61
N GLY B 566 -37.15 -11.52 -9.12
CA GLY B 566 -37.11 -10.15 -8.64
C GLY B 566 -36.49 -10.01 -7.27
N LYS B 567 -35.20 -10.31 -7.16
CA LYS B 567 -34.54 -10.30 -5.86
C LYS B 567 -33.15 -9.69 -5.92
N TYR B 568 -32.93 -8.70 -6.77
CA TYR B 568 -31.59 -8.18 -7.05
C TYR B 568 -30.65 -9.33 -7.41
N GLY B 569 -29.68 -9.61 -6.54
CA GLY B 569 -28.80 -10.75 -6.76
C GLY B 569 -27.69 -10.91 -5.75
N ALA B 570 -27.46 -12.15 -5.31
CA ALA B 570 -26.37 -12.42 -4.37
C ALA B 570 -25.93 -13.86 -4.57
N TRP B 571 -24.71 -14.15 -4.13
CA TRP B 571 -24.10 -15.44 -4.40
C TRP B 571 -24.89 -16.56 -3.74
N LYS B 572 -25.12 -17.63 -4.49
CA LYS B 572 -25.92 -18.75 -4.01
C LYS B 572 -25.64 -19.95 -4.89
N ASN B 573 -25.16 -21.04 -4.29
CA ASN B 573 -24.85 -22.27 -5.01
C ASN B 573 -23.84 -22.00 -6.13
N GLY B 574 -22.71 -21.40 -5.74
CA GLY B 574 -21.64 -21.13 -6.68
C GLY B 574 -21.94 -19.97 -7.61
N HIS B 575 -22.93 -20.16 -8.47
CA HIS B 575 -23.33 -19.15 -9.43
C HIS B 575 -24.06 -18.03 -8.70
N TRP B 576 -24.63 -17.10 -9.45
CA TRP B 576 -25.37 -15.97 -8.91
C TRP B 576 -26.86 -16.12 -9.22
N THR B 577 -27.66 -15.23 -8.64
CA THR B 577 -29.10 -15.27 -8.78
C THR B 577 -29.63 -13.92 -9.22
N GLY B 578 -30.81 -13.95 -9.84
CA GLY B 578 -31.58 -12.72 -10.06
C GLY B 578 -31.01 -11.84 -11.15
N LEU B 579 -30.73 -10.59 -10.79
CA LEU B 579 -30.36 -9.59 -11.79
C LEU B 579 -28.98 -9.86 -12.37
N VAL B 580 -27.96 -9.94 -11.51
CA VAL B 580 -26.63 -10.26 -12.02
C VAL B 580 -26.60 -11.65 -12.63
N GLY B 581 -27.49 -12.54 -12.17
CA GLY B 581 -27.58 -13.88 -12.73
C GLY B 581 -28.27 -13.98 -14.07
N ASP B 582 -29.02 -12.95 -14.46
CA ASP B 582 -29.52 -12.83 -15.81
C ASP B 582 -28.68 -11.88 -16.66
N LEU B 583 -27.72 -11.18 -16.04
CA LEU B 583 -26.72 -10.46 -16.81
C LEU B 583 -25.62 -11.40 -17.28
N LEU B 584 -25.01 -12.16 -16.35
CA LEU B 584 -23.96 -13.09 -16.73
C LEU B 584 -24.48 -14.17 -17.68
N ARG B 585 -25.71 -14.60 -17.46
CA ARG B 585 -26.26 -15.67 -18.32
C ARG B 585 -26.59 -15.14 -19.71
N GLY B 586 -26.36 -13.87 -19.96
CA GLY B 586 -26.49 -13.31 -21.29
C GLY B 586 -27.90 -13.33 -21.83
N THR B 587 -28.77 -12.53 -21.24
CA THR B 587 -30.14 -12.45 -21.72
C THR B 587 -30.58 -11.03 -22.01
N ALA B 588 -30.16 -10.06 -21.22
CA ALA B 588 -30.44 -8.65 -21.45
C ALA B 588 -29.16 -7.84 -21.32
N HIS B 589 -29.06 -6.79 -22.12
CA HIS B 589 -27.81 -6.07 -22.27
C HIS B 589 -27.66 -4.86 -21.36
N MET B 590 -28.64 -4.54 -20.53
CA MET B 590 -28.49 -3.43 -19.61
C MET B 590 -29.57 -3.52 -18.53
N ALA B 591 -29.16 -3.38 -17.27
CA ALA B 591 -30.05 -3.53 -16.12
C ALA B 591 -30.15 -2.18 -15.43
N VAL B 592 -31.37 -1.65 -15.35
CA VAL B 592 -31.60 -0.28 -14.89
C VAL B 592 -32.70 -0.28 -13.84
N THR B 593 -32.32 -0.01 -12.60
CA THR B 593 -33.21 -0.01 -11.43
C THR B 593 -32.32 0.40 -10.25
N SER B 594 -32.94 0.66 -9.11
CA SER B 594 -32.21 0.78 -7.86
C SER B 594 -31.27 -0.41 -7.72
N PHE B 595 -29.96 -0.12 -7.69
CA PHE B 595 -28.97 -1.19 -7.83
C PHE B 595 -27.72 -0.77 -7.04
N SER B 596 -27.62 -1.29 -5.81
CA SER B 596 -26.54 -0.92 -4.91
C SER B 596 -25.27 -1.65 -5.32
N ILE B 597 -24.37 -0.95 -6.02
CA ILE B 597 -23.11 -1.56 -6.41
C ILE B 597 -22.19 -1.64 -5.21
N ASN B 598 -21.44 -2.74 -5.11
CA ASN B 598 -20.53 -2.94 -3.99
C ASN B 598 -19.56 -4.09 -4.25
N THR B 599 -18.27 -3.84 -4.03
CA THR B 599 -17.17 -4.82 -4.01
C THR B 599 -17.49 -6.14 -4.69
N ALA B 600 -18.24 -7.00 -4.00
CA ALA B 600 -18.53 -8.35 -4.50
C ALA B 600 -19.33 -8.33 -5.79
N ARG B 601 -19.97 -7.22 -6.14
CA ARG B 601 -20.68 -7.10 -7.41
C ARG B 601 -19.88 -6.39 -8.48
N SER B 602 -19.01 -5.45 -8.10
CA SER B 602 -18.24 -4.71 -9.09
C SER B 602 -17.27 -5.62 -9.84
N GLN B 603 -16.64 -6.55 -9.12
CA GLN B 603 -15.60 -7.39 -9.72
C GLN B 603 -16.17 -8.51 -10.59
N VAL B 604 -17.48 -8.55 -10.80
CA VAL B 604 -18.08 -9.51 -11.72
C VAL B 604 -18.87 -8.75 -12.77
N ILE B 605 -19.67 -7.78 -12.34
CA ILE B 605 -20.54 -7.02 -13.22
C ILE B 605 -20.01 -5.59 -13.30
N ASP B 606 -19.73 -5.13 -14.52
CA ASP B 606 -19.20 -3.79 -14.71
C ASP B 606 -20.29 -2.75 -14.46
N PHE B 607 -19.89 -1.63 -13.87
CA PHE B 607 -20.83 -0.58 -13.47
C PHE B 607 -20.34 0.77 -13.96
N THR B 608 -21.25 1.73 -13.99
CA THR B 608 -20.95 3.10 -14.39
C THR B 608 -20.63 3.92 -13.14
N SER B 609 -20.57 5.22 -13.28
CA SER B 609 -20.40 6.15 -12.17
C SER B 609 -21.72 6.34 -11.43
N PRO B 610 -21.66 6.63 -10.13
CA PRO B 610 -22.90 6.80 -9.37
C PRO B 610 -23.74 7.95 -9.89
N PHE B 611 -25.07 7.77 -9.81
CA PHE B 611 -26.01 8.81 -10.16
C PHE B 611 -26.96 9.13 -9.01
N PHE B 612 -26.69 8.62 -7.82
CA PHE B 612 -27.49 8.88 -6.63
C PHE B 612 -26.76 8.33 -5.42
N SER B 613 -26.89 8.99 -4.29
CA SER B 613 -26.34 8.50 -3.03
C SER B 613 -27.47 8.12 -2.08
N THR B 614 -27.13 7.33 -1.07
CA THR B 614 -28.14 6.77 -0.18
C THR B 614 -27.49 6.41 1.15
N SER B 615 -28.23 5.70 1.98
CA SER B 615 -27.74 5.19 3.25
C SER B 615 -28.59 3.97 3.62
N LEU B 616 -28.36 3.44 4.82
CA LEU B 616 -29.14 2.32 5.33
C LEU B 616 -29.90 2.82 6.56
N GLY B 617 -31.06 3.41 6.32
CA GLY B 617 -31.89 3.91 7.39
C GLY B 617 -32.81 2.84 7.94
N ILE B 618 -33.29 3.06 9.16
CA ILE B 618 -34.13 2.11 9.86
C ILE B 618 -35.40 2.82 10.29
N LEU B 619 -36.53 2.13 10.18
CA LEU B 619 -37.82 2.72 10.56
C LEU B 619 -38.49 1.84 11.60
N VAL B 620 -38.84 2.44 12.73
CA VAL B 620 -39.50 1.76 13.84
C VAL B 620 -40.97 1.56 13.53
N ARG B 621 -41.67 0.85 14.39
CA ARG B 621 -43.11 0.65 14.25
C ARG B 621 -43.82 1.98 14.50
N THR B 622 -45.15 1.93 14.57
CA THR B 622 -45.96 3.14 14.54
C THR B 622 -45.68 4.06 15.73
N ARG B 623 -44.96 5.15 15.47
CA ARG B 623 -44.63 6.16 16.48
C ARG B 623 -44.14 5.54 17.79
N ASP B 624 -45.01 5.54 18.78
CA ASP B 624 -44.78 4.86 20.05
C ASP B 624 -45.83 3.80 20.35
N THR B 625 -47.09 4.11 20.11
CA THR B 625 -48.18 3.16 20.33
C THR B 625 -48.49 2.39 19.05
N TRP B 703 -56.57 11.13 74.53
CA TRP B 703 -55.74 11.97 73.69
C TRP B 703 -56.47 12.38 72.41
N THR B 704 -57.09 13.56 72.44
CA THR B 704 -57.81 14.04 71.27
C THR B 704 -56.87 14.27 70.09
N GLY B 705 -55.71 14.87 70.36
CA GLY B 705 -54.76 15.14 69.30
C GLY B 705 -53.31 14.95 69.72
N ARG B 706 -53.10 14.41 70.92
CA ARG B 706 -51.74 14.17 71.39
C ARG B 706 -51.03 13.12 70.54
N PHE B 707 -51.75 12.06 70.16
CA PHE B 707 -51.19 10.99 69.35
C PHE B 707 -51.94 10.76 68.04
N LEU B 708 -53.27 10.86 68.06
CA LEU B 708 -54.05 10.65 66.84
C LEU B 708 -53.72 11.71 65.79
N MET B 709 -53.59 12.97 66.21
CA MET B 709 -53.25 14.03 65.27
C MET B 709 -51.85 13.81 64.69
N ASN B 710 -50.90 13.40 65.53
CA ASN B 710 -49.55 13.12 65.02
C ASN B 710 -49.56 11.97 64.02
N LEU B 711 -50.32 10.91 64.32
CA LEU B 711 -50.41 9.78 63.39
C LEU B 711 -51.05 10.21 62.07
N TRP B 712 -52.11 11.03 62.15
CA TRP B 712 -52.76 11.50 60.92
C TRP B 712 -51.82 12.37 60.10
N ALA B 713 -51.05 13.25 60.77
CA ALA B 713 -50.10 14.09 60.06
C ALA B 713 -49.01 13.26 59.40
N ILE B 714 -48.50 12.25 60.10
CA ILE B 714 -47.48 11.38 59.52
C ILE B 714 -48.05 10.64 58.31
N PHE B 715 -49.27 10.12 58.43
CA PHE B 715 -49.88 9.41 57.32
C PHE B 715 -50.09 10.32 56.13
N CYS B 716 -50.56 11.55 56.36
CA CYS B 716 -50.77 12.49 55.26
C CYS B 716 -49.47 12.85 54.58
N MET B 717 -48.41 13.10 55.37
CA MET B 717 -47.12 13.43 54.79
C MET B 717 -46.57 12.26 53.98
N PHE B 718 -46.68 11.05 54.50
CA PHE B 718 -46.22 9.87 53.77
C PHE B 718 -47.00 9.68 52.48
N CYS B 719 -48.32 9.87 52.54
CA CYS B 719 -49.14 9.72 51.34
C CYS B 719 -48.76 10.77 50.29
N LEU B 720 -48.56 12.02 50.72
CA LEU B 720 -48.18 13.06 49.77
C LEU B 720 -46.82 12.75 49.14
N SER B 721 -45.85 12.32 49.95
CA SER B 721 -44.54 11.99 49.41
C SER B 721 -44.62 10.81 48.45
N THR B 722 -45.41 9.79 48.79
CA THR B 722 -45.54 8.63 47.92
C THR B 722 -46.22 8.99 46.61
N TYR B 723 -47.26 9.82 46.66
CA TYR B 723 -47.92 10.26 45.43
C TYR B 723 -46.97 11.07 44.57
N THR B 724 -46.19 11.97 45.18
CA THR B 724 -45.23 12.75 44.42
C THR B 724 -44.19 11.86 43.75
N ALA B 725 -43.68 10.88 44.50
CA ALA B 725 -42.68 9.97 43.95
C ALA B 725 -43.27 9.12 42.82
N ASN B 726 -44.51 8.65 42.99
CA ASN B 726 -45.15 7.86 41.95
C ASN B 726 -45.38 8.68 40.69
N LEU B 727 -45.82 9.93 40.84
CA LEU B 727 -45.99 10.80 39.68
C LEU B 727 -44.67 11.07 38.99
N ALA B 728 -43.61 11.32 39.77
CA ALA B 728 -42.29 11.55 39.19
C ALA B 728 -41.80 10.34 38.43
N ALA B 729 -41.98 9.15 39.00
CA ALA B 729 -41.56 7.93 38.32
C ALA B 729 -42.36 7.70 37.04
N VAL B 730 -43.68 7.94 37.09
CA VAL B 730 -44.52 7.73 35.92
C VAL B 730 -44.14 8.68 34.81
N MET B 731 -43.91 9.96 35.13
CA MET B 731 -43.54 10.94 34.13
C MET B 731 -42.06 10.89 33.76
N VAL B 732 -41.26 10.12 34.50
CA VAL B 732 -39.83 10.04 34.19
C VAL B 732 -39.60 9.28 32.89
N GLY B 733 -40.29 8.17 32.69
CA GLY B 733 -40.12 7.38 31.49
C GLY B 733 -41.02 7.83 30.36
N GLU B 734 -40.48 8.64 29.45
CA GLU B 734 -41.23 9.09 28.29
C GLU B 734 -40.42 9.12 26.99
N LYS B 735 -39.10 8.99 27.05
CA LYS B 735 -38.26 9.02 25.84
C LYS B 735 -38.13 7.63 25.22
N ILE B 736 -39.28 7.01 24.96
CA ILE B 736 -39.31 5.70 24.30
C ILE B 736 -39.73 5.83 22.84
N TYR B 737 -39.79 7.05 22.30
CA TYR B 737 -40.16 7.23 20.90
C TYR B 737 -39.04 6.75 19.98
N GLU B 738 -37.79 7.07 20.32
CA GLU B 738 -36.64 6.63 19.54
C GLU B 738 -36.06 5.41 20.23
N GLU B 739 -36.58 4.23 19.88
CA GLU B 739 -36.19 2.99 20.54
C GLU B 739 -34.79 2.53 20.15
N LEU B 740 -34.16 3.15 19.15
CA LEU B 740 -32.84 2.75 18.70
C LEU B 740 -31.93 3.97 18.62
N SER B 741 -30.63 3.71 18.55
CA SER B 741 -29.63 4.76 18.47
C SER B 741 -28.55 4.44 17.45
N GLY B 742 -28.95 3.90 16.30
CA GLY B 742 -27.99 3.58 15.26
C GLY B 742 -27.88 2.09 15.00
N ILE B 743 -26.67 1.55 15.17
CA ILE B 743 -26.45 0.13 14.95
C ILE B 743 -25.84 -0.57 16.15
N HIS B 744 -25.22 0.15 17.10
CA HIS B 744 -24.66 -0.45 18.30
C HIS B 744 -25.65 -0.49 19.45
N ASP B 745 -26.92 -0.21 19.18
CA ASP B 745 -27.91 -0.17 20.25
C ASP B 745 -28.03 -1.55 20.90
N PRO B 746 -28.01 -1.63 22.23
CA PRO B 746 -28.02 -2.94 22.89
C PRO B 746 -29.25 -3.78 22.54
N LYS B 747 -30.35 -3.13 22.18
CA LYS B 747 -31.56 -3.87 21.84
C LYS B 747 -31.38 -4.73 20.59
N LEU B 748 -30.37 -4.43 19.78
CA LEU B 748 -30.13 -5.14 18.52
C LEU B 748 -29.29 -6.40 18.70
N HIS B 749 -28.30 -6.37 19.57
CA HIS B 749 -27.30 -7.42 19.59
C HIS B 749 -27.68 -8.63 20.44
N HIS B 750 -28.24 -8.41 21.63
CA HIS B 750 -28.50 -9.50 22.56
C HIS B 750 -29.94 -9.95 22.41
N PRO B 751 -30.22 -11.10 21.79
CA PRO B 751 -31.60 -11.52 21.63
C PRO B 751 -32.14 -12.29 22.82
N SER B 752 -31.88 -11.81 24.04
CA SER B 752 -32.47 -12.43 25.22
C SER B 752 -33.89 -11.93 25.40
N GLN B 753 -34.04 -10.62 25.63
CA GLN B 753 -35.35 -10.00 25.58
C GLN B 753 -35.88 -10.06 24.16
N GLY B 754 -37.08 -10.60 23.98
CA GLY B 754 -37.62 -10.86 22.67
C GLY B 754 -37.73 -9.62 21.81
N PHE B 755 -36.89 -9.53 20.78
CA PHE B 755 -36.95 -8.45 19.83
C PHE B 755 -37.21 -9.09 18.46
N ARG B 756 -36.99 -8.33 17.39
CA ARG B 756 -37.41 -8.76 16.07
C ARG B 756 -36.41 -8.23 15.04
N PHE B 757 -36.89 -8.07 13.81
CA PHE B 757 -36.41 -7.32 12.64
C PHE B 757 -35.64 -8.21 11.68
N GLY B 758 -35.33 -7.65 10.51
CA GLY B 758 -34.63 -8.34 9.44
C GLY B 758 -34.78 -7.61 8.13
N THR B 759 -33.76 -7.65 7.27
CA THR B 759 -33.79 -6.92 6.02
C THR B 759 -34.62 -7.68 5.00
N VAL B 760 -34.67 -7.18 3.78
CA VAL B 760 -35.26 -7.93 2.67
C VAL B 760 -34.21 -8.91 2.17
N ARG B 761 -34.66 -10.11 1.80
CA ARG B 761 -33.73 -11.14 1.38
C ARG B 761 -33.03 -10.75 0.08
N GLU B 762 -31.80 -11.25 -0.08
CA GLU B 762 -31.06 -11.20 -1.33
C GLU B 762 -30.50 -9.82 -1.66
N SER B 763 -30.82 -8.81 -0.86
CA SER B 763 -30.37 -7.47 -1.21
C SER B 763 -28.96 -7.21 -0.67
N SER B 764 -28.34 -6.16 -1.18
CA SER B 764 -27.10 -5.68 -0.59
C SER B 764 -27.40 -4.75 0.58
N ALA B 765 -28.30 -5.20 1.44
CA ALA B 765 -28.55 -4.61 2.74
C ALA B 765 -28.42 -5.65 3.84
N GLU B 766 -28.23 -6.90 3.48
CA GLU B 766 -27.94 -8.02 4.36
C GLU B 766 -26.59 -8.64 4.03
N ASP B 767 -26.17 -8.61 2.78
CA ASP B 767 -24.81 -9.00 2.43
C ASP B 767 -23.78 -8.17 3.20
N TYR B 768 -24.10 -6.90 3.48
CA TYR B 768 -23.24 -6.11 4.34
C TYR B 768 -23.12 -6.76 5.72
N VAL B 769 -24.25 -7.19 6.29
CA VAL B 769 -24.22 -7.84 7.58
C VAL B 769 -23.54 -9.21 7.49
N ARG B 770 -23.92 -10.00 6.49
CA ARG B 770 -23.39 -11.35 6.36
C ARG B 770 -21.89 -11.37 6.12
N GLN B 771 -21.33 -10.32 5.51
CA GLN B 771 -19.91 -10.30 5.21
C GLN B 771 -19.09 -9.50 6.22
N SER B 772 -19.69 -8.50 6.87
CA SER B 772 -18.94 -7.62 7.75
C SER B 772 -19.41 -7.66 9.20
N PHE B 773 -20.41 -8.49 9.51
CA PHE B 773 -20.96 -8.48 10.86
C PHE B 773 -21.74 -9.77 11.09
N PRO B 774 -21.07 -10.93 11.09
CA PRO B 774 -21.80 -12.20 10.97
C PRO B 774 -22.47 -12.68 12.25
N GLU B 775 -22.35 -11.94 13.35
CA GLU B 775 -23.00 -12.37 14.59
C GLU B 775 -24.50 -12.52 14.39
N MET B 776 -25.18 -11.41 14.10
CA MET B 776 -26.64 -11.39 14.00
C MET B 776 -27.14 -11.63 12.59
N HIS B 777 -26.63 -12.68 11.95
CA HIS B 777 -27.18 -13.07 10.65
C HIS B 777 -28.09 -14.28 10.75
N GLU B 778 -27.88 -15.14 11.74
CA GLU B 778 -28.84 -16.20 12.03
C GLU B 778 -30.13 -15.62 12.58
N TYR B 779 -30.01 -14.72 13.56
CA TYR B 779 -31.17 -14.11 14.17
C TYR B 779 -32.00 -13.37 13.12
N MET B 780 -31.33 -12.65 12.22
CA MET B 780 -32.03 -12.07 11.09
C MET B 780 -32.58 -13.16 10.17
N ARG B 781 -31.85 -14.27 10.03
CA ARG B 781 -32.29 -15.34 9.15
C ARG B 781 -33.62 -15.93 9.58
N ARG B 782 -33.98 -15.78 10.85
CA ARG B 782 -35.34 -16.14 11.24
C ARG B 782 -36.38 -15.22 10.62
N TYR B 783 -36.29 -13.92 10.92
CA TYR B 783 -37.31 -12.96 10.50
C TYR B 783 -36.82 -12.14 9.30
N ASN B 784 -36.95 -12.73 8.11
CA ASN B 784 -36.63 -12.03 6.88
C ASN B 784 -37.85 -12.01 5.95
N VAL B 785 -37.87 -11.05 5.04
CA VAL B 785 -39.06 -10.81 4.22
C VAL B 785 -38.74 -10.98 2.74
N PRO B 786 -39.69 -11.46 1.94
CA PRO B 786 -39.43 -11.64 0.50
C PRO B 786 -39.25 -10.34 -0.26
N ALA B 787 -40.19 -9.41 -0.11
CA ALA B 787 -40.14 -8.14 -0.84
C ALA B 787 -40.47 -7.00 0.11
N THR B 788 -39.90 -5.84 -0.16
CA THR B 788 -40.04 -4.70 0.75
C THR B 788 -41.49 -4.30 1.01
N PRO B 789 -42.36 -4.16 0.00
CA PRO B 789 -43.77 -3.88 0.32
C PRO B 789 -44.40 -4.89 1.26
N ASP B 790 -44.10 -6.17 1.05
CA ASP B 790 -44.69 -7.21 1.91
C ASP B 790 -44.20 -7.06 3.34
N GLY B 791 -42.92 -6.77 3.54
CA GLY B 791 -42.43 -6.56 4.88
C GLY B 791 -43.04 -5.34 5.54
N VAL B 792 -43.08 -4.22 4.81
CA VAL B 792 -43.58 -2.99 5.42
C VAL B 792 -45.08 -3.06 5.68
N GLU B 793 -45.73 -4.00 5.02
CA GLU B 793 -47.16 -4.20 5.33
C GLU B 793 -47.21 -5.12 6.55
N TYR B 794 -46.33 -6.12 6.66
CA TYR B 794 -46.26 -6.87 7.91
C TYR B 794 -46.11 -5.95 9.11
N LEU B 795 -45.28 -4.92 8.97
CA LEU B 795 -45.06 -4.00 10.09
C LEU B 795 -46.34 -3.28 10.49
N LYS B 796 -47.27 -3.09 9.54
CA LYS B 796 -48.53 -2.41 9.80
C LYS B 796 -49.66 -3.38 10.14
N ASN B 797 -49.35 -4.52 10.75
CA ASN B 797 -50.35 -5.53 11.08
C ASN B 797 -50.40 -5.75 12.58
N ASP B 798 -51.61 -5.93 13.09
CA ASP B 798 -51.85 -6.19 14.51
C ASP B 798 -52.27 -7.63 14.69
N PRO B 799 -51.57 -8.44 15.49
CA PRO B 799 -50.42 -8.11 16.34
C PRO B 799 -49.14 -7.85 15.55
N GLU B 800 -48.23 -7.05 16.09
CA GLU B 800 -47.00 -6.72 15.38
C GLU B 800 -46.10 -7.95 15.33
N LYS B 801 -45.66 -8.30 14.12
CA LYS B 801 -44.83 -9.49 13.92
C LYS B 801 -43.38 -9.14 13.69
N LEU B 802 -43.08 -8.27 12.73
CA LEU B 802 -41.71 -7.93 12.36
C LEU B 802 -41.45 -6.44 12.61
N ASP B 803 -41.05 -6.14 13.84
CA ASP B 803 -40.73 -4.76 14.18
C ASP B 803 -39.46 -4.31 13.47
N ALA B 804 -39.49 -3.11 12.90
CA ALA B 804 -38.33 -2.43 12.32
C ALA B 804 -37.78 -3.10 11.08
N PHE B 805 -36.94 -2.37 10.33
CA PHE B 805 -36.22 -2.88 9.18
C PHE B 805 -34.78 -2.40 9.19
N ILE B 806 -33.99 -2.99 8.30
CA ILE B 806 -32.66 -2.49 7.95
C ILE B 806 -32.66 -2.47 6.42
N MET B 807 -33.01 -1.34 5.83
CA MET B 807 -33.21 -1.27 4.39
C MET B 807 -32.65 0.03 3.84
N ASP B 808 -32.43 0.07 2.52
CA ASP B 808 -31.89 1.24 1.87
C ASP B 808 -32.76 2.46 2.14
N LYS B 809 -32.11 3.61 2.34
CA LYS B 809 -32.77 4.74 2.98
C LYS B 809 -33.80 5.39 2.07
N ALA B 810 -33.55 5.42 0.76
CA ALA B 810 -34.43 6.18 -0.14
C ALA B 810 -35.82 5.57 -0.22
N LEU B 811 -35.89 4.25 -0.39
CA LEU B 811 -37.21 3.60 -0.50
C LEU B 811 -38.00 3.76 0.78
N LEU B 812 -37.35 3.56 1.93
CA LEU B 812 -38.03 3.74 3.20
C LEU B 812 -38.50 5.18 3.37
N ASP B 813 -37.64 6.13 3.02
CA ASP B 813 -37.99 7.55 3.17
C ASP B 813 -39.22 7.90 2.36
N TYR B 814 -39.30 7.40 1.12
CA TYR B 814 -40.52 7.63 0.35
C TYR B 814 -41.71 6.94 1.00
N GLU B 815 -41.51 5.72 1.51
CA GLU B 815 -42.63 5.03 2.12
C GLU B 815 -43.08 5.65 3.43
N VAL B 816 -42.27 6.53 4.02
CA VAL B 816 -42.69 7.25 5.22
C VAL B 816 -43.83 8.20 4.91
N SER B 817 -43.71 8.94 3.81
CA SER B 817 -44.52 10.13 3.57
C SER B 817 -45.67 9.86 2.60
N ILE B 818 -46.27 8.68 2.66
CA ILE B 818 -47.55 8.44 2.01
C ILE B 818 -48.62 7.94 2.96
N ASP B 819 -48.26 7.65 4.22
CA ASP B 819 -49.22 7.18 5.20
C ASP B 819 -49.94 8.37 5.82
N ALA B 820 -51.27 8.28 5.90
CA ALA B 820 -52.06 9.36 6.48
C ALA B 820 -51.72 9.56 7.95
N ASP B 821 -51.57 8.47 8.71
CA ASP B 821 -51.24 8.59 10.12
C ASP B 821 -49.86 9.23 10.31
N CYS B 822 -48.90 8.87 9.47
CA CYS B 822 -47.56 9.44 9.46
C CYS B 822 -46.88 9.25 10.82
N LYS B 823 -46.63 7.98 11.14
CA LYS B 823 -46.02 7.62 12.41
C LYS B 823 -44.88 6.61 12.24
N LEU B 824 -44.21 6.59 11.09
CA LEU B 824 -43.06 5.71 10.87
C LEU B 824 -41.83 6.60 10.71
N LEU B 825 -41.04 6.71 11.77
CA LEU B 825 -39.97 7.70 11.86
C LEU B 825 -38.61 7.04 11.67
N THR B 826 -37.82 7.59 10.76
CA THR B 826 -36.43 7.16 10.61
C THR B 826 -35.66 7.45 11.89
N VAL B 827 -34.85 6.48 12.32
CA VAL B 827 -34.12 6.57 13.58
C VAL B 827 -32.65 6.27 13.30
N GLY B 828 -31.78 6.84 14.12
CA GLY B 828 -30.37 6.54 14.07
C GLY B 828 -29.63 7.27 12.96
N LYS B 829 -28.31 7.21 13.04
CA LYS B 829 -27.43 7.91 12.12
C LYS B 829 -27.08 7.01 10.94
N PRO B 830 -26.78 7.58 9.78
CA PRO B 830 -26.51 6.76 8.59
C PRO B 830 -25.18 6.03 8.70
N PHE B 831 -25.07 4.93 7.95
CA PHE B 831 -23.88 4.12 7.94
C PHE B 831 -23.80 3.35 6.63
N ALA B 832 -22.57 3.10 6.17
CA ALA B 832 -22.30 2.27 5.00
C ALA B 832 -23.05 2.75 3.77
N ILE B 833 -22.84 4.02 3.43
CA ILE B 833 -23.40 4.58 2.20
C ILE B 833 -22.77 3.88 1.00
N GLU B 834 -23.59 3.54 0.02
CA GLU B 834 -23.15 2.70 -1.09
C GLU B 834 -23.13 3.39 -2.43
N GLY B 835 -24.18 4.11 -2.81
CA GLY B 835 -24.21 4.75 -4.10
C GLY B 835 -24.69 3.82 -5.20
N TYR B 836 -25.60 4.29 -6.04
CA TYR B 836 -26.25 3.43 -7.02
C TYR B 836 -25.45 3.35 -8.31
N GLY B 837 -26.04 2.79 -9.35
CA GLY B 837 -25.33 2.67 -10.62
C GLY B 837 -26.25 2.13 -11.70
N ILE B 838 -25.63 1.64 -12.76
CA ILE B 838 -26.35 1.07 -13.90
C ILE B 838 -25.80 -0.33 -14.16
N GLY B 839 -26.69 -1.31 -14.22
CA GLY B 839 -26.27 -2.68 -14.47
C GLY B 839 -25.92 -2.91 -15.92
N LEU B 840 -24.68 -3.32 -16.19
CA LEU B 840 -24.17 -3.45 -17.53
C LEU B 840 -23.31 -4.72 -17.55
N PRO B 841 -23.30 -5.46 -18.65
CA PRO B 841 -22.50 -6.70 -18.71
C PRO B 841 -21.03 -6.41 -18.48
N PRO B 842 -20.18 -7.46 -18.37
CA PRO B 842 -18.81 -7.24 -17.94
C PRO B 842 -17.96 -6.50 -18.96
N ASN B 843 -18.05 -5.17 -18.92
CA ASN B 843 -17.26 -4.27 -19.76
C ASN B 843 -17.62 -4.42 -21.24
N SER B 844 -18.89 -4.15 -21.52
CA SER B 844 -19.33 -3.99 -22.90
C SER B 844 -18.79 -2.68 -23.46
N PRO B 845 -18.60 -2.58 -24.78
CA PRO B 845 -17.96 -1.38 -25.33
C PRO B 845 -18.66 -0.07 -25.03
N LEU B 846 -19.99 -0.07 -24.88
CA LEU B 846 -20.72 1.18 -24.69
C LEU B 846 -20.69 1.70 -23.26
N THR B 847 -19.80 1.19 -22.42
CA THR B 847 -19.79 1.58 -21.00
C THR B 847 -19.43 3.05 -20.83
N ALA B 848 -18.47 3.55 -21.61
CA ALA B 848 -17.89 4.87 -21.33
C ALA B 848 -18.89 5.99 -21.59
N ASN B 849 -19.63 5.93 -22.69
CA ASN B 849 -20.49 7.04 -23.08
C ASN B 849 -21.57 7.31 -22.04
N ILE B 850 -22.18 6.24 -21.50
CA ILE B 850 -23.20 6.42 -20.48
C ILE B 850 -22.63 7.10 -19.25
N SER B 851 -21.36 6.83 -18.93
CA SER B 851 -20.75 7.45 -17.76
C SER B 851 -20.71 8.97 -17.89
N GLU B 852 -20.15 9.46 -19.00
CA GLU B 852 -20.07 10.91 -19.18
C GLU B 852 -21.44 11.54 -19.36
N LEU B 853 -22.38 10.83 -20.00
CA LEU B 853 -23.73 11.35 -20.11
C LEU B 853 -24.37 11.51 -18.74
N ILE B 854 -24.19 10.50 -17.86
CA ILE B 854 -24.73 10.56 -16.51
C ILE B 854 -24.09 11.73 -15.75
N SER B 855 -22.78 11.90 -15.90
CA SER B 855 -22.13 13.04 -15.26
C SER B 855 -22.72 14.36 -15.75
N GLN B 856 -22.99 14.46 -17.05
CA GLN B 856 -23.54 15.69 -17.63
C GLN B 856 -24.92 15.97 -17.06
N TYR B 857 -25.80 14.96 -17.05
CA TYR B 857 -27.14 15.15 -16.51
C TYR B 857 -27.10 15.55 -15.04
N LYS B 858 -26.25 14.89 -14.26
CA LYS B 858 -26.11 15.26 -12.85
C LYS B 858 -25.59 16.69 -12.71
N SER B 859 -24.67 17.08 -13.59
CA SER B 859 -24.03 18.39 -13.44
C SER B 859 -24.99 19.53 -13.74
N HIS B 860 -25.69 19.48 -14.87
CA HIS B 860 -26.28 20.75 -15.31
C HIS B 860 -27.58 21.12 -14.59
N GLY B 861 -28.69 20.47 -14.89
CA GLY B 861 -29.91 20.75 -14.16
C GLY B 861 -30.89 19.61 -14.05
N PHE B 862 -30.57 18.48 -14.66
CA PHE B 862 -31.58 17.46 -14.91
C PHE B 862 -31.90 16.69 -13.63
N MET B 863 -30.87 16.33 -12.87
CA MET B 863 -31.08 15.50 -11.69
C MET B 863 -31.90 16.22 -10.62
N ASP B 864 -31.62 17.49 -10.39
CA ASP B 864 -32.31 18.22 -9.32
C ASP B 864 -33.80 18.33 -9.60
N MET B 865 -34.15 18.83 -10.79
CA MET B 865 -35.56 19.01 -11.13
C MET B 865 -36.25 17.65 -11.23
N LEU B 866 -35.53 16.64 -11.71
CA LEU B 866 -36.13 15.31 -11.80
C LEU B 866 -36.39 14.72 -10.43
N HIS B 867 -35.49 14.96 -9.48
CA HIS B 867 -35.68 14.53 -8.10
C HIS B 867 -36.86 15.24 -7.45
N ASP B 868 -37.02 16.54 -7.73
CA ASP B 868 -38.14 17.27 -7.17
C ASP B 868 -39.44 17.07 -7.95
N LYS B 869 -39.54 16.00 -8.75
CA LYS B 869 -40.75 15.71 -9.49
C LYS B 869 -41.47 14.47 -9.00
N TRP B 870 -40.91 13.74 -8.03
CA TRP B 870 -41.62 12.62 -7.40
C TRP B 870 -41.56 12.60 -5.88
N TYR B 871 -40.65 13.32 -5.23
CA TYR B 871 -40.64 13.39 -3.77
C TYR B 871 -41.68 14.44 -3.32
N ARG B 872 -42.91 14.20 -3.73
CA ARG B 872 -43.98 15.19 -3.64
C ARG B 872 -45.01 14.77 -2.61
N VAL B 873 -44.99 15.45 -1.45
CA VAL B 873 -46.07 15.39 -0.48
C VAL B 873 -45.86 16.51 0.53
N VAL B 874 -46.93 17.01 1.11
CA VAL B 874 -46.79 18.03 2.16
C VAL B 874 -46.18 17.39 3.39
N PRO B 875 -45.31 18.09 4.13
CA PRO B 875 -44.86 17.56 5.42
C PRO B 875 -46.02 17.39 6.38
N CYS B 876 -45.92 16.37 7.21
CA CYS B 876 -47.01 15.97 8.10
C CYS B 876 -47.34 17.04 9.14
N MET B 889 -53.82 15.25 35.06
CA MET B 889 -55.05 14.94 34.35
C MET B 889 -54.74 14.34 32.99
N GLY B 890 -53.83 13.38 32.95
CA GLY B 890 -53.43 12.77 31.70
C GLY B 890 -54.26 11.57 31.31
N ILE B 891 -55.25 11.80 30.44
CA ILE B 891 -56.06 10.75 29.85
C ILE B 891 -56.69 9.88 30.93
N LYS B 892 -56.02 8.77 31.27
CA LYS B 892 -56.59 7.79 32.19
C LYS B 892 -56.80 8.39 33.57
N HIS B 893 -55.84 9.18 34.07
CA HIS B 893 -55.96 9.77 35.40
C HIS B 893 -57.15 10.73 35.45
N PHE B 894 -57.29 11.58 34.44
CA PHE B 894 -58.41 12.53 34.41
C PHE B 894 -59.74 11.79 34.30
N SER B 895 -59.80 10.75 33.46
CA SER B 895 -61.04 9.99 33.33
C SER B 895 -61.41 9.31 34.64
N GLY B 896 -60.43 8.73 35.32
CA GLY B 896 -60.71 8.11 36.61
C GLY B 896 -61.17 9.12 37.65
N LEU B 897 -60.53 10.29 37.66
CA LEU B 897 -60.94 11.33 38.60
C LEU B 897 -62.37 11.79 38.35
N PHE B 898 -62.73 12.00 37.08
CA PHE B 898 -64.09 12.42 36.74
C PHE B 898 -65.11 11.33 37.09
N VAL B 899 -64.78 10.08 36.80
CA VAL B 899 -65.69 8.99 37.12
C VAL B 899 -65.88 8.87 38.63
N LEU B 900 -64.78 8.99 39.38
CA LEU B 900 -64.88 8.94 40.83
C LEU B 900 -65.72 10.10 41.38
N LEU B 901 -65.55 11.29 40.80
CA LEU B 901 -66.35 12.43 41.24
C LEU B 901 -67.83 12.21 40.98
N CYS B 902 -68.17 11.70 39.79
CA CYS B 902 -69.58 11.43 39.49
C CYS B 902 -70.15 10.36 40.41
N ILE B 903 -69.40 9.28 40.63
CA ILE B 903 -69.87 8.22 41.52
C ILE B 903 -70.04 8.73 42.93
N GLY B 904 -69.12 9.56 43.40
CA GLY B 904 -69.25 10.14 44.73
C GLY B 904 -70.45 11.05 44.85
N PHE B 905 -70.71 11.85 43.81
CA PHE B 905 -71.89 12.71 43.82
C PHE B 905 -73.16 11.88 43.91
N GLY B 906 -73.26 10.82 43.10
CA GLY B 906 -74.43 9.98 43.15
C GLY B 906 -74.60 9.29 44.49
N LEU B 907 -73.50 8.76 45.05
CA LEU B 907 -73.57 8.09 46.34
C LEU B 907 -73.95 9.07 47.44
N SER B 908 -73.42 10.29 47.38
CA SER B 908 -73.77 11.31 48.38
C SER B 908 -75.24 11.68 48.29
N ILE B 909 -75.78 11.80 47.07
CA ILE B 909 -77.20 12.09 46.90
C ILE B 909 -78.03 10.97 47.50
N LEU B 910 -77.67 9.72 47.21
CA LEU B 910 -78.41 8.58 47.74
C LEU B 910 -78.33 8.54 49.26
N THR B 911 -77.15 8.79 49.82
CA THR B 911 -77.00 8.76 51.27
C THR B 911 -77.79 9.88 51.94
N THR B 912 -77.80 11.08 51.33
CA THR B 912 -78.59 12.17 51.86
C THR B 912 -80.08 11.84 51.84
N ILE B 913 -80.55 11.23 50.75
CA ILE B 913 -81.95 10.81 50.68
C ILE B 913 -82.26 9.80 51.76
N GLY B 914 -81.38 8.81 51.94
CA GLY B 914 -81.59 7.81 52.98
C GLY B 914 -81.61 8.41 54.38
N GLU B 915 -80.70 9.34 54.66
CA GLU B 915 -80.67 10.00 55.96
C GLU B 915 -81.92 10.83 56.18
N HIS B 916 -82.40 11.52 55.14
CA HIS B 916 -83.65 12.28 55.26
C HIS B 916 -84.84 11.36 55.47
N ILE B 917 -84.77 10.12 54.96
CA ILE B 917 -85.84 9.16 55.17
C ILE B 917 -85.98 8.84 56.65
N VAL B 918 -84.86 8.63 57.33
CA VAL B 918 -84.87 8.31 58.75
C VAL B 918 -84.19 9.43 59.55
N LYS C 25 62.67 -48.39 -6.58
CA LYS C 25 61.31 -48.36 -6.04
C LYS C 25 60.70 -49.76 -6.00
N ILE C 26 61.16 -50.58 -5.06
CA ILE C 26 60.65 -51.94 -4.91
C ILE C 26 59.26 -51.87 -4.28
N VAL C 27 58.28 -52.47 -4.96
CA VAL C 27 56.89 -52.48 -4.50
C VAL C 27 56.43 -53.92 -4.38
N ASN C 28 55.86 -54.26 -3.23
CA ASN C 28 55.32 -55.59 -2.97
C ASN C 28 53.81 -55.49 -2.81
N ILE C 29 53.10 -56.51 -3.30
CA ILE C 29 51.64 -56.56 -3.22
C ILE C 29 51.29 -57.77 -2.36
N GLY C 30 51.10 -57.54 -1.07
CA GLY C 30 50.68 -58.59 -0.16
C GLY C 30 49.17 -58.61 -0.01
N ALA C 31 48.59 -59.80 -0.07
CA ALA C 31 47.15 -59.95 0.01
C ALA C 31 46.83 -61.28 0.69
N VAL C 32 45.63 -61.35 1.26
CA VAL C 32 45.13 -62.54 1.93
C VAL C 32 43.80 -62.93 1.29
N LEU C 33 43.72 -64.18 0.84
CA LEU C 33 42.50 -64.69 0.21
C LEU C 33 42.45 -66.19 0.39
N SER C 34 41.23 -66.70 0.55
CA SER C 34 41.04 -68.14 0.74
C SER C 34 41.40 -68.90 -0.54
N THR C 35 41.94 -70.11 -0.34
CA THR C 35 42.33 -71.03 -1.40
C THR C 35 43.50 -70.50 -2.21
N ARG C 36 44.31 -71.41 -2.76
CA ARG C 36 45.47 -71.01 -3.55
C ARG C 36 45.07 -70.46 -4.92
N LYS C 37 43.87 -70.80 -5.41
CA LYS C 37 43.44 -70.31 -6.71
C LYS C 37 43.28 -68.80 -6.72
N HIS C 38 42.72 -68.24 -5.64
CA HIS C 38 42.56 -66.79 -5.55
C HIS C 38 43.92 -66.09 -5.52
N GLU C 39 44.87 -66.63 -4.76
CA GLU C 39 46.21 -66.04 -4.71
C GLU C 39 46.90 -66.13 -6.06
N GLN C 40 46.73 -67.25 -6.76
CA GLN C 40 47.30 -67.39 -8.10
C GLN C 40 46.68 -66.39 -9.06
N MET C 41 45.36 -66.19 -8.97
CA MET C 41 44.71 -65.20 -9.81
C MET C 41 45.21 -63.79 -9.52
N PHE C 42 45.40 -63.47 -8.24
CA PHE C 42 45.94 -62.16 -7.88
C PHE C 42 47.35 -61.98 -8.42
N ARG C 43 48.19 -63.02 -8.31
CA ARG C 43 49.54 -62.93 -8.86
C ARG C 43 49.52 -62.75 -10.37
N GLU C 44 48.63 -63.46 -11.06
CA GLU C 44 48.51 -63.32 -12.51
C GLU C 44 48.04 -61.92 -12.88
N ALA C 45 47.10 -61.38 -12.12
CA ALA C 45 46.64 -60.01 -12.39
C ALA C 45 47.75 -59.00 -12.18
N VAL C 46 48.56 -59.19 -11.13
CA VAL C 46 49.69 -58.29 -10.89
C VAL C 46 50.70 -58.38 -12.01
N ASN C 47 50.99 -59.61 -12.47
CA ASN C 47 51.93 -59.78 -13.57
C ASN C 47 51.40 -59.14 -14.85
N GLN C 48 50.12 -59.31 -15.14
CA GLN C 48 49.54 -58.69 -16.33
C GLN C 48 49.57 -57.17 -16.25
N ALA C 49 49.27 -56.61 -15.07
CA ALA C 49 49.35 -55.17 -14.90
C ALA C 49 50.77 -54.67 -15.09
N ASN C 50 51.76 -55.39 -14.56
CA ASN C 50 53.15 -54.99 -14.74
C ASN C 50 53.56 -55.06 -16.22
N LYS C 51 53.12 -56.11 -16.91
CA LYS C 51 53.47 -56.25 -18.33
C LYS C 51 52.82 -55.16 -19.17
N ARG C 52 51.57 -54.81 -18.87
CA ARG C 52 50.84 -53.81 -19.64
C ARG C 52 51.20 -52.38 -19.24
N HIS C 53 51.94 -52.19 -18.16
CA HIS C 53 52.32 -50.85 -17.70
C HIS C 53 53.67 -50.45 -18.28
N GLY C 54 53.80 -49.17 -18.59
CA GLY C 54 55.03 -48.61 -19.11
C GLY C 54 56.02 -48.17 -18.07
N SER C 55 55.72 -48.38 -16.79
CA SER C 55 56.64 -48.00 -15.73
C SER C 55 57.89 -48.88 -15.74
N TRP C 56 59.05 -48.26 -15.62
CA TRP C 56 60.32 -48.97 -15.59
C TRP C 56 60.94 -49.05 -14.21
N LYS C 57 60.74 -48.04 -13.37
CA LYS C 57 61.27 -48.03 -12.01
C LYS C 57 60.35 -48.72 -11.01
N ILE C 58 59.18 -49.18 -11.45
CA ILE C 58 58.22 -49.85 -10.58
C ILE C 58 58.22 -51.33 -10.90
N GLN C 59 58.46 -52.16 -9.88
CA GLN C 59 58.47 -53.60 -10.02
C GLN C 59 57.31 -54.19 -9.24
N LEU C 60 56.60 -55.13 -9.87
CA LEU C 60 55.43 -55.76 -9.26
C LEU C 60 55.82 -57.10 -8.63
N ASN C 61 55.53 -57.24 -7.35
CA ASN C 61 55.79 -58.48 -6.62
C ASN C 61 54.49 -58.95 -5.98
N ALA C 62 54.24 -60.26 -6.09
CA ALA C 62 53.01 -60.86 -5.58
C ALA C 62 53.35 -61.75 -4.39
N THR C 63 52.69 -61.50 -3.26
CA THR C 63 52.86 -62.29 -2.05
C THR C 63 51.51 -62.87 -1.64
N SER C 64 51.51 -64.15 -1.32
CA SER C 64 50.30 -64.87 -0.93
C SER C 64 50.39 -65.28 0.52
N VAL C 65 49.37 -64.91 1.30
CA VAL C 65 49.30 -65.25 2.72
C VAL C 65 47.92 -65.84 2.98
N THR C 66 47.89 -67.08 3.46
CA THR C 66 46.63 -67.72 3.80
C THR C 66 46.08 -67.17 5.10
N HIS C 67 44.76 -67.26 5.25
CA HIS C 67 44.09 -66.76 6.45
C HIS C 67 44.15 -67.82 7.55
N LYS C 68 44.76 -67.46 8.67
CA LYS C 68 44.84 -68.38 9.80
C LYS C 68 43.45 -68.56 10.41
N PRO C 69 43.04 -69.81 10.69
CA PRO C 69 41.70 -70.05 11.26
C PRO C 69 41.62 -69.78 12.76
N ASN C 70 42.16 -68.63 13.18
CA ASN C 70 42.12 -68.21 14.58
C ASN C 70 42.50 -66.74 14.68
N ALA C 71 41.68 -65.95 15.37
CA ALA C 71 41.96 -64.53 15.53
C ALA C 71 43.18 -64.27 16.41
N ILE C 72 43.48 -65.17 17.34
CA ILE C 72 44.63 -64.98 18.22
C ILE C 72 45.93 -65.02 17.42
N GLN C 73 46.05 -65.98 16.51
CA GLN C 73 47.25 -66.13 15.69
C GLN C 73 47.18 -65.35 14.38
N MET C 74 46.02 -64.76 14.06
CA MET C 74 45.91 -64.00 12.82
C MET C 74 46.79 -62.76 12.86
N ALA C 75 46.80 -62.05 13.99
CA ALA C 75 47.59 -60.83 14.10
C ALA C 75 49.08 -61.13 13.99
N LEU C 76 49.55 -62.20 14.65
CA LEU C 76 50.96 -62.55 14.59
C LEU C 76 51.37 -62.93 13.16
N SER C 77 50.54 -63.71 12.48
CA SER C 77 50.85 -64.09 11.09
C SER C 77 50.85 -62.89 10.17
N VAL C 78 49.90 -61.96 10.37
CA VAL C 78 49.84 -60.77 9.53
C VAL C 78 51.07 -59.88 9.76
N CYS C 79 51.47 -59.70 11.02
CA CYS C 79 52.61 -58.85 11.32
C CYS C 79 53.93 -59.49 10.89
N GLU C 80 54.03 -60.81 10.96
CA GLU C 80 55.30 -61.47 10.66
C GLU C 80 55.58 -61.50 9.16
N ASP C 81 54.54 -61.49 8.33
CA ASP C 81 54.70 -61.66 6.88
C ASP C 81 54.34 -60.40 6.10
N LEU C 82 53.12 -59.88 6.28
CA LEU C 82 52.66 -58.76 5.46
C LEU C 82 53.46 -57.50 5.73
N ILE C 83 53.62 -57.13 7.01
CA ILE C 83 54.34 -55.91 7.35
C ILE C 83 55.83 -56.07 7.05
N SER C 84 56.39 -57.26 7.30
CA SER C 84 57.81 -57.48 7.08
C SER C 84 58.20 -57.38 5.61
N SER C 85 57.26 -57.59 4.69
CA SER C 85 57.56 -57.49 3.27
C SER C 85 57.51 -56.07 2.75
N GLN C 86 57.12 -55.10 3.58
CA GLN C 86 56.98 -53.70 3.16
C GLN C 86 56.05 -53.58 1.95
N VAL C 87 54.96 -54.34 1.97
CA VAL C 87 54.04 -54.38 0.85
C VAL C 87 53.19 -53.11 0.83
N TYR C 88 52.67 -52.79 -0.35
CA TYR C 88 51.79 -51.64 -0.54
C TYR C 88 50.36 -52.13 -0.66
N ALA C 89 49.52 -51.76 0.31
CA ALA C 89 48.11 -52.13 0.37
C ALA C 89 47.91 -53.61 0.63
N ILE C 90 46.83 -53.97 1.31
CA ILE C 90 46.52 -55.36 1.63
C ILE C 90 45.05 -55.60 1.29
N LEU C 91 44.78 -56.73 0.62
CA LEU C 91 43.42 -57.09 0.24
C LEU C 91 42.75 -57.87 1.37
N VAL C 92 41.50 -57.53 1.64
CA VAL C 92 40.70 -58.20 2.66
C VAL C 92 39.69 -59.10 1.94
N SER C 93 39.70 -60.38 2.28
CA SER C 93 38.84 -61.37 1.65
C SER C 93 37.82 -61.91 2.65
N HIS C 94 36.65 -62.26 2.14
CA HIS C 94 35.59 -62.78 2.99
C HIS C 94 35.99 -64.14 3.56
N PRO C 95 35.66 -64.42 4.81
CA PRO C 95 35.95 -65.74 5.38
C PRO C 95 35.08 -66.80 4.74
N PRO C 96 35.49 -68.06 4.81
CA PRO C 96 34.67 -69.13 4.21
C PRO C 96 33.27 -69.22 4.81
N THR C 97 33.11 -68.87 6.09
CA THR C 97 31.79 -68.86 6.69
C THR C 97 30.93 -67.75 6.09
N PRO C 98 29.62 -67.97 5.98
CA PRO C 98 28.75 -66.94 5.38
C PRO C 98 28.75 -65.62 6.13
N ASN C 99 28.89 -65.65 7.45
CA ASN C 99 28.84 -64.43 8.26
C ASN C 99 29.85 -64.57 9.41
N ASP C 100 30.97 -63.86 9.30
CA ASP C 100 31.98 -63.87 10.35
C ASP C 100 32.81 -62.60 10.22
N HIS C 101 32.75 -61.75 11.24
CA HIS C 101 33.48 -60.48 11.23
C HIS C 101 34.79 -60.63 12.00
N PHE C 102 35.65 -61.51 11.48
CA PHE C 102 36.95 -61.76 12.07
C PHE C 102 38.10 -61.43 11.12
N THR C 103 38.05 -61.92 9.88
CA THR C 103 39.15 -61.66 8.95
C THR C 103 39.29 -60.18 8.60
N PRO C 104 38.23 -59.47 8.19
CA PRO C 104 38.42 -58.04 7.87
C PRO C 104 38.89 -57.22 9.06
N THR C 105 38.41 -57.52 10.26
CA THR C 105 38.88 -56.82 11.44
C THR C 105 40.37 -57.04 11.69
N PRO C 106 40.87 -58.27 11.71
CA PRO C 106 42.34 -58.44 11.85
C PRO C 106 43.11 -57.83 10.71
N VAL C 107 42.58 -57.87 9.49
CA VAL C 107 43.29 -57.30 8.35
C VAL C 107 43.42 -55.79 8.50
N SER C 108 42.34 -55.13 8.91
CA SER C 108 42.36 -53.68 9.08
C SER C 108 43.07 -53.24 10.36
N TYR C 109 43.22 -54.14 11.34
CA TYR C 109 43.87 -53.78 12.59
C TYR C 109 45.39 -54.00 12.55
N THR C 110 45.83 -55.15 12.03
CA THR C 110 47.26 -55.46 12.03
C THR C 110 48.05 -54.50 11.16
N ALA C 111 47.52 -54.18 9.97
CA ALA C 111 48.22 -53.32 9.02
C ALA C 111 47.67 -51.91 8.94
N GLY C 112 46.36 -51.72 9.19
CA GLY C 112 45.77 -50.40 9.06
C GLY C 112 46.20 -49.42 10.13
N PHE C 113 46.67 -49.92 11.28
CA PHE C 113 47.10 -49.03 12.35
C PHE C 113 48.35 -48.24 11.98
N TYR C 114 49.11 -48.69 10.98
CA TYR C 114 50.33 -48.01 10.53
C TYR C 114 50.10 -47.19 9.27
N ARG C 115 48.88 -46.66 9.10
CA ARG C 115 48.52 -45.83 7.95
C ARG C 115 48.77 -46.57 6.63
N ILE C 116 48.46 -47.85 6.61
CA ILE C 116 48.57 -48.69 5.42
C ILE C 116 47.15 -48.96 4.91
N PRO C 117 46.78 -48.47 3.73
CA PRO C 117 45.40 -48.70 3.25
C PRO C 117 45.11 -50.17 3.05
N VAL C 118 43.87 -50.55 3.34
CA VAL C 118 43.39 -51.92 3.15
C VAL C 118 42.21 -51.87 2.20
N LEU C 119 42.26 -52.67 1.14
CA LEU C 119 41.24 -52.68 0.11
C LEU C 119 40.30 -53.88 0.33
N GLY C 120 39.00 -53.60 0.41
CA GLY C 120 38.03 -54.64 0.64
C GLY C 120 37.57 -55.33 -0.64
N LEU C 121 38.08 -56.53 -0.88
CA LEU C 121 37.71 -57.28 -2.08
C LEU C 121 36.26 -57.77 -1.99
N THR C 122 35.86 -58.26 -0.83
CA THR C 122 34.51 -58.79 -0.60
C THR C 122 33.89 -58.15 0.64
N THR C 123 34.00 -56.82 0.72
CA THR C 123 33.46 -56.09 1.85
C THR C 123 31.96 -55.90 1.71
N ARG C 124 31.21 -56.30 2.73
CA ARG C 124 29.76 -56.14 2.75
C ARG C 124 29.20 -55.51 4.01
N MET C 125 29.92 -55.60 5.14
CA MET C 125 29.42 -55.03 6.39
C MET C 125 29.52 -53.50 6.35
N SER C 126 28.57 -52.85 7.01
CA SER C 126 28.51 -51.40 7.08
C SER C 126 29.17 -50.83 8.34
N ILE C 127 29.77 -51.70 9.17
CA ILE C 127 30.38 -51.23 10.41
C ILE C 127 31.57 -50.31 10.13
N TYR C 128 32.41 -50.69 9.16
CA TYR C 128 33.63 -49.94 8.89
C TYR C 128 33.37 -48.72 8.00
N SER C 129 32.41 -47.88 8.39
CA SER C 129 32.10 -46.66 7.67
C SER C 129 31.85 -45.52 8.64
N ASP C 130 32.68 -45.42 9.68
CA ASP C 130 32.48 -44.43 10.73
C ASP C 130 33.51 -43.32 10.73
N LYS C 131 34.63 -43.48 10.03
CA LYS C 131 35.70 -42.49 9.96
C LYS C 131 36.31 -42.23 11.34
N SER C 132 36.00 -43.09 12.30
CA SER C 132 36.58 -43.03 13.65
C SER C 132 37.40 -44.25 13.97
N ILE C 133 36.85 -45.44 13.76
CA ILE C 133 37.57 -46.71 13.91
C ILE C 133 37.75 -47.31 12.52
N HIS C 134 38.98 -47.68 12.20
CA HIS C 134 39.35 -48.16 10.87
C HIS C 134 39.00 -47.12 9.81
N LEU C 135 39.48 -45.89 10.04
CA LEU C 135 39.23 -44.81 9.10
C LEU C 135 39.90 -45.08 7.76
N SER C 136 41.12 -45.61 7.78
CA SER C 136 41.86 -45.92 6.56
C SER C 136 41.48 -47.33 6.11
N PHE C 137 40.38 -47.42 5.38
CA PHE C 137 39.90 -48.69 4.84
C PHE C 137 39.19 -48.42 3.53
N LEU C 138 39.47 -49.23 2.52
CA LEU C 138 38.94 -49.03 1.18
C LEU C 138 37.88 -50.09 0.88
N ARG C 139 36.71 -49.64 0.41
CA ARG C 139 35.63 -50.52 0.01
C ARG C 139 35.26 -50.21 -1.44
N THR C 140 35.18 -51.26 -2.27
CA THR C 140 34.88 -51.10 -3.68
C THR C 140 33.54 -51.72 -4.07
N VAL C 141 32.74 -52.13 -3.10
CA VAL C 141 31.45 -52.76 -3.37
C VAL C 141 30.38 -52.05 -2.56
N PRO C 142 29.13 -52.10 -3.00
CA PRO C 142 28.06 -51.45 -2.25
C PRO C 142 27.90 -52.12 -0.89
N PRO C 143 27.59 -51.34 0.14
CA PRO C 143 27.40 -51.93 1.48
C PRO C 143 26.00 -52.50 1.66
N TYR C 144 25.69 -52.97 2.87
CA TYR C 144 24.37 -53.52 3.12
C TYR C 144 23.28 -52.46 2.99
N SER C 145 23.55 -51.25 3.48
CA SER C 145 22.58 -50.17 3.42
C SER C 145 22.55 -49.46 2.07
N HIS C 146 23.50 -49.76 1.18
CA HIS C 146 23.55 -49.08 -0.11
C HIS C 146 22.29 -49.34 -0.92
N GLN C 147 21.81 -50.59 -0.92
CA GLN C 147 20.55 -50.90 -1.59
C GLN C 147 19.40 -50.09 -1.00
N SER C 148 19.45 -49.82 0.32
CA SER C 148 18.43 -48.97 0.93
C SER C 148 18.40 -47.59 0.30
N SER C 149 19.55 -47.08 -0.13
CA SER C 149 19.58 -45.79 -0.80
C SER C 149 18.74 -45.79 -2.07
N VAL C 150 18.62 -46.95 -2.73
CA VAL C 150 17.76 -47.08 -3.90
C VAL C 150 16.35 -47.54 -3.55
N TRP C 151 16.11 -47.90 -2.28
CA TRP C 151 14.79 -48.39 -1.90
C TRP C 151 13.72 -47.30 -2.02
N PHE C 152 14.00 -46.13 -1.43
CA PHE C 152 13.01 -45.05 -1.43
C PHE C 152 12.65 -44.65 -2.85
N GLU C 153 13.66 -44.48 -3.71
CA GLU C 153 13.38 -44.20 -5.12
C GLU C 153 12.56 -45.32 -5.74
N MET C 154 12.88 -46.57 -5.41
CA MET C 154 12.07 -47.69 -5.88
C MET C 154 10.65 -47.57 -5.35
N MET C 155 10.49 -47.10 -4.11
CA MET C 155 9.16 -46.84 -3.58
C MET C 155 8.58 -45.53 -4.10
N ARG C 156 9.41 -44.64 -4.64
CA ARG C 156 8.92 -43.37 -5.13
C ARG C 156 8.01 -43.52 -6.34
N VAL C 157 8.34 -44.46 -7.23
CA VAL C 157 7.59 -44.62 -8.47
C VAL C 157 6.17 -45.10 -8.18
N TYR C 158 6.03 -46.10 -7.31
CA TYR C 158 4.73 -46.70 -7.03
C TYR C 158 4.08 -46.08 -5.80
N SER C 159 3.93 -44.75 -5.85
CA SER C 159 3.26 -43.98 -4.80
C SER C 159 3.78 -44.34 -3.41
N TRP C 160 2.97 -45.05 -2.63
CA TRP C 160 3.35 -45.57 -1.33
C TRP C 160 3.77 -44.44 -0.38
N ASN C 161 2.81 -43.56 -0.08
CA ASN C 161 3.07 -42.43 0.81
C ASN C 161 3.41 -42.88 2.23
N HIS C 162 3.08 -44.11 2.60
CA HIS C 162 3.35 -44.60 3.95
C HIS C 162 3.83 -46.04 3.87
N ILE C 163 4.87 -46.37 4.64
CA ILE C 163 5.38 -47.73 4.72
C ILE C 163 6.09 -47.89 6.05
N ILE C 164 5.92 -49.06 6.67
CA ILE C 164 6.48 -49.33 7.98
C ILE C 164 7.83 -50.01 7.80
N LEU C 165 8.62 -50.02 8.87
CA LEU C 165 9.96 -50.58 8.84
C LEU C 165 10.15 -51.54 10.01
N LEU C 166 10.96 -52.58 9.77
CA LEU C 166 11.29 -53.57 10.80
C LEU C 166 12.77 -53.89 10.70
N VAL C 167 13.54 -53.51 11.72
CA VAL C 167 14.99 -53.70 11.73
C VAL C 167 15.37 -54.43 13.01
N SER C 168 16.22 -55.46 12.88
CA SER C 168 16.66 -56.23 14.02
C SER C 168 17.70 -55.45 14.83
N ASP C 169 18.22 -56.11 15.86
CA ASP C 169 19.20 -55.51 16.76
C ASP C 169 20.59 -55.62 16.13
N ASP C 170 20.96 -54.61 15.34
CA ASP C 170 22.26 -54.59 14.70
C ASP C 170 22.65 -53.15 14.42
N HIS C 171 23.96 -52.89 14.47
CA HIS C 171 24.47 -51.54 14.16
C HIS C 171 24.23 -51.19 12.70
N GLU C 172 24.42 -52.17 11.79
CA GLU C 172 24.14 -51.92 10.38
C GLU C 172 22.66 -51.62 10.16
N GLY C 173 21.78 -52.32 10.87
CA GLY C 173 20.37 -52.01 10.77
C GLY C 173 20.04 -50.61 11.26
N ARG C 174 20.67 -50.19 12.37
CA ARG C 174 20.45 -48.84 12.88
C ARG C 174 20.94 -47.80 11.89
N ALA C 175 22.11 -48.02 11.28
CA ALA C 175 22.62 -47.09 10.29
C ALA C 175 21.71 -47.01 9.07
N ALA C 176 21.21 -48.17 8.62
CA ALA C 176 20.29 -48.19 7.50
C ALA C 176 19.00 -47.46 7.83
N GLN C 177 18.49 -47.63 9.06
CA GLN C 177 17.28 -46.92 9.47
C GLN C 177 17.52 -45.42 9.51
N LYS C 178 18.67 -44.98 10.02
CA LYS C 178 18.98 -43.56 10.06
C LYS C 178 19.08 -42.99 8.65
N ARG C 179 19.74 -43.71 7.74
CA ARG C 179 19.84 -43.25 6.36
C ARG C 179 18.46 -43.18 5.69
N LEU C 180 17.62 -44.17 5.97
CA LEU C 180 16.26 -44.17 5.41
C LEU C 180 15.46 -42.99 5.94
N GLU C 181 15.59 -42.69 7.24
CA GLU C 181 14.89 -41.55 7.80
C GLU C 181 15.39 -40.25 7.17
N THR C 182 16.70 -40.13 6.98
CA THR C 182 17.26 -38.94 6.35
C THR C 182 16.74 -38.78 4.92
N LEU C 183 16.67 -39.88 4.17
CA LEU C 183 16.16 -39.82 2.81
C LEU C 183 14.68 -39.50 2.76
N LEU C 184 13.89 -40.05 3.70
CA LEU C 184 12.46 -39.83 3.72
C LEU C 184 12.08 -38.43 4.22
N GLU C 185 12.94 -37.80 5.01
CA GLU C 185 12.66 -36.44 5.47
C GLU C 185 12.63 -35.42 4.34
N GLU C 186 13.16 -35.75 3.17
CA GLU C 186 13.14 -34.82 2.04
C GLU C 186 11.71 -34.51 1.60
N ARG C 187 10.86 -35.53 1.54
CA ARG C 187 9.48 -35.38 1.09
C ARG C 187 8.48 -35.38 2.25
N GLU C 188 8.96 -35.20 3.47
CA GLU C 188 8.12 -35.18 4.67
C GLU C 188 7.33 -36.48 4.81
N SER C 189 8.06 -37.58 4.94
CA SER C 189 7.49 -38.89 5.12
C SER C 189 7.86 -39.42 6.51
N LYS C 190 6.85 -39.85 7.27
CA LYS C 190 7.07 -40.35 8.62
C LYS C 190 7.41 -41.82 8.67
N ALA C 191 7.29 -42.54 7.55
CA ALA C 191 7.60 -43.96 7.48
C ALA C 191 6.79 -44.78 8.48
N GLU C 192 5.54 -44.34 8.72
CA GLU C 192 4.62 -45.03 9.61
C GLU C 192 5.25 -45.31 10.97
N LYS C 193 5.63 -46.57 11.21
CA LYS C 193 6.28 -46.97 12.45
C LYS C 193 7.48 -47.84 12.13
N VAL C 194 8.49 -47.76 13.00
CA VAL C 194 9.70 -48.55 12.88
C VAL C 194 9.82 -49.43 14.12
N LEU C 195 9.94 -50.74 13.90
CA LEU C 195 10.01 -51.72 14.97
C LEU C 195 11.40 -52.32 15.05
N GLN C 196 11.80 -52.66 16.28
CA GLN C 196 13.08 -53.31 16.55
C GLN C 196 12.84 -54.50 17.45
N PHE C 197 13.34 -55.66 17.03
CA PHE C 197 13.16 -56.90 17.79
C PHE C 197 14.50 -57.36 18.36
N ASP C 198 14.45 -58.42 19.17
CA ASP C 198 15.65 -58.97 19.78
C ASP C 198 16.38 -59.87 18.77
N PRO C 199 17.68 -60.04 18.95
CA PRO C 199 18.45 -60.89 18.02
C PRO C 199 18.09 -62.36 18.22
N GLY C 200 17.78 -63.03 17.11
CA GLY C 200 17.46 -64.44 17.15
C GLY C 200 16.09 -64.79 17.71
N THR C 201 15.22 -63.81 17.92
CA THR C 201 13.88 -64.09 18.41
C THR C 201 13.10 -64.89 17.40
N LYS C 202 12.33 -65.87 17.88
CA LYS C 202 11.61 -66.79 17.02
C LYS C 202 10.09 -66.65 17.13
N ASN C 203 9.59 -65.80 18.03
CA ASN C 203 8.15 -65.62 18.23
C ASN C 203 7.87 -64.12 18.33
N VAL C 204 7.50 -63.52 17.19
CA VAL C 204 7.16 -62.11 17.14
C VAL C 204 5.77 -61.94 16.55
N THR C 205 4.93 -62.96 16.69
CA THR C 205 3.58 -62.89 16.16
C THR C 205 2.71 -61.93 16.97
N ALA C 206 2.78 -62.01 18.30
CA ALA C 206 1.97 -61.13 19.14
C ALA C 206 2.36 -59.67 18.97
N LEU C 207 3.66 -59.39 18.95
CA LEU C 207 4.12 -58.02 18.76
C LEU C 207 3.70 -57.46 17.39
N LEU C 208 3.61 -58.32 16.37
CA LEU C 208 3.11 -57.90 15.07
C LEU C 208 1.69 -57.39 15.14
N MET C 209 0.93 -57.76 16.17
CA MET C 209 -0.41 -57.21 16.35
C MET C 209 -0.37 -55.70 16.53
N GLU C 210 0.75 -55.16 17.03
CA GLU C 210 0.89 -53.71 17.11
C GLU C 210 0.87 -53.07 15.73
N ALA C 211 1.31 -53.78 14.70
CA ALA C 211 1.26 -53.30 13.33
C ALA C 211 0.15 -53.95 12.52
N LYS C 212 -0.64 -54.83 13.14
CA LYS C 212 -1.72 -55.51 12.42
C LYS C 212 -2.83 -54.55 12.03
N GLU C 213 -3.12 -53.56 12.87
CA GLU C 213 -4.18 -52.59 12.59
C GLU C 213 -3.70 -51.41 11.75
N LEU C 214 -2.41 -51.38 11.39
CA LEU C 214 -1.87 -50.28 10.61
C LEU C 214 -2.52 -50.22 9.23
N GLU C 215 -2.80 -49.00 8.77
CA GLU C 215 -3.41 -48.82 7.46
C GLU C 215 -2.46 -49.25 6.35
N ALA C 216 -1.18 -48.92 6.48
CA ALA C 216 -0.22 -49.21 5.41
C ALA C 216 -0.06 -50.71 5.22
N ARG C 217 0.12 -51.10 3.96
CA ARG C 217 0.35 -52.50 3.59
C ARG C 217 1.74 -52.72 3.02
N VAL C 218 2.66 -51.78 3.21
CA VAL C 218 4.03 -51.88 2.72
C VAL C 218 4.97 -51.90 3.91
N ILE C 219 5.80 -52.94 3.98
CA ILE C 219 6.74 -53.13 5.08
C ILE C 219 8.13 -53.36 4.50
N ILE C 220 9.12 -52.67 5.05
CA ILE C 220 10.50 -52.83 4.65
C ILE C 220 11.26 -53.48 5.79
N LEU C 221 11.85 -54.64 5.53
CA LEU C 221 12.56 -55.41 6.54
C LEU C 221 14.06 -55.32 6.29
N SER C 222 14.81 -55.00 7.34
CA SER C 222 16.28 -54.93 7.29
C SER C 222 16.81 -55.70 8.49
N ALA C 223 17.05 -57.00 8.31
CA ALA C 223 17.47 -57.86 9.40
C ALA C 223 18.25 -59.04 8.84
N SER C 224 18.96 -59.72 9.73
CA SER C 224 19.69 -60.91 9.35
C SER C 224 18.72 -62.05 9.02
N GLU C 225 19.20 -62.99 8.21
CA GLU C 225 18.36 -64.11 7.79
C GLU C 225 17.91 -64.97 8.97
N ASP C 226 18.77 -65.10 10.00
CA ASP C 226 18.37 -65.86 11.18
C ASP C 226 17.16 -65.25 11.86
N ASP C 227 17.16 -63.93 12.02
CA ASP C 227 15.97 -63.25 12.54
C ASP C 227 14.88 -63.13 11.48
N ALA C 228 15.24 -63.17 10.19
CA ALA C 228 14.25 -63.06 9.13
C ALA C 228 13.41 -64.33 8.98
N ALA C 229 13.93 -65.48 9.43
CA ALA C 229 13.14 -66.71 9.39
C ALA C 229 11.88 -66.58 10.25
N THR C 230 12.04 -66.02 11.45
CA THR C 230 10.89 -65.80 12.32
C THR C 230 9.91 -64.80 11.71
N VAL C 231 10.42 -63.76 11.06
CA VAL C 231 9.55 -62.78 10.42
C VAL C 231 8.76 -63.44 9.28
N TYR C 232 9.43 -64.26 8.48
CA TYR C 232 8.75 -64.96 7.40
C TYR C 232 7.70 -65.92 7.95
N ARG C 233 8.01 -66.62 9.04
CA ARG C 233 7.03 -67.51 9.64
C ARG C 233 5.82 -66.74 10.18
N ALA C 234 6.07 -65.61 10.83
CA ALA C 234 4.99 -64.81 11.41
C ALA C 234 4.13 -64.13 10.35
N ALA C 235 4.71 -63.76 9.20
CA ALA C 235 3.93 -63.16 8.14
C ALA C 235 2.87 -64.12 7.63
N ALA C 236 3.24 -65.40 7.47
CA ALA C 236 2.26 -66.40 7.07
C ALA C 236 1.32 -66.75 8.23
N MET C 237 1.85 -66.79 9.46
CA MET C 237 1.02 -67.10 10.61
C MET C 237 -0.05 -66.04 10.83
N LEU C 238 0.31 -64.76 10.69
CA LEU C 238 -0.63 -63.66 10.84
C LEU C 238 -1.26 -63.25 9.51
N ASN C 239 -0.98 -63.96 8.43
CA ASN C 239 -1.48 -63.66 7.10
C ASN C 239 -1.08 -62.27 6.63
N MET C 240 0.08 -61.78 7.10
CA MET C 240 0.53 -60.46 6.70
C MET C 240 1.01 -60.41 5.25
N THR C 241 1.32 -61.57 4.66
CA THR C 241 1.78 -61.65 3.28
C THR C 241 0.62 -61.87 2.30
N GLY C 242 -0.62 -61.78 2.76
CA GLY C 242 -1.77 -62.01 1.91
C GLY C 242 -1.92 -60.94 0.85
N SER C 243 -3.02 -61.07 0.11
CA SER C 243 -3.29 -60.16 -1.01
C SER C 243 -3.50 -58.74 -0.50
N GLY C 244 -3.10 -57.77 -1.33
CA GLY C 244 -3.22 -56.38 -0.98
C GLY C 244 -2.09 -55.84 -0.12
N TYR C 245 -1.04 -56.61 0.11
CA TYR C 245 0.08 -56.20 0.94
C TYR C 245 1.38 -56.39 0.18
N VAL C 246 2.36 -55.56 0.51
CA VAL C 246 3.68 -55.60 -0.11
C VAL C 246 4.74 -55.62 0.97
N TRP C 247 5.80 -56.41 0.76
CA TRP C 247 6.90 -56.53 1.70
C TRP C 247 8.21 -56.26 0.99
N LEU C 248 9.10 -55.53 1.65
CA LEU C 248 10.41 -55.19 1.11
C LEU C 248 11.49 -55.78 1.99
N VAL C 249 12.41 -56.53 1.37
CA VAL C 249 13.52 -57.16 2.09
C VAL C 249 14.79 -56.98 1.29
N GLY C 250 15.92 -57.14 1.98
CA GLY C 250 17.23 -57.02 1.37
C GLY C 250 17.73 -58.33 0.80
N GLU C 251 19.02 -58.34 0.47
CA GLU C 251 19.65 -59.53 -0.08
C GLU C 251 20.13 -60.51 0.99
N ARG C 252 20.13 -60.11 2.26
CA ARG C 252 20.58 -61.00 3.32
C ARG C 252 19.68 -62.23 3.43
N GLU C 253 18.36 -62.03 3.38
CA GLU C 253 17.41 -63.12 3.46
C GLU C 253 16.87 -63.54 2.10
N ILE C 254 17.36 -62.95 1.00
CA ILE C 254 16.88 -63.32 -0.32
C ILE C 254 17.24 -64.77 -0.62
N SER C 255 18.46 -65.18 -0.31
CA SER C 255 18.91 -66.55 -0.50
C SER C 255 19.35 -67.11 0.85
N GLY C 256 18.70 -68.18 1.27
CA GLY C 256 19.03 -68.79 2.55
C GLY C 256 17.84 -69.56 3.09
N ASN C 257 17.88 -69.79 4.40
CA ASN C 257 16.81 -70.53 5.06
C ASN C 257 15.48 -69.79 5.02
N ALA C 258 15.50 -68.46 4.92
CA ALA C 258 14.27 -67.69 4.85
C ALA C 258 13.41 -68.09 3.65
N LEU C 259 14.04 -68.59 2.58
CA LEU C 259 13.29 -69.05 1.42
C LEU C 259 12.37 -70.23 1.76
N ARG C 260 12.60 -70.92 2.87
CA ARG C 260 11.69 -71.97 3.29
C ARG C 260 10.33 -71.39 3.65
N TYR C 261 10.29 -70.14 4.09
CA TYR C 261 9.05 -69.48 4.47
C TYR C 261 8.90 -68.12 3.79
N ALA C 262 9.63 -67.91 2.70
CA ALA C 262 9.57 -66.64 2.00
C ALA C 262 8.18 -66.41 1.39
N PRO C 263 7.63 -65.20 1.50
CA PRO C 263 6.31 -64.95 0.91
C PRO C 263 6.35 -65.05 -0.61
N ASP C 264 5.22 -65.47 -1.17
CA ASP C 264 5.11 -65.63 -2.61
C ASP C 264 5.09 -64.27 -3.30
N GLY C 265 5.82 -64.18 -4.41
CA GLY C 265 5.87 -62.95 -5.18
C GLY C 265 6.45 -61.78 -4.43
N ILE C 266 7.44 -62.03 -3.58
CA ILE C 266 8.06 -60.96 -2.80
C ILE C 266 9.12 -60.29 -3.64
N LEU C 267 9.04 -58.96 -3.76
CA LEU C 267 10.01 -58.18 -4.52
C LEU C 267 11.16 -57.82 -3.59
N GLY C 268 12.26 -58.56 -3.70
CA GLY C 268 13.43 -58.38 -2.87
C GLY C 268 14.51 -57.57 -3.56
N LEU C 269 15.76 -57.88 -3.23
CA LEU C 269 16.90 -57.17 -3.78
C LEU C 269 18.12 -58.10 -3.72
N GLN C 270 19.16 -57.72 -4.47
CA GLN C 270 20.38 -58.50 -4.52
C GLN C 270 21.53 -57.58 -4.90
N LEU C 271 22.76 -58.08 -4.66
CA LEU C 271 23.98 -57.36 -5.00
C LEU C 271 24.64 -58.05 -6.19
N ILE C 272 24.97 -57.27 -7.21
CA ILE C 272 25.55 -57.81 -8.43
C ILE C 272 27.06 -57.98 -8.24
N ASN C 273 27.55 -59.17 -8.62
CA ASN C 273 28.98 -59.49 -8.53
C ASN C 273 29.51 -59.31 -7.11
N GLY C 274 28.71 -59.71 -6.12
CA GLY C 274 29.13 -59.60 -4.74
C GLY C 274 30.15 -60.64 -4.31
N LYS C 275 30.24 -61.76 -5.03
CA LYS C 275 31.18 -62.81 -4.70
C LYS C 275 32.22 -63.05 -5.79
N ASN C 276 32.20 -62.27 -6.87
CA ASN C 276 33.18 -62.41 -7.95
C ASN C 276 34.48 -61.75 -7.48
N GLU C 277 35.21 -62.49 -6.64
CA GLU C 277 36.45 -61.95 -6.08
C GLU C 277 37.51 -61.72 -7.14
N SER C 278 37.52 -62.55 -8.20
CA SER C 278 38.51 -62.37 -9.26
C SER C 278 38.33 -61.04 -9.97
N ALA C 279 37.09 -60.69 -10.32
CA ALA C 279 36.84 -59.42 -11.00
C ALA C 279 37.16 -58.23 -10.11
N HIS C 280 36.79 -58.31 -8.83
CA HIS C 280 37.12 -57.23 -7.91
C HIS C 280 38.63 -57.07 -7.75
N ILE C 281 39.35 -58.20 -7.66
CA ILE C 281 40.80 -58.15 -7.55
C ILE C 281 41.42 -57.54 -8.80
N SER C 282 40.89 -57.91 -9.98
CA SER C 282 41.41 -57.34 -11.22
C SER C 282 41.17 -55.84 -11.29
N ASP C 283 39.97 -55.38 -10.88
CA ASP C 283 39.69 -53.95 -10.87
C ASP C 283 40.59 -53.22 -9.89
N ALA C 284 40.80 -53.80 -8.70
CA ALA C 284 41.67 -53.19 -7.71
C ALA C 284 43.11 -53.10 -8.22
N VAL C 285 43.59 -54.15 -8.89
CA VAL C 285 44.93 -54.14 -9.45
C VAL C 285 45.05 -53.07 -10.54
N GLY C 286 44.02 -52.96 -11.39
CA GLY C 286 44.04 -51.94 -12.42
C GLY C 286 44.08 -50.53 -11.84
N VAL C 287 43.32 -50.30 -10.77
CA VAL C 287 43.35 -49.00 -10.11
C VAL C 287 44.71 -48.75 -9.46
N VAL C 288 45.26 -49.77 -8.79
CA VAL C 288 46.51 -49.61 -8.06
C VAL C 288 47.68 -49.40 -9.01
N ALA C 289 47.61 -49.95 -10.23
CA ALA C 289 48.69 -49.74 -11.19
C ALA C 289 48.87 -48.26 -11.50
N GLN C 290 47.78 -47.52 -11.67
CA GLN C 290 47.87 -46.08 -11.86
C GLN C 290 48.12 -45.35 -10.55
N ALA C 291 47.58 -45.86 -9.44
CA ALA C 291 47.75 -45.20 -8.15
C ALA C 291 49.22 -45.17 -7.73
N VAL C 292 49.94 -46.27 -7.93
CA VAL C 292 51.34 -46.32 -7.55
C VAL C 292 52.16 -45.35 -8.40
N HIS C 293 51.89 -45.30 -9.70
CA HIS C 293 52.59 -44.36 -10.57
C HIS C 293 52.31 -42.92 -10.17
N GLU C 294 51.06 -42.61 -9.81
CA GLU C 294 50.71 -41.27 -9.37
C GLU C 294 51.42 -40.93 -8.06
N LEU C 295 51.49 -41.90 -7.13
CA LEU C 295 52.16 -41.66 -5.86
C LEU C 295 53.65 -41.42 -6.06
N LEU C 296 54.27 -42.19 -6.94
CA LEU C 296 55.69 -42.00 -7.26
C LEU C 296 55.88 -40.97 -8.36
N GLU C 297 55.32 -39.78 -8.16
CA GLU C 297 55.45 -38.70 -9.12
C GLU C 297 55.63 -37.33 -8.49
N LYS C 298 55.68 -37.23 -7.16
CA LYS C 298 55.84 -35.96 -6.49
C LYS C 298 56.81 -36.13 -5.31
N GLU C 299 57.00 -35.05 -4.56
CA GLU C 299 57.90 -35.07 -3.42
C GLU C 299 57.21 -35.70 -2.21
N ASN C 300 57.96 -35.81 -1.12
CA ASN C 300 57.49 -36.40 0.13
C ASN C 300 56.97 -37.82 -0.07
N ILE C 301 57.69 -38.58 -0.89
CA ILE C 301 57.34 -39.97 -1.18
C ILE C 301 58.25 -40.84 -0.33
N THR C 302 57.75 -41.25 0.84
CA THR C 302 58.51 -42.06 1.77
C THR C 302 58.19 -43.54 1.55
N ASP C 303 59.23 -44.37 1.61
CA ASP C 303 59.05 -45.80 1.43
C ASP C 303 58.32 -46.40 2.63
N PRO C 304 57.65 -47.54 2.44
CA PRO C 304 56.95 -48.17 3.54
C PRO C 304 57.92 -48.62 4.61
N PRO C 305 57.53 -48.58 5.88
CA PRO C 305 58.42 -49.03 6.95
C PRO C 305 58.68 -50.52 6.86
N ARG C 306 59.87 -50.92 7.30
CA ARG C 306 60.28 -52.32 7.29
C ARG C 306 59.75 -53.00 8.55
N GLY C 307 58.93 -54.03 8.37
CA GLY C 307 58.37 -54.75 9.49
C GLY C 307 57.29 -53.95 10.22
N CYS C 308 56.94 -54.45 11.40
CA CYS C 308 55.94 -53.80 12.24
C CYS C 308 56.42 -53.54 13.66
N VAL C 309 57.57 -54.06 14.07
CA VAL C 309 58.09 -53.86 15.40
C VAL C 309 59.28 -52.89 15.42
N GLY C 310 60.14 -52.97 14.40
CA GLY C 310 61.29 -52.09 14.35
C GLY C 310 60.90 -50.63 14.19
N ASN C 311 59.95 -50.35 13.31
CA ASN C 311 59.48 -48.98 13.07
C ASN C 311 58.23 -48.76 13.93
N THR C 312 58.40 -48.08 15.05
CA THR C 312 57.30 -47.79 15.97
C THR C 312 56.60 -46.47 15.68
N ASN C 313 57.01 -45.76 14.62
CA ASN C 313 56.42 -44.48 14.25
C ASN C 313 55.69 -44.63 12.93
N ILE C 314 54.49 -44.02 12.86
CA ILE C 314 53.70 -44.09 11.65
C ILE C 314 54.39 -43.34 10.53
N TRP C 315 54.23 -43.83 9.31
CA TRP C 315 54.87 -43.22 8.16
C TRP C 315 54.27 -41.85 7.86
N LYS C 316 55.12 -40.94 7.40
CA LYS C 316 54.66 -39.60 7.04
C LYS C 316 53.69 -39.63 5.86
N THR C 317 53.82 -40.64 5.00
CA THR C 317 52.91 -40.79 3.85
C THR C 317 51.59 -41.32 4.38
N GLY C 318 50.75 -40.41 4.87
CA GLY C 318 49.49 -40.77 5.47
C GLY C 318 48.31 -40.35 4.63
N PRO C 319 47.69 -39.21 4.98
CA PRO C 319 46.52 -38.74 4.22
C PRO C 319 46.82 -38.42 2.77
N LEU C 320 48.10 -38.22 2.42
CA LEU C 320 48.45 -38.04 1.01
C LEU C 320 48.13 -39.29 0.20
N PHE C 321 48.41 -40.46 0.77
CA PHE C 321 48.06 -41.71 0.09
C PHE C 321 46.56 -41.84 -0.10
N LYS C 322 45.79 -41.48 0.92
CA LYS C 322 44.33 -41.51 0.81
C LYS C 322 43.83 -40.56 -0.27
N ARG C 323 44.41 -39.35 -0.31
CA ARG C 323 44.02 -38.39 -1.35
C ARG C 323 44.35 -38.90 -2.74
N VAL C 324 45.52 -39.53 -2.89
CA VAL C 324 45.90 -40.10 -4.19
C VAL C 324 44.94 -41.22 -4.56
N LEU C 325 44.57 -42.07 -3.60
CA LEU C 325 43.65 -43.16 -3.87
C LEU C 325 42.27 -42.62 -4.28
N MET C 326 41.80 -41.57 -3.63
CA MET C 326 40.50 -40.99 -3.93
C MET C 326 40.60 -39.96 -5.07
N SER C 327 41.36 -40.30 -6.10
CA SER C 327 41.43 -39.47 -7.29
C SER C 327 41.43 -40.27 -8.58
N SER C 328 41.26 -41.59 -8.54
CA SER C 328 41.30 -42.40 -9.74
C SER C 328 39.92 -42.47 -10.39
N LYS C 329 39.87 -42.18 -11.69
CA LYS C 329 38.63 -42.24 -12.47
C LYS C 329 38.98 -42.94 -13.78
N TYR C 330 38.79 -44.26 -13.81
CA TYR C 330 39.06 -45.06 -14.99
C TYR C 330 38.00 -46.14 -15.11
N ALA C 331 38.07 -46.92 -16.19
CA ALA C 331 37.12 -48.00 -16.46
C ALA C 331 37.89 -49.30 -16.45
N ASP C 332 37.99 -49.91 -15.27
CA ASP C 332 38.68 -51.18 -15.10
C ASP C 332 37.75 -52.17 -14.40
N GLY C 333 37.93 -53.45 -14.73
CA GLY C 333 37.08 -54.50 -14.18
C GLY C 333 35.81 -54.71 -15.00
N VAL C 334 35.06 -55.72 -14.58
CA VAL C 334 33.82 -56.05 -15.27
C VAL C 334 32.80 -54.92 -15.13
N THR C 335 32.68 -54.36 -13.93
CA THR C 335 31.68 -53.31 -13.69
C THR C 335 32.16 -51.97 -14.22
N GLY C 336 33.29 -51.48 -13.72
CA GLY C 336 33.80 -50.19 -14.14
C GLY C 336 33.09 -49.04 -13.44
N ARG C 337 33.46 -47.83 -13.87
CA ARG C 337 32.91 -46.59 -13.33
C ARG C 337 33.12 -46.51 -11.82
N VAL C 338 34.40 -46.47 -11.44
CA VAL C 338 34.81 -46.42 -10.05
C VAL C 338 35.36 -45.04 -9.75
N GLU C 339 34.74 -44.35 -8.80
CA GLU C 339 35.12 -43.01 -8.36
C GLU C 339 35.15 -42.93 -6.84
N PHE C 340 35.77 -43.93 -6.22
CA PHE C 340 35.78 -44.02 -4.76
C PHE C 340 36.47 -42.81 -4.15
N ASN C 341 35.83 -42.22 -3.15
CA ASN C 341 36.33 -41.05 -2.43
C ASN C 341 35.48 -40.87 -1.18
N GLU C 342 35.73 -39.80 -0.44
CA GLU C 342 34.99 -39.47 0.78
C GLU C 342 35.05 -40.61 1.78
N ASP C 343 33.91 -41.28 2.01
CA ASP C 343 33.89 -42.41 2.93
C ASP C 343 34.65 -43.60 2.38
N GLY C 344 34.68 -43.76 1.06
CA GLY C 344 35.38 -44.87 0.44
C GLY C 344 34.47 -46.00 0.01
N ASP C 345 33.33 -45.66 -0.60
CA ASP C 345 32.37 -46.64 -1.07
C ASP C 345 32.09 -46.45 -2.54
N ARG C 346 31.77 -47.55 -3.22
CA ARG C 346 31.47 -47.50 -4.64
C ARG C 346 30.19 -46.73 -4.91
N LYS C 347 30.17 -46.02 -6.03
CA LYS C 347 29.05 -45.17 -6.40
C LYS C 347 28.26 -45.79 -7.54
N PHE C 348 26.94 -45.81 -7.40
CA PHE C 348 26.02 -46.33 -8.42
C PHE C 348 26.33 -47.78 -8.77
N ALA C 349 26.39 -48.63 -7.75
CA ALA C 349 26.62 -50.05 -7.97
C ALA C 349 25.35 -50.71 -8.50
N ASN C 350 25.48 -51.40 -9.63
CA ASN C 350 24.33 -52.06 -10.24
C ASN C 350 23.80 -53.17 -9.35
N TYR C 351 22.48 -53.35 -9.37
CA TYR C 351 21.82 -54.36 -8.54
C TYR C 351 20.67 -54.98 -9.33
N SER C 352 20.14 -56.07 -8.78
CA SER C 352 19.02 -56.76 -9.39
C SER C 352 17.98 -57.09 -8.33
N ILE C 353 16.71 -57.04 -8.73
CA ILE C 353 15.59 -57.38 -7.87
C ILE C 353 14.89 -58.58 -8.50
N MET C 354 14.74 -59.66 -7.74
CA MET C 354 14.18 -60.90 -8.22
C MET C 354 12.85 -61.18 -7.54
N ASN C 355 12.06 -62.05 -8.17
CA ASN C 355 10.77 -62.47 -7.64
C ASN C 355 10.85 -63.95 -7.29
N LEU C 356 10.51 -64.28 -6.05
CA LEU C 356 10.55 -65.66 -5.57
C LEU C 356 9.36 -66.41 -6.14
N GLN C 357 9.51 -66.94 -7.35
CA GLN C 357 8.47 -67.69 -8.02
C GLN C 357 8.69 -69.18 -7.80
N ASN C 358 7.65 -69.88 -7.35
CA ASN C 358 7.72 -71.30 -7.03
C ASN C 358 8.85 -71.58 -6.03
N ARG C 359 8.95 -70.72 -5.02
CA ARG C 359 10.00 -70.79 -4.01
C ARG C 359 11.40 -70.74 -4.64
N LYS C 360 11.54 -70.00 -5.73
CA LYS C 360 12.82 -69.85 -6.41
C LYS C 360 12.96 -68.42 -6.90
N LEU C 361 14.13 -67.84 -6.69
CA LEU C 361 14.37 -66.45 -7.06
C LEU C 361 14.53 -66.33 -8.57
N VAL C 362 13.66 -65.54 -9.20
CA VAL C 362 13.71 -65.28 -10.63
C VAL C 362 13.89 -63.78 -10.82
N GLN C 363 14.97 -63.38 -11.49
CA GLN C 363 15.28 -61.96 -11.67
C GLN C 363 14.15 -61.26 -12.43
N VAL C 364 13.75 -60.10 -11.92
CA VAL C 364 12.68 -59.31 -12.51
C VAL C 364 13.19 -57.97 -13.03
N GLY C 365 13.76 -57.15 -12.15
CA GLY C 365 14.24 -55.83 -12.51
C GLY C 365 15.74 -55.72 -12.34
N ILE C 366 16.37 -54.84 -13.12
CA ILE C 366 17.80 -54.58 -13.04
C ILE C 366 17.99 -53.07 -12.95
N TYR C 367 18.73 -52.62 -11.95
CA TYR C 367 19.04 -51.21 -11.76
C TYR C 367 20.52 -51.00 -12.06
N ASN C 368 20.82 -50.11 -13.00
CA ASN C 368 22.17 -49.81 -13.41
C ASN C 368 22.81 -48.72 -12.56
N GLY C 369 22.31 -48.52 -11.34
CA GLY C 369 22.81 -47.47 -10.47
C GLY C 369 22.11 -46.14 -10.61
N THR C 370 21.24 -45.99 -11.61
CA THR C 370 20.46 -44.78 -11.81
C THR C 370 18.96 -45.00 -11.62
N HIS C 371 18.40 -46.00 -12.28
CA HIS C 371 16.98 -46.32 -12.14
C HIS C 371 16.78 -47.80 -12.37
N VAL C 372 15.67 -48.32 -11.87
CA VAL C 372 15.33 -49.73 -12.01
C VAL C 372 14.64 -49.92 -13.35
N ILE C 373 15.23 -50.75 -14.20
CA ILE C 373 14.70 -51.02 -15.53
C ILE C 373 13.69 -52.16 -15.42
N PRO C 374 12.41 -51.94 -15.72
CA PRO C 374 11.43 -53.03 -15.63
C PRO C 374 11.58 -54.00 -16.79
N ASN C 375 11.03 -55.20 -16.60
CA ASN C 375 11.04 -56.24 -17.60
C ASN C 375 9.62 -56.58 -18.02
N ASP C 376 9.49 -57.18 -19.20
CA ASP C 376 8.18 -57.55 -19.73
C ASP C 376 7.51 -58.64 -18.91
N ARG C 377 8.25 -59.34 -18.06
CA ARG C 377 7.66 -60.40 -17.24
C ARG C 377 6.68 -59.80 -16.23
N LYS C 378 5.56 -60.49 -16.05
CA LYS C 378 4.55 -60.03 -15.11
C LYS C 378 5.04 -60.15 -13.67
N ILE C 379 4.59 -59.21 -12.84
CA ILE C 379 4.97 -59.17 -11.43
C ILE C 379 3.74 -59.51 -10.60
N ILE C 380 3.87 -60.50 -9.73
CA ILE C 380 2.77 -60.94 -8.87
C ILE C 380 3.03 -60.40 -7.47
N TRP C 381 2.13 -59.57 -6.97
CA TRP C 381 2.25 -59.04 -5.63
C TRP C 381 1.98 -60.12 -4.59
N PRO C 382 2.41 -59.91 -3.35
CA PRO C 382 2.21 -60.93 -2.32
C PRO C 382 0.72 -61.24 -2.12
N GLY C 383 0.44 -62.51 -1.84
CA GLY C 383 -0.92 -62.97 -1.69
C GLY C 383 -1.65 -63.27 -2.98
N GLY C 384 -0.93 -63.45 -4.08
CA GLY C 384 -1.55 -63.77 -5.35
C GLY C 384 -2.41 -62.67 -5.93
N GLU C 385 -1.95 -61.42 -5.87
CA GLU C 385 -2.65 -60.29 -6.46
C GLU C 385 -1.84 -59.79 -7.65
N THR C 386 -2.35 -60.04 -8.86
CA THR C 386 -1.64 -59.62 -10.07
C THR C 386 -1.54 -58.11 -10.15
N GLU C 387 -2.62 -57.39 -9.85
CA GLU C 387 -2.61 -55.95 -9.90
C GLU C 387 -1.79 -55.37 -8.75
N LYS C 388 -1.23 -54.20 -8.98
CA LYS C 388 -0.45 -53.53 -7.94
C LYS C 388 -1.39 -53.03 -6.84
N PRO C 389 -1.16 -53.40 -5.58
CA PRO C 389 -2.07 -52.96 -4.51
C PRO C 389 -1.69 -51.61 -3.94
N ARG C 390 -2.46 -51.14 -2.96
CA ARG C 390 -2.22 -49.87 -2.30
C ARG C 390 -2.01 -50.09 -0.81
N GLY C 391 -1.04 -49.39 -0.24
CA GLY C 391 -0.75 -49.52 1.17
C GLY C 391 -1.52 -48.55 2.04
N TYR C 392 -2.84 -48.74 2.13
CA TYR C 392 -3.68 -47.89 2.95
C TYR C 392 -4.91 -48.68 3.38
N GLN C 393 -5.51 -48.25 4.49
CA GLN C 393 -6.73 -48.87 5.00
C GLN C 393 -7.50 -47.81 5.77
N MET C 394 -8.75 -47.58 5.38
CA MET C 394 -9.58 -46.60 6.06
C MET C 394 -9.78 -46.99 7.52
N SER C 395 -9.61 -46.03 8.42
CA SER C 395 -9.67 -46.33 9.85
C SER C 395 -11.05 -46.84 10.26
N THR C 396 -12.10 -46.36 9.59
CA THR C 396 -13.46 -46.83 9.83
C THR C 396 -13.89 -46.55 11.26
N ARG C 397 -13.26 -47.22 12.23
CA ARG C 397 -13.51 -46.93 13.62
C ARG C 397 -12.95 -45.56 13.98
N LEU C 398 -13.76 -44.74 14.62
CA LEU C 398 -13.36 -43.42 15.09
C LEU C 398 -14.02 -43.17 16.44
N LYS C 399 -13.25 -43.20 17.50
CA LYS C 399 -13.76 -42.93 18.84
C LYS C 399 -13.59 -41.45 19.15
N ILE C 400 -14.65 -40.84 19.67
CA ILE C 400 -14.79 -39.40 19.70
C ILE C 400 -14.58 -38.91 21.13
N VAL C 401 -14.43 -37.58 21.28
CA VAL C 401 -14.47 -36.95 22.59
C VAL C 401 -15.59 -35.92 22.57
N THR C 402 -15.93 -35.37 23.73
CA THR C 402 -17.02 -34.42 23.88
C THR C 402 -16.90 -33.78 25.26
N ILE C 403 -17.93 -33.03 25.66
CA ILE C 403 -17.92 -32.33 26.95
C ILE C 403 -19.34 -31.94 27.30
N HIS C 404 -19.61 -31.78 28.60
CA HIS C 404 -20.94 -31.43 29.10
C HIS C 404 -21.08 -29.91 29.24
N GLN C 405 -21.99 -29.33 28.46
CA GLN C 405 -22.55 -28.01 28.76
C GLN C 405 -23.76 -27.72 27.90
N GLU C 406 -24.87 -27.34 28.53
CA GLU C 406 -26.12 -27.15 27.83
C GLU C 406 -26.03 -25.93 26.90
N PRO C 407 -26.66 -25.99 25.73
CA PRO C 407 -27.43 -27.08 25.14
C PRO C 407 -26.58 -27.90 24.18
N PHE C 408 -25.27 -27.94 24.42
CA PHE C 408 -24.34 -28.69 23.57
C PHE C 408 -23.90 -29.93 24.36
N VAL C 409 -24.59 -31.04 24.11
CA VAL C 409 -24.29 -32.34 24.71
C VAL C 409 -24.76 -32.40 26.16
N TYR C 410 -25.88 -33.08 26.40
CA TYR C 410 -26.32 -33.45 27.73
C TYR C 410 -25.69 -34.79 28.13
N VAL C 411 -25.75 -35.09 29.43
CA VAL C 411 -25.15 -36.33 29.92
C VAL C 411 -26.11 -37.09 30.81
N LYS C 412 -27.42 -36.90 30.63
CA LYS C 412 -28.38 -37.46 31.56
C LYS C 412 -28.29 -38.99 31.59
N PRO C 413 -28.47 -39.60 32.76
CA PRO C 413 -28.23 -41.05 32.90
C PRO C 413 -29.28 -41.88 32.19
N THR C 414 -28.89 -43.11 31.89
CA THR C 414 -29.77 -44.08 31.23
C THR C 414 -30.62 -44.78 32.28
N MET C 415 -31.38 -45.78 31.83
CA MET C 415 -32.14 -46.63 32.74
C MET C 415 -31.28 -47.83 33.15
N SER C 416 -31.81 -48.60 34.11
CA SER C 416 -31.06 -49.74 34.63
C SER C 416 -30.89 -50.83 33.59
N ASP C 417 -31.89 -51.01 32.72
CA ASP C 417 -31.87 -52.10 31.75
C ASP C 417 -30.76 -51.96 30.71
N GLY C 418 -30.16 -50.77 30.58
CA GLY C 418 -29.09 -50.52 29.64
C GLY C 418 -29.43 -49.47 28.61
N THR C 419 -30.65 -49.49 28.07
CA THR C 419 -31.13 -48.46 27.16
C THR C 419 -31.80 -47.35 27.96
N CYS C 420 -31.78 -46.15 27.40
CA CYS C 420 -32.35 -44.99 28.07
C CYS C 420 -33.68 -44.60 27.45
N LYS C 421 -34.38 -43.71 28.15
CA LYS C 421 -35.82 -43.52 27.96
C LYS C 421 -36.14 -42.97 26.58
N GLU C 422 -37.43 -42.97 26.27
CA GLU C 422 -37.97 -42.38 25.05
C GLU C 422 -38.48 -40.99 25.35
N GLU C 423 -38.03 -40.02 24.54
CA GLU C 423 -38.40 -38.63 24.73
C GLU C 423 -38.75 -38.03 23.38
N PHE C 424 -39.62 -37.02 23.38
CA PHE C 424 -40.07 -36.38 22.15
C PHE C 424 -39.78 -34.89 22.18
N THR C 425 -39.59 -34.33 21.00
CA THR C 425 -39.35 -32.90 20.83
C THR C 425 -40.70 -32.17 20.71
N VAL C 426 -40.67 -30.92 20.28
CA VAL C 426 -41.84 -30.05 20.36
C VAL C 426 -43.01 -30.61 19.55
N ASN C 427 -42.75 -31.13 18.37
CA ASN C 427 -43.82 -31.63 17.50
C ASN C 427 -44.11 -33.11 17.72
N GLY C 428 -43.43 -33.75 18.67
CA GLY C 428 -43.65 -35.16 18.92
C GLY C 428 -42.87 -36.08 18.01
N ASP C 429 -41.56 -35.87 17.95
CA ASP C 429 -40.66 -36.69 17.15
C ASP C 429 -39.57 -37.25 18.04
N PRO C 430 -39.02 -38.41 17.69
CA PRO C 430 -37.95 -38.98 18.52
C PRO C 430 -36.74 -38.07 18.58
N VAL C 431 -36.14 -37.99 19.76
CA VAL C 431 -34.89 -37.26 19.96
C VAL C 431 -33.75 -38.26 19.90
N LYS C 432 -32.82 -38.04 18.98
CA LYS C 432 -31.72 -38.98 18.84
C LYS C 432 -30.82 -38.92 20.06
N LYS C 433 -30.56 -40.07 20.65
CA LYS C 433 -29.61 -40.19 21.73
C LYS C 433 -28.52 -41.18 21.32
N VAL C 434 -27.42 -41.19 22.06
CA VAL C 434 -26.37 -42.16 21.80
C VAL C 434 -25.67 -42.47 23.12
N ILE C 435 -25.20 -43.71 23.25
CA ILE C 435 -24.61 -44.17 24.49
C ILE C 435 -23.19 -43.63 24.61
N CYS C 436 -22.85 -43.13 25.80
CA CYS C 436 -21.56 -42.51 26.05
C CYS C 436 -20.95 -43.12 27.30
N THR C 437 -19.65 -43.39 27.25
CA THR C 437 -18.93 -43.95 28.38
C THR C 437 -17.88 -42.95 28.85
N GLY C 438 -17.85 -42.71 30.15
CA GLY C 438 -16.93 -41.73 30.69
C GLY C 438 -16.87 -41.72 32.20
N PRO C 439 -16.21 -40.71 32.76
CA PRO C 439 -16.03 -40.64 34.22
C PRO C 439 -17.32 -40.24 34.92
N ASN C 440 -17.22 -40.21 36.26
CA ASN C 440 -18.33 -39.88 37.14
C ASN C 440 -18.06 -38.60 37.93
N ASP C 441 -17.52 -37.58 37.26
CA ASP C 441 -17.19 -36.29 37.85
C ASP C 441 -16.08 -36.43 38.89
N THR C 442 -15.81 -35.34 39.63
CA THR C 442 -14.67 -35.33 40.53
C THR C 442 -14.90 -36.22 41.75
N SER C 443 -16.07 -36.11 42.37
CA SER C 443 -16.31 -36.77 43.64
C SER C 443 -17.03 -38.10 43.47
N PRO C 444 -17.27 -38.84 44.58
CA PRO C 444 -18.00 -40.10 44.52
C PRO C 444 -17.42 -41.13 43.57
N GLY C 445 -18.18 -42.20 43.32
CA GLY C 445 -17.72 -43.26 42.45
C GLY C 445 -16.59 -44.05 43.09
N SER C 446 -15.97 -44.90 42.27
CA SER C 446 -14.79 -45.66 42.66
C SER C 446 -13.52 -45.02 42.13
N PRO C 447 -13.45 -44.82 40.81
CA PRO C 447 -12.30 -44.12 40.21
C PRO C 447 -12.72 -43.26 39.02
N ARG C 448 -13.98 -42.82 38.97
CA ARG C 448 -14.52 -42.02 37.88
C ARG C 448 -14.41 -42.77 36.55
N HIS C 449 -15.12 -43.89 36.49
CA HIS C 449 -15.20 -44.73 35.30
C HIS C 449 -16.63 -45.24 35.13
N THR C 450 -17.60 -44.34 35.26
CA THR C 450 -18.97 -44.74 35.55
C THR C 450 -19.59 -45.52 34.41
N VAL C 451 -20.82 -45.97 34.66
CA VAL C 451 -21.60 -46.78 33.74
C VAL C 451 -22.06 -45.90 32.58
N PRO C 452 -22.48 -46.49 31.46
CA PRO C 452 -22.88 -45.68 30.31
C PRO C 452 -24.02 -44.71 30.64
N GLN C 453 -23.96 -43.54 30.01
CA GLN C 453 -25.03 -42.56 30.01
C GLN C 453 -25.51 -42.34 28.58
N CYS C 454 -26.45 -41.41 28.40
CA CYS C 454 -26.94 -41.05 27.07
C CYS C 454 -26.65 -39.59 26.79
N CYS C 455 -26.30 -39.30 25.54
CA CYS C 455 -25.98 -37.95 25.09
C CYS C 455 -26.89 -37.56 23.94
N TYR C 456 -27.20 -36.27 23.87
CA TYR C 456 -28.04 -35.69 22.84
C TYR C 456 -27.99 -34.18 22.96
N GLY C 457 -28.44 -33.50 21.91
CA GLY C 457 -28.51 -32.05 21.92
C GLY C 457 -27.57 -31.35 20.96
N PHE C 458 -28.11 -30.94 19.81
CA PHE C 458 -27.37 -30.25 18.76
C PHE C 458 -26.17 -31.05 18.26
N CYS C 459 -24.99 -30.77 18.80
CA CYS C 459 -23.73 -31.32 18.30
C CYS C 459 -23.84 -32.79 17.88
N ILE C 460 -24.51 -33.60 18.69
CA ILE C 460 -24.65 -35.01 18.39
C ILE C 460 -25.41 -35.23 17.08
N ASP C 461 -26.38 -34.37 16.78
CA ASP C 461 -27.05 -34.45 15.48
C ASP C 461 -26.08 -34.13 14.34
N LEU C 462 -25.18 -33.18 14.56
CA LEU C 462 -24.15 -32.92 13.56
C LEU C 462 -23.30 -34.17 13.33
N LEU C 463 -22.95 -34.86 14.42
CA LEU C 463 -22.18 -36.08 14.29
C LEU C 463 -22.93 -37.13 13.47
N ILE C 464 -24.24 -37.30 13.73
CA ILE C 464 -24.95 -38.32 12.97
C ILE C 464 -25.07 -37.92 11.50
N LYS C 465 -25.22 -36.63 11.20
CA LYS C 465 -25.23 -36.24 9.80
C LYS C 465 -23.92 -36.60 9.13
N LEU C 466 -22.80 -36.32 9.81
CA LEU C 466 -21.51 -36.72 9.27
C LEU C 466 -21.44 -38.22 9.08
N ALA C 467 -21.89 -38.99 10.06
CA ALA C 467 -21.81 -40.44 9.98
C ALA C 467 -22.63 -40.97 8.81
N ARG C 468 -23.82 -40.41 8.61
CA ARG C 468 -24.65 -40.81 7.48
C ARG C 468 -23.96 -40.51 6.16
N THR C 469 -23.34 -39.34 6.05
CA THR C 469 -22.76 -38.96 4.77
C THR C 469 -21.34 -39.50 4.54
N MET C 470 -20.72 -40.15 5.52
CA MET C 470 -19.37 -40.68 5.35
C MET C 470 -19.28 -42.20 5.49
N ASN C 471 -20.30 -42.86 6.01
CA ASN C 471 -20.33 -44.31 6.18
C ASN C 471 -19.15 -44.80 7.04
N PHE C 472 -19.21 -44.42 8.32
CA PHE C 472 -18.27 -44.93 9.30
C PHE C 472 -19.01 -45.12 10.63
N THR C 473 -18.28 -45.58 11.64
CA THR C 473 -18.86 -45.92 12.93
C THR C 473 -18.13 -45.17 14.05
N TYR C 474 -18.83 -44.96 15.16
CA TYR C 474 -18.32 -44.12 16.24
C TYR C 474 -18.64 -44.72 17.59
N GLU C 475 -17.68 -44.60 18.51
CA GLU C 475 -17.83 -45.01 19.91
C GLU C 475 -17.47 -43.79 20.74
N VAL C 476 -18.45 -42.94 20.98
CA VAL C 476 -18.21 -41.64 21.61
C VAL C 476 -17.98 -41.82 23.10
N HIS C 477 -16.97 -41.15 23.63
CA HIS C 477 -16.62 -41.25 25.04
C HIS C 477 -16.30 -39.87 25.60
N LEU C 478 -16.81 -39.60 26.79
CA LEU C 478 -16.60 -38.31 27.43
C LEU C 478 -15.13 -38.11 27.80
N VAL C 479 -14.74 -36.84 27.95
CA VAL C 479 -13.36 -36.53 28.31
C VAL C 479 -13.10 -36.99 29.74
N ALA C 480 -11.81 -37.11 30.08
CA ALA C 480 -11.41 -37.77 31.32
C ALA C 480 -11.65 -36.89 32.54
N ASP C 481 -11.36 -35.59 32.44
CA ASP C 481 -11.39 -34.73 33.61
C ASP C 481 -12.36 -33.56 33.51
N GLY C 482 -13.08 -33.41 32.41
CA GLY C 482 -14.09 -32.39 32.28
C GLY C 482 -13.57 -31.02 31.92
N LYS C 483 -12.27 -30.79 32.04
CA LYS C 483 -11.72 -29.49 31.71
C LYS C 483 -11.67 -29.31 30.21
N PHE C 484 -11.72 -28.04 29.77
CA PHE C 484 -12.05 -27.77 28.38
C PHE C 484 -10.85 -28.03 27.47
N GLY C 485 -9.74 -27.33 27.69
CA GLY C 485 -8.52 -27.63 26.96
C GLY C 485 -7.75 -26.44 26.42
N THR C 486 -6.45 -26.39 26.72
CA THR C 486 -5.55 -25.41 26.16
C THR C 486 -4.13 -25.90 26.38
N GLN C 487 -3.15 -25.10 25.95
CA GLN C 487 -1.75 -25.47 26.14
C GLN C 487 -1.23 -24.94 27.48
N GLU C 488 -0.24 -25.65 28.02
CA GLU C 488 0.34 -25.29 29.30
C GLU C 488 1.64 -26.05 29.47
N ARG C 489 2.69 -25.34 29.86
CA ARG C 489 4.02 -25.93 30.02
C ARG C 489 4.15 -26.43 31.45
N VAL C 490 4.63 -27.67 31.60
CA VAL C 490 4.72 -28.27 32.94
C VAL C 490 5.74 -27.55 33.81
N ASN C 491 6.77 -26.98 33.19
CA ASN C 491 7.86 -26.24 33.82
C ASN C 491 8.78 -27.13 34.67
N ASN C 492 8.46 -28.42 34.81
CA ASN C 492 9.41 -29.33 35.46
C ASN C 492 10.59 -29.61 34.55
N SER C 493 10.33 -29.83 33.26
CA SER C 493 11.37 -29.98 32.25
C SER C 493 11.33 -28.86 31.22
N ASN C 494 10.52 -27.83 31.45
CA ASN C 494 10.37 -26.69 30.54
C ASN C 494 9.95 -27.15 29.14
N LYS C 495 8.82 -27.86 29.10
CA LYS C 495 8.28 -28.37 27.85
C LYS C 495 6.80 -27.99 27.74
N LYS C 496 6.38 -27.65 26.52
CA LYS C 496 5.01 -27.23 26.28
C LYS C 496 4.10 -28.45 26.15
N GLU C 497 2.95 -28.39 26.82
CA GLU C 497 2.04 -29.53 26.91
C GLU C 497 0.61 -29.03 26.75
N TRP C 498 -0.27 -29.93 26.33
CA TRP C 498 -1.69 -29.66 26.21
C TRP C 498 -2.45 -30.52 27.21
N ASN C 499 -3.35 -29.90 27.97
CA ASN C 499 -4.19 -30.60 28.93
C ASN C 499 -5.65 -30.43 28.54
N GLY C 500 -6.38 -31.54 28.50
CA GLY C 500 -7.78 -31.50 28.17
C GLY C 500 -8.14 -32.18 26.86
N MET C 501 -9.13 -31.62 26.16
CA MET C 501 -9.57 -32.23 24.91
C MET C 501 -8.44 -32.25 23.88
N MET C 502 -7.74 -31.12 23.73
CA MET C 502 -6.60 -31.11 22.82
C MET C 502 -5.49 -32.03 23.30
N GLY C 503 -5.28 -32.09 24.62
CA GLY C 503 -4.27 -32.98 25.15
C GLY C 503 -4.54 -34.44 24.84
N GLU C 504 -5.81 -34.84 24.85
CA GLU C 504 -6.17 -36.20 24.49
C GLU C 504 -6.43 -36.37 23.00
N LEU C 505 -6.40 -35.29 22.22
CA LEU C 505 -6.44 -35.41 20.77
C LEU C 505 -5.04 -35.63 20.19
N LEU C 506 -4.07 -34.80 20.59
CA LEU C 506 -2.71 -34.96 20.09
C LEU C 506 -2.07 -36.25 20.60
N SER C 507 -2.52 -36.76 21.74
CA SER C 507 -1.96 -38.01 22.25
C SER C 507 -2.19 -39.16 21.28
N GLY C 508 -3.39 -39.25 20.72
CA GLY C 508 -3.63 -40.16 19.61
C GLY C 508 -4.56 -41.32 19.90
N GLN C 509 -5.41 -41.20 20.91
CA GLN C 509 -6.40 -42.23 21.21
C GLN C 509 -7.84 -41.78 20.99
N ALA C 510 -8.04 -40.62 20.36
CA ALA C 510 -9.35 -40.22 19.84
C ALA C 510 -9.20 -39.05 18.88
N ASP C 511 -9.58 -39.22 17.62
CA ASP C 511 -9.40 -38.16 16.63
C ASP C 511 -10.69 -37.95 15.82
N MET C 512 -11.66 -37.25 16.41
CA MET C 512 -12.62 -36.49 15.62
C MET C 512 -12.98 -35.21 16.34
N ILE C 513 -12.86 -35.22 17.67
CA ILE C 513 -13.22 -34.17 18.61
C ILE C 513 -14.35 -33.28 18.07
N VAL C 514 -15.59 -33.73 18.21
CA VAL C 514 -16.76 -32.96 17.78
C VAL C 514 -17.38 -32.36 19.03
N ALA C 515 -17.21 -31.06 19.19
CA ALA C 515 -17.70 -30.35 20.36
C ALA C 515 -17.59 -28.86 20.11
N PRO C 516 -18.17 -28.03 20.94
CA PRO C 516 -18.05 -26.57 20.74
C PRO C 516 -16.77 -25.96 21.32
N LEU C 517 -15.65 -26.06 20.59
CA LEU C 517 -14.41 -25.61 21.22
C LEU C 517 -14.19 -24.11 21.12
N THR C 518 -13.69 -23.66 19.96
CA THR C 518 -13.49 -22.27 19.59
C THR C 518 -12.70 -22.24 18.29
N ILE C 519 -12.44 -21.06 17.73
CA ILE C 519 -11.36 -20.89 16.76
C ILE C 519 -10.41 -19.83 17.29
N ASN C 520 -9.13 -20.18 17.33
CA ASN C 520 -8.11 -19.30 17.88
C ASN C 520 -6.85 -19.39 17.03
N ASN C 521 -6.24 -18.24 16.74
CA ASN C 521 -5.05 -18.23 15.90
C ASN C 521 -3.90 -18.99 16.57
N GLU C 522 -3.69 -18.76 17.86
CA GLU C 522 -2.67 -19.49 18.59
C GLU C 522 -2.98 -20.98 18.64
N ARG C 523 -4.26 -21.32 18.79
CA ARG C 523 -4.68 -22.72 18.92
C ARG C 523 -4.48 -23.53 17.65
N ALA C 524 -4.83 -22.95 16.49
CA ALA C 524 -5.01 -23.71 15.27
C ALA C 524 -3.75 -23.78 14.41
N GLN C 525 -2.58 -23.49 14.96
CA GLN C 525 -1.37 -23.52 14.14
C GLN C 525 -1.05 -24.94 13.67
N TYR C 526 -1.24 -25.95 14.53
CA TYR C 526 -1.00 -27.32 14.12
C TYR C 526 -2.17 -28.24 14.44
N ILE C 527 -3.37 -27.68 14.57
CA ILE C 527 -4.62 -28.44 14.51
C ILE C 527 -5.49 -27.77 13.46
N GLU C 528 -5.84 -28.51 12.42
CA GLU C 528 -6.52 -27.94 11.27
C GLU C 528 -8.02 -27.97 11.51
N PHE C 529 -8.62 -26.79 11.69
CA PHE C 529 -10.05 -26.69 11.88
C PHE C 529 -10.76 -26.86 10.54
N SER C 530 -12.08 -26.70 10.57
CA SER C 530 -12.88 -26.74 9.35
C SER C 530 -13.72 -25.47 9.28
N LYS C 531 -14.64 -25.42 8.33
CA LYS C 531 -15.54 -24.28 8.27
C LYS C 531 -16.39 -24.24 9.54
N PRO C 532 -16.40 -23.13 10.26
CA PRO C 532 -17.22 -23.05 11.47
C PRO C 532 -18.69 -23.23 11.16
N PHE C 533 -19.42 -23.83 12.10
CA PHE C 533 -20.86 -24.01 11.95
C PHE C 533 -21.67 -23.05 12.81
N LYS C 534 -21.03 -22.17 13.57
CA LYS C 534 -21.72 -21.09 14.27
C LYS C 534 -20.69 -20.08 14.73
N TYR C 535 -21.17 -18.87 15.00
CA TYR C 535 -20.33 -17.77 15.44
C TYR C 535 -20.77 -17.30 16.82
N GLN C 536 -19.93 -16.48 17.45
CA GLN C 536 -20.14 -16.09 18.84
C GLN C 536 -19.33 -14.85 19.15
N GLY C 537 -19.60 -14.27 20.31
CA GLY C 537 -18.85 -13.16 20.84
C GLY C 537 -18.78 -13.21 22.35
N LEU C 538 -17.59 -13.02 22.91
CA LEU C 538 -17.32 -13.38 24.30
C LEU C 538 -17.93 -12.33 25.23
N THR C 539 -19.22 -12.53 25.54
CA THR C 539 -20.00 -11.56 26.30
C THR C 539 -19.97 -11.87 27.81
N ILE C 540 -20.85 -11.22 28.57
CA ILE C 540 -20.81 -11.21 30.03
C ILE C 540 -22.21 -11.50 30.56
N LEU C 541 -22.27 -11.92 31.83
CA LEU C 541 -23.52 -12.21 32.52
C LEU C 541 -23.51 -11.58 33.90
N VAL C 542 -24.71 -11.29 34.43
CA VAL C 542 -24.84 -10.61 35.71
C VAL C 542 -26.23 -10.91 36.29
N LYS C 543 -26.35 -10.79 37.61
CA LYS C 543 -27.60 -11.00 38.31
C LYS C 543 -28.59 -9.87 38.01
N LYS C 544 -29.88 -10.16 38.17
CA LYS C 544 -30.95 -9.24 37.79
C LYS C 544 -31.18 -8.17 38.88
N GLU C 545 -30.08 -7.52 39.25
CA GLU C 545 -30.10 -6.28 40.05
C GLU C 545 -31.04 -6.36 41.25
N ILE C 546 -31.15 -7.54 41.86
CA ILE C 546 -32.00 -7.77 43.02
C ILE C 546 -33.43 -7.33 42.71
N PRO C 547 -34.07 -7.91 41.67
CA PRO C 547 -35.45 -7.55 41.31
C PRO C 547 -35.68 -6.05 41.16
N ARG C 548 -36.29 -5.42 42.18
CA ARG C 548 -36.61 -4.01 42.12
C ARG C 548 -36.66 -3.47 43.55
N SER C 549 -37.17 -2.26 43.70
CA SER C 549 -37.26 -1.59 44.99
C SER C 549 -38.67 -1.70 45.55
N THR C 550 -38.87 -1.13 46.74
CA THR C 550 -40.16 -1.17 47.42
C THR C 550 -40.38 0.18 48.09
N LEU C 551 -41.39 0.24 48.96
CA LEU C 551 -41.71 1.48 49.66
C LEU C 551 -40.98 1.62 50.98
N ASP C 552 -40.62 0.51 51.63
CA ASP C 552 -39.91 0.58 52.90
C ASP C 552 -38.48 1.08 52.73
N SER C 553 -37.92 1.00 51.51
CA SER C 553 -36.57 1.50 51.27
C SER C 553 -36.49 3.02 51.33
N PHE C 554 -37.64 3.71 51.26
CA PHE C 554 -37.65 5.16 51.35
C PHE C 554 -37.32 5.66 52.76
N MET C 555 -37.40 4.80 53.77
CA MET C 555 -37.04 5.19 55.12
C MET C 555 -35.57 5.54 55.24
N GLN C 556 -34.74 5.13 54.29
CA GLN C 556 -33.32 5.46 54.30
C GLN C 556 -33.00 6.34 53.09
N PRO C 557 -33.69 7.47 52.94
CA PRO C 557 -33.38 8.39 51.85
C PRO C 557 -32.29 9.37 52.25
N PHE C 558 -31.54 9.03 53.29
CA PHE C 558 -30.66 9.96 54.02
C PHE C 558 -31.47 10.98 54.80
N GLN C 559 -32.69 10.60 55.19
CA GLN C 559 -33.57 11.42 55.99
C GLN C 559 -33.48 11.11 57.48
N SER C 560 -32.58 10.22 57.90
CA SER C 560 -32.40 9.95 59.32
C SER C 560 -31.86 11.19 60.04
N THR C 561 -30.82 11.79 59.47
CA THR C 561 -30.31 13.04 60.03
C THR C 561 -31.33 14.16 59.93
N LEU C 562 -32.13 14.17 58.85
CA LEU C 562 -33.19 15.15 58.73
C LEU C 562 -34.22 15.02 59.84
N TRP C 563 -34.61 13.78 60.16
CA TRP C 563 -35.56 13.56 61.25
C TRP C 563 -34.95 13.89 62.60
N LEU C 564 -33.66 13.59 62.79
CA LEU C 564 -33.00 13.97 64.04
C LEU C 564 -32.98 15.49 64.21
N LEU C 565 -32.65 16.22 63.14
CA LEU C 565 -32.67 17.67 63.19
C LEU C 565 -34.09 18.20 63.40
N VAL C 566 -35.08 17.53 62.81
CA VAL C 566 -36.47 17.93 63.02
C VAL C 566 -36.87 17.76 64.49
N GLY C 567 -36.45 16.65 65.10
CA GLY C 567 -36.73 16.45 66.52
C GLY C 567 -36.05 17.48 67.39
N LEU C 568 -34.79 17.79 67.08
CA LEU C 568 -34.08 18.83 67.84
C LEU C 568 -34.76 20.18 67.69
N SER C 569 -35.18 20.52 66.46
CA SER C 569 -35.88 21.77 66.23
C SER C 569 -37.21 21.81 66.96
N VAL C 570 -37.92 20.67 67.01
CA VAL C 570 -39.19 20.61 67.74
C VAL C 570 -38.95 20.84 69.23
N HIS C 571 -37.90 20.22 69.78
CA HIS C 571 -37.59 20.43 71.19
C HIS C 571 -37.23 21.90 71.45
N VAL C 572 -36.44 22.51 70.57
CA VAL C 572 -36.06 23.91 70.75
C VAL C 572 -37.29 24.81 70.65
N VAL C 573 -38.18 24.52 69.72
CA VAL C 573 -39.39 25.32 69.54
C VAL C 573 -40.29 25.20 70.76
N ALA C 574 -40.43 23.98 71.31
CA ALA C 574 -41.22 23.80 72.52
C ALA C 574 -40.61 24.57 73.69
N VAL C 575 -39.29 24.52 73.83
CA VAL C 575 -38.63 25.24 74.92
C VAL C 575 -38.84 26.74 74.77
N MET C 576 -38.71 27.26 73.55
CA MET C 576 -38.84 28.70 73.34
C MET C 576 -40.28 29.16 73.53
N LEU C 577 -41.25 28.39 73.03
CA LEU C 577 -42.65 28.81 73.12
C LEU C 577 -43.19 28.62 74.53
N TYR C 578 -42.61 27.70 75.31
CA TYR C 578 -43.06 27.52 76.69
C TYR C 578 -42.76 28.73 77.56
N LEU C 579 -41.84 29.58 77.14
CA LEU C 579 -41.50 30.79 77.90
C LEU C 579 -42.28 31.99 77.39
N LEU C 603 -45.42 25.85 78.80
CA LEU C 603 -46.72 25.96 78.14
C LEU C 603 -47.04 24.70 77.35
N SER C 604 -47.95 23.88 77.88
CA SER C 604 -48.34 22.66 77.18
C SER C 604 -49.09 22.98 75.88
N SER C 605 -49.91 24.03 75.89
CA SER C 605 -50.65 24.40 74.70
C SER C 605 -49.71 24.81 73.56
N ALA C 606 -48.64 25.55 73.90
CA ALA C 606 -47.68 25.95 72.88
C ALA C 606 -46.99 24.73 72.26
N MET C 607 -46.60 23.77 73.10
CA MET C 607 -45.99 22.55 72.58
C MET C 607 -46.95 21.76 71.71
N TRP C 608 -48.22 21.68 72.13
CA TRP C 608 -49.22 20.97 71.33
C TRP C 608 -49.42 21.66 69.98
N PHE C 609 -49.48 22.99 69.98
CA PHE C 609 -49.63 23.72 68.71
C PHE C 609 -48.42 23.53 67.82
N SER C 610 -47.21 23.52 68.39
CA SER C 610 -46.01 23.28 67.60
C SER C 610 -46.02 21.88 67.01
N TRP C 611 -46.45 20.89 67.79
CA TRP C 611 -46.55 19.54 67.26
C TRP C 611 -47.59 19.45 66.15
N GLY C 612 -48.72 20.13 66.31
CA GLY C 612 -49.74 20.12 65.27
C GLY C 612 -49.26 20.77 63.99
N VAL C 613 -48.53 21.88 64.11
CA VAL C 613 -47.95 22.51 62.93
C VAL C 613 -46.93 21.58 62.28
N LEU C 614 -46.10 20.93 63.09
CA LEU C 614 -45.10 20.00 62.59
C LEU C 614 -45.75 18.67 62.21
N SER C 628 -45.42 39.41 69.54
CA SER C 628 -44.48 38.66 70.36
C SER C 628 -44.47 37.20 69.98
N ALA C 629 -45.42 36.44 70.54
CA ALA C 629 -45.52 35.02 70.21
C ALA C 629 -45.92 34.81 68.75
N ARG C 630 -46.61 35.78 68.15
CA ARG C 630 -47.04 35.65 66.77
C ARG C 630 -45.84 35.57 65.84
N ILE C 631 -44.81 36.38 66.08
CA ILE C 631 -43.62 36.36 65.22
C ILE C 631 -42.91 35.01 65.31
N LEU C 632 -42.74 34.50 66.54
CA LEU C 632 -42.10 33.21 66.71
C LEU C 632 -42.92 32.09 66.05
N GLY C 633 -44.24 32.14 66.20
CA GLY C 633 -45.08 31.15 65.54
C GLY C 633 -44.99 31.21 64.04
N MET C 634 -44.96 32.42 63.47
CA MET C 634 -44.81 32.57 62.03
C MET C 634 -43.46 32.04 61.55
N VAL C 635 -42.41 32.31 62.31
CA VAL C 635 -41.08 31.81 61.95
C VAL C 635 -41.07 30.29 61.97
N TRP C 636 -41.65 29.70 63.02
CA TRP C 636 -41.70 28.25 63.12
C TRP C 636 -42.50 27.63 61.99
N ALA C 637 -43.64 28.26 61.65
CA ALA C 637 -44.47 27.74 60.57
C ALA C 637 -43.76 27.82 59.23
N GLY C 638 -43.09 28.94 58.95
CA GLY C 638 -42.33 29.05 57.71
C GLY C 638 -41.20 28.05 57.64
N PHE C 639 -40.49 27.85 58.75
CA PHE C 639 -39.42 26.86 58.77
C PHE C 639 -39.96 25.45 58.54
N ALA C 640 -41.09 25.12 59.18
CA ALA C 640 -41.69 23.80 58.98
C ALA C 640 -42.12 23.60 57.54
N MET C 641 -42.74 24.61 56.93
CA MET C 641 -43.17 24.49 55.55
C MET C 641 -41.99 24.33 54.61
N ILE C 642 -40.93 25.12 54.82
CA ILE C 642 -39.73 25.00 53.98
C ILE C 642 -39.11 23.63 54.14
N ILE C 643 -39.03 23.13 55.39
CA ILE C 643 -38.45 21.82 55.64
C ILE C 643 -39.26 20.73 54.96
N VAL C 644 -40.59 20.82 55.04
CA VAL C 644 -41.44 19.80 54.43
C VAL C 644 -41.28 19.81 52.92
N ALA C 645 -41.27 21.00 52.32
CA ALA C 645 -41.09 21.08 50.87
C ALA C 645 -39.73 20.54 50.45
N SER C 646 -38.68 20.89 51.18
CA SER C 646 -37.35 20.41 50.87
C SER C 646 -37.26 18.90 51.01
N TYR C 647 -37.88 18.35 52.06
CA TYR C 647 -37.86 16.91 52.26
C TYR C 647 -38.61 16.19 51.13
N THR C 648 -39.75 16.73 50.72
CA THR C 648 -40.49 16.11 49.62
C THR C 648 -39.67 16.16 48.33
N ALA C 649 -39.03 17.30 48.05
CA ALA C 649 -38.22 17.43 46.84
C ALA C 649 -37.04 16.46 46.87
N ASN C 650 -36.36 16.37 48.02
CA ASN C 650 -35.21 15.47 48.12
C ASN C 650 -35.63 14.01 48.00
N LEU C 651 -36.76 13.64 48.61
CA LEU C 651 -37.25 12.27 48.49
C LEU C 651 -37.61 11.94 47.06
N ALA C 652 -38.26 12.88 46.35
CA ALA C 652 -38.59 12.65 44.95
C ALA C 652 -37.33 12.50 44.11
N ALA C 653 -36.32 13.34 44.37
CA ALA C 653 -35.06 13.23 43.63
C ALA C 653 -34.37 11.90 43.89
N PHE C 654 -34.35 11.46 45.15
CA PHE C 654 -33.72 10.18 45.48
C PHE C 654 -34.46 9.02 44.84
N LEU C 655 -35.80 9.05 44.87
CA LEU C 655 -36.57 7.97 44.25
C LEU C 655 -36.46 8.00 42.74
N VAL C 656 -36.16 9.17 42.16
CA VAL C 656 -36.00 9.26 40.71
C VAL C 656 -34.79 8.48 40.22
N LEU C 657 -33.85 8.17 41.11
CA LEU C 657 -32.66 7.42 40.73
C LEU C 657 -33.01 5.95 40.52
N ASP C 658 -33.42 5.59 39.30
CA ASP C 658 -33.85 4.24 38.98
C ASP C 658 -32.90 3.62 37.96
N ARG C 659 -32.71 2.30 38.10
CA ARG C 659 -31.80 1.51 37.28
C ARG C 659 -30.41 2.12 37.29
N PRO C 660 -29.91 2.56 38.45
CA PRO C 660 -28.56 3.11 38.50
C PRO C 660 -27.53 2.08 38.95
N GLU C 661 -26.35 2.10 38.30
CA GLU C 661 -25.24 1.23 38.66
C GLU C 661 -25.66 -0.24 38.69
N GLU C 662 -26.45 -0.64 37.70
CA GLU C 662 -26.92 -2.02 37.59
C GLU C 662 -26.53 -2.69 36.29
N ARG C 663 -25.86 -1.98 35.39
CA ARG C 663 -25.43 -2.52 34.11
C ARG C 663 -23.96 -2.22 33.90
N ILE C 664 -23.30 -3.09 33.13
CA ILE C 664 -21.88 -2.97 32.84
C ILE C 664 -21.72 -2.75 31.34
N THR C 665 -20.86 -1.80 30.97
CA THR C 665 -20.72 -1.42 29.57
C THR C 665 -19.92 -2.47 28.80
N GLY C 666 -18.67 -2.68 29.17
CA GLY C 666 -17.83 -3.59 28.44
C GLY C 666 -16.58 -3.95 29.21
N ILE C 667 -15.59 -4.43 28.47
CA ILE C 667 -14.31 -4.81 29.07
C ILE C 667 -13.62 -3.61 29.71
N ASN C 668 -13.87 -2.41 29.21
CA ASN C 668 -13.24 -1.20 29.73
C ASN C 668 -14.29 -0.42 30.53
N ASP C 669 -14.06 -0.32 31.83
CA ASP C 669 -14.99 0.33 32.76
C ASP C 669 -14.28 0.47 34.10
N PRO C 670 -14.56 1.53 34.88
CA PRO C 670 -13.89 1.67 36.19
C PRO C 670 -14.13 0.50 37.13
N ARG C 671 -15.31 -0.11 37.08
CA ARG C 671 -15.56 -1.29 37.90
C ARG C 671 -14.61 -2.42 37.52
N LEU C 672 -14.42 -2.64 36.21
CA LEU C 672 -13.62 -3.78 35.77
C LEU C 672 -12.13 -3.57 36.01
N ARG C 673 -11.61 -2.39 35.68
CA ARG C 673 -10.16 -2.20 35.77
C ARG C 673 -9.64 -2.22 37.20
N ASN C 674 -10.49 -1.94 38.19
CA ASN C 674 -10.06 -1.93 39.59
C ASN C 674 -11.22 -2.30 40.50
N PRO C 675 -11.44 -3.58 40.73
CA PRO C 675 -12.25 -4.02 41.87
C PRO C 675 -11.40 -4.08 43.13
N SER C 676 -12.07 -4.04 44.29
CA SER C 676 -11.35 -4.08 45.55
C SER C 676 -11.62 -5.34 46.35
N ASP C 677 -12.87 -5.58 46.75
CA ASP C 677 -13.23 -6.84 47.40
C ASP C 677 -14.59 -7.39 47.02
N LYS C 678 -15.47 -6.60 46.40
CA LYS C 678 -16.89 -6.93 46.33
C LYS C 678 -17.34 -7.27 44.92
N PHE C 679 -16.53 -7.00 43.90
CA PHE C 679 -17.01 -7.12 42.53
C PHE C 679 -16.26 -8.22 41.79
N ILE C 680 -16.12 -9.39 42.44
CA ILE C 680 -15.36 -10.48 41.85
C ILE C 680 -16.04 -10.94 40.56
N TYR C 681 -15.26 -11.01 39.49
CA TYR C 681 -15.72 -11.53 38.21
C TYR C 681 -14.69 -12.55 37.72
N ALA C 682 -15.16 -13.69 37.23
CA ALA C 682 -14.27 -14.79 36.92
C ALA C 682 -14.82 -15.59 35.75
N THR C 683 -14.08 -16.62 35.36
CA THR C 683 -14.47 -17.52 34.30
C THR C 683 -13.99 -18.92 34.67
N VAL C 684 -14.03 -19.84 33.70
CA VAL C 684 -13.71 -21.23 33.96
C VAL C 684 -12.22 -21.46 33.72
N LYS C 685 -11.68 -22.49 34.36
CA LYS C 685 -10.24 -22.62 34.52
C LYS C 685 -9.56 -23.05 33.22
N GLN C 686 -8.53 -22.30 32.84
CA GLN C 686 -7.70 -22.51 31.65
C GLN C 686 -8.50 -23.01 30.45
N SER C 687 -9.47 -22.22 30.04
CA SER C 687 -10.25 -22.42 28.84
C SER C 687 -9.84 -21.38 27.80
N SER C 688 -10.58 -21.34 26.69
CA SER C 688 -10.20 -20.47 25.57
C SER C 688 -10.14 -19.00 26.00
N VAL C 689 -11.06 -18.57 26.86
CA VAL C 689 -11.07 -17.17 27.29
C VAL C 689 -9.82 -16.83 28.10
N ASP C 690 -9.34 -17.78 28.91
CA ASP C 690 -8.24 -17.49 29.82
C ASP C 690 -6.97 -17.13 29.06
N ILE C 691 -6.62 -17.93 28.04
CA ILE C 691 -5.40 -17.66 27.30
C ILE C 691 -5.57 -16.43 26.42
N TYR C 692 -6.80 -16.11 26.01
CA TYR C 692 -7.00 -14.87 25.27
C TYR C 692 -6.74 -13.65 26.13
N PHE C 693 -7.31 -13.63 27.34
CA PHE C 693 -7.07 -12.48 28.22
C PHE C 693 -5.62 -12.42 28.69
N ARG C 694 -4.94 -13.57 28.83
CA ARG C 694 -3.53 -13.52 29.19
C ARG C 694 -2.67 -13.02 28.04
N ARG C 695 -2.99 -13.43 26.81
CA ARG C 695 -2.08 -13.22 25.69
C ARG C 695 -1.99 -11.75 25.30
N GLN C 696 -3.12 -11.14 24.99
CA GLN C 696 -3.12 -9.79 24.41
C GLN C 696 -2.65 -8.81 25.46
N VAL C 697 -1.37 -8.41 25.36
CA VAL C 697 -0.80 -7.47 26.32
C VAL C 697 -1.38 -6.07 26.17
N GLU C 698 -2.13 -5.84 25.09
CA GLU C 698 -2.82 -4.56 24.92
C GLU C 698 -3.71 -4.26 26.12
N LEU C 699 -4.30 -5.29 26.73
CA LEU C 699 -4.98 -5.15 28.02
C LEU C 699 -4.64 -6.39 28.83
N SER C 700 -3.89 -6.21 29.91
CA SER C 700 -3.40 -7.34 30.69
C SER C 700 -3.41 -7.08 32.19
N THR C 701 -4.06 -6.01 32.65
CA THR C 701 -3.99 -5.65 34.06
C THR C 701 -4.95 -6.51 34.90
N MET C 702 -6.24 -6.49 34.54
CA MET C 702 -7.26 -7.13 35.38
C MET C 702 -7.08 -8.65 35.48
N TYR C 703 -6.29 -9.24 34.58
CA TYR C 703 -6.17 -10.70 34.54
C TYR C 703 -5.75 -11.26 35.89
N ARG C 704 -5.00 -10.49 36.67
CA ARG C 704 -4.58 -10.93 38.00
C ARG C 704 -5.77 -11.41 38.82
N HIS C 705 -6.85 -10.63 38.86
CA HIS C 705 -7.98 -11.01 39.71
C HIS C 705 -8.53 -12.36 39.31
N MET C 706 -8.41 -12.72 38.03
CA MET C 706 -8.96 -13.98 37.56
C MET C 706 -8.24 -15.19 38.14
N GLU C 707 -6.94 -15.08 38.45
CA GLU C 707 -6.34 -16.24 39.07
C GLU C 707 -6.69 -16.36 40.54
N LYS C 708 -7.42 -15.40 41.11
CA LYS C 708 -7.96 -15.58 42.44
C LYS C 708 -9.21 -16.45 42.44
N HIS C 709 -9.90 -16.56 41.31
CA HIS C 709 -11.16 -17.29 41.23
C HIS C 709 -11.30 -17.89 39.84
N ASN C 710 -11.33 -19.23 39.77
CA ASN C 710 -11.48 -19.93 38.50
C ASN C 710 -12.07 -21.30 38.81
N TYR C 711 -13.26 -21.58 38.26
CA TYR C 711 -13.98 -22.78 38.63
C TYR C 711 -13.78 -23.89 37.59
N GLU C 712 -14.41 -25.04 37.87
CA GLU C 712 -14.13 -26.25 37.11
C GLU C 712 -14.90 -26.29 35.80
N SER C 713 -16.19 -25.98 35.85
CA SER C 713 -17.03 -26.07 34.66
C SER C 713 -18.11 -24.99 34.73
N ALA C 714 -18.77 -24.79 33.58
CA ALA C 714 -19.70 -23.66 33.46
C ALA C 714 -20.83 -23.75 34.49
N ALA C 715 -21.45 -24.91 34.61
CA ALA C 715 -22.64 -25.04 35.46
C ALA C 715 -22.33 -24.69 36.91
N GLU C 716 -21.13 -25.01 37.39
CA GLU C 716 -20.77 -24.69 38.77
C GLU C 716 -20.80 -23.19 39.00
N ALA C 717 -20.12 -22.43 38.14
CA ALA C 717 -20.10 -20.97 38.30
C ALA C 717 -21.48 -20.37 38.04
N ILE C 718 -22.29 -21.01 37.20
CA ILE C 718 -23.65 -20.52 37.00
C ILE C 718 -24.47 -20.64 38.27
N GLN C 719 -24.37 -21.80 38.93
CA GLN C 719 -25.04 -21.96 40.22
C GLN C 719 -24.48 -20.97 41.24
N ALA C 720 -23.18 -20.67 41.14
CA ALA C 720 -22.58 -19.70 42.05
C ALA C 720 -23.17 -18.32 41.84
N VAL C 721 -23.26 -17.87 40.59
CA VAL C 721 -23.77 -16.53 40.31
C VAL C 721 -25.26 -16.45 40.60
N ARG C 722 -25.96 -17.58 40.54
CA ARG C 722 -27.37 -17.59 40.93
C ARG C 722 -27.54 -17.14 42.37
N ASP C 723 -26.74 -17.68 43.28
CA ASP C 723 -26.85 -17.37 44.70
C ASP C 723 -25.88 -16.28 45.13
N ASN C 724 -25.88 -15.15 44.41
CA ASN C 724 -25.21 -13.92 44.83
C ASN C 724 -23.72 -14.13 45.12
N LYS C 725 -23.02 -14.73 44.16
CA LYS C 725 -21.56 -14.83 44.18
C LYS C 725 -21.06 -14.59 42.76
N LEU C 726 -19.81 -14.14 42.64
CA LEU C 726 -19.21 -13.88 41.34
C LEU C 726 -20.09 -12.95 40.51
N HIS C 727 -20.17 -11.69 40.98
CA HIS C 727 -21.08 -10.69 40.46
C HIS C 727 -21.20 -10.68 38.94
N ALA C 728 -20.11 -10.96 38.23
CA ALA C 728 -20.11 -10.99 36.77
C ALA C 728 -19.50 -12.28 36.28
N PHE C 729 -20.26 -13.04 35.50
CA PHE C 729 -19.76 -14.18 34.74
C PHE C 729 -19.44 -13.74 33.32
N ILE C 730 -18.30 -14.18 32.82
CA ILE C 730 -17.77 -13.72 31.54
C ILE C 730 -17.37 -14.96 30.74
N TRP C 731 -18.21 -15.34 29.78
CA TRP C 731 -18.09 -16.63 29.10
C TRP C 731 -18.61 -16.47 27.67
N ASP C 732 -18.86 -17.59 27.00
CA ASP C 732 -19.22 -17.60 25.59
C ASP C 732 -20.60 -16.97 25.39
N SER C 733 -21.05 -16.93 24.13
CA SER C 733 -22.26 -16.21 23.77
C SER C 733 -23.48 -17.10 23.60
N ALA C 734 -23.37 -18.17 22.82
CA ALA C 734 -24.55 -19.00 22.53
C ALA C 734 -25.06 -19.67 23.80
N VAL C 735 -24.15 -20.33 24.55
CA VAL C 735 -24.54 -20.98 25.79
C VAL C 735 -25.12 -19.97 26.78
N LEU C 736 -24.48 -18.81 26.90
CA LEU C 736 -24.94 -17.80 27.84
C LEU C 736 -26.33 -17.29 27.48
N GLU C 737 -26.56 -17.03 26.20
CA GLU C 737 -27.86 -16.52 25.78
C GLU C 737 -28.95 -17.56 26.02
N PHE C 738 -28.68 -18.82 25.67
CA PHE C 738 -29.67 -19.86 25.95
C PHE C 738 -29.98 -19.93 27.43
N GLU C 739 -28.94 -19.91 28.27
CA GLU C 739 -29.15 -20.01 29.70
C GLU C 739 -29.96 -18.84 30.22
N ALA C 740 -29.58 -17.61 29.85
CA ALA C 740 -30.28 -16.44 30.32
C ALA C 740 -31.71 -16.38 29.79
N SER C 741 -32.00 -17.03 28.67
CA SER C 741 -33.38 -17.12 28.20
C SER C 741 -34.13 -18.31 28.80
N GLN C 742 -33.43 -19.20 29.50
CA GLN C 742 -34.07 -20.33 30.16
C GLN C 742 -34.36 -20.07 31.63
N LYS C 743 -33.35 -19.68 32.39
CA LYS C 743 -33.52 -19.35 33.82
C LYS C 743 -33.79 -17.86 33.90
N CYS C 744 -35.04 -17.48 34.17
CA CYS C 744 -35.45 -16.09 34.10
C CYS C 744 -35.09 -15.35 35.40
N ASP C 745 -33.83 -15.51 35.80
CA ASP C 745 -33.28 -14.81 36.96
C ASP C 745 -31.98 -14.08 36.67
N LEU C 746 -31.31 -14.35 35.55
CA LEU C 746 -30.07 -13.68 35.18
C LEU C 746 -30.17 -13.17 33.76
N VAL C 747 -29.60 -11.99 33.51
CA VAL C 747 -29.61 -11.37 32.20
C VAL C 747 -28.21 -10.90 31.84
N THR C 748 -27.98 -10.74 30.54
CA THR C 748 -26.67 -10.38 30.01
C THR C 748 -26.66 -8.94 29.55
N THR C 749 -25.56 -8.24 29.83
CA THR C 749 -25.40 -6.84 29.47
C THR C 749 -24.19 -6.68 28.55
N GLY C 750 -23.94 -5.43 28.16
CA GLY C 750 -22.76 -5.12 27.38
C GLY C 750 -22.93 -5.39 25.91
N GLU C 751 -21.80 -5.37 25.21
CA GLU C 751 -21.75 -5.66 23.78
C GLU C 751 -20.60 -6.62 23.50
N LEU C 752 -20.73 -7.36 22.42
CA LEU C 752 -19.83 -8.47 22.12
C LEU C 752 -18.44 -7.95 21.77
N PHE C 753 -17.45 -8.81 21.98
CA PHE C 753 -16.07 -8.50 21.58
C PHE C 753 -15.35 -9.83 21.38
N PHE C 754 -14.17 -9.75 20.74
CA PHE C 754 -13.37 -10.93 20.43
C PHE C 754 -14.21 -11.97 19.69
N ARG C 755 -14.65 -11.60 18.49
CA ARG C 755 -15.49 -12.50 17.70
C ARG C 755 -14.69 -13.72 17.26
N SER C 756 -15.41 -14.81 17.01
CA SER C 756 -14.82 -16.08 16.62
C SER C 756 -15.96 -17.03 16.26
N GLY C 757 -15.59 -18.25 15.88
CA GLY C 757 -16.55 -19.28 15.57
C GLY C 757 -16.21 -20.59 16.26
N PHE C 758 -17.19 -21.49 16.28
CA PHE C 758 -16.95 -22.83 16.80
C PHE C 758 -16.30 -23.65 15.69
N GLY C 759 -16.18 -24.96 15.88
CA GLY C 759 -15.58 -25.76 14.83
C GLY C 759 -15.47 -27.20 15.24
N ILE C 760 -14.91 -28.00 14.32
CA ILE C 760 -14.72 -29.43 14.51
C ILE C 760 -13.25 -29.70 14.23
N GLY C 761 -12.45 -29.80 15.29
CA GLY C 761 -11.03 -30.03 15.10
C GLY C 761 -10.73 -31.42 14.60
N MET C 762 -9.56 -31.55 13.97
CA MET C 762 -9.04 -32.84 13.54
C MET C 762 -7.53 -32.81 13.69
N ARG C 763 -6.93 -33.99 13.76
CA ARG C 763 -5.47 -34.03 13.86
C ARG C 763 -4.85 -33.65 12.53
N LYS C 764 -3.52 -33.59 12.49
CA LYS C 764 -2.84 -32.97 11.36
C LYS C 764 -3.08 -33.73 10.05
N ASP C 765 -3.90 -33.15 9.19
CA ASP C 765 -4.25 -33.69 7.87
C ASP C 765 -4.65 -35.17 7.97
N SER C 766 -5.75 -35.38 8.69
CA SER C 766 -6.39 -36.68 8.70
C SER C 766 -7.09 -36.91 7.36
N PRO C 767 -7.27 -38.16 6.96
CA PRO C 767 -7.78 -38.43 5.61
C PRO C 767 -9.25 -38.13 5.39
N TRP C 768 -9.90 -37.45 6.33
CA TRP C 768 -11.28 -37.02 6.15
C TRP C 768 -11.43 -35.52 5.98
N LYS C 769 -10.32 -34.78 5.89
CA LYS C 769 -10.37 -33.33 6.04
C LYS C 769 -11.24 -32.67 4.97
N GLN C 770 -11.10 -33.09 3.71
CA GLN C 770 -11.81 -32.42 2.63
C GLN C 770 -13.31 -32.61 2.74
N ASN C 771 -13.75 -33.86 2.88
CA ASN C 771 -15.17 -34.16 2.76
C ASN C 771 -15.97 -33.63 3.95
N VAL C 772 -15.39 -33.57 5.15
CA VAL C 772 -16.12 -33.05 6.29
C VAL C 772 -16.40 -31.56 6.12
N SER C 773 -15.39 -30.80 5.67
CA SER C 773 -15.61 -29.39 5.38
C SER C 773 -16.61 -29.21 4.26
N LEU C 774 -16.52 -30.05 3.22
CA LEU C 774 -17.48 -29.97 2.12
C LEU C 774 -18.91 -30.18 2.64
N SER C 775 -19.09 -31.20 3.47
CA SER C 775 -20.43 -31.51 3.98
C SER C 775 -20.96 -30.38 4.86
N ILE C 776 -20.11 -29.84 5.75
CA ILE C 776 -20.59 -28.81 6.66
C ILE C 776 -20.90 -27.52 5.90
N LEU C 777 -20.13 -27.21 4.84
CA LEU C 777 -20.43 -26.03 4.06
C LEU C 777 -21.65 -26.22 3.18
N LYS C 778 -21.91 -27.44 2.72
CA LYS C 778 -23.11 -27.67 1.91
C LYS C 778 -24.37 -27.71 2.78
N SER C 779 -24.25 -28.18 4.01
CA SER C 779 -25.38 -28.17 4.93
C SER C 779 -25.54 -26.84 5.64
N HIS C 780 -24.55 -25.95 5.54
CA HIS C 780 -24.76 -24.58 5.98
C HIS C 780 -25.82 -23.90 5.13
N GLU C 781 -25.97 -24.34 3.89
CA GLU C 781 -27.09 -23.98 3.04
C GLU C 781 -28.27 -24.88 3.37
N ASN C 782 -29.29 -24.90 2.51
CA ASN C 782 -30.54 -25.62 2.71
C ASN C 782 -31.09 -25.37 4.11
N GLY C 783 -31.74 -26.37 4.71
CA GLY C 783 -32.39 -26.14 5.98
C GLY C 783 -31.83 -26.87 7.18
N PHE C 784 -30.86 -27.78 6.97
CA PHE C 784 -30.40 -28.62 8.08
C PHE C 784 -29.80 -27.78 9.19
N MET C 785 -28.88 -26.86 8.86
CA MET C 785 -28.40 -25.95 9.89
C MET C 785 -29.55 -25.11 10.43
N GLU C 786 -30.43 -24.63 9.55
CA GLU C 786 -31.52 -23.79 9.99
C GLU C 786 -32.48 -24.54 10.90
N ASP C 787 -32.94 -25.73 10.50
CA ASP C 787 -33.94 -26.40 11.32
C ASP C 787 -33.31 -26.98 12.59
N LEU C 788 -32.01 -27.31 12.55
CA LEU C 788 -31.32 -27.67 13.79
C LEU C 788 -31.30 -26.49 14.75
N ASP C 789 -30.90 -25.32 14.26
CA ASP C 789 -30.95 -24.10 15.05
C ASP C 789 -32.34 -23.89 15.64
N LYS C 790 -33.37 -24.17 14.85
CA LYS C 790 -34.74 -23.93 15.32
C LYS C 790 -35.13 -24.92 16.41
N THR C 791 -34.84 -26.21 16.20
CA THR C 791 -35.36 -27.22 17.12
C THR C 791 -34.60 -27.23 18.44
N TRP C 792 -33.28 -27.03 18.40
CA TRP C 792 -32.50 -27.26 19.61
C TRP C 792 -32.31 -26.00 20.44
N VAL C 793 -31.69 -24.97 19.87
CA VAL C 793 -31.36 -23.78 20.64
C VAL C 793 -32.45 -22.74 20.43
N ARG C 794 -32.56 -21.84 21.42
CA ARG C 794 -33.57 -20.78 21.47
C ARG C 794 -34.96 -21.44 21.59
N TYR C 795 -36.02 -20.71 21.25
CA TYR C 795 -37.40 -21.16 21.40
C TYR C 795 -37.69 -21.51 22.86
N GLN C 796 -37.67 -20.45 23.68
CA GLN C 796 -37.93 -20.57 25.11
C GLN C 796 -38.81 -19.39 25.53
N GLU C 797 -38.88 -19.17 26.84
CA GLU C 797 -39.71 -18.09 27.38
C GLU C 797 -39.26 -16.71 26.90
N CYS C 798 -37.98 -16.53 26.63
CA CYS C 798 -37.44 -15.25 26.17
C CYS C 798 -37.78 -14.11 27.15
N CYS D 1 34.69 -62.69 55.80
CA CYS D 1 36.07 -62.23 55.67
C CYS D 1 36.98 -63.35 55.14
N GLN D 2 36.36 -64.38 54.58
CA GLN D 2 37.13 -65.49 54.03
C GLN D 2 37.95 -65.06 52.82
N ILE D 3 37.42 -64.16 52.01
CA ILE D 3 38.14 -63.68 50.83
C ILE D 3 39.41 -62.94 51.25
N LEU D 4 39.30 -62.09 52.28
CA LEU D 4 40.48 -61.37 52.76
C LEU D 4 41.54 -62.32 53.30
N LYS D 5 41.12 -63.34 54.06
CA LYS D 5 42.07 -64.31 54.59
C LYS D 5 42.75 -65.09 53.46
N ARG D 6 41.98 -65.48 52.44
CA ARG D 6 42.56 -66.21 51.32
C ARG D 6 43.54 -65.33 50.53
N ILE D 7 43.21 -64.05 50.35
CA ILE D 7 44.06 -63.15 49.58
C ILE D 7 45.00 -62.39 50.50
N GLY D 8 45.04 -62.78 51.77
CA GLY D 8 45.92 -62.13 52.72
C GLY D 8 45.51 -60.74 53.13
N HIS D 9 44.23 -60.38 52.94
CA HIS D 9 43.70 -59.07 53.28
C HIS D 9 44.43 -57.95 52.55
N ALA D 10 44.96 -58.25 51.37
CA ALA D 10 45.68 -57.29 50.56
C ALA D 10 45.33 -57.48 49.09
N VAL D 11 45.37 -56.38 48.34
CA VAL D 11 45.10 -56.39 46.91
C VAL D 11 46.43 -56.21 46.19
N ARG D 12 46.76 -57.18 45.33
CA ARG D 12 48.03 -57.18 44.61
C ARG D 12 47.82 -56.74 43.17
N VAL D 13 48.73 -55.89 42.69
CA VAL D 13 48.70 -55.38 41.32
C VAL D 13 50.03 -55.71 40.66
N GLY D 14 49.96 -56.25 39.44
CA GLY D 14 51.18 -56.61 38.73
C GLY D 14 51.79 -55.41 38.02
N ALA D 15 53.12 -55.33 38.07
CA ALA D 15 53.87 -54.29 37.39
C ALA D 15 54.95 -54.95 36.55
N VAL D 16 54.85 -54.80 35.23
CA VAL D 16 55.77 -55.43 34.29
C VAL D 16 56.32 -54.36 33.37
N HIS D 17 57.64 -54.36 33.19
CA HIS D 17 58.31 -53.44 32.28
C HIS D 17 58.79 -54.22 31.07
N LEU D 18 58.20 -53.96 29.91
CA LEU D 18 58.61 -54.64 28.69
C LEU D 18 60.04 -54.27 28.30
N GLN D 19 60.40 -53.01 28.45
CA GLN D 19 61.75 -52.56 28.11
C GLN D 19 62.19 -51.42 29.03
N PRO D 87 60.65 -47.26 36.60
CA PRO D 87 59.20 -47.31 36.75
C PRO D 87 58.78 -47.99 38.06
N ARG D 88 59.67 -48.80 38.62
CA ARG D 88 59.38 -49.47 39.89
C ARG D 88 59.21 -48.47 41.03
N ASP D 89 60.06 -47.44 41.06
CA ASP D 89 59.95 -46.42 42.10
C ASP D 89 58.63 -45.67 41.99
N ALA D 90 58.22 -45.33 40.77
CA ALA D 90 56.94 -44.64 40.58
C ALA D 90 55.78 -45.52 41.02
N LEU D 91 55.82 -46.81 40.69
CA LEU D 91 54.75 -47.72 41.10
C LEU D 91 54.71 -47.86 42.62
N LEU D 92 55.87 -47.96 43.27
CA LEU D 92 55.90 -48.06 44.72
C LEU D 92 55.36 -46.79 45.37
N PHE D 93 55.74 -45.62 44.84
CA PHE D 93 55.23 -44.37 45.38
C PHE D 93 53.72 -44.26 45.19
N ALA D 94 53.22 -44.68 44.03
CA ALA D 94 51.78 -44.67 43.79
C ALA D 94 51.05 -45.60 44.76
N VAL D 95 51.59 -46.80 44.99
CA VAL D 95 50.97 -47.73 45.93
C VAL D 95 50.96 -47.16 47.33
N ASP D 96 52.08 -46.55 47.75
CA ASP D 96 52.14 -45.95 49.08
C ASP D 96 51.14 -44.80 49.22
N ASN D 97 51.02 -43.96 48.19
CA ASN D 97 50.06 -42.86 48.23
C ASN D 97 48.64 -43.37 48.29
N LEU D 98 48.33 -44.42 47.53
CA LEU D 98 46.99 -45.00 47.57
C LEU D 98 46.68 -45.59 48.94
N ASN D 99 47.67 -46.28 49.54
CA ASN D 99 47.48 -46.85 50.86
C ASN D 99 47.34 -45.78 51.92
N ARG D 100 47.99 -44.62 51.73
CA ARG D 100 47.89 -43.53 52.68
C ARG D 100 46.52 -42.86 52.69
N VAL D 101 45.68 -43.13 51.69
CA VAL D 101 44.33 -42.56 51.61
C VAL D 101 43.33 -43.63 52.00
N GLU D 102 42.52 -43.34 53.01
CA GLU D 102 41.52 -44.28 53.49
C GLU D 102 40.35 -44.35 52.51
N GLY D 103 39.75 -45.53 52.41
CA GLY D 103 38.64 -45.76 51.52
C GLY D 103 39.01 -46.12 50.10
N LEU D 104 40.30 -46.17 49.78
CA LEU D 104 40.71 -46.55 48.43
C LEU D 104 40.34 -48.00 48.13
N LEU D 105 40.50 -48.89 49.11
CA LEU D 105 40.16 -50.30 48.94
C LEU D 105 39.20 -50.74 50.02
N PRO D 106 38.29 -51.66 49.70
CA PRO D 106 37.31 -52.11 50.70
C PRO D 106 37.92 -53.10 51.68
N TYR D 107 37.22 -53.26 52.81
CA TYR D 107 37.59 -54.21 53.86
C TYR D 107 38.98 -53.91 54.42
N ASN D 108 39.37 -52.64 54.43
CA ASN D 108 40.67 -52.20 54.96
C ASN D 108 41.82 -52.93 54.28
N LEU D 109 41.68 -53.18 52.98
CA LEU D 109 42.73 -53.86 52.23
C LEU D 109 43.94 -52.96 52.04
N SER D 110 45.10 -53.58 51.86
CA SER D 110 46.35 -52.88 51.64
C SER D 110 46.85 -53.14 50.22
N LEU D 111 47.35 -52.09 49.58
CA LEU D 111 47.84 -52.20 48.21
C LEU D 111 49.24 -52.78 48.20
N GLU D 112 49.46 -53.74 47.29
CA GLU D 112 50.77 -54.34 47.10
C GLU D 112 51.10 -54.39 45.61
N VAL D 113 52.38 -54.28 45.30
CA VAL D 113 52.85 -54.29 43.92
C VAL D 113 53.76 -55.50 43.73
N VAL D 114 53.44 -56.34 42.75
CA VAL D 114 54.23 -57.51 42.42
C VAL D 114 54.95 -57.25 41.11
N MET D 115 56.27 -57.25 41.15
CA MET D 115 57.08 -56.94 39.98
C MET D 115 57.32 -58.21 39.15
N ALA D 116 57.07 -58.11 37.85
CA ALA D 116 57.29 -59.23 36.94
C ALA D 116 58.64 -59.01 36.24
N ILE D 117 59.71 -59.27 37.01
CA ILE D 117 61.07 -59.10 36.51
C ILE D 117 61.41 -60.24 35.55
N GLU D 118 62.48 -60.06 34.78
CA GLU D 118 62.91 -61.08 33.83
C GLU D 118 63.71 -62.21 34.48
N ALA D 119 64.05 -62.09 35.76
CA ALA D 119 64.81 -63.10 36.45
C ALA D 119 63.88 -64.12 37.09
N GLY D 120 64.46 -65.18 37.67
CA GLY D 120 63.68 -66.22 38.30
C GLY D 120 63.26 -65.85 39.71
N LEU D 121 62.51 -66.77 40.32
CA LEU D 121 62.02 -66.56 41.68
C LEU D 121 63.17 -66.60 42.67
N GLY D 122 63.11 -65.73 43.67
CA GLY D 122 64.14 -65.68 44.69
C GLY D 122 63.82 -64.59 45.69
N ASP D 123 64.62 -64.58 46.76
CA ASP D 123 64.45 -63.57 47.79
C ASP D 123 64.84 -62.19 47.27
N LEU D 124 64.07 -61.18 47.66
CA LEU D 124 64.33 -59.82 47.22
C LEU D 124 65.64 -59.31 47.82
N PRO D 125 66.70 -59.16 47.03
CA PRO D 125 67.97 -58.67 47.59
C PRO D 125 68.13 -57.17 47.43
N LEU D 126 68.64 -56.54 48.48
CA LEU D 126 68.91 -55.10 48.47
C LEU D 126 70.38 -54.86 48.14
N LEU D 127 70.70 -55.02 46.85
CA LEU D 127 72.05 -54.83 46.36
C LEU D 127 72.00 -54.52 44.87
N PRO D 128 72.83 -53.61 44.37
CA PRO D 128 72.80 -53.29 42.93
C PRO D 128 73.67 -54.24 42.12
N PHE D 129 73.14 -54.66 40.98
CA PHE D 129 73.84 -55.55 40.06
C PHE D 129 73.54 -55.09 38.64
N SER D 130 74.42 -54.26 38.09
CA SER D 130 74.24 -53.71 36.74
C SER D 130 74.81 -54.71 35.73
N SER D 131 73.98 -55.66 35.31
CA SER D 131 74.38 -56.65 34.34
C SER D 131 73.65 -56.44 33.02
N PRO D 132 74.30 -56.71 31.89
CA PRO D 132 73.63 -56.54 30.60
C PRO D 132 72.46 -57.50 30.43
N SER D 133 71.43 -57.05 29.73
CA SER D 133 70.24 -57.85 29.47
C SER D 133 70.35 -58.49 28.09
N SER D 134 70.13 -59.81 28.04
CA SER D 134 70.18 -60.52 26.78
C SER D 134 68.99 -60.16 25.91
N PRO D 135 69.08 -60.41 24.59
CA PRO D 135 67.97 -60.09 23.70
C PRO D 135 66.71 -60.84 24.09
N TRP D 136 65.57 -60.17 23.93
CA TRP D 136 64.29 -60.77 24.29
C TRP D 136 63.96 -61.93 23.37
N SER D 137 63.24 -62.91 23.92
CA SER D 137 62.87 -64.09 23.15
C SER D 137 61.93 -63.73 22.02
N SER D 138 62.16 -64.33 20.86
CA SER D 138 61.31 -64.10 19.69
C SER D 138 59.98 -64.84 19.75
N ASP D 139 59.84 -65.78 20.69
CA ASP D 139 58.60 -66.53 20.84
C ASP D 139 57.78 -65.93 21.96
N PRO D 140 56.62 -65.32 21.67
CA PRO D 140 55.81 -64.74 22.76
C PRO D 140 55.20 -65.77 23.70
N PHE D 141 55.22 -67.05 23.34
CA PHE D 141 54.64 -68.07 24.22
C PHE D 141 55.39 -68.14 25.55
N SER D 142 56.72 -68.09 25.51
CA SER D 142 57.51 -68.15 26.74
C SER D 142 57.25 -66.94 27.62
N PHE D 143 57.18 -65.75 27.01
CA PHE D 143 56.90 -64.53 27.78
C PHE D 143 55.51 -64.59 28.40
N LEU D 144 54.52 -65.06 27.64
CA LEU D 144 53.18 -65.19 28.19
C LEU D 144 53.14 -66.20 29.32
N GLN D 145 53.85 -67.32 29.18
CA GLN D 145 53.89 -68.32 30.24
C GLN D 145 54.53 -67.76 31.50
N SER D 146 55.63 -67.01 31.36
CA SER D 146 56.27 -66.40 32.52
C SER D 146 55.35 -65.38 33.19
N VAL D 147 54.68 -64.56 32.38
CA VAL D 147 53.77 -63.55 32.92
C VAL D 147 52.63 -64.21 33.68
N CYS D 148 52.07 -65.29 33.12
CA CYS D 148 51.00 -66.00 33.79
C CYS D 148 51.49 -66.64 35.08
N HIS D 149 52.67 -67.27 35.04
CA HIS D 149 53.21 -67.91 36.24
C HIS D 149 53.49 -66.89 37.33
N THR D 150 53.82 -65.66 36.96
CA THR D 150 54.00 -64.61 37.96
C THR D 150 52.66 -64.11 38.50
N VAL D 151 51.74 -63.77 37.60
CA VAL D 151 50.50 -63.12 38.01
C VAL D 151 49.61 -64.07 38.80
N VAL D 152 49.40 -65.29 38.30
CA VAL D 152 48.51 -66.23 38.96
C VAL D 152 49.04 -66.60 40.34
N VAL D 153 50.35 -66.84 40.45
CA VAL D 153 50.94 -67.16 41.75
C VAL D 153 50.82 -65.97 42.69
N GLN D 154 51.10 -64.76 42.19
CA GLN D 154 51.01 -63.56 43.01
C GLN D 154 49.59 -63.06 43.18
N GLY D 155 48.64 -63.55 42.38
CA GLY D 155 47.27 -63.08 42.47
C GLY D 155 47.13 -61.61 42.13
N VAL D 156 47.42 -61.25 40.88
CA VAL D 156 47.40 -59.87 40.45
C VAL D 156 46.02 -59.55 39.87
N SER D 157 45.39 -58.51 40.41
CA SER D 157 44.09 -58.06 39.90
C SER D 157 44.21 -57.02 38.81
N ALA D 158 45.27 -56.21 38.82
CA ALA D 158 45.51 -55.22 37.78
C ALA D 158 46.96 -55.29 37.36
N LEU D 159 47.21 -55.03 36.07
CA LEU D 159 48.55 -55.08 35.51
C LEU D 159 48.96 -53.70 35.04
N LEU D 160 50.16 -53.28 35.42
CA LEU D 160 50.70 -51.98 35.05
C LEU D 160 51.91 -52.19 34.15
N ALA D 161 51.95 -51.49 33.03
CA ALA D 161 53.03 -51.64 32.06
C ALA D 161 53.33 -50.30 31.41
N PHE D 162 54.53 -50.21 30.83
CA PHE D 162 54.97 -49.01 30.11
C PHE D 162 55.53 -49.42 28.76
N PRO D 163 54.66 -49.89 27.86
CA PRO D 163 55.14 -50.31 26.53
C PRO D 163 55.67 -49.13 25.72
N GLN D 164 56.64 -49.42 24.86
CA GLN D 164 57.25 -48.42 24.01
C GLN D 164 57.15 -48.71 22.53
N SER D 165 56.66 -49.89 22.14
CA SER D 165 56.57 -50.26 20.73
C SER D 165 55.24 -50.98 20.50
N GLN D 166 54.88 -51.12 19.22
CA GLN D 166 53.65 -51.80 18.86
C GLN D 166 53.69 -53.28 19.27
N GLY D 167 54.86 -53.92 19.13
CA GLY D 167 54.98 -55.31 19.52
C GLY D 167 54.73 -55.53 21.01
N GLU D 168 55.26 -54.62 21.84
CA GLU D 168 55.03 -54.73 23.28
C GLU D 168 53.55 -54.59 23.61
N MET D 169 52.87 -53.64 22.96
CA MET D 169 51.44 -53.47 23.19
C MET D 169 50.65 -54.70 22.74
N MET D 170 51.02 -55.27 21.60
CA MET D 170 50.35 -56.49 21.13
C MET D 170 50.56 -57.64 22.10
N GLU D 171 51.79 -57.80 22.59
CA GLU D 171 52.07 -58.86 23.56
C GLU D 171 51.28 -58.65 24.85
N LEU D 172 51.20 -57.41 25.32
CA LEU D 172 50.44 -57.13 26.54
C LEU D 172 48.96 -57.43 26.33
N ASP D 173 48.40 -57.04 25.18
CA ASP D 173 47.00 -57.33 24.90
C ASP D 173 46.74 -58.83 24.81
N LEU D 174 47.64 -59.56 24.16
CA LEU D 174 47.49 -61.01 24.06
C LEU D 174 47.55 -61.67 25.43
N VAL D 175 48.49 -61.23 26.27
CA VAL D 175 48.61 -61.79 27.61
C VAL D 175 47.36 -61.49 28.43
N SER D 176 46.85 -60.26 28.35
CA SER D 176 45.65 -59.91 29.09
C SER D 176 44.45 -60.73 28.61
N LEU D 177 44.32 -60.92 27.30
CA LEU D 177 43.20 -61.71 26.79
C LEU D 177 43.32 -63.19 27.20
N VAL D 178 44.52 -63.74 27.14
CA VAL D 178 44.70 -65.16 27.47
C VAL D 178 44.50 -65.41 28.96
N LEU D 179 45.09 -64.55 29.81
CA LEU D 179 45.04 -64.76 31.25
C LEU D 179 43.71 -64.33 31.87
N HIS D 180 42.87 -63.61 31.13
CA HIS D 180 41.59 -63.11 31.62
C HIS D 180 41.80 -62.29 32.89
N ILE D 181 42.58 -61.22 32.75
CA ILE D 181 42.86 -60.31 33.86
C ILE D 181 42.94 -58.89 33.34
N PRO D 182 42.69 -57.91 34.20
CA PRO D 182 42.75 -56.51 33.78
C PRO D 182 44.21 -56.05 33.65
N VAL D 183 44.53 -55.44 32.51
CA VAL D 183 45.87 -54.96 32.22
C VAL D 183 45.79 -53.53 31.72
N ILE D 184 46.64 -52.66 32.26
CA ILE D 184 46.71 -51.27 31.85
C ILE D 184 48.17 -50.94 31.53
N SER D 185 48.41 -50.35 30.37
CA SER D 185 49.73 -49.95 29.94
C SER D 185 49.73 -48.46 29.63
N ILE D 186 50.73 -47.75 30.13
CA ILE D 186 50.84 -46.31 29.95
C ILE D 186 51.89 -46.04 28.88
N VAL D 187 51.51 -45.29 27.86
CA VAL D 187 52.40 -44.94 26.77
C VAL D 187 52.53 -43.42 26.69
N ARG D 188 53.64 -42.97 26.13
CA ARG D 188 53.87 -41.53 25.98
C ARG D 188 52.85 -40.91 25.03
N HIS D 189 52.53 -41.59 23.94
CA HIS D 189 51.55 -41.13 22.97
C HIS D 189 50.52 -42.22 22.73
N GLU D 190 49.30 -41.79 22.41
CA GLU D 190 48.20 -42.73 22.19
C GLU D 190 48.45 -43.51 20.91
N PHE D 191 48.85 -44.77 21.04
CA PHE D 191 49.10 -45.61 19.88
C PHE D 191 47.76 -46.09 19.31
N PRO D 192 47.49 -45.88 18.03
CA PRO D 192 46.23 -46.35 17.46
C PRO D 192 46.10 -47.86 17.56
N ARG D 193 44.88 -48.32 17.84
CA ARG D 193 44.61 -49.74 17.98
C ARG D 193 43.13 -49.98 17.75
N GLU D 194 42.81 -50.90 16.84
CA GLU D 194 41.43 -51.24 16.52
C GLU D 194 40.92 -52.42 17.34
N SER D 195 41.71 -52.91 18.29
CA SER D 195 41.28 -54.04 19.10
C SER D 195 40.07 -53.68 19.95
N GLN D 196 39.11 -54.60 20.01
CA GLN D 196 37.89 -54.42 20.78
C GLN D 196 37.95 -55.10 22.14
N ASN D 197 39.11 -55.59 22.55
CA ASN D 197 39.25 -56.26 23.84
C ASN D 197 39.13 -55.25 24.97
N PRO D 198 38.21 -55.42 25.91
CA PRO D 198 38.06 -54.44 27.01
C PRO D 198 38.99 -54.67 28.19
N LEU D 199 39.73 -55.79 28.21
CA LEU D 199 40.63 -56.07 29.33
C LEU D 199 41.95 -55.33 29.23
N HIS D 200 42.29 -54.78 28.07
CA HIS D 200 43.53 -54.03 27.87
C HIS D 200 43.21 -52.56 27.78
N LEU D 201 43.89 -51.76 28.61
CA LEU D 201 43.70 -50.31 28.64
C LEU D 201 45.00 -49.62 28.26
N GLN D 202 44.89 -48.56 27.48
CA GLN D 202 46.04 -47.75 27.06
C GLN D 202 45.88 -46.36 27.63
N LEU D 203 46.88 -45.90 28.39
CA LEU D 203 46.84 -44.61 29.07
C LEU D 203 47.78 -43.65 28.35
N SER D 204 47.23 -42.55 27.86
CA SER D 204 48.00 -41.54 27.14
C SER D 204 48.49 -40.51 28.16
N LEU D 205 49.77 -40.60 28.52
CA LEU D 205 50.35 -39.62 29.44
C LEU D 205 50.33 -38.22 28.84
N GLU D 206 50.64 -38.10 27.55
CA GLU D 206 50.58 -36.84 26.82
C GLU D 206 49.39 -36.90 25.87
N ASN D 207 48.35 -36.15 26.18
CA ASN D 207 47.14 -36.14 25.38
C ASN D 207 47.34 -35.26 24.14
N SER D 208 46.31 -35.20 23.30
CA SER D 208 46.36 -34.37 22.10
C SER D 208 46.38 -32.89 22.48
N LEU D 209 47.11 -32.10 21.69
CA LEU D 209 47.21 -30.67 21.95
C LEU D 209 45.90 -29.94 21.70
N SER D 210 44.99 -30.54 20.91
CA SER D 210 43.72 -29.89 20.60
C SER D 210 42.94 -29.55 21.87
N SER D 211 43.04 -30.38 22.90
CA SER D 211 42.37 -30.10 24.16
C SER D 211 42.81 -28.74 24.71
N ASP D 212 44.10 -28.43 24.62
CA ASP D 212 44.56 -27.10 25.02
C ASP D 212 43.87 -26.02 24.21
N ALA D 213 43.75 -26.22 22.89
CA ALA D 213 42.97 -25.29 22.07
C ALA D 213 41.53 -25.23 22.56
N ASP D 214 40.98 -26.36 22.99
CA ASP D 214 39.63 -26.37 23.54
C ASP D 214 39.51 -25.44 24.74
N VAL D 215 40.60 -25.24 25.49
CA VAL D 215 40.59 -24.24 26.55
C VAL D 215 40.47 -22.85 25.96
N THR D 216 41.31 -22.54 24.96
CA THR D 216 41.30 -21.20 24.36
C THR D 216 39.95 -20.89 23.74
N VAL D 217 39.37 -21.85 23.02
CA VAL D 217 38.04 -21.65 22.45
C VAL D 217 37.04 -21.35 23.55
N SER D 218 37.19 -21.99 24.71
CA SER D 218 36.33 -21.68 25.85
C SER D 218 36.41 -20.21 26.21
N ILE D 219 37.63 -19.65 26.23
CA ILE D 219 37.79 -18.22 26.45
C ILE D 219 37.05 -17.45 25.36
N LEU D 220 37.18 -17.90 24.11
CA LEU D 220 36.48 -17.25 23.00
C LEU D 220 34.97 -17.30 23.17
N THR D 221 34.46 -18.22 24.00
CA THR D 221 33.05 -18.24 24.32
C THR D 221 32.72 -17.52 25.62
N MET D 222 33.70 -17.36 26.51
CA MET D 222 33.44 -16.75 27.81
C MET D 222 33.27 -15.23 27.70
N ASN D 223 34.10 -14.57 26.90
CA ASN D 223 34.11 -13.12 26.80
C ASN D 223 33.35 -12.62 25.58
N ASN D 224 32.61 -13.49 24.89
CA ASN D 224 31.85 -13.12 23.70
C ASN D 224 32.74 -12.47 22.64
N TRP D 225 33.93 -13.04 22.44
CA TRP D 225 34.87 -12.57 21.42
C TRP D 225 34.68 -13.40 20.17
N TYR D 226 33.65 -13.04 19.39
CA TYR D 226 33.34 -13.80 18.19
C TYR D 226 34.45 -13.68 17.15
N ASN D 227 35.00 -12.48 16.97
CA ASN D 227 36.04 -12.24 15.98
C ASN D 227 37.39 -12.14 16.66
N PHE D 228 38.38 -12.88 16.15
CA PHE D 228 39.72 -12.87 16.69
C PHE D 228 40.72 -13.12 15.57
N SER D 229 41.92 -12.56 15.73
CA SER D 229 43.00 -12.71 14.76
C SER D 229 44.00 -13.74 15.26
N LEU D 230 44.68 -14.38 14.31
CA LEU D 230 45.66 -15.41 14.61
C LEU D 230 47.06 -14.95 14.23
N LEU D 231 48.01 -15.15 15.13
CA LEU D 231 49.41 -14.80 14.90
C LEU D 231 50.21 -16.10 14.87
N LEU D 232 50.59 -16.53 13.67
CA LEU D 232 51.34 -17.77 13.48
C LEU D 232 52.82 -17.46 13.55
N CYS D 233 53.39 -17.53 14.76
CA CYS D 233 54.82 -17.35 14.93
C CYS D 233 55.62 -18.48 14.32
N GLN D 234 55.06 -19.68 14.26
CA GLN D 234 55.69 -20.83 13.64
C GLN D 234 54.78 -21.39 12.55
N GLU D 235 55.38 -21.75 11.42
CA GLU D 235 54.61 -22.25 10.28
C GLU D 235 54.27 -23.74 10.40
N ASP D 236 54.81 -24.44 11.40
CA ASP D 236 54.56 -25.86 11.59
C ASP D 236 53.61 -26.15 12.74
N TRP D 237 52.97 -25.12 13.29
CA TRP D 237 52.05 -25.33 14.40
C TRP D 237 50.83 -26.12 13.95
N ASN D 238 50.43 -27.11 14.76
CA ASN D 238 49.29 -27.97 14.42
C ASN D 238 48.01 -27.23 14.74
N ILE D 239 47.65 -26.30 13.85
CA ILE D 239 46.46 -25.48 14.02
C ILE D 239 45.29 -26.00 13.18
N THR D 240 45.46 -27.15 12.51
CA THR D 240 44.37 -27.71 11.72
C THR D 240 43.18 -28.07 12.61
N ASP D 241 43.44 -28.70 13.75
CA ASP D 241 42.37 -28.97 14.71
C ASP D 241 41.80 -27.67 15.25
N PHE D 242 42.66 -26.70 15.54
CA PHE D 242 42.19 -25.39 16.00
C PHE D 242 41.36 -24.70 14.93
N LEU D 243 41.78 -24.79 13.66
CA LEU D 243 41.02 -24.19 12.58
C LEU D 243 39.65 -24.86 12.45
N LEU D 244 39.60 -26.18 12.55
CA LEU D 244 38.32 -26.89 12.47
C LEU D 244 37.42 -26.51 13.63
N LEU D 245 37.98 -26.38 14.84
CA LEU D 245 37.19 -25.97 15.99
C LEU D 245 36.65 -24.55 15.81
N THR D 246 37.47 -23.65 15.26
CA THR D 246 37.00 -22.30 15.00
C THR D 246 35.89 -22.27 13.97
N GLN D 247 36.02 -23.09 12.92
CA GLN D 247 35.01 -23.16 11.87
C GLN D 247 33.77 -23.96 12.28
N ASN D 248 33.83 -24.67 13.41
CA ASN D 248 32.67 -25.45 13.85
C ASN D 248 31.48 -24.55 14.18
N ASN D 249 31.73 -23.43 14.85
CA ASN D 249 30.69 -22.49 15.21
C ASN D 249 30.69 -21.34 14.21
N SER D 250 29.54 -21.13 13.56
CA SER D 250 29.43 -20.06 12.57
C SER D 250 29.51 -18.67 13.18
N LYS D 251 29.13 -18.54 14.46
CA LYS D 251 29.21 -17.23 15.11
C LYS D 251 30.65 -16.75 15.23
N PHE D 252 31.57 -17.64 15.57
CA PHE D 252 32.97 -17.28 15.68
C PHE D 252 33.60 -17.18 14.29
N HIS D 253 34.44 -16.16 14.10
CA HIS D 253 35.11 -15.94 12.82
C HIS D 253 36.53 -15.46 13.09
N LEU D 254 37.39 -15.67 12.09
CA LEU D 254 38.78 -15.26 12.16
C LEU D 254 39.05 -14.15 11.16
N GLY D 255 39.76 -13.11 11.59
CA GLY D 255 40.07 -11.99 10.73
C GLY D 255 41.37 -12.14 9.98
N SER D 256 42.31 -11.23 10.23
CA SER D 256 43.61 -11.26 9.58
C SER D 256 44.50 -12.30 10.23
N ILE D 257 45.23 -13.04 9.39
CA ILE D 257 46.18 -14.06 9.85
C ILE D 257 47.58 -13.47 9.77
N ILE D 258 48.32 -13.56 10.87
CA ILE D 258 49.65 -12.96 10.99
C ILE D 258 50.69 -14.06 10.98
N ASN D 259 51.71 -13.91 10.14
CA ASN D 259 52.84 -14.83 10.07
C ASN D 259 54.10 -14.06 10.46
N ILE D 260 54.47 -14.15 11.74
CA ILE D 260 55.62 -13.41 12.28
C ILE D 260 56.83 -14.33 12.13
N THR D 261 57.48 -14.26 10.98
CA THR D 261 58.67 -15.06 10.73
C THR D 261 59.87 -14.53 11.49
N ALA D 262 60.81 -15.42 11.79
CA ALA D 262 62.05 -15.06 12.47
C ALA D 262 63.24 -14.95 11.53
N ASN D 263 63.02 -15.06 10.22
CA ASN D 263 64.11 -15.01 9.25
C ASN D 263 64.57 -13.59 8.94
N LEU D 264 63.85 -12.58 9.44
CA LEU D 264 64.25 -11.20 9.18
C LEU D 264 65.57 -10.89 9.88
N PRO D 265 66.56 -10.34 9.19
CA PRO D 265 67.84 -10.05 9.83
C PRO D 265 67.87 -8.71 10.53
N SER D 266 66.99 -7.81 10.13
CA SER D 266 66.92 -6.47 10.69
C SER D 266 65.62 -6.29 11.46
N THR D 267 65.73 -5.71 12.66
CA THR D 267 64.55 -5.52 13.51
C THR D 267 63.67 -4.38 13.02
N GLN D 268 64.20 -3.46 12.22
CA GLN D 268 63.38 -2.35 11.72
C GLN D 268 62.30 -2.84 10.77
N ASP D 269 62.67 -3.72 9.84
CA ASP D 269 61.69 -4.28 8.90
C ASP D 269 60.65 -5.10 9.64
N LEU D 270 61.08 -5.90 10.62
CA LEU D 270 60.14 -6.68 11.41
C LEU D 270 59.18 -5.78 12.19
N LEU D 271 59.70 -4.68 12.75
CA LEU D 271 58.83 -3.75 13.46
C LEU D 271 57.84 -3.08 12.53
N SER D 272 58.28 -2.72 11.33
CA SER D 272 57.36 -2.14 10.35
C SER D 272 56.27 -3.13 9.96
N PHE D 273 56.65 -4.39 9.73
CA PHE D 273 55.67 -5.42 9.39
C PHE D 273 54.69 -5.63 10.55
N LEU D 274 55.19 -5.62 11.78
CA LEU D 274 54.32 -5.78 12.94
C LEU D 274 53.34 -4.61 13.06
N GLN D 275 53.82 -3.39 12.80
CA GLN D 275 52.94 -2.23 12.83
C GLN D 275 51.86 -2.32 11.75
N ILE D 276 52.24 -2.75 10.55
CA ILE D 276 51.26 -2.90 9.48
C ILE D 276 50.24 -3.97 9.85
N GLN D 277 50.70 -5.09 10.42
CA GLN D 277 49.79 -6.14 10.84
C GLN D 277 48.83 -5.66 11.93
N LEU D 278 49.34 -4.89 12.88
CA LEU D 278 48.49 -4.35 13.94
C LEU D 278 47.45 -3.39 13.36
N GLU D 279 47.85 -2.54 12.42
CA GLU D 279 46.91 -1.62 11.79
C GLU D 279 45.83 -2.39 11.02
N SER D 280 46.22 -3.44 10.32
CA SER D 280 45.24 -4.25 9.59
C SER D 280 44.30 -4.98 10.54
N ILE D 281 44.83 -5.49 11.66
CA ILE D 281 44.01 -6.26 12.59
C ILE D 281 43.01 -5.36 13.31
N LYS D 282 43.47 -4.17 13.75
CA LYS D 282 42.61 -3.28 14.51
C LYS D 282 41.41 -2.79 13.69
N ASN D 283 41.48 -2.87 12.37
CA ASN D 283 40.36 -2.47 11.54
C ASN D 283 39.21 -3.45 11.59
N SER D 284 39.47 -4.72 11.94
CA SER D 284 38.44 -5.75 11.97
C SER D 284 38.02 -6.11 13.39
N THR D 285 38.97 -6.51 14.23
CA THR D 285 38.68 -6.91 15.60
C THR D 285 39.82 -6.50 16.51
N PRO D 286 39.54 -6.29 17.80
CA PRO D 286 40.59 -5.92 18.75
C PRO D 286 41.21 -7.08 19.51
N THR D 287 40.93 -8.32 19.13
CA THR D 287 41.45 -9.50 19.82
C THR D 287 42.41 -10.24 18.91
N VAL D 288 43.59 -10.57 19.43
CA VAL D 288 44.60 -11.30 18.69
C VAL D 288 45.20 -12.36 19.60
N VAL D 289 45.35 -13.58 19.07
CA VAL D 289 45.93 -14.70 19.81
C VAL D 289 47.13 -15.21 19.03
N MET D 290 48.26 -15.35 19.72
CA MET D 290 49.49 -15.83 19.11
C MET D 290 49.69 -17.30 19.42
N PHE D 291 49.90 -18.11 18.39
CA PHE D 291 50.05 -19.55 18.53
C PHE D 291 51.45 -19.97 18.10
N GLY D 292 52.04 -20.88 18.86
CA GLY D 292 53.38 -21.36 18.54
C GLY D 292 54.45 -20.30 18.67
N CYS D 293 54.37 -19.47 19.71
CA CYS D 293 55.32 -18.40 19.93
C CYS D 293 56.09 -18.65 21.22
N ASP D 294 57.42 -18.53 21.14
CA ASP D 294 58.26 -18.68 22.32
C ASP D 294 58.08 -17.48 23.24
N MET D 295 58.60 -17.61 24.46
CA MET D 295 58.49 -16.52 25.44
C MET D 295 59.20 -15.27 24.94
N GLU D 296 60.40 -15.43 24.38
CA GLU D 296 61.15 -14.28 23.88
C GLU D 296 60.42 -13.61 22.72
N SER D 297 59.89 -14.40 21.79
CA SER D 297 59.17 -13.83 20.65
C SER D 297 57.92 -13.10 21.09
N ILE D 298 57.16 -13.69 22.02
CA ILE D 298 55.94 -13.04 22.51
C ILE D 298 56.28 -11.75 23.24
N ARG D 299 57.33 -11.79 24.07
CA ARG D 299 57.75 -10.59 24.78
C ARG D 299 58.19 -9.49 23.82
N ARG D 300 58.94 -9.86 22.77
CA ARG D 300 59.37 -8.87 21.79
C ARG D 300 58.17 -8.28 21.05
N ILE D 301 57.21 -9.11 20.68
CA ILE D 301 56.01 -8.63 19.99
C ILE D 301 55.23 -7.68 20.89
N PHE D 302 55.08 -8.04 22.16
CA PHE D 302 54.36 -7.16 23.09
C PHE D 302 55.08 -5.84 23.29
N GLU D 303 56.42 -5.89 23.40
CA GLU D 303 57.19 -4.66 23.56
C GLU D 303 57.08 -3.77 22.32
N ILE D 304 57.12 -4.38 21.13
CA ILE D 304 56.98 -3.60 19.89
C ILE D 304 55.60 -2.96 19.82
N THR D 305 54.56 -3.72 20.18
CA THR D 305 53.20 -3.18 20.15
C THR D 305 53.05 -2.04 21.16
N THR D 306 53.62 -2.19 22.36
CA THR D 306 53.53 -1.14 23.36
C THR D 306 54.33 0.10 22.98
N GLN D 307 55.43 -0.09 22.25
CA GLN D 307 56.23 1.06 21.81
C GLN D 307 55.43 1.96 20.87
N PHE D 308 54.65 1.37 19.96
CA PHE D 308 53.82 2.14 19.05
C PHE D 308 52.52 2.60 19.70
N GLY D 309 52.23 2.17 20.92
CA GLY D 309 51.02 2.55 21.61
C GLY D 309 49.84 1.61 21.43
N VAL D 310 49.96 0.60 20.56
CA VAL D 310 48.89 -0.35 20.34
C VAL D 310 48.98 -1.47 21.37
N MET D 311 48.37 -1.26 22.53
CA MET D 311 48.42 -2.23 23.61
C MET D 311 47.04 -2.37 24.25
N PRO D 312 46.89 -3.23 25.26
CA PRO D 312 45.59 -3.38 25.90
C PRO D 312 45.24 -2.13 26.69
N PRO D 313 43.93 -1.88 26.91
CA PRO D 313 42.77 -2.68 26.51
C PRO D 313 42.31 -2.38 25.09
N GLU D 314 43.03 -1.53 24.35
CA GLU D 314 42.67 -1.25 22.97
C GLU D 314 42.79 -2.51 22.11
N LEU D 315 43.84 -3.31 22.33
CA LEU D 315 44.03 -4.56 21.62
C LEU D 315 44.06 -5.69 22.64
N ARG D 316 43.00 -6.50 22.66
CA ARG D 316 42.92 -7.62 23.58
C ARG D 316 43.86 -8.73 23.13
N TRP D 317 44.59 -9.30 24.08
CA TRP D 317 45.57 -10.35 23.81
C TRP D 317 45.14 -11.64 24.48
N VAL D 318 45.23 -12.75 23.75
CA VAL D 318 44.90 -14.07 24.27
C VAL D 318 46.04 -15.02 23.90
N LEU D 319 46.16 -16.09 24.68
CA LEU D 319 47.19 -17.11 24.46
C LEU D 319 46.51 -18.46 24.32
N GLY D 320 46.54 -19.02 23.12
CA GLY D 320 45.96 -20.32 22.83
C GLY D 320 46.92 -21.48 22.92
N ASP D 321 48.13 -21.27 23.42
CA ASP D 321 49.15 -22.31 23.51
C ASP D 321 49.43 -22.64 24.97
N SER D 322 50.08 -23.78 25.18
CA SER D 322 50.43 -24.21 26.53
C SER D 322 51.52 -23.33 27.10
N GLN D 323 51.33 -22.88 28.34
CA GLN D 323 52.27 -22.00 29.01
C GLN D 323 52.54 -22.52 30.41
N ASN D 324 53.74 -22.25 30.91
CA ASN D 324 54.15 -22.67 32.25
C ASN D 324 54.34 -21.44 33.14
N VAL D 325 53.89 -21.55 34.39
CA VAL D 325 53.96 -20.43 35.32
C VAL D 325 55.42 -20.06 35.61
N GLU D 326 56.30 -21.06 35.66
CA GLU D 326 57.70 -20.79 35.95
C GLU D 326 58.33 -19.92 34.88
N GLU D 327 57.99 -20.16 33.62
CA GLU D 327 58.46 -19.36 32.50
C GLU D 327 57.54 -18.19 32.16
N LEU D 328 56.44 -18.03 32.91
CA LEU D 328 55.47 -16.97 32.64
C LEU D 328 55.94 -15.67 33.29
N ARG D 329 57.01 -15.11 32.72
CA ARG D 329 57.53 -13.83 33.19
C ARG D 329 56.58 -12.71 32.79
N THR D 330 56.22 -11.87 33.75
CA THR D 330 55.30 -10.77 33.51
C THR D 330 55.99 -9.50 33.00
N GLU D 331 57.32 -9.51 32.90
CA GLU D 331 58.03 -8.35 32.40
C GLU D 331 57.87 -8.26 30.88
N GLY D 332 57.47 -7.08 30.40
CA GLY D 332 57.24 -6.87 28.99
C GLY D 332 55.91 -7.40 28.47
N LEU D 333 55.08 -7.98 29.33
CA LEU D 333 53.78 -8.52 28.94
C LEU D 333 52.70 -7.49 29.22
N PRO D 334 51.90 -7.13 28.22
CA PRO D 334 50.83 -6.15 28.46
C PRO D 334 49.81 -6.69 29.45
N LEU D 335 49.29 -5.77 30.27
CA LEU D 335 48.28 -6.15 31.26
C LEU D 335 46.95 -6.45 30.60
N GLY D 336 46.22 -7.40 31.18
CA GLY D 336 44.93 -7.80 30.66
C GLY D 336 44.96 -8.96 29.68
N LEU D 337 46.15 -9.40 29.26
CA LEU D 337 46.24 -10.56 28.39
C LEU D 337 45.86 -11.82 29.14
N ILE D 338 45.36 -12.81 28.40
CA ILE D 338 44.85 -14.05 28.97
C ILE D 338 45.70 -15.20 28.45
N ALA D 339 46.16 -16.05 29.38
CA ALA D 339 46.91 -17.25 29.04
C ALA D 339 46.27 -18.46 29.70
N HIS D 340 46.40 -19.62 29.06
CA HIS D 340 45.84 -20.85 29.57
C HIS D 340 46.87 -21.97 29.44
N GLY D 341 47.04 -22.74 30.51
CA GLY D 341 48.01 -23.83 30.46
C GLY D 341 47.85 -24.75 31.65
N LYS D 342 48.54 -25.88 31.57
CA LYS D 342 48.47 -26.87 32.63
C LYS D 342 49.08 -26.31 33.92
N THR D 343 48.47 -26.66 35.06
CA THR D 343 48.98 -26.20 36.34
C THR D 343 50.38 -26.75 36.60
N THR D 344 50.61 -28.03 36.28
CA THR D 344 51.91 -28.65 36.44
C THR D 344 52.10 -29.67 35.33
N GLN D 345 53.36 -29.98 35.03
CA GLN D 345 53.66 -30.95 34.00
C GLN D 345 53.21 -32.35 34.42
N SER D 346 52.64 -33.09 33.47
CA SER D 346 52.18 -34.45 33.72
C SER D 346 53.39 -35.37 33.76
N VAL D 347 53.64 -35.98 34.92
CA VAL D 347 54.79 -36.85 35.10
C VAL D 347 54.36 -38.30 35.00
N PHE D 348 55.32 -39.17 34.73
CA PHE D 348 55.05 -40.61 34.66
C PHE D 348 54.60 -41.15 36.01
N GLU D 349 55.19 -40.64 37.10
CA GLU D 349 54.75 -41.06 38.44
C GLU D 349 53.31 -40.67 38.69
N HIS D 350 52.90 -39.48 38.22
CA HIS D 350 51.51 -39.08 38.34
C HIS D 350 50.59 -40.00 37.56
N TYR D 351 51.03 -40.42 36.36
CA TYR D 351 50.24 -41.36 35.57
C TYR D 351 50.12 -42.70 36.29
N VAL D 352 51.20 -43.16 36.92
CA VAL D 352 51.15 -44.40 37.68
C VAL D 352 50.19 -44.27 38.85
N GLN D 353 50.22 -43.11 39.52
CA GLN D 353 49.30 -42.87 40.63
C GLN D 353 47.85 -42.88 40.16
N ASP D 354 47.57 -42.26 39.02
CA ASP D 354 46.22 -42.27 38.48
C ASP D 354 45.77 -43.68 38.12
N ALA D 355 46.66 -44.46 37.51
CA ALA D 355 46.31 -45.84 37.17
C ALA D 355 46.04 -46.66 38.42
N MET D 356 46.87 -46.50 39.46
CA MET D 356 46.66 -47.22 40.70
C MET D 356 45.35 -46.82 41.36
N GLU D 357 45.02 -45.52 41.35
CA GLU D 357 43.76 -45.07 41.92
C GLU D 357 42.57 -45.63 41.16
N LEU D 358 42.66 -45.65 39.82
CA LEU D 358 41.57 -46.23 39.02
C LEU D 358 41.41 -47.72 39.31
N VAL D 359 42.53 -48.45 39.42
CA VAL D 359 42.46 -49.87 39.72
C VAL D 359 41.85 -50.11 41.09
N ALA D 360 42.24 -49.30 42.08
CA ALA D 360 41.69 -49.46 43.42
C ALA D 360 40.20 -49.16 43.45
N ARG D 361 39.76 -48.11 42.75
CA ARG D 361 38.34 -47.78 42.69
C ARG D 361 37.55 -48.89 42.02
N ALA D 362 38.08 -49.43 40.91
CA ALA D 362 37.39 -50.53 40.23
C ALA D 362 37.31 -51.76 41.13
N VAL D 363 38.39 -52.08 41.83
CA VAL D 363 38.39 -53.24 42.72
C VAL D 363 37.38 -53.07 43.84
N ALA D 364 37.33 -51.88 44.44
CA ALA D 364 36.37 -51.63 45.51
C ALA D 364 34.95 -51.72 45.01
N THR D 365 34.68 -51.14 43.84
CA THR D 365 33.32 -51.18 43.28
C THR D 365 32.91 -52.62 42.97
N ALA D 366 33.82 -53.42 42.42
CA ALA D 366 33.49 -54.80 42.10
C ALA D 366 33.31 -55.63 43.37
N THR D 367 34.11 -55.38 44.40
CA THR D 367 33.99 -56.14 45.64
C THR D 367 32.75 -55.74 46.42
N MET D 368 32.25 -54.52 46.23
CA MET D 368 31.04 -54.10 46.92
C MET D 368 29.82 -54.91 46.50
N ILE D 369 29.86 -55.58 45.35
CA ILE D 369 28.74 -56.37 44.85
C ILE D 369 29.05 -57.86 44.93
N GLN D 370 30.14 -58.31 44.31
CA GLN D 370 30.54 -59.71 44.26
C GLN D 370 32.00 -59.81 44.70
N PRO D 371 32.26 -59.84 46.01
CA PRO D 371 33.66 -59.93 46.48
C PRO D 371 34.37 -61.19 46.00
N GLU D 372 33.66 -62.31 45.86
CA GLU D 372 34.30 -63.53 45.39
C GLU D 372 34.80 -63.39 43.95
N LEU D 373 34.03 -62.70 43.11
CA LEU D 373 34.41 -62.49 41.72
C LEU D 373 35.32 -61.29 41.53
N ALA D 374 35.66 -60.57 42.60
CA ALA D 374 36.51 -59.39 42.52
C ALA D 374 37.86 -59.56 43.18
N LEU D 375 37.94 -60.36 44.26
CA LEU D 375 39.20 -60.54 44.97
C LEU D 375 39.95 -61.80 44.58
N ILE D 376 39.25 -62.83 44.12
CA ILE D 376 39.86 -64.11 43.75
C ILE D 376 39.80 -64.25 42.24
N PRO D 377 40.93 -64.23 41.54
CA PRO D 377 40.89 -64.47 40.09
C PRO D 377 40.44 -65.88 39.77
N SER D 378 39.75 -66.00 38.63
CA SER D 378 39.22 -67.30 38.22
C SER D 378 40.30 -68.21 37.66
N THR D 379 41.27 -67.65 36.93
CA THR D 379 42.31 -68.43 36.29
C THR D 379 43.32 -68.89 37.33
N MET D 380 43.15 -70.12 37.82
CA MET D 380 44.07 -70.69 38.79
C MET D 380 45.20 -71.48 38.14
N ASN D 381 45.18 -71.66 36.82
CA ASN D 381 46.20 -72.41 36.10
C ASN D 381 46.69 -71.59 34.93
N CYS D 382 48.01 -71.52 34.75
CA CYS D 382 48.59 -70.71 33.68
C CYS D 382 48.30 -71.32 32.32
N MET D 383 48.54 -72.62 32.16
CA MET D 383 48.42 -73.28 30.86
C MET D 383 47.01 -73.78 30.58
N GLU D 384 46.09 -73.71 31.53
CA GLU D 384 44.73 -74.20 31.35
C GLU D 384 43.78 -73.03 31.18
N VAL D 385 42.95 -73.09 30.14
CA VAL D 385 41.96 -72.05 29.87
C VAL D 385 40.64 -72.49 30.50
N GLU D 386 40.13 -71.68 31.43
CA GLU D 386 38.90 -71.98 32.13
C GLU D 386 37.70 -71.43 31.35
N THR D 387 36.73 -72.29 31.08
CA THR D 387 35.53 -71.89 30.34
C THR D 387 34.48 -71.29 31.28
N THR D 388 34.87 -70.27 32.04
CA THR D 388 33.96 -69.61 32.96
C THR D 388 33.02 -68.68 32.21
N ASN D 389 31.73 -68.75 32.50
CA ASN D 389 30.76 -67.87 31.86
C ASN D 389 31.01 -66.42 32.25
N LEU D 390 31.31 -66.17 33.53
CA LEU D 390 31.58 -64.82 34.02
C LEU D 390 33.05 -64.79 34.47
N THR D 391 33.90 -64.21 33.62
CA THR D 391 35.32 -64.12 33.92
C THR D 391 35.59 -63.01 34.92
N SER D 392 36.45 -63.29 35.89
CA SER D 392 36.84 -62.27 36.87
C SER D 392 37.57 -61.11 36.20
N GLY D 393 38.43 -61.43 35.23
CA GLY D 393 39.11 -60.37 34.50
C GLY D 393 38.16 -59.49 33.71
N GLN D 394 37.12 -60.10 33.13
CA GLN D 394 36.11 -59.31 32.42
C GLN D 394 35.39 -58.36 33.36
N TYR D 395 35.03 -58.84 34.56
CA TYR D 395 34.37 -57.98 35.54
C TYR D 395 35.30 -56.85 35.99
N LEU D 396 36.58 -57.16 36.21
CA LEU D 396 37.53 -56.12 36.60
C LEU D 396 37.69 -55.09 35.49
N SER D 397 37.75 -55.54 34.24
CA SER D 397 37.86 -54.60 33.12
C SER D 397 36.62 -53.72 33.01
N ARG D 398 35.44 -54.31 33.21
CA ARG D 398 34.21 -53.53 33.18
C ARG D 398 34.18 -52.50 34.30
N PHE D 399 34.62 -52.89 35.49
CA PHE D 399 34.68 -51.94 36.61
C PHE D 399 35.66 -50.81 36.33
N LEU D 400 36.81 -51.14 35.73
CA LEU D 400 37.78 -50.10 35.38
C LEU D 400 37.22 -49.17 34.32
N ALA D 401 36.51 -49.71 33.33
CA ALA D 401 35.93 -48.88 32.28
C ALA D 401 34.81 -47.99 32.79
N ASN D 402 34.05 -48.48 33.78
CA ASN D 402 32.93 -47.72 34.34
C ASN D 402 33.33 -46.87 35.54
N THR D 403 34.60 -46.46 35.62
CA THR D 403 35.10 -45.66 36.72
C THR D 403 35.70 -44.36 36.19
N THR D 404 35.32 -43.25 36.80
CA THR D 404 35.87 -41.94 36.47
C THR D 404 36.48 -41.35 37.74
N PHE D 405 37.77 -41.06 37.71
CA PHE D 405 38.49 -40.60 38.89
C PHE D 405 39.08 -39.22 38.64
N ARG D 406 39.52 -38.57 39.72
CA ARG D 406 40.16 -37.27 39.67
C ARG D 406 41.59 -37.43 40.18
N GLY D 407 42.50 -37.80 39.29
CA GLY D 407 43.88 -38.02 39.65
C GLY D 407 44.71 -36.74 39.58
N LEU D 408 46.00 -36.90 39.89
CA LEU D 408 46.93 -35.77 39.83
C LEU D 408 47.07 -35.25 38.40
N SER D 409 47.14 -36.16 37.42
CA SER D 409 47.26 -35.75 36.03
C SER D 409 45.98 -35.14 35.47
N GLY D 410 44.88 -35.22 36.21
CA GLY D 410 43.60 -34.67 35.79
C GLY D 410 42.50 -35.69 35.98
N SER D 411 41.43 -35.53 35.20
CA SER D 411 40.31 -36.46 35.24
C SER D 411 40.65 -37.69 34.41
N ILE D 412 40.63 -38.86 35.05
CA ILE D 412 40.97 -40.13 34.41
C ILE D 412 39.68 -40.85 34.08
N ARG D 413 39.47 -41.14 32.80
CA ARG D 413 38.28 -41.83 32.33
C ARG D 413 38.70 -42.89 31.32
N VAL D 414 37.75 -43.76 30.98
CA VAL D 414 37.99 -44.85 30.03
C VAL D 414 37.06 -44.67 28.84
N LYS D 415 37.64 -44.60 27.66
CA LYS D 415 36.92 -44.48 26.41
C LYS D 415 37.15 -45.72 25.56
N GLY D 416 36.07 -46.24 24.97
CA GLY D 416 36.13 -47.43 24.15
C GLY D 416 36.51 -48.69 24.87
N SER D 417 36.48 -48.69 26.20
CA SER D 417 36.88 -49.81 27.05
C SER D 417 38.32 -50.23 26.84
N THR D 418 39.09 -49.45 26.07
CA THR D 418 40.50 -49.78 25.82
C THR D 418 41.44 -48.59 25.90
N ILE D 419 40.93 -47.36 25.99
CA ILE D 419 41.77 -46.16 26.07
C ILE D 419 41.56 -45.51 27.42
N VAL D 420 42.64 -45.15 28.09
CA VAL D 420 42.59 -44.43 29.36
C VAL D 420 43.02 -43.01 29.08
N SER D 421 42.09 -42.06 29.24
CA SER D 421 42.34 -40.66 28.97
C SER D 421 42.43 -39.89 30.28
N SER D 422 43.52 -39.14 30.45
CA SER D 422 43.76 -38.31 31.62
C SER D 422 43.74 -36.85 31.17
N GLU D 423 42.56 -36.23 31.25
CA GLU D 423 42.41 -34.83 30.86
C GLU D 423 43.04 -33.94 31.92
N ASN D 424 44.05 -33.16 31.51
CA ASN D 424 44.75 -32.30 32.46
C ASN D 424 43.90 -31.07 32.79
N ASN D 425 43.97 -30.66 34.05
CA ASN D 425 43.29 -29.44 34.48
C ASN D 425 44.08 -28.22 34.00
N PHE D 426 43.40 -27.31 33.31
CA PHE D 426 44.05 -26.16 32.68
C PHE D 426 43.70 -24.90 33.45
N PHE D 427 44.70 -24.33 34.12
CA PHE D 427 44.51 -23.03 34.78
C PHE D 427 44.66 -21.92 33.75
N ILE D 428 43.73 -20.97 33.78
CA ILE D 428 43.76 -19.80 32.91
C ILE D 428 43.94 -18.57 33.79
N TRP D 429 44.98 -17.80 33.49
CA TRP D 429 45.33 -16.61 34.24
C TRP D 429 45.32 -15.39 33.33
N ASN D 430 45.34 -14.22 33.94
CA ASN D 430 45.34 -12.95 33.22
C ASN D 430 46.42 -12.05 33.80
N LEU D 431 47.04 -11.26 32.92
CA LEU D 431 48.04 -10.29 33.36
C LEU D 431 47.35 -9.13 34.05
N GLN D 432 47.21 -9.21 35.37
CA GLN D 432 46.46 -8.24 36.15
C GLN D 432 47.40 -7.34 36.93
N HIS D 433 46.84 -6.27 37.48
CA HIS D 433 47.60 -5.34 38.32
C HIS D 433 47.63 -5.87 39.75
N ASP D 434 48.80 -6.33 40.18
CA ASP D 434 48.95 -6.88 41.51
C ASP D 434 48.87 -5.78 42.56
N PRO D 435 48.60 -6.14 43.82
CA PRO D 435 48.55 -5.12 44.87
C PRO D 435 49.85 -4.35 45.04
N MET D 436 50.99 -4.99 44.79
CA MET D 436 52.27 -4.30 44.85
C MET D 436 52.50 -3.37 43.66
N GLY D 437 51.68 -3.47 42.62
CA GLY D 437 51.79 -2.64 41.44
C GLY D 437 52.53 -3.27 40.28
N LYS D 438 53.33 -4.31 40.54
CA LYS D 438 54.05 -4.99 39.48
C LYS D 438 53.14 -5.94 38.72
N PRO D 439 53.44 -6.20 37.45
CA PRO D 439 52.61 -7.14 36.68
C PRO D 439 52.69 -8.55 37.24
N MET D 440 51.58 -9.27 37.13
CA MET D 440 51.50 -10.64 37.64
C MET D 440 50.39 -11.36 36.88
N TRP D 441 50.40 -12.68 37.00
CA TRP D 441 49.41 -13.54 36.33
C TRP D 441 48.38 -13.97 37.36
N THR D 442 47.24 -13.27 37.38
CA THR D 442 46.14 -13.59 38.29
C THR D 442 45.27 -14.66 37.64
N ARG D 443 45.05 -15.76 38.36
CA ARG D 443 44.32 -16.90 37.82
C ARG D 443 42.87 -16.51 37.57
N LEU D 444 42.49 -16.42 36.29
CA LEU D 444 41.11 -16.07 35.95
C LEU D 444 40.15 -17.20 36.27
N GLY D 445 40.57 -18.44 36.04
CA GLY D 445 39.69 -19.57 36.30
C GLY D 445 40.37 -20.88 36.00
N SER D 446 39.59 -21.96 36.09
CA SER D 446 40.06 -23.31 35.82
C SER D 446 39.13 -23.96 34.82
N TRP D 447 39.71 -24.57 33.78
CA TRP D 447 38.95 -25.23 32.73
C TRP D 447 39.37 -26.69 32.66
N GLN D 448 38.38 -27.58 32.59
CA GLN D 448 38.61 -29.00 32.45
C GLN D 448 37.34 -29.65 31.88
N GLY D 449 37.54 -30.69 31.07
CA GLY D 449 36.43 -31.43 30.51
C GLY D 449 35.47 -30.59 29.70
N GLY D 450 35.96 -29.53 29.06
CA GLY D 450 35.11 -28.66 28.29
C GLY D 450 34.29 -27.68 29.10
N LYS D 451 34.54 -27.58 30.41
CA LYS D 451 33.83 -26.63 31.27
C LYS D 451 34.84 -25.75 31.98
N ILE D 452 34.61 -24.44 31.93
CA ILE D 452 35.51 -23.46 32.53
C ILE D 452 34.74 -22.70 33.60
N VAL D 453 35.27 -22.68 34.82
CA VAL D 453 34.67 -22.00 35.95
C VAL D 453 35.66 -20.99 36.48
N MET D 454 35.20 -19.75 36.65
CA MET D 454 36.06 -18.68 37.15
C MET D 454 36.28 -18.85 38.65
N ASP D 455 37.55 -18.86 39.07
CA ASP D 455 37.87 -18.98 40.48
C ASP D 455 37.39 -17.77 41.27
N TYR D 456 37.56 -16.57 40.71
CA TYR D 456 37.14 -15.34 41.37
C TYR D 456 35.63 -15.14 41.25
N SER D 474 38.54 -7.45 26.77
CA SER D 474 37.52 -8.26 27.42
C SER D 474 36.44 -7.38 28.04
N LYS D 475 36.61 -7.06 29.33
CA LYS D 475 35.64 -6.23 30.02
C LYS D 475 35.72 -4.79 29.54
N LEU D 476 34.57 -4.22 29.20
CA LEU D 476 34.48 -2.84 28.76
C LEU D 476 33.36 -2.15 29.54
N HIS D 477 33.64 -0.94 30.03
CA HIS D 477 32.64 -0.17 30.75
C HIS D 477 31.78 0.59 29.75
N LEU D 478 30.46 0.45 29.87
CA LEU D 478 29.52 1.03 28.93
C LEU D 478 28.69 2.10 29.63
N ARG D 479 28.33 3.13 28.88
CA ARG D 479 27.67 4.31 29.43
C ARG D 479 26.17 4.17 29.30
N VAL D 480 25.45 4.40 30.40
CA VAL D 480 24.01 4.27 30.46
C VAL D 480 23.42 5.57 30.98
N VAL D 481 22.33 6.02 30.38
CA VAL D 481 21.65 7.25 30.77
C VAL D 481 20.16 6.94 30.94
N THR D 482 19.49 7.72 31.77
CA THR D 482 18.09 7.47 32.10
C THR D 482 17.46 8.75 32.62
N LEU D 483 16.13 8.76 32.73
CA LEU D 483 15.41 9.89 33.28
C LEU D 483 15.20 9.70 34.78
N ILE D 484 14.39 10.58 35.37
CA ILE D 484 13.84 10.38 36.70
C ILE D 484 12.33 10.50 36.60
N GLU D 485 11.63 9.46 37.05
CA GLU D 485 10.18 9.40 36.98
C GLU D 485 9.72 8.22 37.81
N HIS D 486 8.59 8.39 38.49
CA HIS D 486 8.11 7.52 39.55
C HIS D 486 7.73 6.14 39.02
N PRO D 487 7.22 5.20 39.88
CA PRO D 487 7.53 3.78 39.70
C PRO D 487 8.87 3.43 39.05
N PHE D 488 9.03 3.71 37.76
CA PHE D 488 10.09 3.05 37.01
C PHE D 488 11.50 3.50 37.43
N VAL D 489 11.62 4.57 38.22
CA VAL D 489 12.89 4.92 38.86
C VAL D 489 12.58 5.89 39.98
N PHE D 490 13.51 6.03 40.91
CA PHE D 490 13.30 6.91 42.05
C PHE D 490 14.62 7.49 42.52
N THR D 491 14.54 8.45 43.42
CA THR D 491 15.67 9.00 44.15
C THR D 491 15.57 8.60 45.61
N ARG D 492 16.63 8.91 46.36
CA ARG D 492 16.66 8.66 47.79
C ARG D 492 17.16 9.92 48.47
N GLU D 493 17.40 9.83 49.78
CA GLU D 493 17.95 10.93 50.55
C GLU D 493 19.48 10.92 50.58
N VAL D 494 20.11 10.05 49.78
CA VAL D 494 21.56 9.88 49.74
C VAL D 494 22.06 9.36 51.09
N ASP D 495 23.37 9.13 51.17
CA ASP D 495 23.97 8.62 52.39
C ASP D 495 25.28 9.35 52.66
N ASP D 496 25.65 9.42 53.95
CA ASP D 496 26.90 10.07 54.31
C ASP D 496 28.11 9.34 53.73
N GLU D 497 28.09 8.00 53.77
CA GLU D 497 29.18 7.24 53.16
C GLU D 497 29.16 7.36 51.65
N GLY D 498 27.98 7.46 51.05
CA GLY D 498 27.86 7.62 49.60
C GLY D 498 27.42 6.36 48.88
N LEU D 499 26.53 5.60 49.50
CA LEU D 499 26.03 4.38 48.89
C LEU D 499 24.67 4.03 49.51
N CYS D 500 23.79 3.49 48.68
CA CYS D 500 22.46 3.07 49.10
C CYS D 500 22.17 1.69 48.52
N PRO D 501 21.39 0.88 49.22
CA PRO D 501 21.14 -0.48 48.76
C PRO D 501 20.20 -0.52 47.56
N ALA D 502 20.15 -1.70 46.93
CA ALA D 502 19.25 -1.97 45.81
C ALA D 502 19.48 -1.01 44.64
N GLY D 503 20.75 -0.70 44.37
CA GLY D 503 21.08 0.17 43.26
C GLY D 503 22.18 1.15 43.57
N GLN D 504 23.13 1.29 42.65
CA GLN D 504 24.23 2.22 42.81
C GLN D 504 23.76 3.64 42.60
N LEU D 505 24.54 4.59 43.11
CA LEU D 505 24.18 6.00 43.03
C LEU D 505 24.23 6.50 41.59
N CYS D 506 23.30 7.38 41.26
CA CYS D 506 23.25 8.02 39.95
C CYS D 506 23.71 9.46 40.06
N LEU D 507 24.63 9.87 39.19
CA LEU D 507 25.12 11.23 39.20
C LEU D 507 24.06 12.18 38.62
N ASP D 508 24.27 13.48 38.83
CA ASP D 508 23.35 14.51 38.33
C ASP D 508 24.09 15.62 37.61
N PRO D 509 24.79 15.29 36.51
CA PRO D 509 25.46 16.33 35.69
C PRO D 509 24.52 16.97 34.66
N MET D 510 23.77 17.96 35.13
CA MET D 510 22.76 18.67 34.34
C MET D 510 23.34 19.28 33.07
N THR D 511 24.66 19.40 32.95
CA THR D 511 25.24 20.17 31.85
C THR D 511 25.10 19.48 30.50
N ASN D 512 24.99 18.14 30.48
CA ASN D 512 24.93 17.33 29.26
C ASN D 512 25.89 17.79 28.18
N ASP D 513 25.46 17.73 26.92
CA ASP D 513 26.22 18.16 25.75
C ASP D 513 27.48 17.33 25.51
N SER D 514 27.52 16.11 26.07
CA SER D 514 28.59 15.15 25.81
C SER D 514 29.98 15.71 26.15
N SER D 515 31.02 15.04 25.64
CA SER D 515 32.41 15.47 25.79
C SER D 515 32.80 15.62 27.26
N THR D 516 32.43 16.75 27.88
CA THR D 516 32.81 16.98 29.27
C THR D 516 32.30 15.88 30.18
N LEU D 517 31.11 15.35 29.88
CA LEU D 517 30.54 14.25 30.65
C LEU D 517 31.53 13.09 30.77
N ASP D 518 32.26 12.80 29.70
CA ASP D 518 33.27 11.76 29.74
C ASP D 518 34.24 12.00 30.88
N SER D 519 34.81 13.21 30.92
CA SER D 519 35.75 13.55 31.98
C SER D 519 35.09 13.41 33.34
N LEU D 520 33.77 13.67 33.41
CA LEU D 520 33.06 13.51 34.67
C LEU D 520 33.11 12.07 35.15
N PHE D 521 32.90 11.10 34.25
CA PHE D 521 33.04 9.70 34.64
C PHE D 521 34.48 9.39 35.06
N SER D 522 35.44 10.12 34.50
CA SER D 522 36.82 9.99 34.96
C SER D 522 36.93 10.39 36.43
N SER D 523 36.21 11.43 36.84
CA SER D 523 36.14 11.77 38.26
C SER D 523 35.56 10.61 39.07
N LEU D 524 34.65 9.84 38.48
CA LEU D 524 34.18 8.63 39.14
C LEU D 524 35.32 7.63 39.31
N HIS D 525 36.17 7.49 38.30
CA HIS D 525 37.32 6.60 38.35
C HIS D 525 38.61 7.35 38.65
N SER D 526 38.52 8.41 39.45
CA SER D 526 39.65 9.26 39.77
C SER D 526 40.26 8.82 41.10
N SER D 527 41.59 8.63 41.10
CA SER D 527 42.29 8.33 42.35
C SER D 527 42.23 9.52 43.30
N ASN D 528 42.25 10.74 42.75
CA ASN D 528 42.12 11.94 43.56
C ASN D 528 40.66 12.13 43.99
N ASP D 529 40.39 13.28 44.60
CA ASP D 529 39.05 13.57 45.10
C ASP D 529 38.06 13.67 43.95
N THR D 530 36.81 13.33 44.26
CA THR D 530 35.73 13.27 43.29
C THR D 530 34.90 14.55 43.36
N VAL D 531 34.03 14.73 42.37
CA VAL D 531 33.11 15.87 42.29
C VAL D 531 32.30 15.95 43.57
N PRO D 532 32.07 17.15 44.12
CA PRO D 532 31.32 17.25 45.38
C PRO D 532 29.93 16.64 45.29
N ILE D 533 29.28 16.56 46.46
CA ILE D 533 28.02 15.85 46.62
C ILE D 533 26.89 16.40 45.75
N LYS D 534 27.08 17.57 45.13
CA LYS D 534 26.05 18.12 44.27
C LYS D 534 25.76 17.22 43.07
N PHE D 535 26.71 16.37 42.69
CA PHE D 535 26.53 15.46 41.56
C PHE D 535 26.38 14.02 42.02
N LYS D 536 25.85 13.80 43.21
CA LYS D 536 25.61 12.46 43.73
C LYS D 536 24.14 12.31 44.09
N LYS D 537 23.57 11.15 43.78
CA LYS D 537 22.16 10.88 44.05
C LYS D 537 21.98 9.37 44.18
N CYS D 538 21.54 8.91 45.34
CA CYS D 538 21.21 7.51 45.50
C CYS D 538 20.07 7.14 44.56
N CYS D 539 20.18 5.97 43.94
CA CYS D 539 19.46 5.69 42.70
C CYS D 539 19.01 4.24 42.71
N TYR D 540 17.69 4.03 42.62
CA TYR D 540 17.12 2.69 42.68
C TYR D 540 15.79 2.69 41.95
N GLY D 541 15.25 1.49 41.75
CA GLY D 541 13.96 1.36 41.09
C GLY D 541 13.78 0.12 40.23
N TYR D 542 12.56 0.00 39.68
CA TYR D 542 12.19 -1.14 38.84
C TYR D 542 13.11 -1.25 37.63
N CYS D 543 13.27 -0.15 36.88
CA CYS D 543 14.10 -0.18 35.69
C CYS D 543 15.55 -0.45 36.05
N ILE D 544 16.03 0.13 37.14
CA ILE D 544 17.45 -0.03 37.47
C ILE D 544 17.73 -1.47 37.89
N ASP D 545 16.81 -2.12 38.61
CA ASP D 545 17.07 -3.51 38.98
C ASP D 545 16.94 -4.43 37.79
N LEU D 546 16.02 -4.12 36.86
CA LEU D 546 15.97 -4.88 35.61
C LEU D 546 17.29 -4.75 34.86
N LEU D 547 17.84 -3.54 34.80
CA LEU D 547 19.13 -3.34 34.16
C LEU D 547 20.24 -4.08 34.90
N GLU D 548 20.16 -4.12 36.23
CA GLU D 548 21.16 -4.84 37.02
C GLU D 548 21.18 -6.32 36.66
N LYS D 549 19.97 -6.83 36.60
CA LYS D 549 19.68 -8.23 36.20
C LYS D 549 20.39 -8.45 34.87
N ILE D 550 20.00 -7.65 33.88
CA ILE D 550 20.47 -7.73 32.50
C ILE D 550 21.99 -7.75 32.45
N ALA D 551 22.63 -6.83 33.17
CA ALA D 551 24.09 -6.78 33.19
C ALA D 551 24.67 -8.04 33.81
N GLU D 552 24.07 -8.52 34.90
CA GLU D 552 24.57 -9.73 35.54
C GLU D 552 24.52 -10.91 34.57
N ASP D 553 23.53 -10.93 33.68
CA ASP D 553 23.50 -11.97 32.65
C ASP D 553 24.69 -11.85 31.71
N MET D 554 25.16 -10.62 31.45
CA MET D 554 26.25 -10.39 30.52
C MET D 554 27.53 -9.92 31.21
N ASN D 555 27.49 -9.64 32.50
CA ASN D 555 28.66 -9.27 33.29
C ASN D 555 29.36 -8.03 32.70
N PHE D 556 28.64 -6.91 32.73
CA PHE D 556 29.15 -5.66 32.16
C PHE D 556 28.71 -4.51 33.04
N ASP D 557 29.67 -3.79 33.61
CA ASP D 557 29.36 -2.70 34.53
C ASP D 557 28.80 -1.49 33.79
N PHE D 558 28.16 -0.60 34.55
CA PHE D 558 27.53 0.57 33.96
C PHE D 558 27.35 1.64 35.03
N ASP D 559 27.08 2.86 34.57
CA ASP D 559 26.73 3.99 35.43
C ASP D 559 25.54 4.71 34.81
N LEU D 560 24.97 5.65 35.55
CA LEU D 560 23.80 6.39 35.08
C LEU D 560 23.86 7.84 35.55
N TYR D 561 23.14 8.69 34.83
CA TYR D 561 23.12 10.12 35.12
C TYR D 561 21.84 10.72 34.55
N ILE D 562 21.40 11.83 35.15
CA ILE D 562 20.09 12.40 34.82
C ILE D 562 20.29 13.39 33.68
N VAL D 563 20.38 12.84 32.47
CA VAL D 563 20.31 13.51 31.16
C VAL D 563 20.75 14.97 31.14
N GLY D 564 20.15 15.75 30.23
CA GLY D 564 20.25 17.20 30.25
C GLY D 564 18.99 17.88 29.77
N ASP D 565 17.98 17.08 29.41
CA ASP D 565 16.70 17.60 28.98
C ASP D 565 15.56 17.09 29.85
N GLY D 566 15.48 15.78 30.06
CA GLY D 566 14.37 15.19 30.79
C GLY D 566 13.05 15.37 30.08
N LYS D 567 13.04 15.32 28.75
CA LYS D 567 11.82 15.58 28.00
C LYS D 567 11.65 14.62 26.82
N TYR D 568 12.26 13.44 26.88
CA TYR D 568 12.23 12.46 25.80
C TYR D 568 12.88 13.00 24.54
N GLY D 569 12.24 13.98 23.88
CA GLY D 569 12.79 14.59 22.70
C GLY D 569 11.88 14.52 21.49
N ALA D 570 11.99 15.49 20.58
CA ALA D 570 11.15 15.53 19.40
C ALA D 570 11.82 16.44 18.37
N TRP D 571 11.08 16.76 17.30
CA TRP D 571 11.54 17.68 16.27
C TRP D 571 11.69 19.08 16.85
N LYS D 572 12.92 19.58 16.92
CA LYS D 572 13.17 20.95 17.36
C LYS D 572 14.45 21.45 16.72
N ASN D 573 14.35 22.58 16.02
CA ASN D 573 15.46 23.25 15.34
C ASN D 573 16.43 22.28 14.69
N GLY D 574 15.92 21.28 13.97
CA GLY D 574 16.78 20.31 13.32
C GLY D 574 17.10 19.10 14.17
N HIS D 575 18.27 19.13 14.82
CA HIS D 575 18.73 17.99 15.61
C HIS D 575 17.70 17.60 16.66
N TRP D 576 17.70 16.32 17.01
CA TRP D 576 16.81 15.83 18.05
C TRP D 576 17.24 16.36 19.41
N THR D 577 16.34 16.22 20.38
CA THR D 577 16.58 16.67 21.75
C THR D 577 16.35 15.50 22.70
N GLY D 578 16.61 15.75 23.97
CA GLY D 578 16.31 14.75 24.99
C GLY D 578 17.13 13.48 24.81
N LEU D 579 16.46 12.35 25.01
CA LEU D 579 17.16 11.06 25.03
C LEU D 579 17.59 10.64 23.63
N VAL D 580 16.71 10.81 22.64
CA VAL D 580 17.10 10.53 21.27
C VAL D 580 18.25 11.43 20.85
N GLY D 581 18.20 12.70 21.26
CA GLY D 581 19.30 13.61 20.94
C GLY D 581 20.61 13.19 21.57
N ASP D 582 20.55 12.75 22.84
CA ASP D 582 21.77 12.29 23.49
C ASP D 582 22.31 11.02 22.85
N LEU D 583 21.41 10.12 22.43
CA LEU D 583 21.85 8.87 21.82
C LEU D 583 22.49 9.12 20.46
N LEU D 584 21.84 9.92 19.61
CA LEU D 584 22.35 10.15 18.27
C LEU D 584 23.68 10.89 18.26
N ARG D 585 24.05 11.52 19.37
CA ARG D 585 25.36 12.16 19.51
C ARG D 585 26.43 11.17 19.99
N GLY D 586 26.07 9.92 20.20
CA GLY D 586 27.03 8.91 20.64
C GLY D 586 27.55 9.11 22.03
N THR D 587 26.84 9.87 22.87
CA THR D 587 27.31 10.10 24.24
C THR D 587 27.28 8.81 25.05
N ALA D 588 26.18 8.07 24.99
CA ALA D 588 26.03 6.80 25.67
C ALA D 588 25.53 5.76 24.69
N HIS D 589 25.84 4.50 24.96
CA HIS D 589 25.55 3.42 24.03
C HIS D 589 24.10 2.96 24.07
N MET D 590 23.40 3.14 25.18
CA MET D 590 22.03 2.66 25.32
C MET D 590 21.43 3.25 26.59
N ALA D 591 20.10 3.17 26.68
CA ALA D 591 19.38 3.80 27.78
C ALA D 591 18.15 2.99 28.15
N VAL D 592 17.82 2.96 29.45
CA VAL D 592 16.62 2.30 29.96
C VAL D 592 15.79 3.32 30.71
N THR D 593 14.51 3.39 30.40
CA THR D 593 13.56 4.25 31.09
C THR D 593 12.18 3.80 30.60
N SER D 594 11.13 4.56 30.94
CA SER D 594 9.74 4.43 30.51
C SER D 594 9.56 4.74 29.03
N PHE D 595 10.70 4.82 28.33
CA PHE D 595 10.82 5.13 26.92
C PHE D 595 9.65 4.57 26.10
N SER D 596 9.01 5.42 25.32
CA SER D 596 7.82 5.04 24.56
C SER D 596 8.24 4.48 23.20
N ILE D 597 7.25 4.26 22.33
CA ILE D 597 7.49 3.81 20.96
C ILE D 597 6.87 4.83 20.02
N ASN D 598 7.65 5.29 19.05
CA ASN D 598 7.19 6.26 18.08
C ASN D 598 7.74 5.89 16.70
N THR D 599 6.88 5.98 15.69
CA THR D 599 7.33 5.74 14.32
C THR D 599 8.38 6.76 13.91
N ALA D 600 8.18 8.02 14.27
CA ALA D 600 9.19 9.04 14.02
C ALA D 600 10.50 8.69 14.73
N ARG D 601 10.42 8.08 15.90
CA ARG D 601 11.63 7.57 16.55
C ARG D 601 12.13 6.32 15.86
N SER D 602 11.22 5.43 15.47
CA SER D 602 11.62 4.18 14.84
C SER D 602 12.34 4.38 13.52
N GLN D 603 12.13 5.52 12.86
CA GLN D 603 12.80 5.76 11.59
C GLN D 603 14.30 5.98 11.77
N VAL D 604 14.69 6.74 12.79
CA VAL D 604 16.10 7.09 12.96
C VAL D 604 16.79 6.09 13.86
N ILE D 605 16.15 5.73 14.99
CA ILE D 605 16.71 4.78 15.92
C ILE D 605 15.83 3.54 15.93
N ASP D 606 16.36 2.48 16.55
CA ASP D 606 15.67 1.20 16.61
C ASP D 606 15.58 0.72 18.05
N PHE D 607 14.52 -0.04 18.35
CA PHE D 607 14.20 -0.44 19.71
C PHE D 607 14.54 -1.91 19.92
N THR D 608 14.19 -2.40 21.10
CA THR D 608 14.24 -3.81 21.43
C THR D 608 12.83 -4.39 21.38
N SER D 609 12.69 -5.63 21.82
CA SER D 609 11.36 -6.20 21.95
C SER D 609 10.59 -5.46 23.04
N PRO D 610 9.29 -5.24 22.87
CA PRO D 610 8.51 -4.58 23.93
C PRO D 610 8.43 -5.46 25.17
N PHE D 611 8.56 -4.83 26.33
CA PHE D 611 8.48 -5.54 27.61
C PHE D 611 7.38 -5.00 28.51
N PHE D 612 6.50 -4.17 27.98
CA PHE D 612 5.44 -3.56 28.77
C PHE D 612 4.44 -2.90 27.82
N SER D 613 3.32 -2.46 28.37
CA SER D 613 2.33 -1.72 27.62
C SER D 613 1.41 -1.02 28.61
N THR D 614 0.81 0.09 28.15
CA THR D 614 -0.05 0.89 28.99
C THR D 614 -0.92 1.76 28.10
N SER D 615 -1.78 2.56 28.73
CA SER D 615 -2.67 3.48 28.04
C SER D 615 -2.30 4.92 28.39
N LEU D 616 -2.97 5.85 27.71
CA LEU D 616 -2.87 7.27 28.02
C LEU D 616 -4.19 7.69 28.65
N GLY D 617 -4.18 7.89 29.97
CA GLY D 617 -5.37 8.25 30.70
C GLY D 617 -5.54 9.75 30.86
N ILE D 618 -6.71 10.12 31.37
CA ILE D 618 -7.04 11.51 31.65
C ILE D 618 -7.35 11.61 33.15
N LEU D 619 -6.62 12.48 33.84
CA LEU D 619 -6.66 12.57 35.30
C LEU D 619 -7.37 13.86 35.68
N VAL D 620 -8.69 13.80 35.79
CA VAL D 620 -9.49 14.97 36.14
C VAL D 620 -9.59 15.07 37.66
N ARG D 621 -9.87 16.27 38.14
CA ARG D 621 -10.21 16.45 39.54
C ARG D 621 -11.60 15.89 39.82
N THR D 622 -11.74 15.29 41.01
CA THR D 622 -13.01 14.72 41.43
C THR D 622 -13.94 15.80 41.94
N ARG D 623 -15.00 15.40 42.66
CA ARG D 623 -15.97 16.29 43.30
C ARG D 623 -16.30 17.55 42.49
N TRP D 703 -66.19 38.66 53.00
CA TRP D 703 -66.55 38.94 51.62
C TRP D 703 -65.30 39.18 50.76
N THR D 704 -64.92 40.45 50.63
CA THR D 704 -63.72 40.78 49.86
C THR D 704 -62.46 40.23 50.52
N GLY D 705 -62.42 40.22 51.84
CA GLY D 705 -61.30 39.62 52.54
C GLY D 705 -61.12 38.15 52.24
N ARG D 706 -62.24 37.43 52.06
CA ARG D 706 -62.15 36.03 51.66
C ARG D 706 -61.50 35.89 50.30
N PHE D 707 -61.86 36.75 49.34
CA PHE D 707 -61.25 36.70 48.02
C PHE D 707 -59.76 37.03 48.10
N LEU D 708 -59.39 38.02 48.91
CA LEU D 708 -57.98 38.35 49.07
C LEU D 708 -57.20 37.20 49.67
N MET D 709 -57.77 36.54 50.68
CA MET D 709 -57.11 35.39 51.29
C MET D 709 -57.00 34.24 50.30
N ASN D 710 -58.03 34.04 49.46
CA ASN D 710 -57.95 33.00 48.45
C ASN D 710 -56.86 33.29 47.43
N LEU D 711 -56.73 34.56 47.02
CA LEU D 711 -55.66 34.93 46.09
C LEU D 711 -54.29 34.70 46.73
N TRP D 712 -54.14 35.07 48.01
CA TRP D 712 -52.88 34.84 48.70
C TRP D 712 -52.57 33.36 48.80
N ALA D 713 -53.58 32.54 49.09
CA ALA D 713 -53.37 31.09 49.18
C ALA D 713 -52.99 30.50 47.83
N ILE D 714 -53.62 30.99 46.74
CA ILE D 714 -53.25 30.52 45.41
C ILE D 714 -51.82 30.88 45.09
N PHE D 715 -51.41 32.10 45.43
CA PHE D 715 -50.02 32.51 45.22
C PHE D 715 -49.08 31.64 46.04
N CYS D 716 -49.44 31.33 47.28
CA CYS D 716 -48.60 30.49 48.12
C CYS D 716 -48.47 29.08 47.54
N MET D 717 -49.57 28.52 47.03
CA MET D 717 -49.52 27.20 46.42
C MET D 717 -48.64 27.21 45.18
N PHE D 718 -48.78 28.23 44.35
CA PHE D 718 -47.94 28.34 43.16
C PHE D 718 -46.47 28.47 43.53
N CYS D 719 -46.17 29.26 44.56
CA CYS D 719 -44.79 29.41 45.00
C CYS D 719 -44.24 28.10 45.53
N LEU D 720 -45.05 27.35 46.28
CA LEU D 720 -44.60 26.06 46.80
C LEU D 720 -44.31 25.09 45.66
N SER D 721 -45.21 25.04 44.67
CA SER D 721 -44.98 24.15 43.54
C SER D 721 -43.72 24.55 42.76
N THR D 722 -43.53 25.86 42.55
CA THR D 722 -42.34 26.33 41.85
C THR D 722 -41.07 25.99 42.61
N TYR D 723 -41.08 26.18 43.94
CA TYR D 723 -39.91 25.85 44.74
C TYR D 723 -39.62 24.36 44.69
N THR D 724 -40.66 23.52 44.78
CA THR D 724 -40.46 22.08 44.69
C THR D 724 -39.86 21.69 43.34
N ALA D 725 -40.39 22.25 42.25
CA ALA D 725 -39.87 21.94 40.93
C ALA D 725 -38.43 22.39 40.78
N ASN D 726 -38.11 23.59 41.27
CA ASN D 726 -36.74 24.09 41.19
C ASN D 726 -35.78 23.20 41.98
N LEU D 727 -36.18 22.79 43.18
CA LEU D 727 -35.33 21.92 43.99
C LEU D 727 -35.14 20.58 43.30
N ALA D 728 -36.20 20.02 42.74
CA ALA D 728 -36.07 18.73 42.05
C ALA D 728 -35.15 18.84 40.84
N ALA D 729 -35.25 19.92 40.08
CA ALA D 729 -34.35 20.12 38.95
C ALA D 729 -32.91 20.31 39.41
N VAL D 730 -32.70 21.05 40.50
CA VAL D 730 -31.36 21.31 41.00
C VAL D 730 -30.70 20.02 41.49
N MET D 731 -31.45 19.18 42.20
CA MET D 731 -30.91 17.94 42.73
C MET D 731 -30.44 16.97 41.65
N VAL D 732 -30.86 17.17 40.41
CA VAL D 732 -30.46 16.33 39.29
C VAL D 732 -29.25 16.95 38.56
N GLY D 733 -28.59 17.92 39.19
CA GLY D 733 -27.50 18.64 38.57
C GLY D 733 -26.19 17.88 38.53
N GLU D 734 -25.09 18.57 38.79
CA GLU D 734 -23.76 18.00 38.63
C GLU D 734 -23.44 17.07 39.80
N LYS D 735 -23.54 15.77 39.56
CA LYS D 735 -23.12 14.76 40.52
C LYS D 735 -22.27 13.67 39.89
N ILE D 736 -22.16 13.64 38.56
CA ILE D 736 -21.30 12.71 37.84
C ILE D 736 -20.42 13.53 36.90
N TYR D 737 -20.03 14.73 37.35
CA TYR D 737 -19.32 15.68 36.50
C TYR D 737 -18.02 15.08 35.99
N GLU D 738 -17.54 15.64 34.88
CA GLU D 738 -16.27 15.25 34.24
C GLU D 738 -16.31 13.80 33.78
N GLU D 739 -17.32 13.49 32.97
CA GLU D 739 -17.43 12.19 32.32
C GLU D 739 -16.87 12.34 30.90
N LEU D 740 -15.55 12.53 30.83
CA LEU D 740 -14.89 12.80 29.57
C LEU D 740 -14.98 11.65 28.57
N SER D 741 -14.78 10.41 29.03
CA SER D 741 -15.02 9.20 28.23
C SER D 741 -14.03 9.03 27.10
N GLY D 742 -13.10 9.96 26.95
CA GLY D 742 -12.11 9.86 25.89
C GLY D 742 -12.19 11.06 24.98
N ILE D 743 -11.25 11.13 24.04
CA ILE D 743 -11.20 12.26 23.12
C ILE D 743 -12.05 11.98 21.88
N HIS D 744 -13.36 12.10 22.02
CA HIS D 744 -14.25 12.21 20.88
C HIS D 744 -15.46 13.09 21.14
N ASP D 745 -15.55 13.74 22.30
CA ASP D 745 -16.75 14.38 22.81
C ASP D 745 -16.68 15.90 22.65
N PRO D 746 -17.83 16.57 22.57
CA PRO D 746 -17.81 18.04 22.50
C PRO D 746 -17.27 18.70 23.75
N LYS D 747 -17.20 18.00 24.87
CA LYS D 747 -16.70 18.60 26.10
C LYS D 747 -15.25 19.03 25.95
N LEU D 748 -14.40 18.13 25.47
CA LEU D 748 -12.97 18.37 25.43
C LEU D 748 -12.42 18.73 24.06
N HIS D 749 -13.20 18.54 22.99
CA HIS D 749 -12.61 18.66 21.66
C HIS D 749 -12.48 20.11 21.24
N HIS D 750 -13.60 20.82 21.14
CA HIS D 750 -13.52 22.26 20.85
C HIS D 750 -13.73 23.05 22.14
N PRO D 751 -13.10 24.23 22.28
CA PRO D 751 -13.08 24.89 23.59
C PRO D 751 -14.43 25.46 23.99
N SER D 752 -15.10 24.81 24.94
CA SER D 752 -16.31 25.38 25.52
C SER D 752 -15.95 26.31 26.67
N GLN D 753 -15.01 27.22 26.41
CA GLN D 753 -14.75 28.38 27.26
C GLN D 753 -14.39 27.95 28.69
N GLY D 754 -13.22 27.32 28.82
CA GLY D 754 -12.69 27.05 30.14
C GLY D 754 -12.06 25.70 30.43
N PHE D 755 -11.82 24.89 29.40
CA PHE D 755 -11.03 23.68 29.57
C PHE D 755 -9.55 23.99 29.38
N ARG D 756 -8.74 23.56 30.35
CA ARG D 756 -7.31 23.86 30.41
C ARG D 756 -6.55 22.53 30.36
N PHE D 757 -6.11 22.15 29.16
CA PHE D 757 -5.44 20.87 28.96
C PHE D 757 -3.98 20.97 29.37
N GLY D 758 -3.20 19.95 29.03
CA GLY D 758 -1.78 19.94 29.33
C GLY D 758 -1.15 18.56 29.31
N THR D 759 0.04 18.45 28.76
CA THR D 759 0.79 17.20 28.73
C THR D 759 2.24 17.53 29.09
N VAL D 760 3.13 16.59 28.87
CA VAL D 760 4.56 16.88 28.90
C VAL D 760 4.94 17.53 27.57
N ARG D 761 5.95 18.40 27.61
CA ARG D 761 6.11 19.40 26.54
C ARG D 761 6.30 18.76 25.17
N GLU D 762 7.15 17.74 25.07
CA GLU D 762 7.34 17.08 23.77
C GLU D 762 7.45 15.57 23.94
N SER D 763 6.67 15.00 24.84
CA SER D 763 6.65 13.55 25.02
C SER D 763 5.89 12.91 23.85
N SER D 764 5.66 11.61 23.95
CA SER D 764 4.85 10.92 22.94
C SER D 764 3.43 11.45 22.89
N ALA D 765 2.94 12.02 24.00
CA ALA D 765 1.62 12.64 24.00
C ALA D 765 1.58 13.80 23.01
N GLU D 766 2.54 14.73 23.12
CA GLU D 766 2.55 15.89 22.25
C GLU D 766 2.69 15.50 20.79
N ASP D 767 3.62 14.57 20.49
CA ASP D 767 3.83 14.18 19.11
C ASP D 767 2.58 13.53 18.52
N TYR D 768 1.97 12.60 19.26
CA TYR D 768 0.78 11.94 18.76
C TYR D 768 -0.36 12.93 18.56
N VAL D 769 -0.56 13.83 19.53
CA VAL D 769 -1.66 14.78 19.42
C VAL D 769 -1.45 15.71 18.24
N ARG D 770 -0.24 16.24 18.09
CA ARG D 770 0.02 17.17 16.99
C ARG D 770 -0.03 16.46 15.64
N GLN D 771 0.27 15.16 15.60
CA GLN D 771 0.24 14.46 14.33
C GLN D 771 -1.18 14.02 13.97
N SER D 772 -2.04 13.80 14.96
CA SER D 772 -3.41 13.36 14.69
C SER D 772 -4.39 14.53 14.59
N PHE D 773 -4.53 15.29 15.68
CA PHE D 773 -5.51 16.39 15.75
C PHE D 773 -4.74 17.70 15.94
N PRO D 774 -4.59 18.50 14.89
CA PRO D 774 -3.66 19.64 14.95
C PRO D 774 -4.04 20.77 15.90
N GLU D 775 -5.29 21.24 15.85
CA GLU D 775 -5.66 22.44 16.58
C GLU D 775 -5.37 22.29 18.08
N MET D 776 -5.61 21.11 18.62
CA MET D 776 -5.30 20.92 20.03
C MET D 776 -3.81 21.05 20.30
N HIS D 777 -2.94 20.90 19.31
CA HIS D 777 -1.53 21.11 19.59
C HIS D 777 -1.29 22.52 20.12
N GLU D 778 -1.76 23.53 19.39
CA GLU D 778 -1.68 24.90 19.87
C GLU D 778 -2.45 25.06 21.18
N TYR D 779 -3.65 24.48 21.25
CA TYR D 779 -4.51 24.75 22.40
C TYR D 779 -3.89 24.23 23.69
N MET D 780 -3.35 23.01 23.69
CA MET D 780 -2.59 22.54 24.84
C MET D 780 -1.34 23.36 25.04
N ARG D 781 -0.62 23.68 23.95
CA ARG D 781 0.71 24.26 24.13
C ARG D 781 0.65 25.63 24.78
N ARG D 782 -0.49 26.33 24.70
CA ARG D 782 -0.58 27.57 25.46
C ARG D 782 -0.66 27.29 26.97
N TYR D 783 -1.15 26.11 27.37
CA TYR D 783 -1.23 25.71 28.79
C TYR D 783 -0.56 24.37 29.01
N ASN D 784 0.67 24.20 28.51
CA ASN D 784 1.35 22.90 28.55
C ASN D 784 2.56 22.99 29.47
N VAL D 785 2.63 22.09 30.45
CA VAL D 785 3.67 22.10 31.47
C VAL D 785 4.90 21.35 30.96
N PRO D 786 6.10 21.68 31.45
CA PRO D 786 7.32 21.04 30.92
C PRO D 786 7.62 19.66 31.50
N ALA D 787 7.34 19.44 32.78
CA ALA D 787 7.80 18.24 33.47
C ALA D 787 6.64 17.57 34.20
N THR D 788 6.70 16.23 34.27
CA THR D 788 5.62 15.47 34.88
C THR D 788 5.41 15.81 36.35
N PRO D 789 6.41 15.68 37.26
CA PRO D 789 6.09 15.81 38.68
C PRO D 789 5.86 17.25 39.08
N ASP D 790 5.11 17.94 38.25
CA ASP D 790 4.57 19.27 38.49
C ASP D 790 3.08 19.34 38.21
N GLY D 791 2.61 18.62 37.18
CA GLY D 791 1.25 18.84 36.71
C GLY D 791 0.20 18.58 37.78
N VAL D 792 0.27 17.41 38.41
CA VAL D 792 -0.70 17.08 39.46
C VAL D 792 -0.61 18.05 40.62
N GLU D 793 0.56 18.65 40.84
CA GLU D 793 0.68 19.65 41.90
C GLU D 793 -0.24 20.84 41.63
N TYR D 794 -0.37 21.24 40.36
CA TYR D 794 -1.29 22.31 40.03
C TYR D 794 -2.73 21.92 40.32
N LEU D 795 -3.03 20.62 40.38
CA LEU D 795 -4.36 20.19 40.78
C LEU D 795 -4.70 20.61 42.21
N LYS D 796 -3.69 20.93 43.01
CA LYS D 796 -3.89 21.41 44.37
C LYS D 796 -3.94 22.93 44.45
N ASN D 797 -3.93 23.62 43.31
CA ASN D 797 -3.86 25.08 43.28
C ASN D 797 -5.24 25.71 43.04
N ASP D 798 -6.30 25.15 43.65
CA ASP D 798 -7.67 25.58 43.35
C ASP D 798 -7.86 25.49 41.85
N PRO D 799 -8.06 24.29 41.31
CA PRO D 799 -7.65 24.02 39.92
C PRO D 799 -8.40 24.82 38.87
N GLU D 800 -8.04 26.10 38.76
CA GLU D 800 -8.37 26.89 37.58
C GLU D 800 -7.26 26.82 36.55
N LYS D 801 -6.02 26.60 36.99
CA LYS D 801 -4.89 26.52 36.07
C LYS D 801 -4.87 25.20 35.32
N LEU D 802 -4.76 24.09 36.06
CA LEU D 802 -4.72 22.76 35.47
C LEU D 802 -5.94 21.97 35.92
N ASP D 803 -6.68 21.43 34.95
CA ASP D 803 -7.79 20.53 35.25
C ASP D 803 -7.80 19.34 34.29
N ALA D 804 -6.65 19.00 33.73
CA ALA D 804 -6.45 17.81 32.92
C ALA D 804 -4.96 17.63 32.70
N PHE D 805 -4.48 16.40 32.81
CA PHE D 805 -3.06 16.08 32.72
C PHE D 805 -2.82 14.85 31.85
N ILE D 806 -3.38 14.86 30.63
CA ILE D 806 -3.29 13.73 29.70
C ILE D 806 -1.87 13.18 29.68
N MET D 807 -1.73 11.88 29.94
CA MET D 807 -0.45 11.21 30.11
C MET D 807 -0.73 9.72 30.27
N ASP D 808 0.35 8.93 30.23
CA ASP D 808 0.22 7.48 30.31
C ASP D 808 -0.56 7.03 31.55
N LYS D 809 -1.41 6.02 31.36
CA LYS D 809 -2.35 5.62 32.40
C LYS D 809 -1.65 4.96 33.59
N ALA D 810 -0.51 4.31 33.36
CA ALA D 810 0.16 3.61 34.46
C ALA D 810 0.62 4.59 35.54
N LEU D 811 1.32 5.66 35.12
CA LEU D 811 1.76 6.65 36.08
C LEU D 811 0.59 7.36 36.75
N LEU D 812 -0.48 7.58 36.01
CA LEU D 812 -1.68 8.21 36.58
C LEU D 812 -2.28 7.33 37.65
N ASP D 813 -2.38 6.02 37.39
CA ASP D 813 -2.90 5.10 38.40
C ASP D 813 -2.01 5.06 39.62
N TYR D 814 -0.69 5.10 39.41
CA TYR D 814 0.21 5.16 40.56
C TYR D 814 -0.04 6.42 41.39
N GLU D 815 -0.16 7.57 40.72
CA GLU D 815 -0.35 8.81 41.44
C GLU D 815 -1.71 8.85 42.14
N VAL D 816 -2.70 8.15 41.60
CA VAL D 816 -3.95 7.96 42.32
C VAL D 816 -3.73 7.12 43.56
N SER D 817 -2.96 6.04 43.42
CA SER D 817 -2.71 5.14 44.54
C SER D 817 -2.00 5.85 45.69
N ILE D 818 -0.96 6.62 45.36
CA ILE D 818 -0.23 7.34 46.40
C ILE D 818 -1.06 8.47 46.99
N ASP D 819 -2.09 8.93 46.28
CA ASP D 819 -2.93 10.02 46.75
C ASP D 819 -3.83 9.47 47.85
N ALA D 820 -3.35 9.57 49.09
CA ALA D 820 -4.12 9.09 50.23
C ALA D 820 -5.44 9.83 50.38
N ASP D 821 -5.45 11.14 50.09
CA ASP D 821 -6.68 11.91 50.17
C ASP D 821 -7.74 11.40 49.20
N CYS D 822 -7.32 10.78 48.10
CA CYS D 822 -8.23 10.09 47.17
C CYS D 822 -9.30 11.05 46.63
N LYS D 823 -8.88 12.25 46.25
CA LYS D 823 -9.78 13.26 45.70
C LYS D 823 -9.67 13.38 44.19
N LEU D 824 -9.31 12.29 43.50
CA LEU D 824 -9.13 12.30 42.06
C LEU D 824 -9.46 10.92 41.52
N LEU D 825 -10.06 10.89 40.33
CA LEU D 825 -10.59 9.64 39.76
C LEU D 825 -10.28 9.62 38.27
N THR D 826 -9.47 8.65 37.83
CA THR D 826 -9.20 8.50 36.42
C THR D 826 -10.48 8.13 35.68
N VAL D 827 -10.65 8.71 34.49
CA VAL D 827 -11.84 8.54 33.68
C VAL D 827 -11.41 8.46 32.22
N GLY D 828 -12.35 8.07 31.35
CA GLY D 828 -12.07 7.99 29.93
C GLY D 828 -11.49 6.67 29.50
N LYS D 829 -12.05 6.09 28.44
CA LYS D 829 -11.60 4.79 27.97
C LYS D 829 -10.19 4.90 27.39
N PRO D 830 -9.38 3.85 27.56
CA PRO D 830 -8.01 3.88 27.04
C PRO D 830 -7.98 4.10 25.53
N PHE D 831 -7.03 4.92 25.09
CA PHE D 831 -6.88 5.24 23.68
C PHE D 831 -5.40 5.29 23.32
N ALA D 832 -5.12 4.99 22.05
CA ALA D 832 -3.77 5.04 21.50
C ALA D 832 -2.80 4.21 22.34
N ILE D 833 -3.06 2.91 22.37
CA ILE D 833 -2.24 1.98 23.14
C ILE D 833 -0.90 1.81 22.47
N GLU D 834 0.17 1.91 23.24
CA GLU D 834 1.52 1.72 22.75
C GLU D 834 2.29 0.83 23.73
N GLY D 835 3.54 0.51 23.37
CA GLY D 835 4.40 -0.29 24.21
C GLY D 835 5.64 0.47 24.63
N TYR D 836 6.50 -0.23 25.35
CA TYR D 836 7.74 0.32 25.87
C TYR D 836 8.92 -0.44 25.26
N GLY D 837 10.13 -0.07 25.65
CA GLY D 837 11.31 -0.72 25.11
C GLY D 837 12.57 -0.12 25.67
N ILE D 838 13.69 -0.50 25.06
CA ILE D 838 15.01 -0.04 25.46
C ILE D 838 15.66 0.65 24.27
N GLY D 839 16.17 1.86 24.49
CA GLY D 839 16.72 2.65 23.40
C GLY D 839 18.12 2.19 23.01
N LEU D 840 18.29 1.95 21.72
CA LEU D 840 19.56 1.54 21.13
C LEU D 840 19.88 2.39 19.92
N PRO D 841 21.15 2.54 19.57
CA PRO D 841 21.52 3.30 18.39
C PRO D 841 21.03 2.61 17.13
N PRO D 842 20.96 3.32 16.01
CA PRO D 842 20.50 2.69 14.76
C PRO D 842 21.44 1.57 14.33
N ASN D 843 20.85 0.40 14.09
CA ASN D 843 21.58 -0.77 13.60
C ASN D 843 22.73 -1.17 14.52
N SER D 844 22.57 -0.95 15.82
CA SER D 844 23.57 -1.36 16.78
C SER D 844 23.50 -2.87 17.01
N PRO D 845 24.59 -3.47 17.50
CA PRO D 845 24.55 -4.91 17.81
C PRO D 845 23.87 -5.19 19.14
N LEU D 846 23.89 -6.45 19.57
CA LEU D 846 23.44 -6.93 20.87
C LEU D 846 21.92 -6.91 21.02
N THR D 847 21.19 -6.38 20.04
CA THR D 847 19.74 -6.24 20.18
C THR D 847 19.05 -7.60 20.36
N ALA D 848 19.47 -8.59 19.57
CA ALA D 848 18.82 -9.91 19.63
C ALA D 848 19.01 -10.55 21.01
N ASN D 849 20.21 -10.43 21.57
CA ASN D 849 20.49 -11.05 22.87
C ASN D 849 19.58 -10.47 23.95
N ILE D 850 19.50 -9.14 24.02
CA ILE D 850 18.68 -8.49 25.04
C ILE D 850 17.20 -8.79 24.80
N SER D 851 16.78 -8.79 23.53
CA SER D 851 15.39 -9.06 23.22
C SER D 851 14.99 -10.46 23.66
N GLU D 852 15.81 -11.47 23.34
CA GLU D 852 15.49 -12.82 23.75
C GLU D 852 15.58 -12.98 25.27
N LEU D 853 16.52 -12.27 25.90
CA LEU D 853 16.63 -12.32 27.36
C LEU D 853 15.36 -11.81 28.02
N ILE D 854 14.87 -10.64 27.58
CA ILE D 854 13.67 -10.09 28.18
C ILE D 854 12.45 -10.92 27.84
N SER D 855 12.41 -11.51 26.64
CA SER D 855 11.31 -12.41 26.30
C SER D 855 11.29 -13.62 27.21
N GLN D 856 12.46 -14.21 27.49
CA GLN D 856 12.52 -15.35 28.39
C GLN D 856 12.13 -14.95 29.81
N TYR D 857 12.58 -13.77 30.26
CA TYR D 857 12.20 -13.30 31.60
C TYR D 857 10.70 -13.09 31.69
N LYS D 858 10.08 -12.58 30.63
CA LYS D 858 8.62 -12.49 30.59
C LYS D 858 7.98 -13.87 30.63
N SER D 859 8.55 -14.83 29.90
CA SER D 859 7.99 -16.18 29.86
C SER D 859 8.00 -16.82 31.24
N HIS D 860 9.11 -16.69 31.98
CA HIS D 860 9.20 -17.29 33.30
C HIS D 860 8.46 -16.49 34.36
N GLY D 861 8.05 -15.26 34.05
CA GLY D 861 7.32 -14.42 34.98
C GLY D 861 8.15 -13.43 35.75
N PHE D 862 9.42 -13.22 35.38
CA PHE D 862 10.26 -12.24 36.07
C PHE D 862 9.67 -10.84 35.96
N MET D 863 9.04 -10.54 34.82
CA MET D 863 8.35 -9.27 34.67
C MET D 863 7.24 -9.12 35.70
N ASP D 864 6.46 -10.19 35.92
CA ASP D 864 5.42 -10.12 36.94
C ASP D 864 6.01 -10.09 38.34
N MET D 865 7.18 -10.71 38.54
CA MET D 865 7.86 -10.62 39.82
C MET D 865 8.18 -9.17 40.14
N LEU D 866 8.79 -8.46 39.18
CA LEU D 866 9.08 -7.05 39.39
C LEU D 866 7.79 -6.25 39.54
N HIS D 867 6.76 -6.62 38.78
CA HIS D 867 5.48 -5.93 38.85
C HIS D 867 4.90 -5.97 40.25
N ASP D 868 4.57 -7.17 40.74
CA ASP D 868 3.99 -7.26 42.07
C ASP D 868 4.99 -6.90 43.16
N LYS D 869 6.28 -6.80 42.85
CA LYS D 869 7.21 -6.17 43.77
C LYS D 869 6.95 -4.67 43.89
N TRP D 870 6.65 -4.01 42.78
CA TRP D 870 6.50 -2.56 42.77
C TRP D 870 5.08 -2.07 42.55
N TYR D 871 4.25 -2.81 41.82
CA TYR D 871 2.92 -2.35 41.44
C TYR D 871 1.95 -2.63 42.59
N ARG D 872 1.68 -1.60 43.39
CA ARG D 872 0.78 -1.73 44.52
C ARG D 872 -0.61 -1.20 44.16
N VAL D 873 -1.59 -1.54 45.00
CA VAL D 873 -2.97 -1.12 44.81
C VAL D 873 -3.49 -0.50 46.10
N VAL D 874 -4.23 0.59 45.95
CA VAL D 874 -4.85 1.30 47.07
C VAL D 874 -6.32 1.55 46.71
N PRO D 875 -7.26 1.31 47.62
CA PRO D 875 -8.68 1.42 47.26
C PRO D 875 -9.13 2.84 46.95
N CYS D 876 -9.40 3.10 45.67
CA CYS D 876 -9.97 4.37 45.22
C CYS D 876 -10.82 4.17 43.97
N MET D 889 -26.23 21.29 49.56
CA MET D 889 -26.93 22.57 49.55
C MET D 889 -27.95 22.63 50.68
N GLY D 890 -28.52 21.48 51.02
CA GLY D 890 -29.50 21.44 52.11
C GLY D 890 -28.90 21.78 53.46
N ILE D 891 -27.66 21.38 53.70
CA ILE D 891 -26.99 21.69 54.96
C ILE D 891 -26.86 23.20 55.14
N LYS D 892 -26.49 23.90 54.06
CA LYS D 892 -26.38 25.35 54.14
C LYS D 892 -27.72 26.00 54.46
N HIS D 893 -28.79 25.52 53.82
CA HIS D 893 -30.12 26.05 54.09
C HIS D 893 -30.52 25.80 55.54
N PHE D 894 -30.26 24.60 56.05
CA PHE D 894 -30.59 24.29 57.45
C PHE D 894 -29.81 25.17 58.42
N SER D 895 -28.51 25.35 58.16
CA SER D 895 -27.70 26.19 59.03
C SER D 895 -28.17 27.63 59.01
N GLY D 896 -28.47 28.15 57.81
CA GLY D 896 -28.98 29.51 57.72
C GLY D 896 -30.30 29.68 58.44
N LEU D 897 -31.20 28.70 58.29
CA LEU D 897 -32.49 28.76 58.97
C LEU D 897 -32.30 28.74 60.49
N PHE D 898 -31.41 27.89 60.99
CA PHE D 898 -31.18 27.83 62.44
C PHE D 898 -30.59 29.12 62.96
N VAL D 899 -29.60 29.67 62.25
CA VAL D 899 -28.97 30.92 62.69
C VAL D 899 -29.96 32.06 62.68
N LEU D 900 -30.75 32.17 61.59
CA LEU D 900 -31.75 33.23 61.51
C LEU D 900 -32.79 33.08 62.60
N LEU D 901 -33.22 31.84 62.87
CA LEU D 901 -34.21 31.62 63.93
C LEU D 901 -33.66 32.02 65.29
N CYS D 902 -32.41 31.66 65.58
CA CYS D 902 -31.82 32.03 66.87
C CYS D 902 -31.71 33.54 67.01
N ILE D 903 -31.20 34.21 65.97
CA ILE D 903 -31.04 35.66 66.02
C ILE D 903 -32.39 36.35 66.16
N GLY D 904 -33.39 35.89 65.39
CA GLY D 904 -34.71 36.49 65.48
C GLY D 904 -35.36 36.26 66.83
N PHE D 905 -35.17 35.07 67.41
CA PHE D 905 -35.72 34.80 68.73
C PHE D 905 -35.10 35.72 69.77
N GLY D 906 -33.77 35.88 69.73
CA GLY D 906 -33.13 36.79 70.66
C GLY D 906 -33.60 38.21 70.51
N LEU D 907 -33.66 38.70 69.27
CA LEU D 907 -34.08 40.08 69.03
C LEU D 907 -35.53 40.30 69.45
N SER D 908 -36.41 39.33 69.14
CA SER D 908 -37.81 39.46 69.50
C SER D 908 -38.00 39.41 71.02
N ILE D 909 -37.22 38.56 71.71
CA ILE D 909 -37.31 38.51 73.16
C ILE D 909 -36.87 39.85 73.76
N LEU D 910 -35.77 40.41 73.26
CA LEU D 910 -35.31 41.70 73.75
C LEU D 910 -36.34 42.80 73.50
N THR D 911 -36.91 42.83 72.29
CA THR D 911 -37.88 43.85 71.95
C THR D 911 -39.15 43.72 72.79
N THR D 912 -39.61 42.48 73.01
CA THR D 912 -40.80 42.27 73.84
C THR D 912 -40.53 42.67 75.28
N ILE D 913 -39.34 42.36 75.81
CA ILE D 913 -39.00 42.76 77.16
C ILE D 913 -38.98 44.28 77.27
N GLY D 914 -38.40 44.95 76.27
CA GLY D 914 -38.41 46.41 76.28
C GLY D 914 -39.81 47.00 76.21
N GLU D 915 -40.66 46.43 75.35
CA GLU D 915 -42.02 46.91 75.21
C GLU D 915 -42.88 46.60 76.43
N HIS D 916 -42.49 45.61 77.25
CA HIS D 916 -43.21 45.32 78.47
C HIS D 916 -43.12 46.45 79.48
N ILE D 917 -42.12 47.32 79.35
CA ILE D 917 -41.98 48.49 80.21
C ILE D 917 -42.24 49.74 79.37
N VAL D 918 -42.98 49.57 78.28
CA VAL D 918 -43.31 50.68 77.40
C VAL D 918 -44.78 50.63 77.00
#